data_8YAG
#
_entry.id   8YAG
#
_cell.length_a   1.00
_cell.length_b   1.00
_cell.length_c   1.00
_cell.angle_alpha   90.00
_cell.angle_beta   90.00
_cell.angle_gamma   90.00
#
_symmetry.space_group_name_H-M   'P 1'
#
loop_
_entity.id
_entity.type
_entity.pdbx_description
1 polymer Imidazolonepropionase
2 non-polymer 'ZINC ION'
#
_entity_poly.entity_id   1
_entity_poly.type   'polypeptide(L)'
_entity_poly.pdbx_seq_one_letter_code
;EPVALHCGKLFDARSGRVLGPHTVVVRDGRIDQLISGGHADVVGLAAVDLRNRTCLPGWTDLHVHLGGESSPQSYSEGFR
LDPIDFAYRSVGYAERTLLAGFTSVRDLGGEVSPHLRDAVNQGLVKGPRIFAAGKSIATTGGHADPTNGWNDQLSHLIGP
PGPTEGVVNSVDEARQAVRQRYKDGSDVI(KCX)ITATGGVLSYAKSGDAPQFTVDEVKAIVDTANDYGYKVAAHAHGTE
GMKRAILGGVTSIEHGTYMTDEVMRLMKQHGTWYVPTISAGRFVAEKAKIDGYFPEVVRPKAARIGAQIQDTAAKAYRNG
VKIAFGTDMGVGPHGDNAREFIYMVEAGIPAATALQSATVLAAEVLGVDDQGAIETGKRADIIAMPGDPVADINAVLNVD
FVMKDGEIFRQP
;
_entity_poly.pdbx_strand_id   A,B,C,D,E,F,G,H
#
# COMPACT_ATOMS: atom_id res chain seq x y z
N PRO A 2 -15.90 -34.14 45.55
CA PRO A 2 -15.62 -34.43 46.95
C PRO A 2 -14.79 -35.70 47.13
N VAL A 3 -13.50 -35.52 47.43
CA VAL A 3 -12.56 -36.63 47.59
C VAL A 3 -11.69 -36.37 48.80
N ALA A 4 -11.44 -37.41 49.58
CA ALA A 4 -10.56 -37.34 50.75
C ALA A 4 -9.21 -37.96 50.42
N LEU A 5 -8.13 -37.24 50.75
CA LEU A 5 -6.77 -37.65 50.42
C LEU A 5 -6.08 -38.09 51.71
N HIS A 6 -5.58 -39.32 51.73
CA HIS A 6 -4.86 -39.87 52.86
C HIS A 6 -3.41 -40.12 52.44
N CYS A 7 -2.50 -39.31 52.94
CA CYS A 7 -1.09 -39.42 52.59
C CYS A 7 -0.22 -39.43 53.84
N GLY A 8 0.86 -40.21 53.77
CA GLY A 8 1.71 -40.47 54.91
C GLY A 8 2.48 -39.28 55.44
N LYS A 9 3.01 -38.44 54.55
CA LYS A 9 3.76 -37.27 54.95
C LYS A 9 3.28 -36.07 54.14
N LEU A 10 3.23 -34.91 54.79
CA LEU A 10 2.83 -33.67 54.16
C LEU A 10 3.93 -32.64 54.33
N PHE A 11 4.29 -31.98 53.24
CA PHE A 11 5.29 -30.92 53.27
C PHE A 11 4.58 -29.58 53.46
N ASP A 12 4.90 -28.88 54.55
CA ASP A 12 4.32 -27.58 54.84
C ASP A 12 5.20 -26.53 54.18
N ALA A 13 4.69 -25.89 53.13
CA ALA A 13 5.49 -24.96 52.34
C ALA A 13 5.88 -23.74 53.16
N ARG A 14 4.97 -23.21 53.97
CA ARG A 14 5.25 -22.01 54.73
C ARG A 14 6.37 -22.23 55.73
N SER A 15 6.36 -23.38 56.42
CA SER A 15 7.36 -23.66 57.45
C SER A 15 8.62 -24.30 56.88
N GLY A 16 8.49 -25.08 55.80
CA GLY A 16 9.63 -25.78 55.26
C GLY A 16 9.95 -27.09 55.94
N ARG A 17 8.98 -27.71 56.60
CA ARG A 17 9.19 -28.96 57.31
C ARG A 17 8.19 -30.00 56.83
N VAL A 18 8.60 -31.27 56.86
CA VAL A 18 7.73 -32.38 56.47
C VAL A 18 7.03 -32.92 57.71
N LEU A 19 5.71 -32.90 57.70
CA LEU A 19 4.91 -33.37 58.82
C LEU A 19 4.53 -34.83 58.66
N GLY A 20 3.62 -35.32 59.51
CA GLY A 20 3.21 -36.70 59.48
C GLY A 20 1.94 -36.93 58.71
N PRO A 21 1.20 -37.98 59.06
CA PRO A 21 -0.04 -38.30 58.34
C PRO A 21 -1.06 -37.18 58.43
N HIS A 22 -1.79 -36.98 57.33
CA HIS A 22 -2.81 -35.94 57.25
C HIS A 22 -3.92 -36.41 56.32
N THR A 23 -5.07 -35.76 56.45
CA THR A 23 -6.21 -36.02 55.58
C THR A 23 -6.68 -34.69 54.99
N VAL A 24 -6.78 -34.63 53.66
CA VAL A 24 -7.18 -33.43 52.94
C VAL A 24 -8.52 -33.67 52.29
N VAL A 25 -9.49 -32.81 52.58
CA VAL A 25 -10.83 -32.90 52.02
C VAL A 25 -10.98 -31.79 50.99
N VAL A 26 -11.41 -32.15 49.78
CA VAL A 26 -11.52 -31.22 48.67
C VAL A 26 -12.96 -31.24 48.17
N ARG A 27 -13.63 -30.10 48.27
CA ARG A 27 -14.93 -29.90 47.63
C ARG A 27 -14.89 -28.56 46.92
N ASP A 28 -15.50 -28.50 45.73
CA ASP A 28 -15.63 -27.32 44.89
C ASP A 28 -14.27 -26.79 44.41
N GLY A 29 -13.22 -27.60 44.47
CA GLY A 29 -11.93 -27.21 43.94
C GLY A 29 -10.99 -26.54 44.91
N ARG A 30 -11.41 -26.33 46.16
CA ARG A 30 -10.56 -25.72 47.17
C ARG A 30 -10.33 -26.69 48.32
N ILE A 31 -9.37 -26.35 49.17
CA ILE A 31 -9.06 -27.14 50.34
C ILE A 31 -9.97 -26.70 51.48
N ASP A 32 -10.64 -27.65 52.11
CA ASP A 32 -11.63 -27.34 53.13
C ASP A 32 -11.23 -27.81 54.53
N GLN A 33 -10.66 -29.02 54.65
CA GLN A 33 -10.25 -29.51 55.95
C GLN A 33 -8.85 -30.11 55.86
N LEU A 34 -8.13 -30.06 56.98
CA LEU A 34 -6.76 -30.52 57.07
C LEU A 34 -6.54 -31.35 58.34
N ILE A 35 -7.41 -32.34 58.56
CA ILE A 35 -7.35 -33.19 59.75
C ILE A 35 -5.97 -33.82 59.87
N SER A 36 -5.35 -33.67 61.04
CA SER A 36 -4.03 -34.21 61.28
C SER A 36 -4.13 -35.43 62.20
N GLY A 37 -3.44 -36.50 61.80
CA GLY A 37 -3.44 -37.72 62.58
C GLY A 37 -4.61 -38.64 62.27
N LEU A 45 -17.88 -40.46 51.00
CA LEU A 45 -16.71 -39.71 50.58
C LEU A 45 -15.73 -40.59 49.80
N ALA A 46 -15.33 -40.10 48.63
CA ALA A 46 -14.30 -40.77 47.86
C ALA A 46 -12.95 -40.66 48.57
N ALA A 47 -12.14 -41.70 48.42
CA ALA A 47 -10.84 -41.76 49.10
C ALA A 47 -9.77 -42.17 48.11
N VAL A 48 -8.60 -41.54 48.23
CA VAL A 48 -7.42 -41.89 47.44
C VAL A 48 -6.32 -42.31 48.42
N ASP A 49 -5.73 -43.47 48.18
CA ASP A 49 -4.74 -44.05 49.08
C ASP A 49 -3.35 -43.58 48.66
N LEU A 50 -2.78 -42.66 49.42
CA LEU A 50 -1.43 -42.16 49.20
C LEU A 50 -0.56 -42.31 50.45
N ARG A 51 -0.85 -43.30 51.30
CA ARG A 51 -0.23 -43.42 52.61
C ARG A 51 1.26 -43.78 52.51
N ASN A 52 1.74 -44.11 51.34
CA ASN A 52 3.18 -44.43 51.14
C ASN A 52 3.79 -43.32 50.28
N ARG A 53 3.26 -42.12 50.35
CA ARG A 53 3.75 -41.01 49.55
C ARG A 53 3.90 -39.77 50.43
N THR A 54 4.53 -38.75 49.86
CA THR A 54 4.72 -37.46 50.51
C THR A 54 3.88 -36.41 49.81
N CYS A 55 3.11 -35.65 50.59
CA CYS A 55 2.17 -34.67 50.07
C CYS A 55 2.88 -33.34 49.85
N LEU A 56 2.68 -32.74 48.68
CA LEU A 56 3.27 -31.45 48.36
C LEU A 56 2.27 -30.61 47.57
N PRO A 57 2.37 -29.28 47.67
CA PRO A 57 1.59 -28.43 46.77
C PRO A 57 2.17 -28.47 45.36
N GLY A 58 1.32 -28.16 44.38
CA GLY A 58 1.77 -28.14 43.01
C GLY A 58 2.86 -27.11 42.78
N TRP A 59 3.77 -27.43 41.88
CA TRP A 59 4.93 -26.57 41.61
C TRP A 59 4.60 -25.53 40.56
N THR A 60 5.29 -24.40 40.64
CA THR A 60 5.16 -23.30 39.69
C THR A 60 6.51 -23.05 39.04
N ASP A 61 6.54 -23.06 37.71
CA ASP A 61 7.71 -22.68 36.93
C ASP A 61 7.50 -21.26 36.42
N LEU A 62 8.37 -20.35 36.84
CA LEU A 62 8.20 -18.92 36.55
C LEU A 62 8.83 -18.50 35.23
N HIS A 63 9.40 -19.41 34.46
CA HIS A 63 10.04 -19.04 33.20
C HIS A 63 9.97 -20.24 32.25
N VAL A 64 8.99 -20.23 31.36
CA VAL A 64 8.85 -21.25 30.32
C VAL A 64 8.42 -20.59 29.02
N HIS A 65 8.60 -21.32 27.91
CA HIS A 65 8.13 -20.92 26.59
C HIS A 65 7.42 -22.13 25.99
N LEU A 66 6.11 -22.23 26.21
CA LEU A 66 5.35 -23.39 25.80
C LEU A 66 5.07 -23.42 24.30
N GLY A 67 5.39 -22.35 23.57
CA GLY A 67 5.12 -22.27 22.15
C GLY A 67 6.17 -22.87 21.23
N GLY A 68 7.22 -23.47 21.78
CA GLY A 68 8.25 -24.04 20.93
C GLY A 68 9.21 -24.89 21.73
N GLU A 69 10.22 -25.39 21.03
CA GLU A 69 11.26 -26.21 21.64
C GLU A 69 12.50 -26.14 20.76
N SER A 70 13.67 -26.08 21.39
CA SER A 70 14.92 -25.96 20.65
C SER A 70 15.21 -27.22 19.85
N SER A 71 15.77 -27.05 18.67
CA SER A 71 16.06 -28.15 17.76
C SER A 71 17.10 -27.67 16.75
N PRO A 72 17.76 -28.60 16.05
CA PRO A 72 18.69 -28.18 14.99
C PRO A 72 18.04 -27.42 13.85
N GLN A 73 16.72 -27.53 13.69
CA GLN A 73 16.00 -26.84 12.63
C GLN A 73 15.28 -25.60 13.12
N SER A 74 15.54 -25.15 14.35
CA SER A 74 14.78 -24.06 14.93
C SER A 74 15.06 -22.71 14.27
N TYR A 75 16.17 -22.56 13.56
CA TYR A 75 16.52 -21.29 12.94
C TYR A 75 16.09 -21.20 11.48
N SER A 76 15.42 -22.22 10.95
CA SER A 76 14.87 -22.19 9.60
C SER A 76 13.37 -22.46 9.53
N GLU A 77 12.78 -23.01 10.59
CA GLU A 77 11.36 -23.31 10.56
C GLU A 77 10.49 -22.05 10.62
N GLY A 78 11.06 -20.95 11.09
CA GLY A 78 10.27 -19.73 11.23
C GLY A 78 9.77 -19.19 9.90
N PHE A 79 10.58 -19.34 8.84
CA PHE A 79 10.19 -18.85 7.53
C PHE A 79 9.29 -19.82 6.77
N ARG A 80 9.14 -21.05 7.23
CA ARG A 80 8.37 -22.05 6.53
C ARG A 80 7.11 -22.51 7.26
N LEU A 81 7.07 -22.41 8.58
CA LEU A 81 5.94 -22.89 9.36
C LEU A 81 5.06 -21.73 9.82
N ASP A 82 3.85 -22.08 10.24
CA ASP A 82 2.84 -21.17 10.74
C ASP A 82 2.61 -21.42 12.22
N PRO A 83 2.00 -20.46 12.94
CA PRO A 83 1.75 -20.68 14.38
C PRO A 83 0.81 -21.84 14.67
N ILE A 84 0.02 -22.30 13.70
CA ILE A 84 -0.87 -23.44 13.93
C ILE A 84 -0.08 -24.71 14.21
N ASP A 85 1.00 -24.96 13.46
CA ASP A 85 1.84 -26.12 13.72
C ASP A 85 2.47 -26.05 15.09
N PHE A 86 2.92 -24.85 15.49
CA PHE A 86 3.47 -24.67 16.83
C PHE A 86 2.42 -24.90 17.90
N ALA A 87 1.15 -24.56 17.63
CA ALA A 87 0.08 -24.87 18.58
C ALA A 87 -0.12 -26.38 18.71
N TYR A 88 -0.09 -27.09 17.59
CA TYR A 88 -0.21 -28.55 17.64
C TYR A 88 0.93 -29.18 18.43
N ARG A 89 2.14 -28.61 18.35
CA ARG A 89 3.23 -29.08 19.20
C ARG A 89 3.02 -28.69 20.66
N SER A 90 2.48 -27.49 20.88
CA SER A 90 2.28 -27.00 22.24
C SER A 90 1.27 -27.84 23.00
N VAL A 91 0.36 -28.52 22.30
CA VAL A 91 -0.57 -29.41 22.98
C VAL A 91 0.20 -30.48 23.77
N GLY A 92 1.12 -31.16 23.10
CA GLY A 92 1.94 -32.16 23.77
C GLY A 92 2.88 -31.55 24.80
N TYR A 93 3.44 -30.37 24.49
CA TYR A 93 4.30 -29.71 25.46
C TYR A 93 3.56 -29.44 26.77
N ALA A 94 2.35 -28.90 26.68
CA ALA A 94 1.58 -28.56 27.87
C ALA A 94 1.15 -29.82 28.64
N GLU A 95 0.76 -30.88 27.92
CA GLU A 95 0.42 -32.11 28.62
C GLU A 95 1.61 -32.67 29.38
N ARG A 96 2.79 -32.71 28.74
CA ARG A 96 3.98 -33.22 29.41
C ARG A 96 4.38 -32.37 30.60
N THR A 97 4.24 -31.05 30.48
CA THR A 97 4.55 -30.17 31.61
C THR A 97 3.61 -30.42 32.78
N LEU A 98 2.31 -30.55 32.50
CA LEU A 98 1.34 -30.77 33.58
C LEU A 98 1.59 -32.12 34.26
N LEU A 99 1.88 -33.16 33.48
CA LEU A 99 2.04 -34.49 34.08
C LEU A 99 3.30 -34.65 34.91
N ALA A 100 4.23 -33.70 34.84
CA ALA A 100 5.47 -33.76 35.61
C ALA A 100 5.34 -33.15 37.00
N GLY A 101 4.18 -32.58 37.34
CA GLY A 101 3.94 -32.02 38.65
C GLY A 101 3.85 -30.51 38.70
N PHE A 102 3.86 -29.83 37.55
CA PHE A 102 3.80 -28.37 37.50
C PHE A 102 2.38 -27.95 37.14
N THR A 103 1.64 -27.46 38.13
CA THR A 103 0.24 -27.09 37.94
C THR A 103 0.06 -25.65 37.52
N SER A 104 1.11 -24.84 37.51
CA SER A 104 1.05 -23.48 37.02
C SER A 104 2.41 -23.08 36.48
N VAL A 105 2.41 -22.21 35.47
CA VAL A 105 3.62 -21.70 34.86
C VAL A 105 3.45 -20.22 34.53
N ARG A 106 4.58 -19.55 34.33
CA ARG A 106 4.60 -18.16 33.86
C ARG A 106 5.33 -18.15 32.52
N ASP A 107 4.60 -17.87 31.44
CA ASP A 107 5.16 -17.84 30.10
C ASP A 107 5.69 -16.45 29.80
N LEU A 108 6.96 -16.38 29.41
CA LEU A 108 7.68 -15.11 29.28
C LEU A 108 8.07 -14.82 27.83
N GLY A 109 7.22 -15.18 26.87
CA GLY A 109 7.48 -14.89 25.49
C GLY A 109 6.83 -15.86 24.52
N GLY A 110 6.25 -15.34 23.45
CA GLY A 110 5.57 -16.16 22.48
C GLY A 110 4.11 -15.79 22.31
N GLU A 111 3.62 -15.77 21.09
CA GLU A 111 2.23 -15.35 20.80
C GLU A 111 1.29 -16.54 20.61
N VAL A 112 1.71 -17.76 20.93
CA VAL A 112 0.81 -18.97 20.90
C VAL A 112 0.27 -19.23 22.30
N SER A 113 0.95 -18.80 23.36
CA SER A 113 0.58 -19.12 24.77
C SER A 113 -0.70 -18.44 25.28
N PRO A 114 -1.05 -17.20 24.91
CA PRO A 114 -2.35 -16.63 25.27
C PRO A 114 -3.51 -17.51 24.76
N HIS A 115 -3.41 -18.05 23.54
CA HIS A 115 -4.41 -18.97 22.94
C HIS A 115 -4.39 -20.35 23.63
N LEU A 116 -3.22 -20.93 23.91
CA LEU A 116 -3.12 -22.18 24.65
C LEU A 116 -3.74 -22.04 26.04
N ARG A 117 -3.52 -20.89 26.68
CA ARG A 117 -4.13 -20.64 27.99
C ARG A 117 -5.65 -20.64 27.90
N ASP A 118 -6.19 -19.98 26.87
CA ASP A 118 -7.65 -19.99 26.69
C ASP A 118 -8.17 -21.40 26.45
N ALA A 119 -7.47 -22.18 25.62
CA ALA A 119 -7.90 -23.54 25.33
C ALA A 119 -7.86 -24.42 26.58
N VAL A 120 -6.82 -24.27 27.40
CA VAL A 120 -6.71 -25.04 28.63
C VAL A 120 -7.79 -24.64 29.61
N ASN A 121 -8.08 -23.34 29.71
CA ASN A 121 -9.10 -22.87 30.64
C ASN A 121 -10.49 -23.33 30.22
N GLN A 122 -10.75 -23.45 28.91
CA GLN A 122 -12.03 -23.95 28.44
C GLN A 122 -12.14 -25.46 28.50
N GLY A 123 -11.06 -26.17 28.85
CA GLY A 123 -11.08 -27.61 28.96
C GLY A 123 -10.84 -28.37 27.66
N LEU A 124 -10.51 -27.67 26.57
CA LEU A 124 -10.28 -28.35 25.30
C LEU A 124 -9.06 -29.25 25.35
N VAL A 125 -7.98 -28.78 25.99
CA VAL A 125 -6.75 -29.55 26.12
C VAL A 125 -6.30 -29.53 27.56
N LYS A 126 -5.38 -30.44 27.90
CA LYS A 126 -4.83 -30.54 29.24
C LYS A 126 -3.56 -29.71 29.36
N GLY A 127 -3.41 -29.05 30.51
CA GLY A 127 -2.25 -28.24 30.78
C GLY A 127 -2.31 -27.59 32.14
N PRO A 128 -1.26 -26.85 32.49
CA PRO A 128 -1.25 -26.12 33.77
C PRO A 128 -1.94 -24.77 33.64
N ARG A 129 -1.96 -24.05 34.75
CA ARG A 129 -2.48 -22.67 34.77
C ARG A 129 -1.42 -21.73 34.21
N ILE A 130 -1.75 -21.03 33.14
CA ILE A 130 -0.79 -20.26 32.36
C ILE A 130 -0.98 -18.78 32.65
N PHE A 131 0.11 -18.11 33.00
CA PHE A 131 0.18 -16.65 33.06
C PHE A 131 1.09 -16.21 31.93
N ALA A 132 0.49 -15.67 30.87
CA ALA A 132 1.19 -15.41 29.62
C ALA A 132 1.59 -13.95 29.49
N ALA A 133 2.79 -13.72 28.94
CA ALA A 133 3.28 -12.37 28.71
C ALA A 133 2.97 -11.85 27.32
N GLY A 134 2.66 -12.73 26.37
CA GLY A 134 2.47 -12.28 25.00
C GLY A 134 3.80 -11.92 24.36
N LYS A 135 3.78 -10.90 23.52
CA LYS A 135 5.00 -10.45 22.86
C LYS A 135 5.90 -9.72 23.86
N SER A 136 7.18 -10.06 23.86
CA SER A 136 8.15 -9.36 24.68
C SER A 136 8.51 -8.02 24.07
N ILE A 137 8.82 -7.05 24.93
CA ILE A 137 9.11 -5.69 24.51
C ILE A 137 10.62 -5.48 24.47
N ALA A 138 11.12 -4.95 23.35
CA ALA A 138 12.54 -4.69 23.17
C ALA A 138 12.71 -3.34 22.48
N THR A 139 13.97 -3.00 22.21
CA THR A 139 14.31 -1.82 21.41
C THR A 139 14.78 -2.26 20.03
N THR A 140 15.04 -1.28 19.17
CA THR A 140 15.45 -1.58 17.80
C THR A 140 16.78 -2.34 17.80
N GLY A 141 16.79 -3.50 17.16
CA GLY A 141 17.94 -4.37 17.16
C GLY A 141 18.15 -5.14 18.45
N GLY A 142 17.18 -5.12 19.37
CA GLY A 142 17.33 -5.76 20.65
C GLY A 142 17.15 -7.27 20.59
N HIS A 143 17.26 -7.88 21.76
CA HIS A 143 17.22 -9.34 21.86
C HIS A 143 15.89 -9.91 21.38
N ALA A 144 14.80 -9.14 21.50
CA ALA A 144 13.47 -9.59 21.13
C ALA A 144 12.92 -8.88 19.90
N ASP A 145 13.78 -8.24 19.11
CA ASP A 145 13.34 -7.63 17.86
C ASP A 145 12.96 -8.74 16.87
N PRO A 146 11.74 -8.76 16.34
CA PRO A 146 11.29 -9.91 15.54
C PRO A 146 11.91 -10.00 14.15
N THR A 147 12.61 -8.97 13.67
CA THR A 147 13.17 -9.00 12.32
C THR A 147 14.70 -8.98 12.32
N ASN A 148 15.32 -9.38 13.41
CA ASN A 148 16.77 -9.52 13.42
C ASN A 148 17.21 -10.63 12.47
N GLY A 149 18.22 -10.34 11.65
CA GLY A 149 18.76 -11.34 10.75
C GLY A 149 18.03 -11.49 9.43
N TRP A 150 17.00 -10.68 9.17
CA TRP A 150 16.29 -10.74 7.90
C TRP A 150 17.06 -9.97 6.84
N ASN A 151 16.84 -10.34 5.58
CA ASN A 151 17.51 -9.66 4.48
C ASN A 151 16.75 -8.38 4.11
N ASP A 152 17.30 -7.65 3.13
CA ASP A 152 16.75 -6.35 2.77
C ASP A 152 15.34 -6.46 2.20
N GLN A 153 15.10 -7.47 1.36
CA GLN A 153 13.78 -7.62 0.72
C GLN A 153 12.70 -7.87 1.77
N LEU A 154 12.93 -8.82 2.66
CA LEU A 154 11.94 -9.13 3.69
C LEU A 154 11.76 -7.95 4.65
N SER A 155 12.85 -7.28 5.01
CA SER A 155 12.77 -6.13 5.91
C SER A 155 11.97 -5.00 5.28
N HIS A 156 12.16 -4.75 3.99
CA HIS A 156 11.38 -3.72 3.33
C HIS A 156 9.91 -4.13 3.21
N LEU A 157 9.64 -5.41 2.97
CA LEU A 157 8.26 -5.85 2.84
C LEU A 157 7.51 -5.75 4.17
N ILE A 158 8.17 -6.10 5.28
CA ILE A 158 7.48 -6.06 6.57
C ILE A 158 7.46 -4.64 7.14
N GLY A 159 8.47 -3.82 6.84
CA GLY A 159 8.58 -2.51 7.42
C GLY A 159 9.27 -2.54 8.77
N PRO A 160 9.60 -1.37 9.31
CA PRO A 160 10.27 -1.32 10.62
C PRO A 160 9.28 -1.53 11.75
N PRO A 161 9.59 -2.42 12.69
CA PRO A 161 8.66 -2.67 13.79
C PRO A 161 8.52 -1.46 14.72
N GLY A 162 7.33 -1.34 15.30
CA GLY A 162 7.03 -0.27 16.22
C GLY A 162 6.43 -0.79 17.52
N PRO A 163 5.76 0.10 18.26
CA PRO A 163 5.18 -0.31 19.55
C PRO A 163 4.14 -1.41 19.41
N THR A 164 3.42 -1.47 18.30
CA THR A 164 2.43 -2.54 18.10
C THR A 164 3.10 -3.89 18.00
N GLU A 165 4.33 -3.94 17.47
CA GLU A 165 5.08 -5.17 17.33
C GLU A 165 6.01 -5.43 18.51
N GLY A 166 6.05 -4.52 19.49
CA GLY A 166 6.87 -4.70 20.67
C GLY A 166 8.23 -4.03 20.64
N VAL A 167 8.48 -3.11 19.71
CA VAL A 167 9.77 -2.44 19.60
C VAL A 167 9.57 -0.97 19.94
N VAL A 168 10.24 -0.50 20.99
CA VAL A 168 10.06 0.86 21.48
C VAL A 168 11.41 1.58 21.47
N ASN A 169 11.34 2.91 21.37
CA ASN A 169 12.53 3.74 21.40
C ASN A 169 12.38 5.02 22.21
N SER A 170 11.24 5.22 22.90
CA SER A 170 11.02 6.42 23.69
C SER A 170 9.98 6.12 24.76
N VAL A 171 9.71 7.13 25.60
CA VAL A 171 8.79 6.97 26.72
C VAL A 171 7.37 6.72 26.22
N ASP A 172 6.92 7.53 25.25
CA ASP A 172 5.58 7.39 24.73
C ASP A 172 5.38 6.05 24.03
N GLU A 173 6.39 5.60 23.29
CA GLU A 173 6.32 4.30 22.64
C GLU A 173 6.28 3.17 23.66
N ALA A 174 7.00 3.30 24.78
CA ALA A 174 6.92 2.30 25.84
C ALA A 174 5.53 2.25 26.44
N ARG A 175 4.92 3.42 26.67
CA ARG A 175 3.56 3.47 27.18
C ARG A 175 2.60 2.77 26.21
N GLN A 176 2.73 3.07 24.92
CA GLN A 176 1.85 2.47 23.93
C GLN A 176 2.07 0.96 23.83
N ALA A 177 3.31 0.52 23.99
CA ALA A 177 3.60 -0.92 23.94
C ALA A 177 2.97 -1.67 25.11
N VAL A 178 3.06 -1.10 26.32
CA VAL A 178 2.41 -1.74 27.45
C VAL A 178 0.90 -1.77 27.26
N ARG A 179 0.33 -0.67 26.75
CA ARG A 179 -1.11 -0.65 26.49
C ARG A 179 -1.51 -1.65 25.41
N GLN A 180 -0.65 -1.87 24.41
CA GLN A 180 -0.94 -2.87 23.39
C GLN A 180 -0.85 -4.28 23.95
N ARG A 181 0.08 -4.53 24.87
CA ARG A 181 0.11 -5.82 25.54
C ARG A 181 -1.16 -6.05 26.35
N TYR A 182 -1.66 -5.00 27.00
CA TYR A 182 -2.94 -5.10 27.68
C TYR A 182 -4.08 -5.39 26.70
N LYS A 183 -4.05 -4.75 25.53
CA LYS A 183 -5.09 -4.95 24.54
C LYS A 183 -5.10 -6.38 23.99
N ASP A 184 -3.92 -7.00 23.89
CA ASP A 184 -3.82 -8.36 23.39
C ASP A 184 -4.14 -9.42 24.43
N GLY A 185 -4.35 -9.03 25.68
CA GLY A 185 -4.75 -9.96 26.71
C GLY A 185 -3.61 -10.62 27.45
N SER A 186 -2.67 -9.83 27.96
CA SER A 186 -1.53 -10.35 28.70
C SER A 186 -1.81 -10.34 30.20
N ASP A 187 -1.04 -11.16 30.92
CA ASP A 187 -1.10 -11.20 32.38
C ASP A 187 0.14 -10.63 33.04
N VAL A 188 1.24 -10.44 32.30
CA VAL A 188 2.50 -10.01 32.87
C VAL A 188 3.32 -9.39 31.75
N ILE A 189 4.26 -8.53 32.11
CA ILE A 189 5.11 -7.85 31.12
C ILE A 189 6.54 -8.41 31.13
N ILE A 191 10.46 -7.62 29.35
CA ILE A 191 11.36 -6.80 28.54
C ILE A 191 12.75 -7.43 28.50
N THR A 192 13.50 -7.16 27.44
CA THR A 192 14.89 -7.59 27.33
C THR A 192 15.78 -6.36 27.58
N ALA A 193 16.34 -6.30 28.79
CA ALA A 193 17.17 -5.15 29.15
C ALA A 193 18.51 -5.14 28.43
N THR A 194 19.09 -6.32 28.20
CA THR A 194 20.37 -6.45 27.52
C THR A 194 20.21 -7.39 26.33
N GLY A 195 21.33 -7.68 25.67
CA GLY A 195 21.34 -8.67 24.63
C GLY A 195 21.29 -10.07 25.20
N GLY A 196 21.10 -11.04 24.31
CA GLY A 196 20.96 -12.42 24.75
C GLY A 196 21.88 -13.39 24.03
N VAL A 197 21.55 -14.67 24.10
CA VAL A 197 22.34 -15.72 23.48
C VAL A 197 21.71 -16.23 22.19
N LEU A 198 20.41 -16.49 22.21
CA LEU A 198 19.72 -17.16 21.12
C LEU A 198 19.29 -16.22 19.99
N SER A 199 19.42 -14.90 20.17
CA SER A 199 19.03 -13.98 19.12
C SER A 199 20.06 -13.96 17.99
N TYR A 200 19.59 -13.61 16.79
CA TYR A 200 20.47 -13.46 15.63
C TYR A 200 21.08 -12.06 15.59
N ALA A 201 21.86 -11.77 16.62
CA ALA A 201 22.49 -10.47 16.79
C ALA A 201 23.91 -10.66 17.30
N LYS A 202 24.67 -9.57 17.30
CA LYS A 202 26.09 -9.64 17.62
C LYS A 202 26.33 -9.62 19.13
N SER A 203 25.79 -8.63 19.83
CA SER A 203 26.04 -8.45 21.24
C SER A 203 25.17 -9.40 22.08
N GLY A 204 25.62 -9.63 23.31
CA GLY A 204 24.88 -10.49 24.22
C GLY A 204 24.80 -9.99 25.66
N ASP A 205 25.45 -8.86 25.95
CA ASP A 205 25.38 -8.32 27.31
C ASP A 205 25.33 -6.79 27.33
N ALA A 206 25.27 -6.15 26.16
CA ALA A 206 25.29 -4.70 26.10
C ALA A 206 23.95 -4.12 26.57
N PRO A 207 23.98 -2.95 27.23
CA PRO A 207 22.72 -2.35 27.71
C PRO A 207 21.91 -1.78 26.55
N GLN A 208 20.67 -2.24 26.44
CA GLN A 208 19.81 -1.87 25.33
C GLN A 208 18.57 -1.08 25.76
N PHE A 209 18.45 -0.73 27.03
CA PHE A 209 17.36 0.07 27.54
C PHE A 209 17.90 1.23 28.34
N THR A 210 17.31 2.41 28.17
CA THR A 210 17.62 3.53 29.06
C THR A 210 16.72 3.46 30.29
N VAL A 211 17.20 4.07 31.37
CA VAL A 211 16.47 4.01 32.64
C VAL A 211 15.13 4.73 32.53
N ASP A 212 15.05 5.76 31.68
CA ASP A 212 13.78 6.50 31.46
C ASP A 212 12.72 5.62 30.76
N GLU A 213 13.13 4.77 29.82
CA GLU A 213 12.20 3.86 29.16
C GLU A 213 11.73 2.77 30.12
N VAL A 214 12.65 2.28 30.95
CA VAL A 214 12.27 1.25 31.96
C VAL A 214 11.28 1.86 32.95
N LYS A 215 11.55 3.08 33.42
CA LYS A 215 10.63 3.77 34.37
C LYS A 215 9.25 3.98 33.73
N ALA A 216 9.20 4.33 32.44
CA ALA A 216 7.92 4.51 31.77
C ALA A 216 7.16 3.18 31.65
N ILE A 217 7.86 2.11 31.29
CA ILE A 217 7.22 0.80 31.21
C ILE A 217 6.67 0.38 32.57
N VAL A 218 7.46 0.58 33.63
CA VAL A 218 7.03 0.16 34.96
C VAL A 218 5.81 0.97 35.42
N ASP A 219 5.82 2.28 35.19
CA ASP A 219 4.68 3.10 35.58
C ASP A 219 3.41 2.70 34.84
N THR A 220 3.52 2.49 33.52
CA THR A 220 2.36 2.08 32.74
C THR A 220 1.84 0.72 33.20
N ALA A 221 2.75 -0.22 33.51
CA ALA A 221 2.33 -1.53 33.97
C ALA A 221 1.67 -1.45 35.35
N ASN A 222 2.18 -0.57 36.21
CA ASN A 222 1.56 -0.37 37.52
C ASN A 222 0.15 0.20 37.39
N ASP A 223 -0.08 1.05 36.39
CA ASP A 223 -1.44 1.55 36.17
C ASP A 223 -2.40 0.41 35.82
N TYR A 224 -1.95 -0.57 35.05
CA TYR A 224 -2.80 -1.66 34.60
C TYR A 224 -2.70 -2.92 35.46
N GLY A 225 -1.98 -2.86 36.57
CA GLY A 225 -1.90 -4.00 37.48
C GLY A 225 -0.95 -5.10 37.09
N TYR A 226 0.03 -4.83 36.23
CA TYR A 226 0.97 -5.85 35.79
C TYR A 226 2.24 -5.83 36.63
N LYS A 227 2.99 -6.92 36.53
CA LYS A 227 4.35 -7.01 37.03
C LYS A 227 5.30 -7.13 35.85
N VAL A 228 6.56 -6.76 36.07
CA VAL A 228 7.55 -6.68 35.00
C VAL A 228 8.69 -7.64 35.30
N ALA A 229 9.01 -8.50 34.33
CA ALA A 229 10.18 -9.36 34.38
C ALA A 229 11.17 -8.93 33.30
N ALA A 230 12.44 -8.84 33.67
CA ALA A 230 13.48 -8.30 32.80
C ALA A 230 14.54 -9.35 32.51
N HIS A 231 14.85 -9.53 31.22
CA HIS A 231 15.95 -10.39 30.80
C HIS A 231 17.23 -9.56 30.75
N ALA A 232 18.27 -10.03 31.43
CA ALA A 232 19.52 -9.28 31.50
C ALA A 232 20.69 -10.23 31.66
N HIS A 233 21.81 -9.90 31.02
CA HIS A 233 23.07 -10.60 31.24
C HIS A 233 24.17 -9.68 31.73
N GLY A 234 24.31 -8.50 31.11
CA GLY A 234 25.35 -7.57 31.52
C GLY A 234 25.00 -6.79 32.77
N THR A 235 26.03 -6.19 33.36
CA THR A 235 25.88 -5.49 34.64
C THR A 235 25.11 -4.19 34.47
N GLU A 236 25.43 -3.40 33.45
CA GLU A 236 24.84 -2.07 33.31
C GLU A 236 23.34 -2.17 33.02
N GLY A 237 22.95 -3.05 32.11
CA GLY A 237 21.54 -3.22 31.82
C GLY A 237 20.76 -3.75 33.00
N MET A 238 21.37 -4.66 33.76
CA MET A 238 20.74 -5.23 34.97
C MET A 238 20.52 -4.12 35.97
N LYS A 239 21.51 -3.24 36.15
CA LYS A 239 21.40 -2.12 37.12
C LYS A 239 20.34 -1.11 36.66
N ARG A 240 20.26 -0.86 35.34
CA ARG A 240 19.22 0.03 34.84
C ARG A 240 17.83 -0.55 35.07
N ALA A 241 17.68 -1.85 34.84
CA ALA A 241 16.39 -2.50 35.09
C ALA A 241 16.02 -2.45 36.57
N ILE A 242 16.98 -2.68 37.45
CA ILE A 242 16.72 -2.65 38.88
C ILE A 242 16.32 -1.24 39.33
N LEU A 243 17.06 -0.23 38.87
CA LEU A 243 16.72 1.15 39.24
C LEU A 243 15.42 1.62 38.60
N GLY A 244 15.00 1.02 37.49
CA GLY A 244 13.72 1.37 36.91
C GLY A 244 12.53 0.85 37.70
N GLY A 245 12.72 -0.26 38.42
CA GLY A 245 11.67 -0.77 39.28
C GLY A 245 11.04 -2.08 38.82
N VAL A 246 11.80 -2.92 38.12
CA VAL A 246 11.26 -4.21 37.69
C VAL A 246 11.10 -5.14 38.89
N THR A 247 10.23 -6.15 38.71
CA THR A 247 9.89 -7.04 39.81
C THR A 247 10.93 -8.16 39.96
N SER A 248 11.38 -8.74 38.86
CA SER A 248 12.31 -9.86 38.91
C SER A 248 13.31 -9.77 37.77
N ILE A 249 14.48 -10.36 37.97
CA ILE A 249 15.54 -10.43 36.97
C ILE A 249 15.63 -11.87 36.48
N GLU A 250 15.62 -12.05 35.17
CA GLU A 250 15.51 -13.39 34.59
C GLU A 250 16.85 -14.09 34.40
N HIS A 251 17.94 -13.34 34.23
CA HIS A 251 19.28 -13.92 34.26
C HIS A 251 20.20 -12.92 34.93
N GLY A 252 21.23 -13.45 35.59
CA GLY A 252 22.13 -12.58 36.33
C GLY A 252 23.58 -12.94 36.09
N THR A 253 23.89 -13.37 34.86
CA THR A 253 25.16 -14.02 34.56
C THR A 253 26.35 -13.23 35.07
N TYR A 254 26.31 -11.91 34.94
CA TYR A 254 27.44 -11.09 35.37
C TYR A 254 27.06 -10.18 36.53
N MET A 255 26.36 -10.75 37.51
CA MET A 255 25.98 -10.00 38.70
C MET A 255 27.20 -9.70 39.56
N THR A 256 27.39 -8.44 39.91
CA THR A 256 28.48 -8.02 40.78
C THR A 256 27.92 -7.76 42.18
N ASP A 257 28.80 -7.33 43.09
CA ASP A 257 28.39 -7.07 44.47
C ASP A 257 27.48 -5.85 44.59
N GLU A 258 27.76 -4.82 43.79
CA GLU A 258 26.93 -3.58 43.79
C GLU A 258 25.52 -3.91 43.30
N VAL A 259 25.36 -4.81 42.32
CA VAL A 259 24.06 -5.24 41.83
C VAL A 259 23.30 -5.99 42.92
N MET A 260 24.00 -6.86 43.66
CA MET A 260 23.35 -7.59 44.75
C MET A 260 22.91 -6.64 45.85
N ARG A 261 23.72 -5.63 46.16
CA ARG A 261 23.31 -4.64 47.15
C ARG A 261 22.05 -3.90 46.72
N LEU A 262 22.00 -3.51 45.44
CA LEU A 262 20.81 -2.83 44.93
C LEU A 262 19.58 -3.74 44.96
N MET A 263 19.76 -5.01 44.60
CA MET A 263 18.66 -5.96 44.63
C MET A 263 18.13 -6.16 46.05
N LYS A 264 19.04 -6.26 47.02
CA LYS A 264 18.61 -6.41 48.41
C LYS A 264 17.91 -5.15 48.90
N GLN A 265 18.40 -3.98 48.52
CA GLN A 265 17.78 -2.73 48.97
C GLN A 265 16.41 -2.54 48.35
N HIS A 266 16.21 -2.94 47.09
CA HIS A 266 14.94 -2.75 46.42
C HIS A 266 13.98 -3.91 46.62
N GLY A 267 14.50 -5.11 46.90
CA GLY A 267 13.65 -6.29 47.02
C GLY A 267 13.37 -7.00 45.73
N THR A 268 14.30 -6.92 44.79
CA THR A 268 14.12 -7.56 43.46
C THR A 268 14.30 -9.08 43.57
N TRP A 269 13.46 -9.83 42.87
CA TRP A 269 13.57 -11.28 42.83
C TRP A 269 14.58 -11.69 41.78
N TYR A 270 15.20 -12.85 41.98
CA TYR A 270 16.20 -13.38 41.07
C TYR A 270 15.78 -14.77 40.61
N VAL A 271 15.71 -14.96 39.29
CA VAL A 271 15.40 -16.26 38.68
C VAL A 271 16.62 -16.73 37.91
N PRO A 272 17.36 -17.73 38.40
CA PRO A 272 18.63 -18.09 37.74
C PRO A 272 18.46 -18.77 36.38
N THR A 273 17.57 -19.75 36.27
CA THR A 273 17.41 -20.56 35.06
C THR A 273 18.72 -21.28 34.70
N ILE A 274 19.16 -22.14 35.61
CA ILE A 274 20.43 -22.86 35.42
C ILE A 274 20.32 -23.85 34.27
N SER A 275 19.14 -24.45 34.08
CA SER A 275 18.96 -25.48 33.07
C SER A 275 19.27 -24.96 31.68
N ALA A 276 18.80 -23.75 31.36
CA ALA A 276 19.05 -23.18 30.04
C ALA A 276 20.55 -22.96 29.82
N GLY A 277 21.24 -22.45 30.84
CA GLY A 277 22.68 -22.22 30.71
C GLY A 277 23.43 -23.52 30.45
N ARG A 278 23.11 -24.57 31.21
CA ARG A 278 23.75 -25.85 30.99
C ARG A 278 23.44 -26.38 29.60
N PHE A 279 22.18 -26.28 29.17
CA PHE A 279 21.80 -26.81 27.86
C PHE A 279 22.56 -26.12 26.74
N VAL A 280 22.62 -24.78 26.77
CA VAL A 280 23.32 -24.07 25.71
C VAL A 280 24.81 -24.34 25.78
N ALA A 281 25.36 -24.49 26.99
CA ALA A 281 26.79 -24.78 27.12
C ALA A 281 27.13 -26.11 26.47
N GLU A 282 26.30 -27.13 26.66
CA GLU A 282 26.60 -28.42 26.03
C GLU A 282 26.30 -28.38 24.53
N LYS A 283 25.24 -27.68 24.11
CA LYS A 283 24.90 -27.66 22.69
C LYS A 283 25.90 -26.84 21.87
N ALA A 284 26.62 -25.90 22.49
CA ALA A 284 27.62 -25.14 21.75
C ALA A 284 28.81 -25.99 21.33
N LYS A 285 29.08 -27.10 22.02
CA LYS A 285 30.19 -27.96 21.63
C LYS A 285 29.90 -28.71 20.34
N ILE A 286 28.63 -29.06 20.10
CA ILE A 286 28.27 -29.70 18.85
C ILE A 286 28.47 -28.72 17.69
N ASP A 287 28.92 -29.24 16.56
CA ASP A 287 29.25 -28.45 15.39
C ASP A 287 28.03 -28.33 14.49
N GLY A 288 27.62 -27.10 14.20
CA GLY A 288 26.51 -26.84 13.32
C GLY A 288 25.16 -26.72 13.99
N TYR A 289 25.06 -27.04 15.28
CA TYR A 289 23.78 -26.94 15.98
C TYR A 289 23.31 -25.49 16.06
N PHE A 290 24.23 -24.57 16.37
CA PHE A 290 23.90 -23.16 16.46
C PHE A 290 24.47 -22.40 15.28
N PRO A 291 23.85 -21.29 14.88
CA PRO A 291 24.47 -20.42 13.87
C PRO A 291 25.77 -19.84 14.40
N GLU A 292 26.68 -19.52 13.47
CA GLU A 292 28.01 -19.07 13.85
C GLU A 292 28.00 -17.74 14.60
N VAL A 293 26.91 -16.96 14.49
CA VAL A 293 26.79 -15.76 15.29
C VAL A 293 26.31 -16.09 16.71
N VAL A 294 25.67 -17.25 16.89
CA VAL A 294 25.11 -17.61 18.18
C VAL A 294 26.12 -18.40 19.01
N ARG A 295 26.94 -19.21 18.36
CA ARG A 295 27.80 -20.17 19.07
C ARG A 295 28.77 -19.53 20.06
N PRO A 296 29.54 -18.49 19.72
CA PRO A 296 30.44 -17.90 20.73
C PRO A 296 29.72 -17.38 21.95
N LYS A 297 28.58 -16.71 21.77
CA LYS A 297 27.84 -16.16 22.89
C LYS A 297 27.36 -17.27 23.81
N ALA A 298 26.83 -18.35 23.25
CA ALA A 298 26.39 -19.48 24.07
C ALA A 298 27.56 -20.09 24.83
N ALA A 299 28.65 -20.37 24.12
CA ALA A 299 29.80 -21.01 24.75
C ALA A 299 30.41 -20.14 25.85
N ARG A 300 30.28 -18.82 25.73
CA ARG A 300 30.82 -17.93 26.74
C ARG A 300 29.87 -17.72 27.92
N ILE A 301 28.56 -17.68 27.67
CA ILE A 301 27.61 -17.30 28.72
C ILE A 301 27.09 -18.49 29.51
N GLY A 302 26.91 -19.65 28.86
CA GLY A 302 26.27 -20.77 29.53
C GLY A 302 27.05 -21.31 30.72
N ALA A 303 28.34 -21.04 30.81
CA ALA A 303 29.17 -21.61 31.86
C ALA A 303 29.22 -20.76 33.14
N GLN A 304 28.66 -19.56 33.12
CA GLN A 304 28.77 -18.61 34.22
C GLN A 304 27.43 -18.41 34.93
N ILE A 305 26.66 -19.48 35.10
CA ILE A 305 25.33 -19.37 35.69
C ILE A 305 25.24 -20.01 37.07
N GLN A 306 25.75 -21.23 37.25
CA GLN A 306 25.69 -21.90 38.54
C GLN A 306 26.48 -21.20 39.62
N ASP A 307 27.69 -20.72 39.30
CA ASP A 307 28.48 -19.97 40.28
C ASP A 307 27.76 -18.69 40.68
N THR A 308 27.12 -18.02 39.72
CA THR A 308 26.34 -16.83 40.04
C THR A 308 25.20 -17.15 41.00
N ALA A 309 24.51 -18.26 40.77
CA ALA A 309 23.42 -18.66 41.66
C ALA A 309 23.94 -18.95 43.06
N ALA A 310 25.07 -19.64 43.16
CA ALA A 310 25.66 -19.90 44.48
C ALA A 310 26.03 -18.61 45.19
N LYS A 311 26.67 -17.69 44.48
CA LYS A 311 27.05 -16.41 45.08
C LYS A 311 25.82 -15.60 45.50
N ALA A 312 24.78 -15.60 44.67
CA ALA A 312 23.56 -14.87 45.01
C ALA A 312 22.89 -15.44 46.25
N TYR A 313 22.85 -16.77 46.36
CA TYR A 313 22.29 -17.37 47.57
C TYR A 313 23.14 -17.04 48.79
N ARG A 314 24.47 -17.05 48.63
CA ARG A 314 25.33 -16.74 49.76
C ARG A 314 25.18 -15.30 50.22
N ASN A 315 24.92 -14.38 49.30
CA ASN A 315 24.85 -12.96 49.63
C ASN A 315 23.47 -12.51 50.09
N GLY A 316 22.48 -13.41 50.12
CA GLY A 316 21.17 -13.06 50.63
C GLY A 316 20.17 -12.54 49.62
N VAL A 317 20.39 -12.76 48.34
CA VAL A 317 19.45 -12.36 47.31
C VAL A 317 18.28 -13.33 47.29
N LYS A 318 17.05 -12.80 47.20
CA LYS A 318 15.88 -13.64 47.10
C LYS A 318 15.84 -14.37 45.76
N ILE A 319 15.62 -15.68 45.81
CA ILE A 319 15.70 -16.55 44.64
C ILE A 319 14.36 -17.23 44.41
N ALA A 320 13.93 -17.30 43.16
CA ALA A 320 12.69 -17.95 42.77
C ALA A 320 12.97 -18.98 41.68
N PHE A 321 12.07 -19.94 41.58
CA PHE A 321 12.27 -21.12 40.72
C PHE A 321 11.89 -20.82 39.28
N GLY A 322 12.81 -21.08 38.37
CA GLY A 322 12.55 -20.94 36.95
C GLY A 322 13.57 -21.72 36.15
N THR A 323 13.14 -22.23 34.99
CA THR A 323 13.97 -23.13 34.21
C THR A 323 14.30 -22.64 32.81
N ASP A 324 13.57 -21.66 32.28
CA ASP A 324 13.68 -21.25 30.88
C ASP A 324 13.39 -22.44 29.96
N MET A 325 12.30 -23.16 30.26
CA MET A 325 11.89 -24.30 29.39
C MET A 325 11.77 -23.82 27.94
N GLY A 326 11.74 -24.75 26.98
CA GLY A 326 11.76 -24.34 25.56
C GLY A 326 13.18 -24.51 25.07
N VAL A 327 14.13 -23.79 25.68
CA VAL A 327 15.56 -24.04 25.34
C VAL A 327 15.78 -25.53 25.60
N GLY A 328 15.37 -26.00 26.79
CA GLY A 328 15.42 -27.41 27.07
C GLY A 328 14.11 -28.10 26.76
N PRO A 329 14.10 -29.41 26.90
CA PRO A 329 12.89 -30.19 26.57
C PRO A 329 11.82 -30.06 27.64
N HIS A 330 10.59 -29.81 27.19
CA HIS A 330 9.47 -29.69 28.09
C HIS A 330 9.21 -31.02 28.79
N GLY A 331 8.87 -30.97 30.08
CA GLY A 331 8.64 -32.21 30.84
C GLY A 331 9.77 -32.55 31.80
N ASP A 332 10.93 -31.92 31.64
CA ASP A 332 12.10 -32.17 32.53
C ASP A 332 12.34 -30.94 33.39
N ASN A 333 11.27 -30.28 33.84
CA ASN A 333 11.43 -29.03 34.63
C ASN A 333 11.97 -29.32 36.04
N ALA A 334 11.92 -30.52 36.56
CA ALA A 334 12.22 -30.82 37.99
C ALA A 334 13.72 -31.07 38.23
N ARG A 335 14.52 -31.15 37.18
CA ARG A 335 15.99 -31.31 37.31
C ARG A 335 16.62 -30.01 37.86
N GLU A 336 15.94 -28.86 37.74
CA GLU A 336 16.40 -27.60 38.29
C GLU A 336 16.53 -27.67 39.81
N PHE A 337 15.70 -28.49 40.47
CA PHE A 337 15.85 -28.71 41.89
C PHE A 337 17.21 -29.33 42.22
N ILE A 338 17.61 -30.34 41.43
CA ILE A 338 18.90 -30.98 41.63
C ILE A 338 20.03 -30.00 41.40
N TYR A 339 19.93 -29.19 40.34
CA TYR A 339 20.96 -28.18 40.07
C TYR A 339 21.05 -27.17 41.20
N MET A 340 19.91 -26.72 41.72
CA MET A 340 19.91 -25.77 42.83
C MET A 340 20.55 -26.36 44.07
N VAL A 341 20.24 -27.63 44.38
CA VAL A 341 20.82 -28.26 45.56
C VAL A 341 22.32 -28.43 45.38
N GLU A 342 22.77 -28.82 44.19
CA GLU A 342 24.20 -28.94 43.94
C GLU A 342 24.89 -27.58 43.84
N ALA A 343 24.13 -26.48 43.76
CA ALA A 343 24.68 -25.14 43.80
C ALA A 343 24.76 -24.58 45.22
N GLY A 344 24.39 -25.36 46.23
CA GLY A 344 24.50 -24.96 47.62
C GLY A 344 23.21 -24.55 48.29
N ILE A 345 22.12 -24.41 47.54
CA ILE A 345 20.84 -24.05 48.14
C ILE A 345 20.23 -25.27 48.79
N PRO A 346 19.73 -25.18 50.03
CA PRO A 346 19.17 -26.35 50.69
C PRO A 346 17.91 -26.85 50.01
N ALA A 347 17.63 -28.15 50.21
CA ALA A 347 16.50 -28.79 49.55
C ALA A 347 15.17 -28.15 49.97
N ALA A 348 15.02 -27.84 51.26
CA ALA A 348 13.78 -27.22 51.71
C ALA A 348 13.60 -25.85 51.09
N THR A 349 14.67 -25.06 51.01
CA THR A 349 14.57 -23.74 50.39
C THR A 349 14.29 -23.86 48.89
N ALA A 350 14.90 -24.84 48.23
CA ALA A 350 14.63 -25.06 46.81
C ALA A 350 13.17 -25.44 46.57
N LEU A 351 12.60 -26.26 47.46
CA LEU A 351 11.20 -26.62 47.33
C LEU A 351 10.29 -25.44 47.62
N GLN A 352 10.66 -24.62 48.61
CA GLN A 352 9.86 -23.43 48.93
C GLN A 352 9.87 -22.42 47.80
N SER A 353 10.98 -22.30 47.08
CA SER A 353 11.08 -21.31 46.02
C SER A 353 10.10 -21.57 44.88
N ALA A 354 9.56 -22.78 44.77
CA ALA A 354 8.65 -23.13 43.70
C ALA A 354 7.19 -23.18 44.13
N THR A 355 6.90 -23.02 45.43
CA THR A 355 5.52 -23.10 45.91
C THR A 355 5.03 -21.77 46.47
N VAL A 356 5.66 -21.24 47.51
CA VAL A 356 5.14 -20.05 48.17
C VAL A 356 5.86 -18.78 47.69
N LEU A 357 7.17 -18.86 47.51
CA LEU A 357 7.91 -17.74 46.93
C LEU A 357 7.48 -17.49 45.49
N ALA A 358 7.16 -18.56 44.75
CA ALA A 358 6.64 -18.39 43.39
C ALA A 358 5.28 -17.70 43.40
N ALA A 359 4.44 -18.03 44.38
CA ALA A 359 3.16 -17.34 44.51
C ALA A 359 3.35 -15.87 44.85
N GLU A 360 4.34 -15.56 45.69
CA GLU A 360 4.65 -14.16 45.96
C GLU A 360 5.12 -13.44 44.71
N VAL A 361 5.95 -14.09 43.90
CA VAL A 361 6.43 -13.48 42.66
C VAL A 361 5.26 -13.24 41.70
N LEU A 362 4.35 -14.22 41.58
CA LEU A 362 3.21 -14.07 40.69
C LEU A 362 2.22 -13.02 41.17
N GLY A 363 2.18 -12.73 42.46
CA GLY A 363 1.25 -11.77 43.00
C GLY A 363 -0.11 -12.32 43.35
N VAL A 364 -0.24 -13.63 43.53
CA VAL A 364 -1.50 -14.26 43.88
C VAL A 364 -1.41 -14.80 45.30
N ASP A 365 -2.57 -15.00 45.92
CA ASP A 365 -2.65 -15.48 47.29
C ASP A 365 -3.55 -16.70 47.45
N ASP A 366 -4.00 -17.30 46.34
CA ASP A 366 -4.92 -18.43 46.39
C ASP A 366 -4.22 -19.76 46.11
N GLN A 367 -2.90 -19.79 46.10
CA GLN A 367 -2.17 -21.01 45.82
C GLN A 367 -0.80 -20.95 46.51
N GLY A 368 -0.07 -22.05 46.42
CA GLY A 368 1.29 -22.12 46.92
C GLY A 368 1.47 -23.00 48.15
N ALA A 369 0.40 -23.29 48.88
CA ALA A 369 0.50 -24.10 50.09
C ALA A 369 -0.78 -24.89 50.27
N ILE A 370 -0.69 -25.96 51.05
CA ILE A 370 -1.84 -26.79 51.38
C ILE A 370 -2.47 -26.20 52.64
N GLU A 371 -3.36 -25.23 52.43
CA GLU A 371 -4.05 -24.58 53.53
C GLU A 371 -5.52 -24.43 53.16
N THR A 372 -6.36 -24.28 54.18
CA THR A 372 -7.80 -24.18 53.98
C THR A 372 -8.15 -22.94 53.15
N GLY A 373 -9.01 -23.13 52.17
CA GLY A 373 -9.47 -22.05 51.32
C GLY A 373 -8.65 -21.82 50.07
N LYS A 374 -7.54 -22.53 49.88
CA LYS A 374 -6.70 -22.35 48.72
C LYS A 374 -7.01 -23.39 47.65
N ARG A 375 -6.49 -23.16 46.45
CA ARG A 375 -6.73 -24.06 45.33
C ARG A 375 -6.17 -25.44 45.64
N ALA A 376 -6.88 -26.47 45.16
CA ALA A 376 -6.50 -27.86 45.38
C ALA A 376 -5.55 -28.30 44.28
N ASP A 377 -4.29 -27.88 44.41
CA ASP A 377 -3.20 -28.33 43.54
C ASP A 377 -2.25 -29.14 44.41
N ILE A 378 -2.28 -30.47 44.23
CA ILE A 378 -1.54 -31.39 45.09
C ILE A 378 -0.80 -32.39 44.22
N ILE A 379 0.45 -32.69 44.59
CA ILE A 379 1.25 -33.71 43.95
C ILE A 379 1.81 -34.63 45.03
N ALA A 380 2.27 -35.80 44.61
CA ALA A 380 2.81 -36.78 45.55
C ALA A 380 3.91 -37.58 44.88
N MET A 381 4.89 -37.99 45.68
CA MET A 381 6.00 -38.83 45.24
C MET A 381 6.28 -39.88 46.29
N PRO A 382 6.77 -41.06 45.89
CA PRO A 382 7.03 -42.12 46.87
C PRO A 382 8.06 -41.76 47.93
N GLY A 383 9.08 -40.98 47.57
CA GLY A 383 10.16 -40.65 48.49
C GLY A 383 9.94 -39.35 49.24
N ASP A 384 10.93 -38.99 50.04
CA ASP A 384 10.92 -37.73 50.76
C ASP A 384 11.86 -36.75 50.08
N PRO A 385 11.36 -35.70 49.44
CA PRO A 385 12.26 -34.83 48.66
C PRO A 385 13.28 -34.07 49.50
N VAL A 386 12.99 -33.80 50.78
CA VAL A 386 13.94 -33.06 51.61
C VAL A 386 15.17 -33.91 51.92
N ALA A 387 14.96 -35.17 52.30
CA ALA A 387 16.09 -36.05 52.59
C ALA A 387 16.89 -36.36 51.32
N ASP A 388 16.21 -36.62 50.21
CA ASP A 388 16.84 -36.90 48.93
C ASP A 388 16.15 -36.08 47.86
N ILE A 389 16.86 -35.10 47.31
CA ILE A 389 16.25 -34.20 46.32
C ILE A 389 15.97 -34.96 45.02
N ASN A 390 16.61 -36.10 44.81
CA ASN A 390 16.42 -36.87 43.58
C ASN A 390 15.02 -37.47 43.48
N ALA A 391 14.23 -37.45 44.54
CA ALA A 391 12.88 -38.01 44.50
C ALA A 391 11.93 -37.17 43.67
N VAL A 392 12.30 -35.92 43.33
CA VAL A 392 11.42 -35.04 42.57
C VAL A 392 11.18 -35.52 41.15
N LEU A 393 11.97 -36.48 40.66
CA LEU A 393 11.84 -36.98 39.31
C LEU A 393 10.79 -38.08 39.18
N ASN A 394 10.24 -38.57 40.28
CA ASN A 394 9.25 -39.64 40.27
C ASN A 394 7.97 -39.11 40.90
N VAL A 395 7.13 -38.48 40.08
CA VAL A 395 5.83 -37.98 40.52
C VAL A 395 4.75 -38.86 39.91
N ASP A 396 3.89 -39.43 40.77
CA ASP A 396 2.85 -40.34 40.31
C ASP A 396 1.44 -39.86 40.58
N PHE A 397 1.26 -38.76 41.29
CA PHE A 397 -0.06 -38.21 41.56
C PHE A 397 -0.06 -36.73 41.21
N VAL A 398 -1.04 -36.31 40.41
CA VAL A 398 -1.20 -34.91 40.03
C VAL A 398 -2.67 -34.52 40.17
N MET A 399 -2.93 -33.41 40.86
CA MET A 399 -4.27 -32.88 41.03
C MET A 399 -4.25 -31.38 40.73
N LYS A 400 -5.17 -30.94 39.89
CA LYS A 400 -5.29 -29.53 39.54
C LYS A 400 -6.75 -29.13 39.62
N ASP A 401 -7.04 -28.11 40.43
CA ASP A 401 -8.40 -27.57 40.59
C ASP A 401 -9.39 -28.64 41.07
N GLY A 402 -8.91 -29.59 41.86
CA GLY A 402 -9.77 -30.66 42.34
C GLY A 402 -9.99 -31.80 41.38
N GLU A 403 -9.39 -31.75 40.18
CA GLU A 403 -9.53 -32.80 39.18
C GLU A 403 -8.22 -33.59 39.12
N ILE A 404 -8.34 -34.91 39.13
CA ILE A 404 -7.17 -35.79 39.16
C ILE A 404 -6.74 -36.13 37.74
N PHE A 405 -5.47 -35.88 37.43
CA PHE A 405 -4.93 -36.15 36.10
C PHE A 405 -3.97 -37.33 36.08
N ARG A 406 -3.50 -37.80 37.24
CA ARG A 406 -2.57 -38.91 37.29
C ARG A 406 -2.67 -39.56 38.66
N GLN A 407 -2.62 -40.89 38.70
CA GLN A 407 -2.79 -41.62 39.95
C GLN A 407 -1.80 -42.77 40.07
N PRO B 2 -46.03 34.19 14.36
CA PRO B 2 -46.64 34.93 15.47
C PRO B 2 -47.83 34.19 16.08
N VAL B 3 -47.62 33.60 17.26
CA VAL B 3 -48.65 32.82 17.94
C VAL B 3 -48.62 33.18 19.42
N ALA B 4 -49.80 33.30 20.01
CA ALA B 4 -49.94 33.58 21.44
C ALA B 4 -50.32 32.29 22.17
N LEU B 5 -49.63 32.01 23.27
CA LEU B 5 -49.81 30.79 24.03
C LEU B 5 -50.50 31.13 25.35
N HIS B 6 -51.64 30.50 25.61
CA HIS B 6 -52.40 30.70 26.84
C HIS B 6 -52.39 29.39 27.62
N CYS B 7 -51.65 29.36 28.72
CA CYS B 7 -51.54 28.16 29.53
C CYS B 7 -51.79 28.47 31.01
N GLY B 8 -52.42 27.52 31.69
CA GLY B 8 -52.89 27.71 33.04
C GLY B 8 -51.81 27.88 34.09
N LYS B 9 -50.72 27.11 33.99
CA LYS B 9 -49.63 27.20 34.93
C LYS B 9 -48.32 27.24 34.16
N LEU B 10 -47.37 28.03 34.67
CA LEU B 10 -46.05 28.16 34.08
C LEU B 10 -45.00 27.82 35.12
N PHE B 11 -44.05 26.98 34.75
CA PHE B 11 -42.95 26.61 35.63
C PHE B 11 -41.77 27.55 35.36
N ASP B 12 -41.36 28.30 36.38
CA ASP B 12 -40.23 29.22 36.28
C ASP B 12 -38.97 28.43 36.62
N ALA B 13 -38.14 28.17 35.61
CA ALA B 13 -36.96 27.33 35.79
C ALA B 13 -35.96 27.96 36.75
N ARG B 14 -35.75 29.28 36.63
CA ARG B 14 -34.76 29.94 37.48
C ARG B 14 -35.13 29.86 38.95
N SER B 15 -36.41 30.07 39.27
CA SER B 15 -36.85 30.07 40.66
C SER B 15 -37.20 28.67 41.16
N GLY B 16 -37.69 27.81 40.29
CA GLY B 16 -38.12 26.49 40.70
C GLY B 16 -39.52 26.42 41.26
N ARG B 17 -40.38 27.38 40.90
CA ARG B 17 -41.75 27.43 41.40
C ARG B 17 -42.71 27.47 40.23
N VAL B 18 -43.90 26.91 40.42
CA VAL B 18 -44.95 26.92 39.40
C VAL B 18 -45.85 28.12 39.64
N LEU B 19 -45.95 28.99 38.63
CA LEU B 19 -46.76 30.19 38.73
C LEU B 19 -48.17 29.95 38.18
N GLY B 20 -48.94 31.03 38.01
CA GLY B 20 -50.30 30.93 37.55
C GLY B 20 -50.44 31.16 36.05
N PRO B 21 -51.61 31.63 35.63
CA PRO B 21 -51.85 31.85 34.20
C PRO B 21 -50.89 32.87 33.60
N HIS B 22 -50.49 32.61 32.35
CA HIS B 22 -49.55 33.48 31.65
C HIS B 22 -49.87 33.42 30.15
N THR B 23 -49.38 34.44 29.44
CA THR B 23 -49.51 34.50 27.99
C THR B 23 -48.13 34.73 27.39
N VAL B 24 -47.74 33.86 26.46
CA VAL B 24 -46.44 33.91 25.81
C VAL B 24 -46.63 34.27 24.35
N VAL B 25 -45.96 35.33 23.90
CA VAL B 25 -46.03 35.79 22.53
C VAL B 25 -44.71 35.43 21.85
N VAL B 26 -44.79 34.75 20.71
CA VAL B 26 -43.62 34.27 19.99
C VAL B 26 -43.64 34.85 18.58
N ARG B 27 -42.64 35.66 18.26
CA ARG B 27 -42.39 36.10 16.89
C ARG B 27 -40.92 35.92 16.59
N ASP B 28 -40.62 35.48 15.36
CA ASP B 28 -39.27 35.26 14.84
C ASP B 28 -38.51 34.17 15.59
N GLY B 29 -39.21 33.32 16.34
CA GLY B 29 -38.58 32.19 17.00
C GLY B 29 -38.09 32.45 18.41
N ARG B 30 -38.25 33.66 18.93
CA ARG B 30 -37.85 33.98 20.29
C ARG B 30 -39.05 34.39 21.11
N ILE B 31 -38.86 34.45 22.43
CA ILE B 31 -39.90 34.88 23.35
C ILE B 31 -39.84 36.41 23.45
N ASP B 32 -40.98 37.06 23.26
CA ASP B 32 -41.04 38.51 23.23
C ASP B 32 -41.82 39.11 24.39
N GLN B 33 -42.95 38.52 24.77
CA GLN B 33 -43.73 39.06 25.88
C GLN B 33 -44.15 37.92 26.81
N LEU B 34 -44.32 38.27 28.08
CA LEU B 34 -44.66 37.32 29.13
C LEU B 34 -45.76 37.86 30.03
N ILE B 35 -46.85 38.34 29.42
CA ILE B 35 -47.97 38.93 30.15
C ILE B 35 -48.49 37.96 31.20
N SER B 36 -48.58 38.42 32.45
CA SER B 36 -49.04 37.59 33.55
C SER B 36 -50.46 37.99 33.95
N GLY B 37 -51.32 36.99 34.10
CA GLY B 37 -52.71 37.23 34.48
C GLY B 37 -53.60 37.55 33.30
N LEU B 45 -53.70 37.76 15.79
CA LEU B 45 -52.75 36.89 16.47
C LEU B 45 -53.31 35.47 16.61
N ALA B 46 -52.50 34.49 16.20
CA ALA B 46 -52.85 33.10 16.40
C ALA B 46 -52.80 32.75 17.88
N ALA B 47 -53.69 31.85 18.29
CA ALA B 47 -53.80 31.46 19.69
C ALA B 47 -53.85 29.96 19.81
N VAL B 48 -53.16 29.44 20.83
CA VAL B 48 -53.19 28.01 21.17
C VAL B 48 -53.74 27.88 22.58
N ASP B 49 -54.74 27.03 22.75
CA ASP B 49 -55.43 26.88 24.02
C ASP B 49 -54.75 25.79 24.84
N LEU B 50 -54.00 26.19 25.86
CA LEU B 50 -53.34 25.27 26.78
C LEU B 50 -53.72 25.55 28.23
N ARG B 51 -54.92 26.10 28.47
CA ARG B 51 -55.32 26.58 29.79
C ARG B 51 -55.49 25.46 30.79
N ASN B 52 -55.47 24.23 30.36
CA ASN B 52 -55.59 23.05 31.26
C ASN B 52 -54.25 22.32 31.29
N ARG B 53 -53.16 23.03 31.04
CA ARG B 53 -51.84 22.42 31.01
C ARG B 53 -50.86 23.25 31.82
N THR B 54 -49.67 22.70 32.03
CA THR B 54 -48.58 23.37 32.73
C THR B 54 -47.47 23.68 31.74
N CYS B 55 -47.01 24.93 31.76
CA CYS B 55 -46.02 25.43 30.81
C CYS B 55 -44.62 25.15 31.34
N LEU B 56 -43.76 24.59 30.48
CA LEU B 56 -42.38 24.31 30.84
C LEU B 56 -41.47 24.60 29.67
N PRO B 57 -40.21 24.96 29.94
CA PRO B 57 -39.23 25.04 28.86
C PRO B 57 -38.85 23.65 28.37
N GLY B 58 -38.37 23.59 27.12
CA GLY B 58 -37.97 22.31 26.56
C GLY B 58 -36.81 21.71 27.33
N TRP B 59 -36.80 20.38 27.40
CA TRP B 59 -35.81 19.65 28.18
C TRP B 59 -34.56 19.39 27.36
N THR B 60 -33.43 19.28 28.05
CA THR B 60 -32.14 18.96 27.43
C THR B 60 -31.60 17.68 28.04
N ASP B 61 -31.27 16.71 27.19
CA ASP B 61 -30.59 15.49 27.61
C ASP B 61 -29.11 15.63 27.26
N LEU B 62 -28.27 15.58 28.28
CA LEU B 62 -26.84 15.84 28.11
C LEU B 62 -26.03 14.61 27.76
N HIS B 63 -26.66 13.44 27.60
CA HIS B 63 -25.92 12.23 27.29
C HIS B 63 -26.83 11.28 26.50
N VAL B 64 -26.70 11.30 25.16
CA VAL B 64 -27.42 10.40 24.28
C VAL B 64 -26.49 9.92 23.18
N HIS B 65 -26.89 8.84 22.52
CA HIS B 65 -26.20 8.30 21.34
C HIS B 65 -27.28 8.02 20.29
N LEU B 66 -27.55 9.02 19.45
CA LEU B 66 -28.63 8.92 18.48
C LEU B 66 -28.31 8.04 17.29
N GLY B 67 -27.06 7.59 17.16
CA GLY B 67 -26.65 6.77 16.04
C GLY B 67 -26.89 5.28 16.17
N GLY B 68 -27.50 4.83 17.25
CA GLY B 68 -27.74 3.40 17.41
C GLY B 68 -28.67 3.13 18.57
N GLU B 69 -28.89 1.84 18.82
CA GLU B 69 -29.74 1.38 19.91
C GLU B 69 -29.33 -0.04 20.27
N SER B 70 -29.32 -0.34 21.56
CA SER B 70 -28.90 -1.65 22.03
C SER B 70 -29.88 -2.73 21.61
N SER B 71 -29.35 -3.90 21.27
CA SER B 71 -30.16 -5.01 20.78
C SER B 71 -29.34 -6.29 20.94
N PRO B 72 -29.99 -7.46 20.89
CA PRO B 72 -29.23 -8.72 20.94
C PRO B 72 -28.27 -8.91 19.78
N GLN B 73 -28.45 -8.19 18.67
CA GLN B 73 -27.58 -8.30 17.50
C GLN B 73 -26.57 -7.16 17.41
N SER B 74 -26.44 -6.35 18.46
CA SER B 74 -25.61 -5.15 18.38
C SER B 74 -24.13 -5.47 18.29
N TYR B 75 -23.69 -6.65 18.68
CA TYR B 75 -22.28 -7.00 18.66
C TYR B 75 -21.85 -7.74 17.40
N SER B 76 -22.76 -7.94 16.45
CA SER B 76 -22.43 -8.53 15.16
C SER B 76 -22.82 -7.68 13.97
N GLU B 77 -23.68 -6.66 14.16
CA GLU B 77 -24.09 -5.82 13.04
C GLU B 77 -22.97 -4.90 12.56
N GLY B 78 -21.97 -4.66 13.41
CA GLY B 78 -20.91 -3.74 13.03
C GLY B 78 -20.10 -4.22 11.83
N PHE B 79 -19.90 -5.53 11.74
CA PHE B 79 -19.12 -6.10 10.64
C PHE B 79 -19.94 -6.29 9.37
N ARG B 80 -21.26 -6.17 9.43
CA ARG B 80 -22.12 -6.42 8.29
C ARG B 80 -22.86 -5.19 7.78
N LEU B 81 -23.12 -4.20 8.63
CA LEU B 81 -23.87 -3.03 8.24
C LEU B 81 -22.96 -1.83 8.00
N ASP B 82 -23.52 -0.84 7.32
CA ASP B 82 -22.86 0.42 6.99
C ASP B 82 -23.51 1.57 7.76
N PRO B 83 -22.83 2.71 7.88
CA PRO B 83 -23.43 3.85 8.60
C PRO B 83 -24.71 4.39 7.97
N ILE B 84 -24.97 4.09 6.69
CA ILE B 84 -26.21 4.54 6.05
C ILE B 84 -27.44 3.91 6.71
N ASP B 85 -27.38 2.61 7.00
CA ASP B 85 -28.48 1.93 7.67
C ASP B 85 -28.71 2.53 9.06
N PHE B 86 -27.62 2.82 9.78
CA PHE B 86 -27.74 3.45 11.07
C PHE B 86 -28.34 4.85 10.97
N ALA B 87 -28.05 5.57 9.89
CA ALA B 87 -28.70 6.87 9.67
C ALA B 87 -30.20 6.72 9.45
N TYR B 88 -30.59 5.71 8.66
CA TYR B 88 -32.01 5.45 8.46
C TYR B 88 -32.72 5.11 9.76
N ARG B 89 -32.04 4.40 10.67
CA ARG B 89 -32.61 4.18 12.00
C ARG B 89 -32.63 5.46 12.84
N SER B 90 -31.58 6.28 12.71
CA SER B 90 -31.48 7.50 13.49
C SER B 90 -32.59 8.48 13.15
N VAL B 91 -33.13 8.41 11.94
CA VAL B 91 -34.26 9.28 11.59
C VAL B 91 -35.42 9.07 12.57
N GLY B 92 -35.81 7.81 12.76
CA GLY B 92 -36.87 7.50 13.71
C GLY B 92 -36.46 7.77 15.15
N TYR B 93 -35.20 7.49 15.48
CA TYR B 93 -34.72 7.78 16.84
C TYR B 93 -34.88 9.25 17.17
N ALA B 94 -34.45 10.13 16.25
CA ALA B 94 -34.50 11.57 16.48
C ALA B 94 -35.93 12.07 16.54
N GLU B 95 -36.81 11.56 15.67
CA GLU B 95 -38.21 11.96 15.74
C GLU B 95 -38.84 11.58 17.07
N ARG B 96 -38.59 10.34 17.54
CA ARG B 96 -39.16 9.90 18.81
C ARG B 96 -38.61 10.71 19.97
N THR B 97 -37.31 11.05 19.93
CA THR B 97 -36.74 11.86 20.99
C THR B 97 -37.35 13.26 21.02
N LEU B 98 -37.53 13.88 19.86
CA LEU B 98 -38.12 15.22 19.82
C LEU B 98 -39.56 15.21 20.31
N LEU B 99 -40.34 14.20 19.91
CA LEU B 99 -41.75 14.18 20.27
C LEU B 99 -42.00 13.91 21.75
N ALA B 100 -40.98 13.48 22.50
CA ALA B 100 -41.13 13.21 23.92
C ALA B 100 -40.91 14.44 24.80
N GLY B 101 -40.56 15.58 24.21
CA GLY B 101 -40.37 16.82 24.95
C GLY B 101 -38.94 17.29 25.06
N PHE B 102 -37.99 16.64 24.39
CA PHE B 102 -36.58 17.01 24.47
C PHE B 102 -36.21 17.79 23.20
N THR B 103 -36.08 19.10 23.35
CA THR B 103 -35.80 19.98 22.22
C THR B 103 -34.31 20.16 21.95
N SER B 104 -33.44 19.67 22.81
CA SER B 104 -32.00 19.71 22.59
C SER B 104 -31.36 18.53 23.30
N VAL B 105 -30.26 18.05 22.73
CA VAL B 105 -29.50 16.93 23.30
C VAL B 105 -28.01 17.19 23.10
N ARG B 106 -27.20 16.48 23.88
CA ARG B 106 -25.76 16.48 23.73
C ARG B 106 -25.31 15.05 23.41
N ASP B 107 -24.85 14.84 22.18
CA ASP B 107 -24.43 13.52 21.73
C ASP B 107 -22.96 13.30 22.06
N LEU B 108 -22.68 12.22 22.78
CA LEU B 108 -21.36 11.98 23.35
C LEU B 108 -20.66 10.77 22.74
N GLY B 109 -20.85 10.55 21.43
CA GLY B 109 -20.18 9.45 20.75
C GLY B 109 -20.93 8.96 19.54
N GLY B 110 -20.20 8.71 18.45
CA GLY B 110 -20.81 8.26 17.22
C GLY B 110 -20.54 9.19 16.06
N GLU B 111 -20.25 8.63 14.88
CA GLU B 111 -19.91 9.46 13.70
C GLU B 111 -21.10 9.63 12.75
N VAL B 112 -22.31 9.28 13.16
CA VAL B 112 -23.54 9.53 12.34
C VAL B 112 -24.21 10.83 12.82
N SER B 113 -24.00 11.25 14.07
CA SER B 113 -24.71 12.40 14.68
C SER B 113 -24.31 13.78 14.12
N PRO B 114 -23.05 14.05 13.75
CA PRO B 114 -22.71 15.31 13.06
C PRO B 114 -23.53 15.48 11.77
N HIS B 115 -23.74 14.42 10.99
CA HIS B 115 -24.56 14.42 9.76
C HIS B 115 -26.05 14.54 10.08
N LEU B 116 -26.59 13.82 11.07
CA LEU B 116 -27.96 13.97 11.51
C LEU B 116 -28.24 15.40 11.97
N ARG B 117 -27.28 16.01 12.67
CA ARG B 117 -27.44 17.40 13.09
C ARG B 117 -27.55 18.33 11.90
N ASP B 118 -26.71 18.12 10.89
CA ASP B 118 -26.81 18.94 9.68
C ASP B 118 -28.15 18.76 8.99
N ALA B 119 -28.62 17.52 8.88
CA ALA B 119 -29.90 17.24 8.24
C ALA B 119 -31.05 17.88 9.00
N VAL B 120 -31.03 17.81 10.33
CA VAL B 120 -32.08 18.43 11.13
C VAL B 120 -32.04 19.94 11.00
N ASN B 121 -30.84 20.52 10.98
CA ASN B 121 -30.72 21.98 10.86
C ASN B 121 -31.19 22.47 9.50
N GLN B 122 -30.99 21.67 8.45
CA GLN B 122 -31.47 22.06 7.13
C GLN B 122 -32.95 21.78 6.92
N GLY B 123 -33.62 21.16 7.90
CA GLY B 123 -35.03 20.87 7.79
C GLY B 123 -35.41 19.61 7.06
N LEU B 124 -34.42 18.79 6.67
CA LEU B 124 -34.73 17.56 5.93
C LEU B 124 -35.50 16.57 6.79
N VAL B 125 -35.11 16.44 8.06
CA VAL B 125 -35.77 15.52 8.99
C VAL B 125 -36.07 16.27 10.28
N LYS B 126 -36.95 15.67 11.09
CA LYS B 126 -37.35 16.24 12.37
C LYS B 126 -36.46 15.70 13.49
N GLY B 127 -36.10 16.58 14.41
CA GLY B 127 -35.29 16.22 15.55
C GLY B 127 -35.02 17.39 16.46
N PRO B 128 -34.30 17.15 17.55
CA PRO B 128 -33.93 18.23 18.47
C PRO B 128 -32.66 18.94 18.01
N ARG B 129 -32.24 19.92 18.79
CA ARG B 129 -30.98 20.62 18.55
C ARG B 129 -29.83 19.78 19.08
N ILE B 130 -28.91 19.41 18.20
CA ILE B 130 -27.88 18.42 18.49
C ILE B 130 -26.55 19.11 18.69
N PHE B 131 -25.89 18.83 19.81
CA PHE B 131 -24.51 19.19 20.06
C PHE B 131 -23.71 17.90 20.03
N ALA B 132 -22.96 17.69 18.95
CA ALA B 132 -22.33 16.40 18.68
C ALA B 132 -20.85 16.41 19.05
N ALA B 133 -20.38 15.30 19.61
CA ALA B 133 -18.97 15.15 19.97
C ALA B 133 -18.15 14.49 18.88
N GLY B 134 -18.77 13.80 17.94
CA GLY B 134 -18.01 13.06 16.95
C GLY B 134 -17.38 11.83 17.57
N LYS B 135 -16.19 11.50 17.10
CA LYS B 135 -15.46 10.35 17.63
C LYS B 135 -14.94 10.66 19.03
N SER B 136 -15.15 9.73 19.96
CA SER B 136 -14.59 9.85 21.29
C SER B 136 -13.11 9.53 21.30
N ILE B 137 -12.38 10.17 22.20
CA ILE B 137 -10.93 10.04 22.28
C ILE B 137 -10.58 9.08 23.40
N ALA B 138 -9.74 8.08 23.10
CA ALA B 138 -9.31 7.09 24.08
C ALA B 138 -7.82 6.82 23.89
N THR B 139 -7.30 5.90 24.69
CA THR B 139 -5.93 5.40 24.55
C THR B 139 -5.96 4.00 23.94
N THR B 140 -4.77 3.46 23.68
CA THR B 140 -4.67 2.14 23.07
C THR B 140 -5.28 1.09 23.98
N GLY B 141 -6.22 0.33 23.45
CA GLY B 141 -6.95 -0.64 24.24
C GLY B 141 -8.01 -0.07 25.15
N GLY B 142 -8.32 1.22 25.03
CA GLY B 142 -9.25 1.88 25.91
C GLY B 142 -10.69 1.57 25.59
N HIS B 143 -11.59 2.18 26.37
CA HIS B 143 -13.01 1.91 26.25
C HIS B 143 -13.55 2.30 24.87
N ALA B 144 -12.95 3.29 24.23
CA ALA B 144 -13.41 3.78 22.93
C ALA B 144 -12.46 3.45 21.79
N ASP B 145 -11.57 2.48 21.98
CA ASP B 145 -10.70 2.04 20.89
C ASP B 145 -11.55 1.30 19.87
N PRO B 146 -11.55 1.72 18.59
CA PRO B 146 -12.49 1.15 17.62
C PRO B 146 -12.16 -0.27 17.17
N THR B 147 -10.98 -0.80 17.47
CA THR B 147 -10.60 -2.13 17.01
C THR B 147 -10.44 -3.13 18.15
N ASN B 148 -11.06 -2.88 19.30
CA ASN B 148 -11.05 -3.85 20.39
C ASN B 148 -11.84 -5.08 19.97
N GLY B 149 -11.26 -6.27 20.23
CA GLY B 149 -11.93 -7.51 19.93
C GLY B 149 -11.81 -8.01 18.51
N TRP B 150 -11.06 -7.31 17.65
CA TRP B 150 -10.86 -7.77 16.29
C TRP B 150 -9.78 -8.84 16.25
N ASN B 151 -9.82 -9.68 15.22
CA ASN B 151 -8.82 -10.73 15.07
C ASN B 151 -7.57 -10.18 14.40
N ASP B 152 -6.57 -11.04 14.23
CA ASP B 152 -5.27 -10.61 13.72
C ASP B 152 -5.36 -10.13 12.28
N GLN B 153 -6.14 -10.82 11.45
CA GLN B 153 -6.24 -10.45 10.04
C GLN B 153 -6.84 -9.05 9.87
N LEU B 154 -7.98 -8.81 10.53
CA LEU B 154 -8.63 -7.50 10.44
C LEU B 154 -7.75 -6.41 11.04
N SER B 155 -7.10 -6.71 12.17
CA SER B 155 -6.24 -5.72 12.81
C SER B 155 -5.06 -5.34 11.92
N HIS B 156 -4.47 -6.32 11.24
CA HIS B 156 -3.37 -6.03 10.33
C HIS B 156 -3.87 -5.25 9.12
N LEU B 157 -5.07 -5.57 8.63
CA LEU B 157 -5.60 -4.86 7.46
C LEU B 157 -5.91 -3.42 7.78
N ILE B 158 -6.47 -3.14 8.96
CA ILE B 158 -6.83 -1.77 9.30
C ILE B 158 -5.61 -0.99 9.79
N GLY B 159 -4.66 -1.64 10.43
CA GLY B 159 -3.53 -0.97 11.04
C GLY B 159 -3.84 -0.48 12.43
N PRO B 160 -2.83 -0.01 13.16
CA PRO B 160 -3.05 0.49 14.52
C PRO B 160 -3.63 1.90 14.48
N PRO B 161 -4.70 2.14 15.24
CA PRO B 161 -5.32 3.47 15.24
C PRO B 161 -4.40 4.52 15.86
N GLY B 162 -4.55 5.75 15.36
CA GLY B 162 -3.78 6.87 15.85
C GLY B 162 -4.67 8.06 16.20
N PRO B 163 -4.07 9.25 16.28
CA PRO B 163 -4.84 10.45 16.63
C PRO B 163 -5.97 10.75 15.65
N THR B 164 -5.80 10.42 14.38
CA THR B 164 -6.87 10.65 13.41
C THR B 164 -8.09 9.79 13.70
N GLU B 165 -7.88 8.60 14.26
CA GLU B 165 -8.96 7.69 14.62
C GLU B 165 -9.43 7.87 16.06
N GLY B 166 -8.81 8.76 16.82
CA GLY B 166 -9.20 9.01 18.19
C GLY B 166 -8.42 8.28 19.27
N VAL B 167 -7.28 7.69 18.93
CA VAL B 167 -6.48 6.93 19.89
C VAL B 167 -5.17 7.68 20.11
N VAL B 168 -4.93 8.10 21.35
CA VAL B 168 -3.75 8.91 21.68
C VAL B 168 -2.94 8.21 22.75
N ASN B 169 -1.64 8.52 22.79
CA ASN B 169 -0.74 7.96 23.78
C ASN B 169 0.27 8.97 24.31
N SER B 170 0.17 10.25 23.94
CA SER B 170 1.10 11.27 24.42
C SER B 170 0.45 12.64 24.30
N VAL B 171 1.17 13.66 24.76
CA VAL B 171 0.65 15.03 24.78
C VAL B 171 0.41 15.54 23.36
N ASP B 172 1.39 15.34 22.48
CA ASP B 172 1.27 15.83 21.11
C ASP B 172 0.14 15.12 20.37
N GLU B 173 0.00 13.80 20.60
CA GLU B 173 -1.10 13.06 19.99
C GLU B 173 -2.46 13.53 20.50
N ALA B 174 -2.55 13.89 21.79
CA ALA B 174 -3.80 14.43 22.32
C ALA B 174 -4.12 15.77 21.67
N ARG B 175 -3.12 16.63 21.49
CA ARG B 175 -3.33 17.89 20.80
C ARG B 175 -3.83 17.66 19.38
N GLN B 176 -3.19 16.73 18.66
CA GLN B 176 -3.61 16.44 17.29
C GLN B 176 -5.01 15.85 17.24
N ALA B 177 -5.37 15.03 18.23
CA ALA B 177 -6.71 14.44 18.26
C ALA B 177 -7.78 15.50 18.48
N VAL B 178 -7.54 16.45 19.39
CA VAL B 178 -8.51 17.52 19.59
C VAL B 178 -8.63 18.37 18.32
N ARG B 179 -7.50 18.65 17.67
CA ARG B 179 -7.54 19.42 16.43
C ARG B 179 -8.26 18.66 15.32
N GLN B 180 -8.14 17.33 15.28
CA GLN B 180 -8.86 16.53 14.29
C GLN B 180 -10.35 16.51 14.59
N ARG B 181 -10.74 16.51 15.86
CA ARG B 181 -12.16 16.63 16.20
C ARG B 181 -12.70 17.98 15.74
N TYR B 182 -11.90 19.04 15.90
CA TYR B 182 -12.30 20.34 15.37
C TYR B 182 -12.42 20.31 13.85
N LYS B 183 -11.50 19.62 13.17
CA LYS B 183 -11.55 19.55 11.72
C LYS B 183 -12.77 18.80 11.22
N ASP B 184 -13.24 17.80 11.96
CA ASP B 184 -14.41 17.04 11.57
C ASP B 184 -15.72 17.71 11.91
N GLY B 185 -15.70 18.84 12.62
CA GLY B 185 -16.90 19.60 12.89
C GLY B 185 -17.62 19.20 14.16
N SER B 186 -16.90 19.15 15.27
CA SER B 186 -17.48 18.81 16.56
C SER B 186 -17.89 20.06 17.33
N ASP B 187 -18.79 19.87 18.30
CA ASP B 187 -19.21 20.92 19.20
C ASP B 187 -18.70 20.73 20.62
N VAL B 188 -18.23 19.54 20.98
CA VAL B 188 -17.85 19.22 22.34
C VAL B 188 -16.89 18.04 22.28
N ILE B 189 -16.06 17.90 23.32
CA ILE B 189 -15.08 16.81 23.38
C ILE B 189 -15.49 15.74 24.39
N ILE B 191 -13.91 12.11 26.26
CA ILE B 191 -12.83 11.15 26.49
C ILE B 191 -13.30 10.04 27.44
N THR B 192 -12.69 8.87 27.33
CA THR B 192 -12.95 7.77 28.26
C THR B 192 -11.76 7.69 29.22
N ALA B 193 -11.95 8.18 30.44
CA ALA B 193 -10.85 8.20 31.40
C ALA B 193 -10.55 6.81 31.94
N THR B 194 -11.56 5.96 32.10
CA THR B 194 -11.39 4.61 32.60
C THR B 194 -12.00 3.63 31.61
N GLY B 195 -12.00 2.35 31.98
CA GLY B 195 -12.70 1.35 31.21
C GLY B 195 -14.20 1.45 31.41
N GLY B 196 -14.92 0.68 30.59
CA GLY B 196 -16.37 0.73 30.62
C GLY B 196 -17.02 -0.62 30.75
N VAL B 197 -18.31 -0.68 30.41
CA VAL B 197 -19.09 -1.92 30.50
C VAL B 197 -19.30 -2.54 29.13
N LEU B 198 -19.68 -1.74 28.14
CA LEU B 198 -20.10 -2.24 26.84
C LEU B 198 -18.96 -2.51 25.87
N SER B 199 -17.73 -2.14 26.23
CA SER B 199 -16.60 -2.40 25.34
C SER B 199 -16.19 -3.87 25.38
N TYR B 200 -15.60 -4.33 24.28
CA TYR B 200 -15.07 -5.69 24.18
C TYR B 200 -13.66 -5.76 24.76
N ALA B 201 -13.57 -5.48 26.06
CA ALA B 201 -12.31 -5.44 26.77
C ALA B 201 -12.49 -6.06 28.15
N LYS B 202 -11.36 -6.28 28.83
CA LYS B 202 -11.39 -7.00 30.11
C LYS B 202 -11.74 -6.07 31.27
N SER B 203 -11.01 -4.97 31.42
CA SER B 203 -11.19 -4.08 32.56
C SER B 203 -12.39 -3.16 32.36
N GLY B 204 -12.89 -2.63 33.46
CA GLY B 204 -14.01 -1.72 33.42
C GLY B 204 -13.91 -0.52 34.35
N ASP B 205 -12.84 -0.45 35.15
CA ASP B 205 -12.67 0.70 36.04
C ASP B 205 -11.21 1.14 36.16
N ALA B 206 -10.30 0.50 35.43
CA ALA B 206 -8.88 0.82 35.56
C ALA B 206 -8.57 2.17 34.91
N PRO B 207 -7.62 2.92 35.48
CA PRO B 207 -7.28 4.24 34.92
C PRO B 207 -6.52 4.09 33.61
N GLN B 208 -7.04 4.70 32.56
CA GLN B 208 -6.48 4.58 31.23
C GLN B 208 -5.95 5.88 30.66
N PHE B 209 -5.94 6.96 31.43
CA PHE B 209 -5.41 8.25 31.02
C PHE B 209 -4.44 8.75 32.09
N THR B 210 -3.32 9.32 31.65
CA THR B 210 -2.45 10.03 32.57
C THR B 210 -2.91 11.48 32.71
N VAL B 211 -2.56 12.10 33.84
CA VAL B 211 -3.01 13.45 34.10
C VAL B 211 -2.41 14.44 33.09
N ASP B 212 -1.22 14.14 32.59
CA ASP B 212 -0.56 15.00 31.57
C ASP B 212 -1.33 14.98 30.23
N GLU B 213 -1.87 13.82 29.83
CA GLU B 213 -2.66 13.74 28.61
C GLU B 213 -4.00 14.45 28.77
N VAL B 214 -4.60 14.32 29.96
CA VAL B 214 -5.88 15.02 30.23
C VAL B 214 -5.64 16.53 30.20
N LYS B 215 -4.56 17.01 30.82
CA LYS B 215 -4.22 18.45 30.83
C LYS B 215 -3.99 18.95 29.41
N ALA B 216 -3.33 18.16 28.56
CA ALA B 216 -3.10 18.56 27.17
C ALA B 216 -4.41 18.64 26.39
N ILE B 217 -5.29 17.66 26.57
CA ILE B 217 -6.59 17.68 25.91
C ILE B 217 -7.39 18.90 26.34
N VAL B 218 -7.39 19.19 27.64
CA VAL B 218 -8.18 20.32 28.14
C VAL B 218 -7.64 21.64 27.62
N ASP B 219 -6.32 21.81 27.60
CA ASP B 219 -5.73 23.04 27.09
C ASP B 219 -6.05 23.24 25.62
N THR B 220 -5.90 22.18 24.81
CA THR B 220 -6.21 22.28 23.40
C THR B 220 -7.68 22.60 23.17
N ALA B 221 -8.57 21.99 23.95
CA ALA B 221 -10.00 22.26 23.81
C ALA B 221 -10.33 23.69 24.22
N ASN B 222 -9.67 24.20 25.26
CA ASN B 222 -9.87 25.60 25.67
C ASN B 222 -9.41 26.56 24.59
N ASP B 223 -8.35 26.22 23.84
CA ASP B 223 -7.95 27.08 22.74
C ASP B 223 -9.04 27.18 21.66
N TYR B 224 -9.75 26.08 21.40
CA TYR B 224 -10.76 26.05 20.35
C TYR B 224 -12.17 26.27 20.86
N GLY B 225 -12.34 26.58 22.14
CA GLY B 225 -13.66 26.91 22.68
C GLY B 225 -14.53 25.73 23.01
N TYR B 226 -13.96 24.55 23.22
CA TYR B 226 -14.74 23.36 23.53
C TYR B 226 -14.82 23.12 25.03
N LYS B 227 -15.78 22.29 25.43
CA LYS B 227 -15.86 21.72 26.76
C LYS B 227 -15.59 20.23 26.69
N VAL B 228 -15.17 19.66 27.81
CA VAL B 228 -14.73 18.27 27.87
C VAL B 228 -15.63 17.49 28.82
N ALA B 229 -16.17 16.38 28.34
CA ALA B 229 -16.90 15.43 29.15
C ALA B 229 -16.11 14.12 29.24
N ALA B 230 -16.00 13.57 30.44
CA ALA B 230 -15.16 12.41 30.70
C ALA B 230 -16.01 11.24 31.20
N HIS B 231 -15.81 10.08 30.58
CA HIS B 231 -16.43 8.84 31.04
C HIS B 231 -15.50 8.18 32.05
N ALA B 232 -16.03 7.86 33.23
CA ALA B 232 -15.22 7.28 34.29
C ALA B 232 -16.07 6.38 35.16
N HIS B 233 -15.48 5.28 35.62
CA HIS B 233 -16.10 4.43 36.64
C HIS B 233 -15.23 4.30 37.87
N GLY B 234 -13.92 4.06 37.71
CA GLY B 234 -13.04 3.90 38.84
C GLY B 234 -12.64 5.22 39.48
N THR B 235 -12.12 5.11 40.70
CA THR B 235 -11.79 6.30 41.49
C THR B 235 -10.57 7.02 40.94
N GLU B 236 -9.52 6.28 40.60
CA GLU B 236 -8.26 6.90 40.19
C GLU B 236 -8.41 7.66 38.87
N GLY B 237 -9.07 7.04 37.89
CA GLY B 237 -9.28 7.72 36.62
C GLY B 237 -10.18 8.94 36.76
N MET B 238 -11.18 8.84 37.62
CA MET B 238 -12.10 9.97 37.88
C MET B 238 -11.31 11.13 38.48
N LYS B 239 -10.41 10.82 39.43
CA LYS B 239 -9.60 11.86 40.10
C LYS B 239 -8.62 12.49 39.11
N ARG B 240 -8.04 11.66 38.21
CA ARG B 240 -7.14 12.22 37.21
C ARG B 240 -7.89 13.14 36.25
N ALA B 241 -9.11 12.75 35.85
CA ALA B 241 -9.91 13.60 34.98
C ALA B 241 -10.27 14.91 35.67
N ILE B 242 -10.64 14.85 36.95
CA ILE B 242 -11.00 16.06 37.68
C ILE B 242 -9.80 16.98 37.83
N LEU B 243 -8.64 16.44 38.18
CA LEU B 243 -7.44 17.25 38.32
C LEU B 243 -6.95 17.78 36.97
N GLY B 244 -7.27 17.11 35.87
CA GLY B 244 -6.89 17.63 34.56
C GLY B 244 -7.71 18.83 34.14
N GLY B 245 -8.94 18.95 34.63
CA GLY B 245 -9.76 20.11 34.36
C GLY B 245 -10.96 19.87 33.45
N VAL B 246 -11.52 18.65 33.48
CA VAL B 246 -12.70 18.38 32.66
C VAL B 246 -13.91 19.10 33.22
N THR B 247 -14.91 19.29 32.36
CA THR B 247 -16.10 20.06 32.73
C THR B 247 -17.12 19.23 33.49
N SER B 248 -17.36 17.99 33.04
CA SER B 248 -18.35 17.13 33.67
C SER B 248 -17.87 15.69 33.67
N ILE B 249 -18.38 14.91 34.62
CA ILE B 249 -18.11 13.49 34.76
C ILE B 249 -19.36 12.73 34.36
N GLU B 250 -19.19 11.74 33.47
CA GLU B 250 -20.34 11.06 32.87
C GLU B 250 -20.83 9.87 33.68
N HIS B 251 -19.97 9.23 34.46
CA HIS B 251 -20.40 8.23 35.43
C HIS B 251 -19.54 8.35 36.67
N GLY B 252 -20.12 8.02 37.81
CA GLY B 252 -19.40 8.17 39.06
C GLY B 252 -19.54 6.96 39.95
N THR B 253 -19.60 5.77 39.33
CA THR B 253 -20.04 4.56 40.03
C THR B 253 -19.30 4.34 41.34
N TYR B 254 -18.00 4.61 41.36
CA TYR B 254 -17.21 4.38 42.56
C TYR B 254 -16.68 5.68 43.14
N MET B 255 -17.54 6.70 43.20
CA MET B 255 -17.16 7.99 43.76
C MET B 255 -16.98 7.87 45.27
N THR B 256 -15.84 8.31 45.77
CA THR B 256 -15.56 8.34 47.20
C THR B 256 -15.72 9.75 47.73
N ASP B 257 -15.46 9.94 49.02
CA ASP B 257 -15.61 11.26 49.64
C ASP B 257 -14.55 12.24 49.16
N GLU B 258 -13.33 11.76 48.95
CA GLU B 258 -12.22 12.61 48.46
C GLU B 258 -12.52 13.11 47.04
N VAL B 259 -13.16 12.28 46.20
CA VAL B 259 -13.56 12.68 44.86
C VAL B 259 -14.64 13.76 44.92
N MET B 260 -15.60 13.61 45.84
CA MET B 260 -16.64 14.62 45.99
C MET B 260 -16.06 15.94 46.48
N ARG B 261 -15.08 15.88 47.39
CA ARG B 261 -14.42 17.11 47.84
C ARG B 261 -13.72 17.81 46.68
N LEU B 262 -13.02 17.04 45.85
CA LEU B 262 -12.34 17.62 44.68
C LEU B 262 -13.35 18.21 43.69
N MET B 263 -14.47 17.52 43.46
CA MET B 263 -15.48 18.04 42.55
C MET B 263 -16.08 19.34 43.07
N LYS B 264 -16.35 19.41 44.37
CA LYS B 264 -16.89 20.63 44.95
C LYS B 264 -15.88 21.77 44.88
N GLN B 265 -14.60 21.47 45.12
CA GLN B 265 -13.57 22.51 45.07
C GLN B 265 -13.35 23.03 43.66
N HIS B 266 -13.43 22.14 42.65
CA HIS B 266 -13.20 22.55 41.27
C HIS B 266 -14.46 23.03 40.57
N GLY B 267 -15.63 22.59 41.01
CA GLY B 267 -16.87 22.93 40.34
C GLY B 267 -17.26 22.01 39.22
N THR B 268 -16.85 20.75 39.30
CA THR B 268 -17.14 19.76 38.24
C THR B 268 -18.61 19.34 38.28
N TRP B 269 -19.24 19.21 37.12
CA TRP B 269 -20.61 18.73 37.03
C TRP B 269 -20.64 17.21 37.05
N TYR B 270 -21.75 16.66 37.52
CA TYR B 270 -21.93 15.22 37.64
C TYR B 270 -23.19 14.81 36.87
N VAL B 271 -23.04 13.89 35.94
CA VAL B 271 -24.15 13.32 35.18
C VAL B 271 -24.30 11.85 35.54
N PRO B 272 -25.31 11.46 36.31
CA PRO B 272 -25.38 10.08 36.79
C PRO B 272 -25.70 9.04 35.72
N THR B 273 -26.70 9.30 34.87
CA THR B 273 -27.19 8.33 33.87
C THR B 273 -27.65 7.04 34.54
N ILE B 274 -28.68 7.17 35.39
CA ILE B 274 -29.20 6.03 36.14
C ILE B 274 -29.87 5.03 35.20
N SER B 275 -30.51 5.52 34.14
CA SER B 275 -31.26 4.65 33.23
C SER B 275 -30.37 3.59 32.60
N ALA B 276 -29.17 3.98 32.17
CA ALA B 276 -28.25 3.01 31.56
C ALA B 276 -27.84 1.94 32.55
N GLY B 277 -27.55 2.34 33.80
CA GLY B 277 -27.17 1.36 34.81
C GLY B 277 -28.28 0.37 35.07
N ARG B 278 -29.51 0.85 35.22
CA ARG B 278 -30.63 -0.05 35.43
C ARG B 278 -30.82 -0.98 34.24
N PHE B 279 -30.72 -0.44 33.02
CA PHE B 279 -30.93 -1.24 31.82
C PHE B 279 -29.90 -2.36 31.72
N VAL B 280 -28.63 -2.04 31.93
CA VAL B 280 -27.60 -3.08 31.83
C VAL B 280 -27.74 -4.08 32.98
N ALA B 281 -28.14 -3.61 34.16
CA ALA B 281 -28.32 -4.53 35.28
C ALA B 281 -29.41 -5.55 34.98
N GLU B 282 -30.52 -5.13 34.38
CA GLU B 282 -31.57 -6.10 34.04
C GLU B 282 -31.17 -6.97 32.85
N LYS B 283 -30.49 -6.39 31.87
CA LYS B 283 -30.13 -7.17 30.68
C LYS B 283 -29.04 -8.20 30.97
N ALA B 284 -28.24 -8.00 32.02
CA ALA B 284 -27.22 -8.98 32.36
C ALA B 284 -27.81 -10.28 32.89
N LYS B 285 -29.03 -10.24 33.43
CA LYS B 285 -29.66 -11.47 33.92
C LYS B 285 -30.07 -12.38 32.78
N ILE B 286 -30.47 -11.82 31.63
CA ILE B 286 -30.80 -12.63 30.47
C ILE B 286 -29.53 -13.33 29.97
N ASP B 287 -29.71 -14.57 29.53
CA ASP B 287 -28.61 -15.42 29.08
C ASP B 287 -28.39 -15.24 27.59
N GLY B 288 -27.16 -14.85 27.22
CA GLY B 288 -26.78 -14.68 25.84
C GLY B 288 -26.97 -13.29 25.27
N TYR B 289 -27.62 -12.39 26.01
CA TYR B 289 -27.82 -11.03 25.52
C TYR B 289 -26.48 -10.31 25.37
N PHE B 290 -25.60 -10.45 26.35
CA PHE B 290 -24.30 -9.81 26.32
C PHE B 290 -23.20 -10.84 26.05
N PRO B 291 -22.10 -10.43 25.44
CA PRO B 291 -20.94 -11.33 25.33
C PRO B 291 -20.40 -11.67 26.71
N GLU B 292 -19.78 -12.84 26.82
CA GLU B 292 -19.31 -13.33 28.11
C GLU B 292 -18.22 -12.44 28.72
N VAL B 293 -17.55 -11.61 27.91
CA VAL B 293 -16.61 -10.66 28.48
C VAL B 293 -17.34 -9.43 29.01
N VAL B 294 -18.55 -9.17 28.53
CA VAL B 294 -19.29 -7.97 28.91
C VAL B 294 -20.17 -8.24 30.13
N ARG B 295 -20.71 -9.45 30.23
CA ARG B 295 -21.73 -9.75 31.25
C ARG B 295 -21.28 -9.51 32.69
N PRO B 296 -20.12 -10.01 33.15
CA PRO B 296 -19.74 -9.73 34.54
C PRO B 296 -19.60 -8.25 34.86
N LYS B 297 -19.02 -7.47 33.95
CA LYS B 297 -18.86 -6.04 34.19
C LYS B 297 -20.21 -5.34 34.31
N ALA B 298 -21.15 -5.68 33.43
CA ALA B 298 -22.48 -5.09 33.52
C ALA B 298 -23.16 -5.48 34.83
N ALA B 299 -23.14 -6.77 35.17
CA ALA B 299 -23.81 -7.23 36.38
C ALA B 299 -23.20 -6.63 37.63
N ARG B 300 -21.91 -6.30 37.60
CA ARG B 300 -21.26 -5.70 38.75
C ARG B 300 -21.45 -4.18 38.83
N ILE B 301 -21.48 -3.49 37.69
CA ILE B 301 -21.46 -2.03 37.71
C ILE B 301 -22.86 -1.44 37.70
N GLY B 302 -23.83 -2.07 37.03
CA GLY B 302 -25.14 -1.47 36.89
C GLY B 302 -25.89 -1.25 38.19
N ALA B 303 -25.54 -1.98 39.24
CA ALA B 303 -26.27 -1.91 40.50
C ALA B 303 -25.78 -0.83 41.44
N GLN B 304 -24.67 -0.17 41.13
CA GLN B 304 -24.03 0.80 42.04
C GLN B 304 -24.14 2.23 41.52
N ILE B 305 -25.29 2.58 40.95
CA ILE B 305 -25.46 3.89 40.34
C ILE B 305 -26.44 4.77 41.11
N GLN B 306 -27.61 4.25 41.50
CA GLN B 306 -28.60 5.05 42.21
C GLN B 306 -28.12 5.48 43.59
N ASP B 307 -27.47 4.58 44.34
CA ASP B 307 -26.92 4.95 45.64
C ASP B 307 -25.87 6.03 45.51
N THR B 308 -25.04 5.94 44.46
CA THR B 308 -24.05 6.97 44.20
C THR B 308 -24.70 8.31 43.94
N ALA B 309 -25.78 8.32 43.16
CA ALA B 309 -26.49 9.57 42.89
C ALA B 309 -27.08 10.17 44.16
N ALA B 310 -27.67 9.32 45.02
CA ALA B 310 -28.21 9.80 46.28
C ALA B 310 -27.11 10.38 47.16
N LYS B 311 -25.97 9.70 47.26
CA LYS B 311 -24.87 10.20 48.07
C LYS B 311 -24.31 11.51 47.52
N ALA B 312 -24.19 11.60 46.19
CA ALA B 312 -23.69 12.82 45.58
C ALA B 312 -24.63 14.00 45.83
N TYR B 313 -25.94 13.77 45.73
CA TYR B 313 -26.88 14.85 46.04
C TYR B 313 -26.79 15.24 47.50
N ARG B 314 -26.64 14.26 48.39
CA ARG B 314 -26.55 14.57 49.82
C ARG B 314 -25.29 15.36 50.15
N ASN B 315 -24.19 15.11 49.45
CA ASN B 315 -22.92 15.76 49.74
C ASN B 315 -22.74 17.11 49.07
N GLY B 316 -23.70 17.54 48.26
CA GLY B 316 -23.62 18.86 47.64
C GLY B 316 -22.96 18.93 46.29
N VAL B 317 -22.82 17.81 45.59
CA VAL B 317 -22.25 17.81 44.25
C VAL B 317 -23.29 18.30 43.26
N LYS B 318 -22.87 19.16 42.33
CA LYS B 318 -23.77 19.66 41.30
C LYS B 318 -24.12 18.55 40.33
N ILE B 319 -25.41 18.39 40.05
CA ILE B 319 -25.94 17.29 39.27
C ILE B 319 -26.67 17.84 38.05
N ALA B 320 -26.44 17.20 36.90
CA ALA B 320 -27.08 17.58 35.64
C ALA B 320 -27.77 16.37 35.04
N PHE B 321 -28.76 16.62 34.19
CA PHE B 321 -29.65 15.59 33.67
C PHE B 321 -29.02 14.90 32.47
N GLY B 322 -28.96 13.57 32.53
CA GLY B 322 -28.49 12.76 31.42
C GLY B 322 -28.93 11.34 31.58
N THR B 323 -29.16 10.66 30.46
CA THR B 323 -29.75 9.33 30.48
C THR B 323 -28.90 8.24 29.85
N ASP B 324 -27.88 8.60 29.07
CA ASP B 324 -27.12 7.63 28.26
C ASP B 324 -28.04 6.86 27.32
N MET B 325 -28.92 7.60 26.63
CA MET B 325 -29.83 6.97 25.64
C MET B 325 -29.00 6.14 24.65
N GLY B 326 -29.66 5.24 23.91
CA GLY B 326 -28.90 4.32 23.04
C GLY B 326 -28.81 3.00 23.77
N VAL B 327 -28.18 2.99 24.95
CA VAL B 327 -28.20 1.75 25.78
C VAL B 327 -29.67 1.42 25.96
N GLY B 328 -30.47 2.41 26.37
CA GLY B 328 -31.89 2.20 26.45
C GLY B 328 -32.60 2.69 25.21
N PRO B 329 -33.91 2.46 25.15
CA PRO B 329 -34.67 2.82 23.95
C PRO B 329 -34.93 4.31 23.85
N HIS B 330 -34.68 4.85 22.66
CA HIS B 330 -34.91 6.27 22.42
C HIS B 330 -36.40 6.60 22.54
N GLY B 331 -36.70 7.75 23.14
CA GLY B 331 -38.12 8.14 23.35
C GLY B 331 -38.58 7.99 24.79
N ASP B 332 -37.82 7.26 25.61
CA ASP B 332 -38.19 7.07 27.04
C ASP B 332 -37.19 7.84 27.92
N ASN B 333 -36.78 9.03 27.47
CA ASN B 333 -35.77 9.80 28.24
C ASN B 333 -36.36 10.38 29.54
N ALA B 334 -37.66 10.48 29.72
CA ALA B 334 -38.28 11.22 30.85
C ALA B 334 -38.45 10.35 32.10
N ARG B 335 -38.17 9.06 32.01
CA ARG B 335 -38.23 8.15 33.19
C ARG B 335 -37.06 8.45 34.14
N GLU B 336 -35.99 9.10 33.67
CA GLU B 336 -34.87 9.51 34.51
C GLU B 336 -35.32 10.49 35.58
N PHE B 337 -36.36 11.29 35.31
CA PHE B 337 -36.92 12.16 36.35
C PHE B 337 -37.47 11.34 37.50
N ILE B 338 -38.20 10.26 37.18
CA ILE B 338 -38.76 9.40 38.21
C ILE B 338 -37.65 8.73 39.01
N TYR B 339 -36.60 8.26 38.32
CA TYR B 339 -35.48 7.64 39.02
C TYR B 339 -34.78 8.64 39.94
N MET B 340 -34.59 9.87 39.47
CA MET B 340 -33.95 10.90 40.29
C MET B 340 -34.79 11.21 41.52
N VAL B 341 -36.11 11.33 41.36
CA VAL B 341 -36.96 11.62 42.51
C VAL B 341 -36.96 10.47 43.50
N GLU B 342 -36.98 9.22 43.02
CA GLU B 342 -36.89 8.09 43.90
C GLU B 342 -35.49 7.90 44.50
N ALA B 343 -34.50 8.62 43.99
CA ALA B 343 -33.16 8.63 44.57
C ALA B 343 -32.98 9.73 45.61
N GLY B 344 -34.03 10.50 45.91
CA GLY B 344 -33.98 11.51 46.95
C GLY B 344 -33.88 12.94 46.46
N ILE B 345 -33.65 13.15 45.18
CA ILE B 345 -33.57 14.52 44.64
C ILE B 345 -34.99 15.07 44.48
N PRO B 346 -35.25 16.30 44.93
CA PRO B 346 -36.61 16.85 44.82
C PRO B 346 -37.04 17.05 43.38
N ALA B 347 -38.35 17.05 43.17
CA ALA B 347 -38.91 17.17 41.82
C ALA B 347 -38.52 18.49 41.16
N ALA B 348 -38.57 19.58 41.92
CA ALA B 348 -38.20 20.88 41.37
C ALA B 348 -36.74 20.91 40.95
N THR B 349 -35.85 20.35 41.79
CA THR B 349 -34.44 20.29 41.44
C THR B 349 -34.19 19.39 40.24
N ALA B 350 -34.92 18.27 40.16
CA ALA B 350 -34.78 17.39 39.01
C ALA B 350 -35.23 18.07 37.73
N LEU B 351 -36.30 18.87 37.80
CA LEU B 351 -36.74 19.60 36.62
C LEU B 351 -35.75 20.70 36.25
N GLN B 352 -35.19 21.38 37.25
CA GLN B 352 -34.21 22.43 36.98
C GLN B 352 -32.94 21.87 36.36
N SER B 353 -32.54 20.66 36.74
CA SER B 353 -31.31 20.08 36.21
C SER B 353 -31.35 19.85 34.70
N ALA B 354 -32.54 19.83 34.10
CA ALA B 354 -32.69 19.58 32.68
C ALA B 354 -32.98 20.83 31.87
N THR B 355 -33.18 21.98 32.52
CA THR B 355 -33.51 23.21 31.78
C THR B 355 -32.42 24.27 31.93
N VAL B 356 -32.12 24.73 33.13
CA VAL B 356 -31.19 25.84 33.30
C VAL B 356 -29.79 25.35 33.65
N LEU B 357 -29.69 24.33 34.52
CA LEU B 357 -28.41 23.73 34.79
C LEU B 357 -27.83 23.05 33.55
N ALA B 358 -28.69 22.45 32.73
CA ALA B 358 -28.23 21.87 31.47
C ALA B 358 -27.69 22.95 30.53
N ALA B 359 -28.34 24.11 30.50
CA ALA B 359 -27.84 25.22 29.69
C ALA B 359 -26.48 25.71 30.22
N GLU B 360 -26.31 25.74 31.54
CA GLU B 360 -25.01 26.09 32.09
C GLU B 360 -23.95 25.06 31.69
N VAL B 361 -24.29 23.77 31.73
CA VAL B 361 -23.34 22.73 31.33
C VAL B 361 -22.97 22.88 29.86
N LEU B 362 -23.96 23.14 29.00
CA LEU B 362 -23.70 23.28 27.57
C LEU B 362 -22.91 24.54 27.25
N GLY B 363 -22.97 25.56 28.10
CA GLY B 363 -22.27 26.80 27.85
C GLY B 363 -23.01 27.80 27.00
N VAL B 364 -24.33 27.69 26.90
CA VAL B 364 -25.13 28.61 26.11
C VAL B 364 -26.02 29.41 27.05
N ASP B 365 -26.48 30.57 26.56
CA ASP B 365 -27.30 31.47 27.35
C ASP B 365 -28.60 31.86 26.65
N ASP B 366 -28.93 31.23 25.53
CA ASP B 366 -30.12 31.56 24.76
C ASP B 366 -31.25 30.57 24.95
N GLN B 367 -31.16 29.70 25.94
CA GLN B 367 -32.20 28.70 26.19
C GLN B 367 -32.19 28.33 27.66
N GLY B 368 -33.15 27.49 28.04
CA GLY B 368 -33.23 26.94 29.38
C GLY B 368 -34.36 27.48 30.23
N ALA B 369 -34.94 28.62 29.88
CA ALA B 369 -36.01 29.21 30.66
C ALA B 369 -36.94 29.99 29.73
N ILE B 370 -38.16 30.21 30.21
CA ILE B 370 -39.16 30.98 29.47
C ILE B 370 -38.97 32.44 29.89
N GLU B 371 -38.07 33.12 29.19
CA GLU B 371 -37.78 34.52 29.44
C GLU B 371 -37.67 35.26 28.11
N THR B 372 -37.88 36.57 28.17
CA THR B 372 -37.87 37.39 26.97
C THR B 372 -36.50 37.35 26.30
N GLY B 373 -36.49 37.17 24.98
CA GLY B 373 -35.28 37.14 24.20
C GLY B 373 -34.66 35.78 24.01
N LYS B 374 -35.20 34.74 24.65
CA LYS B 374 -34.65 33.40 24.55
C LYS B 374 -35.40 32.58 23.50
N ARG B 375 -34.82 31.44 23.13
CA ARG B 375 -35.42 30.58 22.14
C ARG B 375 -36.78 30.08 22.61
N ALA B 376 -37.71 29.94 21.66
CA ALA B 376 -39.07 29.51 21.96
C ALA B 376 -39.13 27.98 21.90
N ASP B 377 -38.63 27.36 22.97
CA ASP B 377 -38.74 25.92 23.18
C ASP B 377 -39.66 25.70 24.36
N ILE B 378 -40.89 25.25 24.09
CA ILE B 378 -41.93 25.15 25.11
C ILE B 378 -42.60 23.79 24.99
N ILE B 379 -42.87 23.16 26.14
CA ILE B 379 -43.62 21.91 26.22
C ILE B 379 -44.72 22.09 27.25
N ALA B 380 -45.70 21.20 27.20
CA ALA B 380 -46.83 21.26 28.12
C ALA B 380 -47.33 19.85 28.43
N MET B 381 -47.83 19.68 29.64
CA MET B 381 -48.43 18.43 30.10
C MET B 381 -49.68 18.73 30.90
N PRO B 382 -50.67 17.83 30.87
CA PRO B 382 -51.91 18.09 31.60
C PRO B 382 -51.74 18.25 33.11
N GLY B 383 -50.81 17.52 33.72
CA GLY B 383 -50.64 17.56 35.16
C GLY B 383 -49.59 18.56 35.61
N ASP B 384 -49.35 18.57 36.92
CA ASP B 384 -48.34 19.42 37.51
C ASP B 384 -47.13 18.55 37.88
N PRO B 385 -46.00 18.69 37.19
CA PRO B 385 -44.88 17.77 37.45
C PRO B 385 -44.26 17.90 38.83
N VAL B 386 -44.36 19.06 39.48
CA VAL B 386 -43.78 19.22 40.81
C VAL B 386 -44.55 18.42 41.84
N ALA B 387 -45.89 18.51 41.81
CA ALA B 387 -46.71 17.75 42.75
C ALA B 387 -46.60 16.25 42.49
N ASP B 388 -46.64 15.84 41.23
CA ASP B 388 -46.52 14.44 40.85
C ASP B 388 -45.51 14.35 39.71
N ILE B 389 -44.36 13.74 39.97
CA ILE B 389 -43.32 13.65 38.97
C ILE B 389 -43.72 12.72 37.83
N ASN B 390 -44.72 11.86 38.06
CA ASN B 390 -45.15 10.92 37.04
C ASN B 390 -45.83 11.61 35.85
N ALA B 391 -46.16 12.90 35.96
CA ALA B 391 -46.81 13.60 34.86
C ALA B 391 -45.88 13.85 33.69
N VAL B 392 -44.55 13.68 33.88
CA VAL B 392 -43.60 13.94 32.81
C VAL B 392 -43.71 12.96 31.65
N LEU B 393 -44.44 11.85 31.83
CA LEU B 393 -44.58 10.85 30.79
C LEU B 393 -45.70 11.16 29.80
N ASN B 394 -46.51 12.18 30.06
CA ASN B 394 -47.63 12.56 29.20
C ASN B 394 -47.40 13.98 28.71
N VAL B 395 -46.66 14.11 27.61
CA VAL B 395 -46.42 15.40 26.98
C VAL B 395 -47.21 15.45 25.69
N ASP B 396 -48.05 16.47 25.53
CA ASP B 396 -48.90 16.59 24.36
C ASP B 396 -48.65 17.84 23.53
N PHE B 397 -47.78 18.75 23.97
CA PHE B 397 -47.44 19.94 23.22
C PHE B 397 -45.93 20.06 23.14
N VAL B 398 -45.41 20.25 21.92
CA VAL B 398 -43.99 20.43 21.69
C VAL B 398 -43.78 21.59 20.73
N MET B 399 -42.91 22.52 21.10
CA MET B 399 -42.57 23.67 20.27
C MET B 399 -41.06 23.82 20.23
N LYS B 400 -40.49 23.93 19.04
CA LYS B 400 -39.05 24.12 18.86
C LYS B 400 -38.83 25.24 17.86
N ASP B 401 -38.09 26.27 18.28
CA ASP B 401 -37.75 27.41 17.42
C ASP B 401 -38.97 28.13 16.89
N GLY B 402 -40.06 28.13 17.66
CA GLY B 402 -41.29 28.77 17.22
C GLY B 402 -42.16 27.93 16.31
N GLU B 403 -41.74 26.71 15.98
CA GLU B 403 -42.50 25.81 15.12
C GLU B 403 -43.13 24.72 15.98
N ILE B 404 -44.42 24.47 15.76
CA ILE B 404 -45.17 23.50 16.56
C ILE B 404 -45.08 22.13 15.92
N PHE B 405 -44.65 21.13 16.69
CA PHE B 405 -44.52 19.77 16.22
C PHE B 405 -45.56 18.83 16.79
N ARG B 406 -46.26 19.22 17.85
CA ARG B 406 -47.26 18.37 18.47
C ARG B 406 -48.25 19.25 19.22
N GLN B 407 -49.53 18.90 19.15
CA GLN B 407 -50.57 19.72 19.77
C GLN B 407 -51.61 18.86 20.47
N PRO C 2 24.92 49.03 -21.62
CA PRO C 2 25.30 50.42 -21.27
C PRO C 2 24.32 51.44 -21.84
N VAL C 3 23.48 51.99 -20.97
CA VAL C 3 22.44 52.95 -21.37
C VAL C 3 22.41 54.08 -20.35
N ALA C 4 22.27 55.31 -20.83
CA ALA C 4 22.15 56.49 -19.98
C ALA C 4 20.70 56.93 -19.92
N LEU C 5 20.22 57.18 -18.71
CA LEU C 5 18.82 57.54 -18.47
C LEU C 5 18.75 59.02 -18.08
N HIS C 6 17.97 59.79 -18.84
CA HIS C 6 17.78 61.21 -18.59
C HIS C 6 16.32 61.44 -18.20
N CYS C 7 16.07 61.73 -16.93
CA CYS C 7 14.72 61.92 -16.45
C CYS C 7 14.63 63.21 -15.63
N GLY C 8 13.47 63.87 -15.76
CA GLY C 8 13.26 65.19 -15.20
C GLY C 8 13.25 65.28 -13.69
N LYS C 9 12.64 64.29 -13.03
CA LYS C 9 12.59 64.26 -11.57
C LYS C 9 12.94 62.86 -11.08
N LEU C 10 13.66 62.81 -9.97
CA LEU C 10 14.07 61.55 -9.35
C LEU C 10 13.56 61.53 -7.91
N PHE C 11 12.93 60.42 -7.53
CA PHE C 11 12.46 60.24 -6.16
C PHE C 11 13.54 59.51 -5.38
N ASP C 12 14.03 60.15 -4.31
CA ASP C 12 15.05 59.57 -3.44
C ASP C 12 14.33 58.78 -2.35
N ALA C 13 14.42 57.45 -2.42
CA ALA C 13 13.67 56.60 -1.51
C ALA C 13 14.13 56.79 -0.07
N ARG C 14 15.43 56.90 0.15
CA ARG C 14 15.95 57.02 1.51
C ARG C 14 15.46 58.29 2.19
N SER C 15 15.46 59.42 1.47
CA SER C 15 15.07 60.69 2.05
C SER C 15 13.56 60.92 1.96
N GLY C 16 12.90 60.40 0.94
CA GLY C 16 11.49 60.65 0.75
C GLY C 16 11.16 61.94 0.06
N ARG C 17 12.08 62.50 -0.72
CA ARG C 17 11.88 63.76 -1.42
C ARG C 17 12.14 63.57 -2.91
N VAL C 18 11.43 64.35 -3.72
CA VAL C 18 11.60 64.31 -5.17
C VAL C 18 12.61 65.37 -5.57
N LEU C 19 13.70 64.94 -6.21
CA LEU C 19 14.76 65.85 -6.64
C LEU C 19 14.54 66.32 -8.07
N GLY C 20 15.54 66.97 -8.65
CA GLY C 20 15.44 67.50 -9.99
C GLY C 20 16.03 66.60 -11.04
N PRO C 21 16.48 67.18 -12.15
CA PRO C 21 17.03 66.37 -13.25
C PRO C 21 18.26 65.58 -12.81
N HIS C 22 18.37 64.37 -13.35
CA HIS C 22 19.47 63.46 -13.02
C HIS C 22 19.78 62.60 -14.24
N THR C 23 20.98 62.03 -14.25
CA THR C 23 21.40 61.09 -15.28
C THR C 23 21.90 59.83 -14.62
N VAL C 24 21.34 58.68 -15.02
CA VAL C 24 21.68 57.38 -14.45
C VAL C 24 22.38 56.56 -15.53
N VAL C 25 23.58 56.08 -15.21
CA VAL C 25 24.37 55.25 -16.11
C VAL C 25 24.33 53.81 -15.60
N VAL C 26 23.96 52.89 -16.48
CA VAL C 26 23.79 51.49 -16.12
C VAL C 26 24.71 50.65 -16.99
N ARG C 27 25.65 49.96 -16.36
CA ARG C 27 26.45 48.94 -17.04
C ARG C 27 26.50 47.70 -16.15
N ASP C 28 26.42 46.53 -16.78
CA ASP C 28 26.47 45.22 -16.12
C ASP C 28 25.30 44.99 -15.17
N GLY C 29 24.21 45.75 -15.30
CA GLY C 29 23.02 45.53 -14.51
C GLY C 29 22.94 46.27 -13.19
N ARG C 30 23.96 47.06 -12.85
CA ARG C 30 23.96 47.84 -11.62
C ARG C 30 24.04 49.32 -11.96
N ILE C 31 23.77 50.15 -10.95
CA ILE C 31 23.87 51.59 -11.06
C ILE C 31 25.30 52.02 -10.81
N ASP C 32 25.87 52.79 -11.72
CA ASP C 32 27.27 53.18 -11.64
C ASP C 32 27.48 54.66 -11.39
N GLN C 33 26.71 55.53 -12.05
CA GLN C 33 26.86 56.95 -11.86
C GLN C 33 25.50 57.60 -11.68
N LEU C 34 25.48 58.72 -10.95
CA LEU C 34 24.27 59.44 -10.61
C LEU C 34 24.47 60.94 -10.80
N ILE C 35 24.98 61.34 -11.96
CA ILE C 35 25.26 62.74 -12.25
C ILE C 35 23.99 63.58 -12.06
N SER C 36 24.10 64.64 -11.26
CA SER C 36 22.99 65.52 -10.98
C SER C 36 23.14 66.84 -11.73
N GLY C 37 22.07 67.26 -12.38
CA GLY C 37 22.07 68.49 -13.15
C GLY C 37 22.59 68.33 -14.56
N LEU C 45 27.29 55.99 -26.06
CA LEU C 45 26.36 55.64 -25.00
C LEU C 45 24.90 55.73 -25.47
N ALA C 46 24.14 54.66 -25.24
CA ALA C 46 22.72 54.69 -25.51
C ALA C 46 22.01 55.62 -24.54
N ALA C 47 20.96 56.27 -25.02
CA ALA C 47 20.22 57.24 -24.24
C ALA C 47 18.72 56.96 -24.34
N VAL C 48 18.03 57.10 -23.21
CA VAL C 48 16.58 57.00 -23.15
C VAL C 48 16.03 58.34 -22.65
N ASP C 49 15.08 58.90 -23.40
CA ASP C 49 14.53 60.23 -23.09
C ASP C 49 13.34 60.08 -22.16
N LEU C 50 13.54 60.43 -20.88
CA LEU C 50 12.48 60.42 -19.88
C LEU C 50 12.34 61.77 -19.20
N ARG C 51 12.71 62.85 -19.88
CA ARG C 51 12.79 64.17 -19.26
C ARG C 51 11.43 64.72 -18.87
N ASN C 52 10.36 64.08 -19.24
CA ASN C 52 8.99 64.51 -18.87
C ASN C 52 8.40 63.46 -17.93
N ARG C 53 9.25 62.76 -17.19
CA ARG C 53 8.80 61.71 -16.28
C ARG C 53 9.48 61.86 -14.94
N THR C 54 8.99 61.09 -13.97
CA THR C 54 9.56 61.05 -12.62
C THR C 54 10.22 59.70 -12.40
N CYS C 55 11.46 59.72 -11.92
CA CYS C 55 12.27 58.52 -11.75
C CYS C 55 12.00 57.91 -10.37
N LEU C 56 11.76 56.60 -10.36
CA LEU C 56 11.53 55.88 -9.12
C LEU C 56 12.21 54.52 -9.16
N PRO C 57 12.58 53.97 -8.01
CA PRO C 57 13.03 52.58 -7.97
C PRO C 57 11.85 51.63 -8.16
N GLY C 58 12.17 50.42 -8.61
CA GLY C 58 11.12 49.43 -8.81
C GLY C 58 10.44 49.07 -7.50
N TRP C 59 9.15 48.77 -7.58
CA TRP C 59 8.34 48.49 -6.41
C TRP C 59 8.42 47.01 -6.03
N THR C 60 8.24 46.75 -4.75
CA THR C 60 8.20 45.38 -4.22
C THR C 60 6.87 45.14 -3.55
N ASP C 61 6.18 44.07 -3.95
CA ASP C 61 4.98 43.61 -3.29
C ASP C 61 5.33 42.44 -2.40
N LEU C 62 5.09 42.59 -1.10
CA LEU C 62 5.54 41.60 -0.12
C LEU C 62 4.50 40.51 0.14
N HIS C 63 3.37 40.51 -0.56
CA HIS C 63 2.34 39.49 -0.33
C HIS C 63 1.56 39.29 -1.63
N VAL C 64 1.93 38.27 -2.39
CA VAL C 64 1.22 37.88 -3.62
C VAL C 64 1.12 36.36 -3.67
N HIS C 65 0.22 35.88 -4.53
CA HIS C 65 0.07 34.46 -4.84
C HIS C 65 -0.03 34.35 -6.37
N LEU C 66 1.12 34.17 -7.01
CA LEU C 66 1.18 34.17 -8.47
C LEU C 66 0.67 32.88 -9.09
N GLY C 67 0.38 31.87 -8.29
CA GLY C 67 -0.08 30.59 -8.79
C GLY C 67 -1.57 30.46 -9.04
N GLY C 68 -2.34 31.52 -8.84
CA GLY C 68 -3.78 31.43 -9.06
C GLY C 68 -4.42 32.79 -9.03
N GLU C 69 -5.75 32.78 -9.16
CA GLU C 69 -6.55 33.99 -9.13
C GLU C 69 -7.96 33.62 -8.74
N SER C 70 -8.59 34.47 -7.92
CA SER C 70 -9.93 34.20 -7.43
C SER C 70 -10.95 34.26 -8.55
N SER C 71 -11.94 33.38 -8.49
CA SER C 71 -12.96 33.27 -9.53
C SER C 71 -14.16 32.53 -8.94
N PRO C 72 -15.32 32.62 -9.58
CA PRO C 72 -16.48 31.84 -9.11
C PRO C 72 -16.27 30.34 -9.17
N GLN C 73 -15.31 29.85 -9.95
CA GLN C 73 -15.04 28.43 -10.08
C GLN C 73 -13.83 27.99 -9.27
N SER C 74 -13.30 28.85 -8.39
CA SER C 74 -12.06 28.56 -7.70
C SER C 74 -12.19 27.44 -6.68
N TYR C 75 -13.40 27.13 -6.22
CA TYR C 75 -13.60 26.11 -5.21
C TYR C 75 -13.95 24.74 -5.80
N SER C 76 -13.97 24.61 -7.12
CA SER C 76 -14.19 23.32 -7.77
C SER C 76 -13.08 22.94 -8.75
N GLU C 77 -12.23 23.89 -9.17
CA GLU C 77 -11.19 23.59 -10.13
C GLU C 77 -10.08 22.75 -9.51
N GLY C 78 -9.96 22.75 -8.18
CA GLY C 78 -8.88 22.02 -7.54
C GLY C 78 -8.96 20.52 -7.76
N PHE C 79 -10.19 19.99 -7.81
CA PHE C 79 -10.37 18.55 -8.01
C PHE C 79 -10.31 18.14 -9.47
N ARG C 80 -10.33 19.08 -10.40
CA ARG C 80 -10.36 18.76 -11.83
C ARG C 80 -9.11 19.20 -12.58
N LEU C 81 -8.40 20.22 -12.11
CA LEU C 81 -7.25 20.74 -12.82
C LEU C 81 -5.95 20.26 -12.18
N ASP C 82 -4.87 20.40 -12.93
CA ASP C 82 -3.51 20.06 -12.52
C ASP C 82 -2.66 21.32 -12.39
N PRO C 83 -1.53 21.24 -11.68
CA PRO C 83 -0.68 22.44 -11.55
C PRO C 83 -0.12 22.97 -12.86
N ILE C 84 -0.10 22.16 -13.92
CA ILE C 84 0.38 22.63 -15.23
C ILE C 84 -0.51 23.74 -15.79
N ASP C 85 -1.83 23.58 -15.68
CA ASP C 85 -2.76 24.61 -16.13
C ASP C 85 -2.56 25.90 -15.34
N PHE C 86 -2.36 25.77 -14.02
CA PHE C 86 -2.10 26.93 -13.20
C PHE C 86 -0.78 27.60 -13.57
N ALA C 87 0.22 26.82 -13.99
CA ALA C 87 1.46 27.42 -14.49
C ALA C 87 1.23 28.21 -15.77
N TYR C 88 0.43 27.65 -16.68
CA TYR C 88 0.11 28.37 -17.91
C TYR C 88 -0.63 29.68 -17.63
N ARG C 89 -1.48 29.71 -16.58
CA ARG C 89 -2.09 30.96 -16.17
C ARG C 89 -1.08 31.90 -15.50
N SER C 90 -0.16 31.33 -14.73
CA SER C 90 0.82 32.13 -14.01
C SER C 90 1.76 32.85 -14.96
N VAL C 91 1.94 32.33 -16.17
CA VAL C 91 2.77 33.04 -17.14
C VAL C 91 2.21 34.45 -17.40
N GLY C 92 0.91 34.52 -17.70
CA GLY C 92 0.27 35.82 -17.91
C GLY C 92 0.20 36.64 -16.63
N TYR C 93 -0.05 35.98 -15.48
CA TYR C 93 -0.07 36.70 -14.22
C TYR C 93 1.26 37.41 -13.96
N ALA C 94 2.37 36.70 -14.16
CA ALA C 94 3.69 37.27 -13.90
C ALA C 94 4.02 38.37 -14.89
N GLU C 95 3.67 38.19 -16.16
CA GLU C 95 3.91 39.27 -17.13
C GLU C 95 3.15 40.53 -16.76
N ARG C 96 1.86 40.39 -16.40
CA ARG C 96 1.06 41.55 -16.04
C ARG C 96 1.59 42.22 -14.78
N THR C 97 2.05 41.43 -13.81
CA THR C 97 2.62 42.01 -12.59
C THR C 97 3.89 42.79 -12.90
N LEU C 98 4.78 42.23 -13.73
CA LEU C 98 6.02 42.93 -14.06
C LEU C 98 5.75 44.22 -14.82
N LEU C 99 4.81 44.20 -15.76
CA LEU C 99 4.56 45.38 -16.59
C LEU C 99 3.90 46.53 -15.83
N ALA C 100 3.39 46.29 -14.63
CA ALA C 100 2.75 47.32 -13.83
C ALA C 100 3.72 48.11 -12.97
N GLY C 101 5.01 47.75 -12.98
CA GLY C 101 6.02 48.47 -12.23
C GLY C 101 6.57 47.72 -11.03
N PHE C 102 6.21 46.46 -10.82
CA PHE C 102 6.68 45.68 -9.68
C PHE C 102 7.79 44.75 -10.15
N THR C 103 9.04 45.09 -9.82
CA THR C 103 10.19 44.32 -10.26
C THR C 103 10.57 43.21 -9.31
N SER C 104 9.96 43.13 -8.12
CA SER C 104 10.19 42.04 -7.20
C SER C 104 8.94 41.82 -6.37
N VAL C 105 8.71 40.56 -5.97
CA VAL C 105 7.57 40.19 -5.15
C VAL C 105 8.01 39.14 -4.13
N ARG C 106 7.20 38.99 -3.09
CA ARG C 106 7.37 37.92 -2.10
C ARG C 106 6.12 37.06 -2.13
N ASP C 107 6.27 35.82 -2.61
CA ASP C 107 5.17 34.89 -2.72
C ASP C 107 5.01 34.11 -1.43
N LEU C 108 3.80 34.16 -0.85
CA LEU C 108 3.55 33.64 0.48
C LEU C 108 2.60 32.45 0.48
N GLY C 109 2.71 31.58 -0.53
CA GLY C 109 1.90 30.38 -0.59
C GLY C 109 1.66 29.89 -2.00
N GLY C 110 1.76 28.58 -2.19
CA GLY C 110 1.59 27.98 -3.49
C GLY C 110 2.81 27.22 -3.96
N GLU C 111 2.60 26.05 -4.56
CA GLU C 111 3.73 25.19 -5.00
C GLU C 111 4.03 25.34 -6.49
N VAL C 112 3.48 26.33 -7.18
CA VAL C 112 3.82 26.61 -8.60
C VAL C 112 4.88 27.73 -8.66
N SER C 113 4.98 28.58 -7.64
CA SER C 113 5.87 29.77 -7.66
C SER C 113 7.37 29.47 -7.58
N PRO C 114 7.85 28.44 -6.85
CA PRO C 114 9.27 28.06 -6.92
C PRO C 114 9.69 27.71 -8.36
N HIS C 115 8.84 27.02 -9.13
CA HIS C 115 9.08 26.69 -10.56
C HIS C 115 8.98 27.93 -11.45
N LEU C 116 7.98 28.80 -11.28
CA LEU C 116 7.89 30.05 -12.01
C LEU C 116 9.12 30.92 -11.77
N ARG C 117 9.62 30.94 -10.53
CA ARG C 117 10.82 31.70 -10.23
C ARG C 117 12.02 31.16 -11.00
N ASP C 118 12.17 29.83 -11.04
CA ASP C 118 13.25 29.24 -11.82
C ASP C 118 13.12 29.59 -13.31
N ALA C 119 11.91 29.51 -13.85
CA ALA C 119 11.70 29.82 -15.26
C ALA C 119 12.00 31.27 -15.57
N VAL C 120 11.60 32.18 -14.68
CA VAL C 120 11.89 33.60 -14.88
C VAL C 120 13.38 33.88 -14.79
N ASN C 121 14.06 33.22 -13.84
CA ASN C 121 15.50 33.43 -13.68
C ASN C 121 16.28 32.89 -14.87
N GLN C 122 15.80 31.81 -15.49
CA GLN C 122 16.47 31.28 -16.67
C GLN C 122 16.12 32.03 -17.95
N GLY C 123 15.20 33.01 -17.88
CA GLY C 123 14.82 33.79 -19.03
C GLY C 123 13.76 33.19 -19.92
N LEU C 124 13.16 32.06 -19.52
CA LEU C 124 12.15 31.43 -20.36
C LEU C 124 10.90 32.29 -20.47
N VAL C 125 10.48 32.91 -19.37
CA VAL C 125 9.30 33.76 -19.35
C VAL C 125 9.66 35.08 -18.66
N LYS C 126 8.79 36.07 -18.84
CA LYS C 126 8.98 37.39 -18.24
C LYS C 126 8.26 37.47 -16.91
N GLY C 127 8.90 38.12 -15.93
CA GLY C 127 8.33 38.29 -14.63
C GLY C 127 9.25 39.07 -13.70
N PRO C 128 8.81 39.30 -12.48
CA PRO C 128 9.64 39.98 -11.49
C PRO C 128 10.57 39.00 -10.77
N ARG C 129 11.34 39.55 -9.84
CA ARG C 129 12.20 38.73 -8.99
C ARG C 129 11.36 38.13 -7.87
N ILE C 130 11.31 36.81 -7.79
CA ILE C 130 10.38 36.10 -6.92
C ILE C 130 11.12 35.54 -5.72
N PHE C 131 10.62 35.84 -4.53
CA PHE C 131 11.04 35.19 -3.29
C PHE C 131 9.87 34.31 -2.84
N ALA C 132 10.01 33.01 -3.01
CA ALA C 132 8.90 32.08 -2.85
C ALA C 132 8.96 31.38 -1.50
N ALA C 133 7.79 31.18 -0.89
CA ALA C 133 7.69 30.48 0.38
C ALA C 133 7.42 28.99 0.22
N GLY C 134 6.92 28.56 -0.94
CA GLY C 134 6.54 27.16 -1.08
C GLY C 134 5.26 26.88 -0.33
N LYS C 135 5.16 25.67 0.22
CA LYS C 135 3.99 25.30 0.99
C LYS C 135 3.97 26.02 2.33
N SER C 136 2.82 26.58 2.69
CA SER C 136 2.65 27.21 3.99
C SER C 136 2.48 26.15 5.08
N ILE C 137 2.94 26.47 6.29
CA ILE C 137 2.92 25.54 7.40
C ILE C 137 1.73 25.88 8.31
N ALA C 138 0.94 24.86 8.63
CA ALA C 138 -0.22 25.02 9.49
C ALA C 138 -0.30 23.85 10.46
N THR C 139 -1.35 23.84 11.28
CA THR C 139 -1.66 22.72 12.16
C THR C 139 -2.84 21.95 11.60
N THR C 140 -3.19 20.85 12.27
CA THR C 140 -4.29 20.01 11.81
C THR C 140 -5.60 20.79 11.84
N GLY C 141 -6.28 20.85 10.70
CA GLY C 141 -7.49 21.63 10.57
C GLY C 141 -7.26 23.12 10.43
N GLY C 142 -6.02 23.56 10.26
CA GLY C 142 -5.70 24.97 10.21
C GLY C 142 -6.05 25.60 8.88
N HIS C 143 -5.74 26.90 8.78
CA HIS C 143 -6.11 27.68 7.61
C HIS C 143 -5.43 27.16 6.34
N ALA C 144 -4.25 26.55 6.47
CA ALA C 144 -3.50 26.07 5.33
C ALA C 144 -3.44 24.54 5.26
N ASP C 145 -4.33 23.84 5.96
CA ASP C 145 -4.40 22.39 5.85
C ASP C 145 -4.93 22.02 4.46
N PRO C 146 -4.19 21.22 3.68
CA PRO C 146 -4.57 21.00 2.28
C PRO C 146 -5.79 20.11 2.08
N THR C 147 -6.28 19.43 3.11
CA THR C 147 -7.40 18.51 2.96
C THR C 147 -8.65 18.97 3.72
N ASN C 148 -8.75 20.24 4.04
CA ASN C 148 -9.97 20.76 4.65
C ASN C 148 -11.13 20.67 3.67
N GLY C 149 -12.26 20.18 4.14
CA GLY C 149 -13.46 20.10 3.32
C GLY C 149 -13.55 18.87 2.44
N TRP C 150 -12.59 17.96 2.50
CA TRP C 150 -12.66 16.73 1.71
C TRP C 150 -13.58 15.72 2.40
N ASN C 151 -14.13 14.81 1.60
CA ASN C 151 -15.02 13.79 2.15
C ASN C 151 -14.19 12.62 2.70
N ASP C 152 -14.89 11.63 3.26
CA ASP C 152 -14.22 10.53 3.94
C ASP C 152 -13.39 9.67 2.97
N GLN C 153 -13.91 9.42 1.78
CA GLN C 153 -13.20 8.57 0.81
C GLN C 153 -11.88 9.21 0.40
N LEU C 154 -11.92 10.49 0.00
CA LEU C 154 -10.70 11.18 -0.41
C LEU C 154 -9.73 11.31 0.75
N SER C 155 -10.23 11.61 1.95
CA SER C 155 -9.37 11.75 3.12
C SER C 155 -8.68 10.44 3.45
N HIS C 156 -9.39 9.32 3.35
CA HIS C 156 -8.76 8.03 3.61
C HIS C 156 -7.76 7.69 2.52
N LEU C 157 -8.05 8.05 1.26
CA LEU C 157 -7.12 7.74 0.18
C LEU C 157 -5.83 8.54 0.31
N ILE C 158 -5.93 9.81 0.68
CA ILE C 158 -4.72 10.63 0.78
C ILE C 158 -3.98 10.39 2.10
N GLY C 159 -4.70 10.05 3.17
CA GLY C 159 -4.10 9.91 4.46
C GLY C 159 -4.01 11.24 5.20
N PRO C 160 -3.65 11.20 6.47
CA PRO C 160 -3.54 12.44 7.25
C PRO C 160 -2.23 13.17 6.94
N PRO C 161 -2.29 14.47 6.66
CA PRO C 161 -1.07 15.21 6.34
C PRO C 161 -0.13 15.31 7.52
N GLY C 162 1.17 15.36 7.23
CA GLY C 162 2.19 15.50 8.23
C GLY C 162 3.16 16.62 7.92
N PRO C 163 4.34 16.58 8.54
CA PRO C 163 5.33 17.65 8.31
C PRO C 163 5.78 17.76 6.86
N THR C 164 5.79 16.67 6.11
CA THR C 164 6.17 16.73 4.70
C THR C 164 5.15 17.52 3.90
N GLU C 165 3.88 17.49 4.30
CA GLU C 165 2.82 18.22 3.63
C GLU C 165 2.57 19.59 4.24
N GLY C 166 3.30 19.96 5.29
CA GLY C 166 3.15 21.25 5.92
C GLY C 166 2.23 21.31 7.13
N VAL C 167 1.86 20.19 7.71
CA VAL C 167 0.95 20.15 8.86
C VAL C 167 1.74 19.64 10.06
N VAL C 168 1.85 20.47 11.10
CA VAL C 168 2.65 20.14 12.27
C VAL C 168 1.78 20.19 13.51
N ASN C 169 2.19 19.44 14.53
CA ASN C 169 1.49 19.42 15.81
C ASN C 169 2.41 19.40 17.02
N SER C 170 3.73 19.51 16.83
CA SER C 170 4.67 19.49 17.95
C SER C 170 5.96 20.19 17.51
N VAL C 171 6.89 20.30 18.47
CA VAL C 171 8.15 21.00 18.22
C VAL C 171 8.98 20.28 17.17
N ASP C 172 9.12 18.96 17.31
CA ASP C 172 9.93 18.19 16.37
C ASP C 172 9.32 18.23 14.97
N GLU C 173 7.99 18.15 14.88
CA GLU C 173 7.33 18.24 13.58
C GLU C 173 7.53 19.61 12.95
N ALA C 174 7.52 20.68 13.76
CA ALA C 174 7.80 22.02 13.24
C ALA C 174 9.22 22.11 12.69
N ARG C 175 10.19 21.54 13.41
CA ARG C 175 11.56 21.50 12.93
C ARG C 175 11.65 20.77 11.60
N GLN C 176 11.00 19.60 11.52
CA GLN C 176 11.04 18.82 10.28
C GLN C 176 10.35 19.56 9.14
N ALA C 177 9.29 20.29 9.43
CA ALA C 177 8.59 21.04 8.39
C ALA C 177 9.45 22.16 7.84
N VAL C 178 10.14 22.91 8.71
CA VAL C 178 11.04 23.95 8.22
C VAL C 178 12.17 23.34 7.39
N ARG C 179 12.70 22.20 7.85
CA ARG C 179 13.76 21.54 7.07
C ARG C 179 13.25 21.03 5.72
N GLN C 180 11.99 20.59 5.67
CA GLN C 180 11.41 20.17 4.39
C GLN C 180 11.17 21.34 3.46
N ARG C 181 10.81 22.51 4.01
CA ARG C 181 10.71 23.70 3.17
C ARG C 181 12.07 24.07 2.61
N TYR C 182 13.12 23.93 3.42
CA TYR C 182 14.48 24.15 2.91
C TYR C 182 14.83 23.14 1.83
N LYS C 183 14.42 21.88 2.00
CA LYS C 183 14.73 20.85 1.00
C LYS C 183 14.02 21.11 -0.31
N ASP C 184 12.82 21.70 -0.28
CA ASP C 184 12.07 21.98 -1.49
C ASP C 184 12.52 23.26 -2.19
N GLY C 185 13.43 24.02 -1.60
CA GLY C 185 13.98 25.20 -2.24
C GLY C 185 13.21 26.48 -1.98
N SER C 186 12.94 26.78 -0.72
CA SER C 186 12.21 28.00 -0.36
C SER C 186 13.18 29.12 -0.02
N ASP C 187 12.66 30.36 -0.08
CA ASP C 187 13.42 31.53 0.30
C ASP C 187 12.92 32.17 1.58
N VAL C 188 11.72 31.81 2.05
CA VAL C 188 11.09 32.46 3.19
C VAL C 188 10.06 31.48 3.76
N ILE C 189 9.74 31.64 5.04
CA ILE C 189 8.77 30.78 5.70
C ILE C 189 7.44 31.50 5.95
N ILE C 191 3.61 30.86 7.99
CA ILE C 191 2.73 30.07 8.85
C ILE C 191 1.39 30.78 9.00
N THR C 192 0.34 30.01 9.27
CA THR C 192 -0.99 30.56 9.58
C THR C 192 -1.21 30.43 11.07
N ALA C 193 -1.06 31.55 11.79
CA ALA C 193 -1.19 31.53 13.24
C ALA C 193 -2.64 31.36 13.68
N THR C 194 -3.58 31.92 12.93
CA THR C 194 -5.00 31.83 13.25
C THR C 194 -5.75 31.27 12.05
N GLY C 195 -7.07 31.22 12.16
CA GLY C 195 -7.89 30.87 11.03
C GLY C 195 -8.00 32.01 10.04
N GLY C 196 -8.58 31.71 8.89
CA GLY C 196 -8.69 32.69 7.83
C GLY C 196 -10.07 32.87 7.28
N VAL C 197 -10.17 33.46 6.09
CA VAL C 197 -11.44 33.72 5.44
C VAL C 197 -11.72 32.73 4.32
N LEU C 198 -10.73 32.48 3.47
CA LEU C 198 -10.92 31.70 2.25
C LEU C 198 -10.82 30.20 2.45
N SER C 199 -10.44 29.73 3.64
CA SER C 199 -10.36 28.30 3.88
C SER C 199 -11.75 27.69 4.06
N TYR C 200 -11.85 26.39 3.74
CA TYR C 200 -13.09 25.64 3.93
C TYR C 200 -13.17 25.11 5.36
N ALA C 201 -13.21 26.04 6.31
CA ALA C 201 -13.25 25.72 7.73
C ALA C 201 -14.21 26.67 8.43
N LYS C 202 -14.50 26.37 9.70
CA LYS C 202 -15.52 27.11 10.43
C LYS C 202 -14.96 28.39 11.03
N SER C 203 -13.88 28.31 11.79
CA SER C 203 -13.33 29.46 12.49
C SER C 203 -12.49 30.34 11.55
N GLY C 204 -12.32 31.59 11.95
CA GLY C 204 -11.54 32.52 11.18
C GLY C 204 -10.62 33.42 11.99
N ASP C 205 -10.65 33.31 13.31
CA ASP C 205 -9.76 34.11 14.14
C ASP C 205 -9.24 33.36 15.37
N ALA C 206 -9.57 32.08 15.49
CA ALA C 206 -9.17 31.32 16.67
C ALA C 206 -7.67 31.00 16.63
N PRO C 207 -7.01 30.98 17.79
CA PRO C 207 -5.57 30.68 17.81
C PRO C 207 -5.30 29.22 17.51
N GLN C 208 -4.49 28.97 16.48
CA GLN C 208 -4.22 27.61 16.04
C GLN C 208 -2.77 27.19 16.20
N PHE C 209 -1.93 28.02 16.82
CA PHE C 209 -0.53 27.70 17.08
C PHE C 209 -0.23 27.95 18.54
N THR C 210 0.53 27.06 19.16
CA THR C 210 1.06 27.32 20.49
C THR C 210 2.37 28.08 20.38
N VAL C 211 2.71 28.80 21.44
CA VAL C 211 3.91 29.64 21.42
C VAL C 211 5.16 28.79 21.31
N ASP C 212 5.13 27.56 21.84
CA ASP C 212 6.28 26.63 21.76
C ASP C 212 6.52 26.16 20.31
N GLU C 213 5.47 25.94 19.52
CA GLU C 213 5.62 25.58 18.12
C GLU C 213 6.14 26.75 17.30
N VAL C 214 5.66 27.95 17.61
CA VAL C 214 6.14 29.16 16.89
C VAL C 214 7.63 29.36 17.21
N LYS C 215 8.01 29.22 18.48
CA LYS C 215 9.44 29.38 18.87
C LYS C 215 10.31 28.33 18.17
N ALA C 216 9.83 27.09 18.03
CA ALA C 216 10.59 26.06 17.34
C ALA C 216 10.75 26.39 15.86
N ILE C 217 9.67 26.85 15.21
CA ILE C 217 9.74 27.22 13.81
C ILE C 217 10.73 28.37 13.62
N VAL C 218 10.68 29.38 14.50
CA VAL C 218 11.55 30.54 14.35
C VAL C 218 13.02 30.13 14.55
N ASP C 219 13.30 29.30 15.55
CA ASP C 219 14.68 28.87 15.78
C ASP C 219 15.22 28.07 14.59
N THR C 220 14.41 27.13 14.08
CA THR C 220 14.85 26.35 12.93
C THR C 220 15.09 27.24 11.71
N ALA C 221 14.20 28.22 11.49
CA ALA C 221 14.38 29.13 10.35
C ALA C 221 15.62 30.00 10.52
N ASN C 222 15.90 30.43 11.75
CA ASN C 222 17.11 31.20 12.00
C ASN C 222 18.37 30.38 11.74
N ASP C 223 18.32 29.08 12.01
CA ASP C 223 19.47 28.24 11.67
C ASP C 223 19.74 28.22 10.17
N TYR C 224 18.69 28.22 9.35
CA TYR C 224 18.83 28.12 7.90
C TYR C 224 18.78 29.47 7.20
N GLY C 225 18.75 30.57 7.94
CA GLY C 225 18.80 31.89 7.35
C GLY C 225 17.49 32.41 6.79
N TYR C 226 16.35 31.89 7.23
CA TYR C 226 15.07 32.31 6.73
C TYR C 226 14.44 33.37 7.63
N LYS C 227 13.45 34.07 7.08
CA LYS C 227 12.56 34.94 7.83
C LYS C 227 11.17 34.32 7.83
N VAL C 228 10.36 34.71 8.82
CA VAL C 228 9.05 34.10 9.05
C VAL C 228 7.98 35.18 8.92
N ALA C 229 6.98 34.90 8.09
CA ALA C 229 5.78 35.72 7.98
C ALA C 229 4.58 34.93 8.49
N ALA C 230 3.75 35.58 9.30
CA ALA C 230 2.64 34.92 9.98
C ALA C 230 1.32 35.53 9.56
N HIS C 231 0.38 34.67 9.17
CA HIS C 231 -0.99 35.09 8.88
C HIS C 231 -1.81 35.03 10.18
N ALA C 232 -2.47 36.14 10.52
CA ALA C 232 -3.22 36.20 11.76
C ALA C 232 -4.39 37.16 11.61
N HIS C 233 -5.51 36.83 12.23
CA HIS C 233 -6.64 37.73 12.35
C HIS C 233 -7.00 38.01 13.79
N GLY C 234 -7.07 36.98 14.64
CA GLY C 234 -7.43 37.16 16.03
C GLY C 234 -6.29 37.70 16.87
N THR C 235 -6.66 38.19 18.05
CA THR C 235 -5.69 38.84 18.94
C THR C 235 -4.74 37.83 19.57
N GLU C 236 -5.27 36.71 20.06
CA GLU C 236 -4.45 35.75 20.80
C GLU C 236 -3.40 35.10 19.90
N GLY C 237 -3.81 34.67 18.70
CA GLY C 237 -2.84 34.10 17.78
C GLY C 237 -1.79 35.08 17.33
N MET C 238 -2.20 36.33 17.12
CA MET C 238 -1.26 37.41 16.72
C MET C 238 -0.24 37.61 17.83
N LYS C 239 -0.69 37.62 19.08
CA LYS C 239 0.22 37.82 20.24
C LYS C 239 1.17 36.63 20.39
N ARG C 240 0.66 35.41 20.16
CA ARG C 240 1.54 34.24 20.22
C ARG C 240 2.60 34.28 19.12
N ALA C 241 2.21 34.70 17.91
CA ALA C 241 3.19 34.82 16.83
C ALA C 241 4.23 35.89 17.14
N ILE C 242 3.80 37.01 17.71
CA ILE C 242 4.75 38.08 18.04
C ILE C 242 5.71 37.63 19.13
N LEU C 243 5.20 36.98 20.17
CA LEU C 243 6.07 36.50 21.24
C LEU C 243 6.97 35.36 20.79
N GLY C 244 6.58 34.62 19.75
CA GLY C 244 7.44 33.58 19.23
C GLY C 244 8.63 34.10 18.46
N GLY C 245 8.51 35.29 17.88
CA GLY C 245 9.62 35.92 17.20
C GLY C 245 9.50 36.01 15.70
N VAL C 246 8.28 36.09 15.16
CA VAL C 246 8.12 36.21 13.72
C VAL C 246 8.55 37.59 13.25
N THR C 247 8.87 37.68 11.95
CA THR C 247 9.40 38.92 11.39
C THR C 247 8.30 39.91 11.04
N SER C 248 7.20 39.43 10.44
CA SER C 248 6.13 40.31 10.01
C SER C 248 4.78 39.64 10.23
N ILE C 249 3.75 40.46 10.38
CA ILE C 249 2.37 40.01 10.54
C ILE C 249 1.62 40.34 9.26
N GLU C 250 0.91 39.36 8.71
CA GLU C 250 0.31 39.52 7.38
C GLU C 250 -1.10 40.11 7.43
N HIS C 251 -1.83 39.94 8.52
CA HIS C 251 -3.09 40.66 8.72
C HIS C 251 -3.20 41.01 10.18
N GLY C 252 -3.87 42.11 10.47
CA GLY C 252 -3.97 42.57 11.84
C GLY C 252 -5.38 43.00 12.18
N THR C 253 -6.37 42.30 11.62
CA THR C 253 -7.75 42.77 11.62
C THR C 253 -8.23 43.16 13.01
N TYR C 254 -7.86 42.39 14.02
CA TYR C 254 -8.32 42.68 15.38
C TYR C 254 -7.16 43.06 16.29
N MET C 255 -6.28 43.92 15.79
CA MET C 255 -5.15 44.41 16.57
C MET C 255 -5.63 45.33 17.67
N THR C 256 -5.23 45.04 18.92
CA THR C 256 -5.55 45.89 20.06
C THR C 256 -4.34 46.72 20.43
N ASP C 257 -4.47 47.53 21.48
CA ASP C 257 -3.37 48.39 21.92
C ASP C 257 -2.19 47.61 22.49
N GLU C 258 -2.50 46.54 23.23
CA GLU C 258 -1.45 45.67 23.82
C GLU C 258 -0.63 45.00 22.71
N VAL C 259 -1.27 44.61 21.60
CA VAL C 259 -0.58 44.01 20.47
C VAL C 259 0.34 45.03 19.82
N MET C 260 -0.13 46.28 19.67
CA MET C 260 0.71 47.33 19.10
C MET C 260 1.91 47.62 19.99
N ARG C 261 1.70 47.62 21.31
CA ARG C 261 2.83 47.82 22.22
C ARG C 261 3.87 46.71 22.07
N LEU C 262 3.41 45.46 21.97
CA LEU C 262 4.34 44.34 21.77
C LEU C 262 5.06 44.44 20.43
N MET C 263 4.35 44.83 19.37
CA MET C 263 4.98 44.99 18.07
C MET C 263 6.04 46.08 18.09
N LYS C 264 5.75 47.20 18.75
CA LYS C 264 6.73 48.27 18.84
C LYS C 264 7.94 47.84 19.68
N GLN C 265 7.71 47.10 20.76
CA GLN C 265 8.82 46.66 21.61
C GLN C 265 9.69 45.64 20.90
N HIS C 266 9.11 44.76 20.08
CA HIS C 266 9.87 43.72 19.40
C HIS C 266 10.39 44.16 18.04
N GLY C 267 9.74 45.14 17.42
CA GLY C 267 10.14 45.56 16.08
C GLY C 267 9.51 44.78 14.96
N THR C 268 8.30 44.25 15.20
CA THR C 268 7.60 43.44 14.18
C THR C 268 7.05 44.33 13.06
N TRP C 269 7.16 43.87 11.82
CA TRP C 269 6.60 44.59 10.68
C TRP C 269 5.12 44.24 10.52
N TYR C 270 4.37 45.17 9.94
CA TYR C 270 2.94 45.00 9.73
C TYR C 270 2.63 45.18 8.24
N VAL C 271 1.98 44.18 7.66
CA VAL C 271 1.54 44.23 6.26
C VAL C 271 0.02 44.21 6.24
N PRO C 272 -0.65 45.33 5.94
CA PRO C 272 -2.12 45.36 6.07
C PRO C 272 -2.86 44.54 5.02
N THR C 273 -2.49 44.65 3.74
CA THR C 273 -3.20 44.03 2.62
C THR C 273 -4.67 44.48 2.58
N ILE C 274 -4.85 45.79 2.38
CA ILE C 274 -6.19 46.38 2.36
C ILE C 274 -6.97 45.90 1.15
N SER C 275 -6.29 45.68 0.02
CA SER C 275 -6.96 45.30 -1.22
C SER C 275 -7.74 44.01 -1.07
N ALA C 276 -7.15 43.01 -0.42
CA ALA C 276 -7.83 41.73 -0.23
C ALA C 276 -9.08 41.90 0.62
N GLY C 277 -8.99 42.69 1.69
CA GLY C 277 -10.15 42.91 2.53
C GLY C 277 -11.28 43.58 1.77
N ARG C 278 -10.96 44.61 1.00
CA ARG C 278 -11.99 45.27 0.20
C ARG C 278 -12.59 44.30 -0.81
N PHE C 279 -11.75 43.51 -1.48
CA PHE C 279 -12.24 42.60 -2.51
C PHE C 279 -13.20 41.57 -1.92
N VAL C 280 -12.82 40.96 -0.79
CA VAL C 280 -13.70 39.95 -0.19
C VAL C 280 -14.97 40.60 0.36
N ALA C 281 -14.86 41.83 0.87
CA ALA C 281 -16.05 42.52 1.38
C ALA C 281 -17.06 42.75 0.27
N GLU C 282 -16.60 43.16 -0.92
CA GLU C 282 -17.53 43.36 -2.02
C GLU C 282 -18.03 42.04 -2.60
N LYS C 283 -17.16 41.03 -2.67
CA LYS C 283 -17.58 39.75 -3.25
C LYS C 283 -18.54 38.99 -2.36
N ALA C 284 -18.54 39.25 -1.04
CA ALA C 284 -19.48 38.58 -0.16
C ALA C 284 -20.92 39.02 -0.39
N LYS C 285 -21.13 40.22 -0.95
CA LYS C 285 -22.50 40.67 -1.23
C LYS C 285 -23.12 39.89 -2.38
N ILE C 286 -22.32 39.48 -3.36
CA ILE C 286 -22.84 38.66 -4.45
C ILE C 286 -23.27 37.30 -3.90
N ASP C 287 -24.35 36.79 -4.45
CA ASP C 287 -24.96 35.54 -4.01
C ASP C 287 -24.38 34.36 -4.79
N GLY C 288 -23.80 33.40 -4.08
CA GLY C 288 -23.25 32.21 -4.68
C GLY C 288 -21.79 32.29 -5.05
N TYR C 289 -21.17 33.47 -4.96
CA TYR C 289 -19.74 33.59 -5.29
C TYR C 289 -18.88 32.79 -4.31
N PHE C 290 -19.19 32.88 -3.03
CA PHE C 290 -18.45 32.17 -2.01
C PHE C 290 -19.27 30.99 -1.47
N PRO C 291 -18.61 29.94 -1.00
CA PRO C 291 -19.35 28.88 -0.29
C PRO C 291 -19.98 29.42 0.98
N GLU C 292 -21.07 28.78 1.41
CA GLU C 292 -21.83 29.28 2.54
C GLU C 292 -21.03 29.22 3.85
N VAL C 293 -19.97 28.42 3.91
CA VAL C 293 -19.11 28.44 5.09
C VAL C 293 -18.13 29.61 5.01
N VAL C 294 -17.88 30.12 3.81
CA VAL C 294 -16.89 31.19 3.63
C VAL C 294 -17.54 32.57 3.74
N ARG C 295 -18.78 32.69 3.28
CA ARG C 295 -19.43 34.00 3.15
C ARG C 295 -19.53 34.79 4.45
N PRO C 296 -20.00 34.23 5.57
CA PRO C 296 -20.07 35.04 6.80
C PRO C 296 -18.72 35.55 7.26
N LYS C 297 -17.67 34.72 7.19
CA LYS C 297 -16.34 35.15 7.61
C LYS C 297 -15.83 36.30 6.75
N ALA C 298 -16.02 36.21 5.43
CA ALA C 298 -15.60 37.29 4.54
C ALA C 298 -16.36 38.57 4.86
N ALA C 299 -17.69 38.47 4.96
CA ALA C 299 -18.51 39.65 5.20
C ALA C 299 -18.20 40.29 6.54
N ARG C 300 -17.74 39.52 7.52
CA ARG C 300 -17.41 40.07 8.82
C ARG C 300 -15.99 40.63 8.88
N ILE C 301 -15.04 40.01 8.19
CA ILE C 301 -13.63 40.37 8.36
C ILE C 301 -13.19 41.44 7.37
N GLY C 302 -13.72 41.43 6.15
CA GLY C 302 -13.21 42.34 5.13
C GLY C 302 -13.41 43.81 5.44
N ALA C 303 -14.35 44.15 6.31
CA ALA C 303 -14.67 45.55 6.59
C ALA C 303 -13.84 46.17 7.69
N GLN C 304 -13.01 45.38 8.39
CA GLN C 304 -12.27 45.86 9.56
C GLN C 304 -10.76 45.92 9.29
N ILE C 305 -10.39 46.35 8.08
CA ILE C 305 -8.98 46.37 7.70
C ILE C 305 -8.42 47.79 7.55
N GLN C 306 -9.13 48.69 6.87
CA GLN C 306 -8.64 50.05 6.68
C GLN C 306 -8.54 50.83 7.99
N ASP C 307 -9.53 50.71 8.87
CA ASP C 307 -9.46 51.37 10.16
C ASP C 307 -8.29 50.85 10.99
N THR C 308 -8.03 49.54 10.91
CA THR C 308 -6.88 48.97 11.60
C THR C 308 -5.58 49.56 11.07
N ALA C 309 -5.47 49.71 9.75
CA ALA C 309 -4.27 50.29 9.17
C ALA C 309 -4.08 51.74 9.63
N ALA C 310 -5.17 52.51 9.65
CA ALA C 310 -5.08 53.89 10.12
C ALA C 310 -4.63 53.95 11.59
N LYS C 311 -5.22 53.10 12.44
CA LYS C 311 -4.84 53.07 13.84
C LYS C 311 -3.39 52.66 14.02
N ALA C 312 -2.94 51.66 13.25
CA ALA C 312 -1.57 51.20 13.36
C ALA C 312 -0.58 52.29 12.94
N TYR C 313 -0.90 53.02 11.87
CA TYR C 313 -0.04 54.12 11.48
C TYR C 313 -0.03 55.22 12.54
N ARG C 314 -1.18 55.50 13.14
CA ARG C 314 -1.24 56.53 14.17
C ARG C 314 -0.45 56.14 15.41
N ASN C 315 -0.41 54.86 15.75
CA ASN C 315 0.25 54.41 16.97
C ASN C 315 1.74 54.14 16.79
N GLY C 316 2.29 54.30 15.59
CA GLY C 316 3.71 54.15 15.38
C GLY C 316 4.19 52.77 15.00
N VAL C 317 3.30 51.90 14.54
CA VAL C 317 3.69 50.57 14.08
C VAL C 317 4.33 50.67 12.70
N LYS C 318 5.45 49.96 12.51
CA LYS C 318 6.10 49.94 11.20
C LYS C 318 5.25 49.20 10.19
N ILE C 319 5.05 49.81 9.02
CA ILE C 319 4.14 49.30 8.01
C ILE C 319 4.92 49.06 6.72
N ALA C 320 4.62 47.94 6.07
CA ALA C 320 5.24 47.56 4.80
C ALA C 320 4.16 47.28 3.77
N PHE C 321 4.55 47.38 2.50
CA PHE C 321 3.60 47.33 1.39
C PHE C 321 3.29 45.89 1.01
N GLY C 322 2.00 45.56 0.96
CA GLY C 322 1.57 44.25 0.50
C GLY C 322 0.11 44.30 0.12
N THR C 323 -0.28 43.47 -0.85
CA THR C 323 -1.61 43.54 -1.41
C THR C 323 -2.42 42.25 -1.29
N ASP C 324 -1.79 41.12 -1.00
CA ASP C 324 -2.43 39.81 -1.07
C ASP C 324 -3.03 39.55 -2.45
N MET C 325 -2.21 39.83 -3.49
CA MET C 325 -2.65 39.55 -4.88
C MET C 325 -3.11 38.10 -4.99
N GLY C 326 -3.86 37.77 -6.05
CA GLY C 326 -4.45 36.42 -6.15
C GLY C 326 -5.90 36.54 -5.74
N VAL C 327 -6.15 36.98 -4.51
CA VAL C 327 -7.56 37.25 -4.10
C VAL C 327 -8.06 38.27 -5.13
N GLY C 328 -7.29 39.35 -5.35
CA GLY C 328 -7.63 40.28 -6.39
C GLY C 328 -6.92 39.97 -7.68
N PRO C 329 -7.25 40.74 -8.72
CA PRO C 329 -6.66 40.48 -10.04
C PRO C 329 -5.23 40.95 -10.14
N HIS C 330 -4.37 40.08 -10.67
CA HIS C 330 -2.97 40.43 -10.86
C HIS C 330 -2.81 41.56 -11.86
N GLY C 331 -1.89 42.48 -11.59
CA GLY C 331 -1.72 43.65 -12.47
C GLY C 331 -2.27 44.94 -11.89
N ASP C 332 -3.10 44.85 -10.85
CA ASP C 332 -3.69 46.06 -10.21
C ASP C 332 -3.09 46.22 -8.82
N ASN C 333 -1.78 45.94 -8.68
CA ASN C 333 -1.14 46.02 -7.34
C ASN C 333 -0.98 47.47 -6.87
N ALA C 334 -1.04 48.48 -7.72
CA ALA C 334 -0.68 49.88 -7.38
C ALA C 334 -1.86 50.66 -6.78
N ARG C 335 -3.05 50.07 -6.75
CA ARG C 335 -4.23 50.73 -6.12
C ARG C 335 -4.08 50.72 -4.59
N GLU C 336 -3.24 49.85 -4.03
CA GLU C 336 -2.94 49.81 -2.60
C GLU C 336 -2.33 51.12 -2.13
N PHE C 337 -1.58 51.80 -3.00
CA PHE C 337 -1.07 53.13 -2.66
C PHE C 337 -2.21 54.10 -2.41
N ILE C 338 -3.22 54.10 -3.27
CA ILE C 338 -4.38 54.97 -3.10
C ILE C 338 -5.11 54.64 -1.80
N TYR C 339 -5.30 53.35 -1.53
CA TYR C 339 -5.96 52.95 -0.29
C TYR C 339 -5.18 53.39 0.94
N MET C 340 -3.85 53.25 0.90
CA MET C 340 -3.01 53.68 2.01
C MET C 340 -3.10 55.18 2.22
N VAL C 341 -3.08 55.96 1.13
CA VAL C 341 -3.17 57.40 1.28
C VAL C 341 -4.53 57.82 1.82
N GLU C 342 -5.60 57.17 1.35
CA GLU C 342 -6.93 57.46 1.89
C GLU C 342 -7.12 56.92 3.30
N ALA C 343 -6.20 56.09 3.79
CA ALA C 343 -6.22 55.63 5.18
C ALA C 343 -5.41 56.53 6.11
N GLY C 344 -4.85 57.63 5.60
CA GLY C 344 -4.15 58.59 6.42
C GLY C 344 -2.63 58.54 6.31
N ILE C 345 -2.07 57.53 5.66
CA ILE C 345 -0.61 57.43 5.51
C ILE C 345 -0.18 58.39 4.41
N PRO C 346 0.87 59.20 4.62
CA PRO C 346 1.29 60.15 3.59
C PRO C 346 1.82 59.44 2.35
N ALA C 347 1.76 60.17 1.23
CA ALA C 347 2.16 59.59 -0.06
C ALA C 347 3.63 59.21 -0.07
N ALA C 348 4.49 60.06 0.50
CA ALA C 348 5.92 59.75 0.55
C ALA C 348 6.18 58.50 1.39
N THR C 349 5.51 58.39 2.53
CA THR C 349 5.69 57.20 3.37
C THR C 349 5.15 55.95 2.66
N ALA C 350 4.02 56.08 1.97
CA ALA C 350 3.47 54.95 1.22
C ALA C 350 4.43 54.50 0.11
N LEU C 351 5.07 55.45 -0.56
CA LEU C 351 6.05 55.10 -1.58
C LEU C 351 7.29 54.47 -0.98
N GLN C 352 7.73 54.97 0.17
CA GLN C 352 8.90 54.42 0.84
C GLN C 352 8.65 53.00 1.32
N SER C 353 7.42 52.70 1.74
CA SER C 353 7.12 51.36 2.28
C SER C 353 7.27 50.27 1.23
N ALA C 354 7.29 50.61 -0.06
CA ALA C 354 7.41 49.63 -1.12
C ALA C 354 8.79 49.57 -1.75
N THR C 355 9.71 50.45 -1.36
CA THR C 355 11.04 50.45 -1.96
C THR C 355 12.13 50.11 -0.94
N VAL C 356 12.29 50.88 0.12
CA VAL C 356 13.41 50.67 1.04
C VAL C 356 12.98 49.89 2.27
N LEU C 357 11.79 50.18 2.80
CA LEU C 357 11.25 49.37 3.89
C LEU C 357 10.98 47.95 3.44
N ALA C 358 10.52 47.77 2.19
CA ALA C 358 10.34 46.43 1.66
C ALA C 358 11.67 45.68 1.55
N ALA C 359 12.73 46.38 1.16
CA ALA C 359 14.05 45.76 1.14
C ALA C 359 14.51 45.37 2.53
N GLU C 360 14.21 46.20 3.53
CA GLU C 360 14.52 45.83 4.91
C GLU C 360 13.74 44.58 5.34
N VAL C 361 12.46 44.51 4.98
CA VAL C 361 11.66 43.35 5.32
C VAL C 361 12.21 42.09 4.65
N LEU C 362 12.58 42.19 3.37
CA LEU C 362 13.12 41.04 2.64
C LEU C 362 14.49 40.61 3.16
N GLY C 363 15.24 41.51 3.77
CA GLY C 363 16.57 41.20 4.27
C GLY C 363 17.67 41.33 3.25
N VAL C 364 17.47 42.09 2.18
CA VAL C 364 18.48 42.29 1.15
C VAL C 364 18.94 43.74 1.19
N ASP C 365 20.12 43.98 0.65
CA ASP C 365 20.72 45.31 0.64
C ASP C 365 21.15 45.77 -0.75
N ASP C 366 20.79 45.03 -1.80
CA ASP C 366 21.21 45.34 -3.16
C ASP C 366 20.10 45.98 -3.99
N GLN C 367 19.01 46.40 -3.36
CA GLN C 367 17.90 47.00 -4.08
C GLN C 367 17.15 47.95 -3.14
N GLY C 368 16.17 48.64 -3.69
CA GLY C 368 15.29 49.49 -2.94
C GLY C 368 15.48 50.99 -3.17
N ALA C 369 16.62 51.39 -3.72
CA ALA C 369 16.88 52.81 -3.96
C ALA C 369 17.78 52.96 -5.17
N ILE C 370 17.76 54.16 -5.76
CA ILE C 370 18.60 54.47 -6.91
C ILE C 370 19.92 55.01 -6.35
N GLU C 371 20.84 54.10 -6.06
CA GLU C 371 22.14 54.44 -5.53
C GLU C 371 23.20 53.62 -6.25
N THR C 372 24.43 54.13 -6.23
CA THR C 372 25.53 53.46 -6.92
C THR C 372 25.79 52.09 -6.34
N GLY C 373 25.96 51.10 -7.22
CA GLY C 373 26.24 49.74 -6.81
C GLY C 373 25.02 48.86 -6.62
N LYS C 374 23.82 49.39 -6.71
CA LYS C 374 22.60 48.62 -6.50
C LYS C 374 22.03 48.17 -7.83
N ARG C 375 21.08 47.25 -7.75
CA ARG C 375 20.45 46.71 -8.95
C ARG C 375 19.72 47.81 -9.71
N ALA C 376 19.73 47.70 -11.04
CA ALA C 376 19.12 48.70 -11.91
C ALA C 376 17.66 48.30 -12.14
N ASP C 377 16.83 48.59 -11.15
CA ASP C 377 15.38 48.44 -11.24
C ASP C 377 14.78 49.84 -11.17
N ILE C 378 14.31 50.34 -12.31
CA ILE C 378 13.85 51.71 -12.43
C ILE C 378 12.51 51.73 -13.16
N ILE C 379 11.59 52.56 -12.67
CA ILE C 379 10.30 52.79 -13.30
C ILE C 379 10.10 54.29 -13.45
N ALA C 380 9.15 54.67 -14.30
CA ALA C 380 8.88 56.08 -14.53
C ALA C 380 7.41 56.27 -14.85
N MET C 381 6.88 57.43 -14.45
CA MET C 381 5.50 57.81 -14.73
C MET C 381 5.47 59.29 -15.12
N PRO C 382 4.51 59.69 -15.97
CA PRO C 382 4.46 61.09 -16.39
C PRO C 382 4.25 62.09 -15.27
N GLY C 383 3.48 61.73 -14.24
CA GLY C 383 3.16 62.64 -13.17
C GLY C 383 4.11 62.53 -11.99
N ASP C 384 3.80 63.32 -10.95
CA ASP C 384 4.56 63.28 -9.70
C ASP C 384 3.75 62.54 -8.66
N PRO C 385 4.16 61.34 -8.24
CA PRO C 385 3.31 60.55 -7.32
C PRO C 385 3.14 61.18 -5.95
N VAL C 386 4.08 61.99 -5.49
CA VAL C 386 3.93 62.59 -4.16
C VAL C 386 2.83 63.64 -4.16
N ALA C 387 2.81 64.51 -5.17
CA ALA C 387 1.75 65.52 -5.24
C ALA C 387 0.39 64.90 -5.48
N ASP C 388 0.32 63.91 -6.37
CA ASP C 388 -0.92 63.20 -6.69
C ASP C 388 -0.63 61.71 -6.69
N ILE C 389 -1.17 60.99 -5.70
CA ILE C 389 -0.89 59.56 -5.58
C ILE C 389 -1.53 58.80 -6.73
N ASN C 390 -2.51 59.39 -7.41
CA ASN C 390 -3.20 58.71 -8.51
C ASN C 390 -2.30 58.48 -9.72
N ALA C 391 -1.12 59.10 -9.76
CA ALA C 391 -0.22 58.92 -10.89
C ALA C 391 0.41 57.53 -10.93
N VAL C 392 0.32 56.77 -9.84
CA VAL C 392 0.94 55.44 -9.80
C VAL C 392 0.28 54.45 -10.74
N LEU C 393 -0.90 54.77 -11.28
CA LEU C 393 -1.61 53.87 -12.17
C LEU C 393 -1.16 53.98 -13.62
N ASN C 394 -0.32 54.96 -13.95
CA ASN C 394 0.16 55.17 -15.32
C ASN C 394 1.68 55.04 -15.32
N VAL C 395 2.15 53.80 -15.48
CA VAL C 395 3.57 53.51 -15.58
C VAL C 395 3.89 53.12 -17.01
N ASP C 396 4.83 53.83 -17.64
CA ASP C 396 5.16 53.58 -19.03
C ASP C 396 6.60 53.15 -19.25
N PHE C 397 7.43 53.11 -18.22
CA PHE C 397 8.81 52.66 -18.35
C PHE C 397 9.10 51.64 -17.25
N VAL C 398 9.64 50.49 -17.63
CA VAL C 398 9.99 49.43 -16.69
C VAL C 398 11.38 48.91 -17.06
N MET C 399 12.27 48.84 -16.06
CA MET C 399 13.61 48.31 -16.24
C MET C 399 13.91 47.34 -15.10
N LYS C 400 14.38 46.14 -15.46
CA LYS C 400 14.73 45.12 -14.48
C LYS C 400 16.09 44.55 -14.84
N ASP C 401 17.04 44.62 -13.91
CA ASP C 401 18.39 44.07 -14.09
C ASP C 401 19.10 44.68 -15.29
N GLY C 402 18.81 45.94 -15.61
CA GLY C 402 19.41 46.59 -16.75
C GLY C 402 18.76 46.30 -18.08
N GLU C 403 17.72 45.48 -18.11
CA GLU C 403 17.00 45.15 -19.33
C GLU C 403 15.67 45.89 -19.36
N ILE C 404 15.36 46.51 -20.48
CA ILE C 404 14.17 47.34 -20.62
C ILE C 404 13.02 46.47 -21.12
N PHE C 405 11.90 46.49 -20.39
CA PHE C 405 10.72 45.72 -20.74
C PHE C 405 9.57 46.57 -21.25
N ARG C 406 9.61 47.88 -21.04
CA ARG C 406 8.54 48.76 -21.47
C ARG C 406 9.11 50.17 -21.62
N GLN C 407 8.67 50.86 -22.67
CA GLN C 407 9.20 52.20 -22.96
C GLN C 407 8.10 53.16 -23.37
N PRO D 2 55.04 -19.30 9.55
CA PRO D 2 56.32 -18.95 10.20
C PRO D 2 57.36 -18.45 9.20
N VAL D 3 57.58 -17.14 9.19
CA VAL D 3 58.52 -16.51 8.26
C VAL D 3 59.34 -15.47 9.02
N ALA D 4 60.63 -15.41 8.72
CA ALA D 4 61.53 -14.44 9.31
C ALA D 4 61.81 -13.33 8.31
N LEU D 5 61.69 -12.08 8.76
CA LEU D 5 61.85 -10.90 7.90
C LEU D 5 63.16 -10.22 8.26
N HIS D 6 64.03 -10.05 7.25
CA HIS D 6 65.31 -9.38 7.42
C HIS D 6 65.29 -8.09 6.60
N CYS D 7 65.22 -6.95 7.28
CA CYS D 7 65.16 -5.67 6.60
C CYS D 7 66.18 -4.71 7.19
N GLY D 8 66.74 -3.87 6.31
CA GLY D 8 67.86 -3.00 6.65
C GLY D 8 67.55 -1.90 7.65
N LYS D 9 66.37 -1.28 7.52
CA LYS D 9 65.97 -0.21 8.43
C LYS D 9 64.54 -0.45 8.87
N LEU D 10 64.26 -0.14 10.13
CA LEU D 10 62.93 -0.28 10.70
C LEU D 10 62.49 1.06 11.27
N PHE D 11 61.27 1.46 10.94
CA PHE D 11 60.70 2.70 11.46
C PHE D 11 59.89 2.37 12.71
N ASP D 12 60.29 2.96 13.84
CA ASP D 12 59.60 2.77 15.11
C ASP D 12 58.49 3.82 15.20
N ALA D 13 57.24 3.38 15.10
CA ALA D 13 56.12 4.31 15.04
C ALA D 13 55.96 5.08 16.34
N ARG D 14 56.14 4.40 17.47
CA ARG D 14 55.95 5.06 18.77
C ARG D 14 56.96 6.19 18.97
N SER D 15 58.22 5.96 18.61
CA SER D 15 59.26 6.96 18.82
C SER D 15 59.38 7.94 17.67
N GLY D 16 59.07 7.51 16.45
CA GLY D 16 59.23 8.37 15.30
C GLY D 16 60.63 8.42 14.72
N ARG D 17 61.44 7.40 14.97
CA ARG D 17 62.81 7.35 14.48
C ARG D 17 63.03 6.08 13.68
N VAL D 18 63.93 6.16 12.70
CA VAL D 18 64.28 5.01 11.88
C VAL D 18 65.49 4.32 12.49
N LEU D 19 65.34 3.04 12.83
CA LEU D 19 66.43 2.28 13.44
C LEU D 19 67.23 1.52 12.39
N GLY D 20 68.10 0.62 12.83
CA GLY D 20 68.95 -0.13 11.93
C GLY D 20 68.40 -1.50 11.59
N PRO D 21 69.29 -2.44 11.27
CA PRO D 21 68.85 -3.79 10.88
C PRO D 21 68.08 -4.48 12.01
N HIS D 22 67.06 -5.24 11.62
CA HIS D 22 66.21 -5.96 12.56
C HIS D 22 65.72 -7.24 11.91
N THR D 23 65.28 -8.18 12.74
CA THR D 23 64.69 -9.43 12.29
C THR D 23 63.34 -9.60 12.96
N VAL D 24 62.30 -9.82 12.16
CA VAL D 24 60.93 -9.97 12.66
C VAL D 24 60.48 -11.39 12.40
N VAL D 25 60.04 -12.07 13.45
CA VAL D 25 59.55 -13.45 13.37
C VAL D 25 58.04 -13.43 13.53
N VAL D 26 57.34 -14.03 12.59
CA VAL D 26 55.88 -14.02 12.55
C VAL D 26 55.38 -15.46 12.58
N ARG D 27 54.66 -15.81 13.63
CA ARG D 27 53.92 -17.07 13.69
C ARG D 27 52.50 -16.78 14.17
N ASP D 28 51.53 -17.46 13.59
CA ASP D 28 50.11 -17.36 13.91
C ASP D 28 49.53 -15.98 13.63
N GLY D 29 50.20 -15.17 12.82
CA GLY D 29 49.67 -13.88 12.42
C GLY D 29 50.04 -12.71 13.29
N ARG D 30 50.80 -12.93 14.36
CA ARG D 30 51.24 -11.86 15.25
C ARG D 30 52.76 -11.76 15.24
N ILE D 31 53.27 -10.66 15.79
CA ILE D 31 54.69 -10.45 15.92
C ILE D 31 55.17 -11.10 17.21
N ASP D 32 56.21 -11.93 17.12
CA ASP D 32 56.68 -12.69 18.26
C ASP D 32 58.07 -12.28 18.73
N GLN D 33 59.00 -12.02 17.81
CA GLN D 33 60.34 -11.62 18.20
C GLN D 33 60.79 -10.44 17.35
N LEU D 34 61.67 -9.63 17.93
CA LEU D 34 62.17 -8.40 17.32
C LEU D 34 63.67 -8.28 17.49
N ILE D 35 64.41 -9.34 17.16
CA ILE D 35 65.86 -9.38 17.33
C ILE D 35 66.50 -8.20 16.60
N SER D 36 67.33 -7.45 17.30
CA SER D 36 68.00 -6.28 16.74
C SER D 36 69.47 -6.59 16.50
N GLY D 37 69.95 -6.24 15.31
CA GLY D 37 71.33 -6.48 14.94
C GLY D 37 71.57 -7.87 14.39
N LEU D 45 63.09 -22.25 9.13
CA LEU D 45 62.39 -20.97 9.09
C LEU D 45 62.47 -20.33 7.71
N ALA D 46 61.31 -19.94 7.18
CA ALA D 46 61.27 -19.19 5.93
C ALA D 46 61.86 -17.80 6.13
N ALA D 47 62.50 -17.29 5.09
CA ALA D 47 63.17 -16.00 5.15
C ALA D 47 62.80 -15.17 3.93
N VAL D 48 62.58 -13.88 4.16
CA VAL D 48 62.33 -12.91 3.11
C VAL D 48 63.43 -11.87 3.16
N ASP D 49 64.08 -11.61 2.01
CA ASP D 49 65.23 -10.71 1.95
C ASP D 49 64.73 -9.30 1.64
N LEU D 50 64.75 -8.44 2.65
CA LEU D 50 64.40 -7.03 2.52
C LEU D 50 65.50 -6.11 3.00
N ARG D 51 66.75 -6.55 2.94
CA ARG D 51 67.87 -5.85 3.54
C ARG D 51 68.17 -4.52 2.84
N ASN D 52 67.55 -4.26 1.72
CA ASN D 52 67.74 -2.98 0.99
C ASN D 52 66.44 -2.19 1.05
N ARG D 53 65.65 -2.40 2.10
CA ARG D 53 64.37 -1.73 2.25
C ARG D 53 64.22 -1.18 3.65
N THR D 54 63.20 -0.37 3.84
CA THR D 54 62.87 0.20 5.15
C THR D 54 61.57 -0.42 5.65
N CYS D 55 61.58 -0.87 6.90
CA CYS D 55 60.45 -1.59 7.49
C CYS D 55 59.49 -0.59 8.12
N LEU D 56 58.20 -0.74 7.82
CA LEU D 56 57.17 0.12 8.39
C LEU D 56 55.94 -0.71 8.72
N PRO D 57 55.15 -0.28 9.71
CA PRO D 57 53.85 -0.90 9.92
C PRO D 57 52.87 -0.50 8.82
N GLY D 58 51.85 -1.33 8.64
CA GLY D 58 50.85 -1.04 7.63
C GLY D 58 50.11 0.25 7.93
N TRP D 59 49.72 0.96 6.88
CA TRP D 59 49.07 2.26 7.02
C TRP D 59 47.57 2.10 7.16
N THR D 60 46.96 3.06 7.85
CA THR D 60 45.51 3.11 8.03
C THR D 60 44.98 4.41 7.44
N ASP D 61 43.99 4.29 6.56
CA ASP D 61 43.26 5.44 6.02
C ASP D 61 41.94 5.55 6.76
N LEU D 62 41.74 6.67 7.45
CA LEU D 62 40.57 6.82 8.32
C LEU D 62 39.36 7.40 7.59
N HIS D 63 39.43 7.65 6.29
CA HIS D 63 38.30 8.23 5.56
C HIS D 63 38.36 7.77 4.11
N VAL D 64 37.61 6.72 3.78
CA VAL D 64 37.49 6.22 2.42
C VAL D 64 36.04 5.85 2.15
N HIS D 65 35.71 5.72 0.86
CA HIS D 65 34.40 5.24 0.40
C HIS D 65 34.67 4.18 -0.67
N LEU D 66 34.79 2.93 -0.25
CA LEU D 66 35.16 1.86 -1.16
C LEU D 66 34.03 1.42 -2.08
N GLY D 67 32.82 1.92 -1.89
CA GLY D 67 31.69 1.54 -2.69
C GLY D 67 31.48 2.30 -3.97
N GLY D 68 32.38 3.23 -4.32
CA GLY D 68 32.21 3.98 -5.55
C GLY D 68 33.46 4.78 -5.87
N GLU D 69 33.36 5.55 -6.95
CA GLU D 69 34.45 6.40 -7.40
C GLU D 69 33.85 7.52 -8.25
N SER D 70 34.40 8.73 -8.10
CA SER D 70 33.89 9.88 -8.82
C SER D 70 34.14 9.76 -10.31
N SER D 71 33.18 10.23 -11.10
CA SER D 71 33.26 10.14 -12.55
C SER D 71 32.29 11.15 -13.14
N PRO D 72 32.42 11.48 -14.43
CA PRO D 72 31.44 12.38 -15.06
C PRO D 72 30.03 11.82 -15.10
N GLN D 73 29.86 10.52 -14.94
CA GLN D 73 28.55 9.88 -14.96
C GLN D 73 28.02 9.56 -13.56
N SER D 74 28.68 10.05 -12.52
CA SER D 74 28.34 9.66 -11.16
C SER D 74 26.98 10.19 -10.71
N TYR D 75 26.46 11.22 -11.35
CA TYR D 75 25.20 11.82 -10.94
C TYR D 75 24.00 11.28 -11.72
N SER D 76 24.21 10.33 -12.62
CA SER D 76 23.12 9.67 -13.33
C SER D 76 23.11 8.16 -13.19
N GLU D 77 24.21 7.55 -12.73
CA GLU D 77 24.26 6.09 -12.60
C GLU D 77 23.39 5.60 -11.46
N GLY D 78 23.07 6.47 -10.49
CA GLY D 78 22.30 6.04 -9.34
C GLY D 78 20.91 5.55 -9.70
N PHE D 79 20.29 6.18 -10.70
CA PHE D 79 18.94 5.80 -11.12
C PHE D 79 18.92 4.61 -12.06
N ARG D 80 20.07 4.20 -12.60
CA ARG D 80 20.12 3.12 -13.58
C ARG D 80 20.85 1.88 -13.10
N LEU D 81 21.78 2.00 -12.16
CA LEU D 81 22.57 0.87 -11.70
C LEU D 81 22.07 0.37 -10.35
N ASP D 82 22.50 -0.84 -10.02
CA ASP D 82 22.19 -1.52 -8.77
C ASP D 82 23.45 -1.67 -7.92
N PRO D 83 23.30 -1.92 -6.62
CA PRO D 83 24.50 -2.09 -5.77
C PRO D 83 25.39 -3.26 -6.16
N ILE D 84 24.89 -4.24 -6.93
CA ILE D 84 25.71 -5.36 -7.36
C ILE D 84 26.84 -4.90 -8.28
N ASP D 85 26.55 -3.99 -9.21
CA ASP D 85 27.56 -3.44 -10.10
C ASP D 85 28.62 -2.67 -9.31
N PHE D 86 28.18 -1.91 -8.32
CA PHE D 86 29.11 -1.20 -7.46
C PHE D 86 29.97 -2.16 -6.65
N ALA D 87 29.42 -3.31 -6.26
CA ALA D 87 30.24 -4.32 -5.58
C ALA D 87 31.31 -4.88 -6.51
N TYR D 88 30.93 -5.14 -7.76
CA TYR D 88 31.90 -5.63 -8.74
C TYR D 88 33.03 -4.62 -8.97
N ARG D 89 32.70 -3.31 -8.93
CA ARG D 89 33.76 -2.30 -8.99
C ARG D 89 34.58 -2.25 -7.70
N SER D 90 33.91 -2.45 -6.56
CA SER D 90 34.58 -2.38 -5.26
C SER D 90 35.61 -3.48 -5.11
N VAL D 91 35.44 -4.59 -5.81
CA VAL D 91 36.46 -5.65 -5.77
C VAL D 91 37.81 -5.11 -6.20
N GLY D 92 37.84 -4.45 -7.37
CA GLY D 92 39.08 -3.85 -7.84
C GLY D 92 39.54 -2.69 -6.98
N TYR D 93 38.59 -1.88 -6.49
CA TYR D 93 38.96 -0.78 -5.60
C TYR D 93 39.70 -1.30 -4.37
N ALA D 94 39.17 -2.34 -3.73
CA ALA D 94 39.76 -2.88 -2.52
C ALA D 94 41.11 -3.51 -2.81
N GLU D 95 41.24 -4.24 -3.93
CA GLU D 95 42.54 -4.81 -4.25
C GLU D 95 43.59 -3.72 -4.46
N ARG D 96 43.24 -2.66 -5.20
CA ARG D 96 44.19 -1.59 -5.45
C ARG D 96 44.57 -0.87 -4.16
N THR D 97 43.60 -0.67 -3.26
CA THR D 97 43.90 -0.04 -1.99
C THR D 97 44.85 -0.89 -1.15
N LEU D 98 44.60 -2.21 -1.09
CA LEU D 98 45.47 -3.08 -0.30
C LEU D 98 46.88 -3.12 -0.87
N LEU D 99 47.01 -3.18 -2.20
CA LEU D 99 48.34 -3.30 -2.79
C LEU D 99 49.18 -2.04 -2.68
N ALA D 100 48.60 -0.91 -2.30
CA ALA D 100 49.34 0.34 -2.16
C ALA D 100 49.97 0.52 -0.79
N GLY D 101 49.74 -0.43 0.14
CA GLY D 101 50.33 -0.37 1.46
C GLY D 101 49.36 -0.08 2.60
N PHE D 102 48.06 -0.01 2.32
CA PHE D 102 47.07 0.30 3.35
C PHE D 102 46.38 -0.99 3.77
N THR D 103 46.74 -1.49 4.95
CA THR D 103 46.23 -2.76 5.46
C THR D 103 44.94 -2.61 6.26
N SER D 104 44.51 -1.39 6.55
CA SER D 104 43.23 -1.16 7.22
C SER D 104 42.70 0.20 6.80
N VAL D 105 41.37 0.31 6.76
CA VAL D 105 40.69 1.55 6.41
C VAL D 105 39.46 1.72 7.29
N ARG D 106 38.97 2.96 7.35
CA ARG D 106 37.72 3.28 8.02
C ARG D 106 36.77 3.86 6.97
N ASP D 107 35.72 3.10 6.65
CA ASP D 107 34.74 3.51 5.65
C ASP D 107 33.65 4.35 6.30
N LEU D 108 33.44 5.56 5.78
CA LEU D 108 32.57 6.55 6.40
C LEU D 108 31.33 6.85 5.57
N GLY D 109 30.78 5.85 4.91
CA GLY D 109 29.57 6.03 4.14
C GLY D 109 29.42 5.06 2.99
N GLY D 110 28.22 4.53 2.81
CA GLY D 110 27.96 3.56 1.77
C GLY D 110 27.47 2.23 2.30
N GLU D 111 26.48 1.65 1.62
CA GLU D 111 25.86 0.38 2.10
C GLU D 111 26.41 -0.85 1.37
N VAL D 112 27.50 -0.71 0.60
CA VAL D 112 28.17 -1.88 -0.04
C VAL D 112 29.36 -2.33 0.83
N SER D 113 29.93 -1.46 1.65
CA SER D 113 31.16 -1.75 2.43
C SER D 113 30.99 -2.76 3.58
N PRO D 114 29.85 -2.81 4.30
CA PRO D 114 29.63 -3.89 5.29
C PRO D 114 29.71 -5.27 4.63
N HIS D 115 29.17 -5.45 3.42
CA HIS D 115 29.24 -6.70 2.63
C HIS D 115 30.64 -6.96 2.09
N LEU D 116 31.35 -5.96 1.56
CA LEU D 116 32.73 -6.10 1.14
C LEU D 116 33.62 -6.52 2.29
N ARG D 117 33.37 -5.96 3.48
CA ARG D 117 34.14 -6.34 4.66
C ARG D 117 33.92 -7.81 5.00
N ASP D 118 32.67 -8.28 4.94
CA ASP D 118 32.40 -9.69 5.19
C ASP D 118 33.10 -10.58 4.16
N ALA D 119 33.06 -10.18 2.89
CA ALA D 119 33.69 -10.98 1.84
C ALA D 119 35.21 -11.03 2.01
N VAL D 120 35.81 -9.90 2.38
CA VAL D 120 37.26 -9.87 2.61
C VAL D 120 37.63 -10.72 3.82
N ASN D 121 36.82 -10.64 4.88
CA ASN D 121 37.11 -11.42 6.08
C ASN D 121 36.97 -12.92 5.84
N GLN D 122 36.06 -13.32 4.97
CA GLN D 122 35.90 -14.74 4.63
C GLN D 122 36.93 -15.22 3.62
N GLY D 123 37.75 -14.33 3.08
CA GLY D 123 38.77 -14.70 2.12
C GLY D 123 38.32 -14.80 0.68
N LEU D 124 37.08 -14.40 0.37
CA LEU D 124 36.60 -14.49 -1.00
C LEU D 124 37.33 -13.53 -1.92
N VAL D 125 37.61 -12.31 -1.45
CA VAL D 125 38.31 -11.31 -2.23
C VAL D 125 39.44 -10.72 -1.38
N LYS D 126 40.35 -10.04 -2.04
CA LYS D 126 41.49 -9.40 -1.38
C LYS D 126 41.16 -7.95 -1.04
N GLY D 127 41.59 -7.52 0.14
CA GLY D 127 41.38 -6.17 0.59
C GLY D 127 41.97 -5.93 1.96
N PRO D 128 41.84 -4.70 2.46
CA PRO D 128 42.32 -4.37 3.80
C PRO D 128 41.27 -4.71 4.86
N ARG D 129 41.62 -4.42 6.11
CA ARG D 129 40.70 -4.58 7.22
C ARG D 129 39.76 -3.38 7.26
N ILE D 130 38.47 -3.63 7.14
CA ILE D 130 37.47 -2.58 6.94
C ILE D 130 36.70 -2.37 8.22
N PHE D 131 36.63 -1.10 8.66
CA PHE D 131 35.73 -0.66 9.72
C PHE D 131 34.66 0.20 9.05
N ALA D 132 33.46 -0.35 8.90
CA ALA D 132 32.42 0.27 8.08
C ALA D 132 31.41 1.01 8.94
N ALA D 133 30.95 2.16 8.44
CA ALA D 133 29.94 2.96 9.12
C ALA D 133 28.53 2.65 8.66
N GLY D 134 28.36 2.03 7.49
CA GLY D 134 27.03 1.82 6.97
C GLY D 134 26.44 3.13 6.47
N LYS D 135 25.13 3.28 6.63
CA LYS D 135 24.46 4.50 6.22
C LYS D 135 24.81 5.65 7.16
N SER D 136 25.15 6.80 6.58
CA SER D 136 25.41 7.99 7.38
C SER D 136 24.09 8.61 7.85
N ILE D 137 24.14 9.25 9.01
CA ILE D 137 22.95 9.83 9.63
C ILE D 137 22.93 11.33 9.37
N ALA D 138 21.79 11.83 8.89
CA ALA D 138 21.62 13.25 8.59
C ALA D 138 20.24 13.68 9.05
N THR D 139 19.93 14.95 8.80
CA THR D 139 18.59 15.50 9.02
C THR D 139 17.88 15.69 7.69
N THR D 140 16.62 16.11 7.75
CA THR D 140 15.83 16.29 6.54
C THR D 140 16.45 17.37 5.66
N GLY D 141 16.73 17.02 4.41
CA GLY D 141 17.41 17.91 3.50
C GLY D 141 18.90 18.05 3.73
N GLY D 142 19.48 17.21 4.60
CA GLY D 142 20.87 17.33 4.95
C GLY D 142 21.79 16.77 3.88
N HIS D 143 23.10 16.83 4.18
CA HIS D 143 24.11 16.43 3.22
C HIS D 143 24.00 14.96 2.84
N ALA D 144 23.49 14.12 3.75
CA ALA D 144 23.38 12.68 3.51
C ALA D 144 21.94 12.21 3.37
N ASP D 145 21.01 13.12 3.09
CA ASP D 145 19.64 12.72 2.81
C ASP D 145 19.59 11.98 1.47
N PRO D 146 19.09 10.74 1.43
CA PRO D 146 19.21 9.94 0.21
C PRO D 146 18.28 10.37 -0.93
N THR D 147 17.31 11.26 -0.69
CA THR D 147 16.37 11.65 -1.73
C THR D 147 16.49 13.12 -2.11
N ASN D 148 17.64 13.73 -1.85
CA ASN D 148 17.86 15.10 -2.31
C ASN D 148 17.92 15.13 -3.83
N GLY D 149 17.22 16.10 -4.42
CA GLY D 149 17.23 16.27 -5.86
C GLY D 149 16.28 15.40 -6.64
N TRP D 150 15.47 14.58 -5.98
CA TRP D 150 14.49 13.76 -6.66
C TRP D 150 13.26 14.58 -7.01
N ASN D 151 12.53 14.15 -8.03
CA ASN D 151 11.33 14.86 -8.45
C ASN D 151 10.13 14.42 -7.59
N ASP D 152 8.98 15.02 -7.85
CA ASP D 152 7.80 14.79 -7.01
C ASP D 152 7.31 13.35 -7.11
N GLN D 153 7.32 12.77 -8.31
CA GLN D 153 6.82 11.41 -8.49
C GLN D 153 7.66 10.41 -7.71
N LEU D 154 8.99 10.47 -7.86
CA LEU D 154 9.87 9.55 -7.15
C LEU D 154 9.79 9.77 -5.64
N SER D 155 9.72 11.04 -5.21
CA SER D 155 9.64 11.34 -3.79
C SER D 155 8.36 10.79 -3.17
N HIS D 156 7.24 10.91 -3.89
CA HIS D 156 5.99 10.35 -3.39
C HIS D 156 6.03 8.82 -3.38
N LEU D 157 6.68 8.22 -4.39
CA LEU D 157 6.74 6.76 -4.43
C LEU D 157 7.60 6.20 -3.30
N ILE D 158 8.72 6.86 -2.99
CA ILE D 158 9.60 6.35 -1.94
C ILE D 158 9.09 6.73 -0.55
N GLY D 159 8.43 7.88 -0.43
CA GLY D 159 8.02 8.38 0.86
C GLY D 159 9.11 9.17 1.54
N PRO D 160 8.78 9.84 2.65
CA PRO D 160 9.78 10.64 3.36
C PRO D 160 10.68 9.74 4.21
N PRO D 161 12.00 9.91 4.11
CA PRO D 161 12.91 9.07 4.89
C PRO D 161 12.79 9.33 6.39
N GLY D 162 13.04 8.27 7.16
CA GLY D 162 13.00 8.35 8.60
C GLY D 162 14.26 7.78 9.24
N PRO D 163 14.17 7.44 10.53
CA PRO D 163 15.35 6.90 11.23
C PRO D 163 15.87 5.60 10.63
N THR D 164 15.01 4.79 10.04
CA THR D 164 15.47 3.55 9.41
C THR D 164 16.34 3.84 8.20
N GLU D 165 16.09 4.95 7.50
CA GLU D 165 16.86 5.35 6.34
C GLU D 165 18.01 6.30 6.69
N GLY D 166 18.15 6.66 7.97
CA GLY D 166 19.23 7.53 8.40
C GLY D 166 18.89 9.01 8.51
N VAL D 167 17.62 9.38 8.50
CA VAL D 167 17.21 10.78 8.57
C VAL D 167 16.48 11.00 9.89
N VAL D 168 17.02 11.87 10.73
CA VAL D 168 16.48 12.10 12.07
C VAL D 168 16.12 13.57 12.23
N ASN D 169 15.17 13.83 13.13
CA ASN D 169 14.77 15.19 13.43
C ASN D 169 14.52 15.45 14.92
N SER D 170 14.80 14.49 15.79
CA SER D 170 14.59 14.65 17.23
C SER D 170 15.49 13.68 17.99
N VAL D 171 15.43 13.77 19.31
CA VAL D 171 16.30 12.96 20.17
C VAL D 171 15.95 11.48 20.04
N ASP D 172 14.65 11.15 20.09
CA ASP D 172 14.23 9.76 20.00
C ASP D 172 14.56 9.16 18.64
N GLU D 173 14.39 9.96 17.57
CA GLU D 173 14.76 9.48 16.24
C GLU D 173 16.26 9.26 16.11
N ALA D 174 17.07 10.10 16.75
CA ALA D 174 18.52 9.88 16.75
C ALA D 174 18.88 8.59 17.47
N ARG D 175 18.23 8.34 18.61
CA ARG D 175 18.45 7.08 19.32
C ARG D 175 18.09 5.89 18.45
N GLN D 176 16.93 5.95 17.78
CA GLN D 176 16.50 4.85 16.93
C GLN D 176 17.44 4.67 15.73
N ALA D 177 17.97 5.77 15.20
CA ALA D 177 18.89 5.68 14.07
C ALA D 177 20.20 5.01 14.46
N VAL D 178 20.75 5.36 15.63
CA VAL D 178 21.96 4.68 16.09
C VAL D 178 21.69 3.21 16.33
N ARG D 179 20.53 2.88 16.92
CA ARG D 179 20.19 1.48 17.14
C ARG D 179 20.00 0.73 15.83
N GLN D 180 19.48 1.39 14.79
CA GLN D 180 19.34 0.76 13.49
C GLN D 180 20.69 0.55 12.82
N ARG D 181 21.63 1.48 13.02
CA ARG D 181 22.98 1.24 12.52
C ARG D 181 23.61 0.04 13.21
N TYR D 182 23.37 -0.11 14.52
CA TYR D 182 23.83 -1.30 15.23
C TYR D 182 23.17 -2.55 14.67
N LYS D 183 21.88 -2.49 14.35
CA LYS D 183 21.18 -3.65 13.83
C LYS D 183 21.69 -4.06 12.45
N ASP D 184 22.14 -3.10 11.64
CA ASP D 184 22.66 -3.41 10.31
C ASP D 184 24.11 -3.86 10.32
N GLY D 185 24.77 -3.85 11.47
CA GLY D 185 26.12 -4.37 11.59
C GLY D 185 27.22 -3.35 11.31
N SER D 186 27.16 -2.21 11.96
CA SER D 186 28.17 -1.17 11.78
C SER D 186 29.26 -1.28 12.84
N ASP D 187 30.41 -0.67 12.54
CA ASP D 187 31.52 -0.59 13.47
C ASP D 187 31.75 0.82 14.00
N VAL D 188 31.17 1.84 13.37
CA VAL D 188 31.44 3.23 13.72
C VAL D 188 30.27 4.05 13.22
N ILE D 189 30.06 5.22 13.83
CA ILE D 189 28.96 6.11 13.44
C ILE D 189 29.46 7.33 12.68
N ILE D 191 27.98 11.13 11.08
CA ILE D 191 26.92 12.13 10.90
C ILE D 191 27.43 13.30 10.07
N THR D 192 26.52 13.98 9.38
CA THR D 192 26.85 15.20 8.63
C THR D 192 26.33 16.37 9.44
N ALA D 193 27.24 17.08 10.13
CA ALA D 193 26.83 18.19 10.98
C ALA D 193 26.42 19.40 10.16
N THR D 194 27.06 19.64 9.03
CA THR D 194 26.76 20.77 8.16
C THR D 194 26.47 20.26 6.76
N GLY D 195 26.26 21.19 5.84
CA GLY D 195 26.14 20.85 4.45
C GLY D 195 27.49 20.49 3.83
N GLY D 196 27.43 19.98 2.61
CA GLY D 196 28.64 19.54 1.95
C GLY D 196 28.82 20.10 0.56
N VAL D 197 29.68 19.48 -0.23
CA VAL D 197 29.98 19.91 -1.58
C VAL D 197 29.29 19.04 -2.62
N LEU D 198 29.36 17.73 -2.46
CA LEU D 198 28.92 16.78 -3.47
C LEU D 198 27.42 16.49 -3.43
N SER D 199 26.70 16.96 -2.41
CA SER D 199 25.27 16.72 -2.34
C SER D 199 24.51 17.60 -3.32
N TYR D 200 23.34 17.12 -3.74
CA TYR D 200 22.44 17.87 -4.63
C TYR D 200 21.56 18.81 -3.81
N ALA D 201 22.21 19.75 -3.12
CA ALA D 201 21.54 20.70 -2.25
C ALA D 201 22.18 22.07 -2.42
N LYS D 202 21.54 23.08 -1.84
CA LYS D 202 21.96 24.46 -2.04
C LYS D 202 23.10 24.84 -1.10
N SER D 203 22.93 24.65 0.19
CA SER D 203 23.90 25.08 1.18
C SER D 203 25.06 24.09 1.28
N GLY D 204 26.18 24.59 1.80
CA GLY D 204 27.35 23.75 1.98
C GLY D 204 28.09 23.95 3.29
N ASP D 205 27.64 24.89 4.12
CA ASP D 205 28.29 25.10 5.42
C ASP D 205 27.30 25.44 6.53
N ALA D 206 26.00 25.43 6.23
CA ALA D 206 25.01 25.81 7.22
C ALA D 206 24.85 24.72 8.28
N PRO D 207 24.59 25.10 9.54
CA PRO D 207 24.44 24.09 10.61
C PRO D 207 23.13 23.34 10.46
N GLN D 208 23.22 22.01 10.37
CA GLN D 208 22.06 21.17 10.14
C GLN D 208 21.75 20.22 11.29
N PHE D 209 22.46 20.33 12.41
CA PHE D 209 22.23 19.52 13.59
C PHE D 209 22.11 20.43 14.80
N THR D 210 21.16 20.14 15.69
CA THR D 210 21.13 20.81 16.98
C THR D 210 22.01 20.07 17.96
N VAL D 211 22.46 20.78 18.99
CA VAL D 211 23.39 20.20 19.96
C VAL D 211 22.71 19.07 20.74
N ASP D 212 21.39 19.18 20.94
CA ASP D 212 20.62 18.11 21.66
C ASP D 212 20.58 16.81 20.84
N GLU D 213 20.46 16.89 19.51
CA GLU D 213 20.48 15.69 18.68
C GLU D 213 21.86 15.06 18.64
N VAL D 214 22.90 15.91 18.61
CA VAL D 214 24.29 15.39 18.63
C VAL D 214 24.54 14.69 19.97
N LYS D 215 24.12 15.30 21.07
CA LYS D 215 24.29 14.69 22.41
C LYS D 215 23.55 13.35 22.50
N ALA D 216 22.36 13.26 21.92
CA ALA D 216 21.61 12.01 21.94
C ALA D 216 22.32 10.93 21.12
N ILE D 217 22.82 11.29 19.94
CA ILE D 217 23.56 10.34 19.11
C ILE D 217 24.80 9.85 19.85
N VAL D 218 25.54 10.76 20.48
CA VAL D 218 26.77 10.38 21.16
C VAL D 218 26.48 9.46 22.35
N ASP D 219 25.44 9.77 23.13
CA ASP D 219 25.09 8.92 24.27
C ASP D 219 24.69 7.53 23.82
N THR D 220 23.84 7.44 22.78
CA THR D 220 23.41 6.14 22.28
C THR D 220 24.60 5.35 21.74
N ALA D 221 25.53 6.01 21.04
CA ALA D 221 26.70 5.32 20.52
C ALA D 221 27.62 4.86 21.64
N ASN D 222 27.74 5.65 22.71
CA ASN D 222 28.53 5.23 23.86
C ASN D 222 27.94 4.02 24.54
N ASP D 223 26.60 3.91 24.56
CA ASP D 223 25.99 2.71 25.11
C ASP D 223 26.37 1.45 24.33
N TYR D 224 26.48 1.56 23.01
CA TYR D 224 26.78 0.41 22.15
C TYR D 224 28.25 0.28 21.80
N GLY D 225 29.12 1.11 22.37
CA GLY D 225 30.55 0.99 22.15
C GLY D 225 31.07 1.58 20.86
N TYR D 226 30.35 2.51 20.25
CA TYR D 226 30.76 3.11 18.99
C TYR D 226 31.50 4.42 19.22
N LYS D 227 32.21 4.85 18.18
CA LYS D 227 32.77 6.19 18.09
C LYS D 227 32.06 6.96 16.99
N VAL D 228 32.09 8.29 17.08
CA VAL D 228 31.33 9.15 16.19
C VAL D 228 32.29 10.03 15.40
N ALA D 229 32.16 10.03 14.08
CA ALA D 229 32.86 10.93 13.19
C ALA D 229 31.86 11.89 12.55
N ALA D 230 32.20 13.17 12.52
CA ALA D 230 31.29 14.22 12.07
C ALA D 230 31.86 14.94 10.86
N HIS D 231 31.04 15.06 9.81
CA HIS D 231 31.39 15.86 8.65
C HIS D 231 30.93 17.30 8.88
N ALA D 232 31.84 18.25 8.72
CA ALA D 232 31.52 19.65 8.98
C ALA D 232 32.37 20.55 8.09
N HIS D 233 31.78 21.64 7.62
CA HIS D 233 32.52 22.70 6.93
C HIS D 233 32.38 24.04 7.65
N GLY D 234 31.16 24.42 8.05
CA GLY D 234 30.95 25.68 8.70
C GLY D 234 31.36 25.68 10.17
N THR D 235 31.49 26.89 10.71
CA THR D 235 31.99 27.04 12.08
C THR D 235 30.94 26.61 13.11
N GLU D 236 29.68 27.02 12.92
CA GLU D 236 28.65 26.77 13.91
C GLU D 236 28.35 25.28 14.05
N GLY D 237 28.21 24.58 12.91
CA GLY D 237 27.97 23.15 12.97
C GLY D 237 29.14 22.38 13.57
N MET D 238 30.36 22.83 13.26
CA MET D 238 31.58 22.20 13.81
C MET D 238 31.59 22.36 15.32
N LYS D 239 31.23 23.56 15.80
CA LYS D 239 31.22 23.84 17.26
C LYS D 239 30.12 23.03 17.95
N ARG D 240 28.96 22.89 17.29
CA ARG D 240 27.90 22.06 17.87
C ARG D 240 28.33 20.59 17.95
N ALA D 241 28.99 20.08 16.91
CA ALA D 241 29.48 18.72 16.95
C ALA D 241 30.52 18.52 18.04
N ILE D 242 31.43 19.49 18.21
CA ILE D 242 32.46 19.38 19.24
C ILE D 242 31.84 19.41 20.63
N LEU D 243 30.89 20.32 20.87
CA LEU D 243 30.23 20.40 22.16
C LEU D 243 29.34 19.19 22.42
N GLY D 244 28.85 18.52 21.38
CA GLY D 244 28.06 17.32 21.58
C GLY D 244 28.87 16.12 22.02
N GLY D 245 30.16 16.10 21.67
CA GLY D 245 31.04 15.04 22.13
C GLY D 245 31.51 14.06 21.07
N VAL D 246 31.60 14.51 19.81
CA VAL D 246 32.07 13.62 18.75
C VAL D 246 33.56 13.35 18.91
N THR D 247 34.01 12.25 18.31
CA THR D 247 35.39 11.80 18.47
C THR D 247 36.34 12.52 17.52
N SER D 248 35.93 12.69 16.25
CA SER D 248 36.78 13.32 15.26
C SER D 248 35.96 14.18 14.32
N ILE D 249 36.62 15.18 13.73
CA ILE D 249 36.02 16.08 12.75
C ILE D 249 36.60 15.75 11.38
N GLU D 250 35.72 15.57 10.39
CA GLU D 250 36.16 15.06 9.09
C GLU D 250 36.59 16.16 8.12
N HIS D 251 36.08 17.38 8.28
CA HIS D 251 36.60 18.52 7.53
C HIS D 251 36.54 19.73 8.45
N GLY D 252 37.48 20.65 8.24
CA GLY D 252 37.56 21.81 9.10
C GLY D 252 37.74 23.09 8.32
N THR D 253 37.12 23.16 7.14
CA THR D 253 37.44 24.18 6.15
C THR D 253 37.42 25.58 6.74
N TYR D 254 36.45 25.87 7.61
CA TYR D 254 36.34 27.19 8.17
C TYR D 254 36.58 27.19 9.68
N MET D 255 37.62 26.47 10.10
CA MET D 255 38.00 26.41 11.50
C MET D 255 38.56 27.76 11.96
N THR D 256 38.00 28.29 13.03
CA THR D 256 38.48 29.53 13.63
C THR D 256 39.32 29.21 14.87
N ASP D 257 39.80 30.25 15.56
CA ASP D 257 40.62 30.06 16.74
C ASP D 257 39.83 29.50 17.91
N GLU D 258 38.58 29.95 18.07
CA GLU D 258 37.70 29.47 19.15
C GLU D 258 37.40 27.98 18.96
N VAL D 259 37.25 27.51 17.72
CA VAL D 259 37.04 26.09 17.44
C VAL D 259 38.28 25.29 17.81
N MET D 260 39.46 25.81 17.48
CA MET D 260 40.70 25.12 17.84
C MET D 260 40.87 25.03 19.36
N ARG D 261 40.51 26.11 20.08
CA ARG D 261 40.58 26.07 21.53
C ARG D 261 39.64 25.00 22.09
N LEU D 262 38.42 24.91 21.55
CA LEU D 262 37.49 23.88 22.01
C LEU D 262 37.99 22.48 21.69
N MET D 263 38.57 22.29 20.50
CA MET D 263 39.11 20.99 20.13
C MET D 263 40.25 20.58 21.06
N LYS D 264 41.14 21.52 21.39
CA LYS D 264 42.23 21.22 22.30
C LYS D 264 41.73 20.92 23.70
N GLN D 265 40.71 21.66 24.16
CA GLN D 265 40.17 21.42 25.49
C GLN D 265 39.45 20.07 25.58
N HIS D 266 38.75 19.67 24.52
CA HIS D 266 38.01 18.42 24.54
C HIS D 266 38.82 17.22 24.10
N GLY D 267 39.87 17.43 23.30
CA GLY D 267 40.65 16.34 22.76
C GLY D 267 40.12 15.76 21.47
N THR D 268 39.46 16.58 20.68
CA THR D 268 38.87 16.11 19.40
C THR D 268 39.95 15.91 18.34
N TRP D 269 39.84 14.83 17.57
CA TRP D 269 40.78 14.57 16.49
C TRP D 269 40.35 15.34 15.23
N TYR D 270 41.32 15.65 14.39
CA TYR D 270 41.07 16.40 13.15
C TYR D 270 41.60 15.59 11.97
N VAL D 271 40.73 15.33 11.00
CA VAL D 271 41.10 14.65 9.76
C VAL D 271 40.93 15.62 8.60
N PRO D 272 42.02 16.13 8.02
CA PRO D 272 41.89 17.19 7.01
C PRO D 272 41.30 16.73 5.69
N THR D 273 41.77 15.60 5.13
CA THR D 273 41.39 15.11 3.81
C THR D 273 41.71 16.16 2.73
N ILE D 274 42.99 16.46 2.59
CA ILE D 274 43.44 17.48 1.63
C ILE D 274 43.22 17.01 0.20
N SER D 275 43.36 15.70 -0.04
CA SER D 275 43.26 15.16 -1.39
C SER D 275 41.90 15.45 -2.01
N ALA D 276 40.83 15.28 -1.24
CA ALA D 276 39.49 15.53 -1.75
C ALA D 276 39.31 17.00 -2.12
N GLY D 277 39.81 17.90 -1.27
CA GLY D 277 39.70 19.31 -1.57
C GLY D 277 40.42 19.69 -2.86
N ARG D 278 41.65 19.20 -3.01
CA ARG D 278 42.39 19.47 -4.24
C ARG D 278 41.66 18.89 -5.45
N PHE D 279 41.15 17.66 -5.34
CA PHE D 279 40.49 17.02 -6.47
C PHE D 279 39.26 17.82 -6.90
N VAL D 280 38.42 18.22 -5.95
CA VAL D 280 37.22 18.96 -6.32
C VAL D 280 37.58 20.34 -6.85
N ALA D 281 38.64 20.95 -6.30
CA ALA D 281 39.06 22.26 -6.79
C ALA D 281 39.48 22.19 -8.25
N GLU D 282 40.22 21.15 -8.64
CA GLU D 282 40.61 21.04 -10.04
C GLU D 282 39.44 20.62 -10.92
N LYS D 283 38.57 19.73 -10.43
CA LYS D 283 37.45 19.27 -11.25
C LYS D 283 36.40 20.35 -11.47
N ALA D 284 36.31 21.34 -10.58
CA ALA D 284 35.36 22.43 -10.77
C ALA D 284 35.70 23.31 -11.96
N LYS D 285 36.98 23.36 -12.36
CA LYS D 285 37.36 24.17 -13.52
C LYS D 285 36.84 23.56 -14.82
N ILE D 286 36.78 22.24 -14.90
CA ILE D 286 36.22 21.59 -16.08
C ILE D 286 34.74 21.92 -16.18
N ASP D 287 34.27 22.10 -17.42
CA ASP D 287 32.90 22.51 -17.70
C ASP D 287 32.04 21.26 -17.90
N GLY D 288 30.98 21.15 -17.11
CA GLY D 288 30.04 20.06 -17.20
C GLY D 288 30.34 18.86 -16.33
N TYR D 289 31.51 18.82 -15.70
CA TYR D 289 31.85 17.68 -14.84
C TYR D 289 30.91 17.60 -13.64
N PHE D 290 30.62 18.74 -13.02
CA PHE D 290 29.75 18.80 -11.87
C PHE D 290 28.41 19.43 -12.25
N PRO D 291 27.33 19.07 -11.55
CA PRO D 291 26.06 19.78 -11.76
C PRO D 291 26.20 21.24 -11.33
N GLU D 292 25.38 22.09 -11.95
CA GLU D 292 25.49 23.54 -11.71
C GLU D 292 25.18 23.93 -10.27
N VAL D 293 24.49 23.07 -9.52
CA VAL D 293 24.29 23.34 -8.10
C VAL D 293 25.52 22.94 -7.30
N VAL D 294 26.35 22.05 -7.84
CA VAL D 294 27.51 21.55 -7.10
C VAL D 294 28.74 22.41 -7.38
N ARG D 295 28.87 22.92 -8.60
CA ARG D 295 30.10 23.58 -9.03
C ARG D 295 30.52 24.78 -8.17
N PRO D 296 29.65 25.75 -7.86
CA PRO D 296 30.11 26.86 -7.02
C PRO D 296 30.61 26.43 -5.65
N LYS D 297 29.93 25.48 -5.01
CA LYS D 297 30.35 25.02 -3.69
C LYS D 297 31.73 24.37 -3.75
N ALA D 298 31.96 23.52 -4.76
CA ALA D 298 33.27 22.90 -4.91
C ALA D 298 34.34 23.95 -5.15
N ALA D 299 34.10 24.86 -6.10
CA ALA D 299 35.10 25.87 -6.43
C ALA D 299 35.41 26.79 -5.26
N ARG D 300 34.44 26.98 -4.36
CA ARG D 300 34.67 27.84 -3.19
C ARG D 300 35.32 27.09 -2.04
N ILE D 301 35.00 25.81 -1.84
CA ILE D 301 35.44 25.12 -0.63
C ILE D 301 36.76 24.39 -0.84
N GLY D 302 37.02 23.86 -2.03
CA GLY D 302 38.19 23.03 -2.23
C GLY D 302 39.52 23.75 -2.03
N ALA D 303 39.53 25.08 -2.12
CA ALA D 303 40.77 25.84 -2.05
C ALA D 303 41.17 26.24 -0.63
N GLN D 304 40.31 26.00 0.36
CA GLN D 304 40.53 26.45 1.73
C GLN D 304 40.80 25.29 2.68
N ILE D 305 41.56 24.29 2.23
CA ILE D 305 41.81 23.11 3.03
C ILE D 305 43.26 23.00 3.50
N GLN D 306 44.24 23.20 2.61
CA GLN D 306 45.64 23.09 3.00
C GLN D 306 46.07 24.15 4.02
N ASP D 307 45.62 25.40 3.83
CA ASP D 307 45.94 26.45 4.80
C ASP D 307 45.33 26.13 6.16
N THR D 308 44.12 25.57 6.16
CA THR D 308 43.50 25.17 7.42
C THR D 308 44.32 24.09 8.12
N ALA D 309 44.82 23.12 7.35
CA ALA D 309 45.64 22.06 7.93
C ALA D 309 46.93 22.62 8.51
N ALA D 310 47.57 23.55 7.79
CA ALA D 310 48.79 24.18 8.32
C ALA D 310 48.51 24.94 9.61
N LYS D 311 47.42 25.71 9.63
CA LYS D 311 47.07 26.47 10.84
C LYS D 311 46.75 25.54 12.00
N ALA D 312 46.03 24.45 11.73
CA ALA D 312 45.69 23.50 12.79
C ALA D 312 46.94 22.83 13.35
N TYR D 313 47.88 22.46 12.50
CA TYR D 313 49.13 21.90 13.00
C TYR D 313 49.91 22.92 13.82
N ARG D 314 49.92 24.18 13.37
CA ARG D 314 50.64 25.22 14.10
C ARG D 314 50.02 25.48 15.47
N ASN D 315 48.70 25.37 15.59
CA ASN D 315 48.02 25.68 16.83
C ASN D 315 47.94 24.51 17.81
N GLY D 316 48.45 23.34 17.45
CA GLY D 316 48.50 22.23 18.37
C GLY D 316 47.31 21.29 18.33
N VAL D 317 46.51 21.32 17.27
CA VAL D 317 45.38 20.41 17.14
C VAL D 317 45.90 19.03 16.72
N LYS D 318 45.37 17.98 17.35
CA LYS D 318 45.74 16.62 17.00
C LYS D 318 45.21 16.27 15.62
N ILE D 319 46.08 15.73 14.77
CA ILE D 319 45.77 15.47 13.36
C ILE D 319 45.94 13.98 13.08
N ALA D 320 44.99 13.43 12.32
CA ALA D 320 45.01 12.03 11.92
C ALA D 320 44.91 11.92 10.41
N PHE D 321 45.37 10.80 9.88
CA PHE D 321 45.52 10.61 8.44
C PHE D 321 44.20 10.18 7.80
N GLY D 322 43.78 10.90 6.78
CA GLY D 322 42.59 10.54 6.02
C GLY D 322 42.60 11.24 4.69
N THR D 323 42.03 10.59 3.68
CA THR D 323 42.11 11.08 2.31
C THR D 323 40.77 11.37 1.65
N ASP D 324 39.66 10.86 2.20
CA ASP D 324 38.35 10.93 1.54
C ASP D 324 38.41 10.25 0.17
N MET D 325 39.01 9.06 0.13
CA MET D 325 39.06 8.28 -1.14
C MET D 325 37.65 8.13 -1.71
N GLY D 326 37.54 7.78 -2.99
CA GLY D 326 36.21 7.76 -3.64
C GLY D 326 36.09 9.03 -4.45
N VAL D 327 36.17 10.19 -3.78
CA VAL D 327 36.20 11.47 -4.54
C VAL D 327 37.39 11.33 -5.49
N GLY D 328 38.55 10.93 -4.94
CA GLY D 328 39.69 10.66 -5.79
C GLY D 328 39.79 9.18 -6.13
N PRO D 329 40.76 8.86 -6.98
CA PRO D 329 40.90 7.47 -7.44
C PRO D 329 41.52 6.57 -6.37
N HIS D 330 40.90 5.41 -6.17
CA HIS D 330 41.40 4.45 -5.20
C HIS D 330 42.77 3.93 -5.63
N GLY D 331 43.67 3.76 -4.66
CA GLY D 331 45.04 3.29 -4.98
C GLY D 331 46.09 4.40 -4.90
N ASP D 332 45.65 5.67 -4.85
CA ASP D 332 46.59 6.81 -4.74
C ASP D 332 46.46 7.45 -3.36
N ASN D 333 46.26 6.62 -2.32
CA ASN D 333 46.05 7.18 -0.96
C ASN D 333 47.35 7.77 -0.38
N ALA D 334 48.52 7.47 -0.88
CA ALA D 334 49.82 7.83 -0.25
C ALA D 334 50.30 9.23 -0.65
N ARG D 335 49.63 9.87 -1.60
CA ARG D 335 49.98 11.26 -2.00
C ARG D 335 49.60 12.25 -0.89
N GLU D 336 48.69 11.88 0.03
CA GLU D 336 48.32 12.69 1.17
C GLU D 336 49.52 12.96 2.08
N PHE D 337 50.47 12.02 2.14
CA PHE D 337 51.70 12.25 2.88
C PHE D 337 52.47 13.43 2.29
N ILE D 338 52.58 13.49 0.96
CA ILE D 338 53.28 14.58 0.30
C ILE D 338 52.56 15.90 0.56
N TYR D 339 51.23 15.89 0.47
CA TYR D 339 50.47 17.10 0.75
C TYR D 339 50.65 17.57 2.18
N MET D 340 50.64 16.64 3.13
CA MET D 340 50.85 17.00 4.54
C MET D 340 52.24 17.59 4.76
N VAL D 341 53.26 17.00 4.15
CA VAL D 341 54.61 17.53 4.31
C VAL D 341 54.74 18.90 3.69
N GLU D 342 54.14 19.12 2.52
CA GLU D 342 54.16 20.43 1.91
C GLU D 342 53.26 21.44 2.63
N ALA D 343 52.41 20.96 3.55
CA ALA D 343 51.62 21.85 4.40
C ALA D 343 52.32 22.21 5.70
N GLY D 344 53.56 21.75 5.90
CA GLY D 344 54.34 22.11 7.07
C GLY D 344 54.45 21.04 8.13
N ILE D 345 53.69 19.95 8.02
CA ILE D 345 53.79 18.87 9.00
C ILE D 345 55.04 18.04 8.70
N PRO D 346 55.85 17.72 9.72
CA PRO D 346 57.07 16.94 9.46
C PRO D 346 56.76 15.53 8.96
N ALA D 347 57.73 14.96 8.26
CA ALA D 347 57.55 13.63 7.66
C ALA D 347 57.33 12.56 8.72
N ALA D 348 58.08 12.63 9.83
CA ALA D 348 57.90 11.64 10.89
C ALA D 348 56.51 11.75 11.51
N THR D 349 56.03 12.97 11.75
CA THR D 349 54.69 13.16 12.29
C THR D 349 53.63 12.69 11.31
N ALA D 350 53.83 12.96 10.02
CA ALA D 350 52.88 12.51 9.01
C ALA D 350 52.82 10.99 8.95
N LEU D 351 53.97 10.32 9.09
CA LEU D 351 53.98 8.87 9.11
C LEU D 351 53.33 8.32 10.38
N GLN D 352 53.58 8.98 11.52
CA GLN D 352 52.96 8.55 12.78
C GLN D 352 51.45 8.70 12.76
N SER D 353 50.94 9.73 12.08
CA SER D 353 49.50 9.96 12.06
C SER D 353 48.72 8.84 11.38
N ALA D 354 49.39 7.99 10.59
CA ALA D 354 48.73 6.92 9.88
C ALA D 354 48.95 5.55 10.50
N THR D 355 49.79 5.44 11.54
CA THR D 355 50.07 4.14 12.15
C THR D 355 49.58 4.07 13.59
N VAL D 356 50.07 4.91 14.49
CA VAL D 356 49.74 4.78 15.90
C VAL D 356 48.62 5.74 16.30
N LEU D 357 48.65 6.98 15.79
CA LEU D 357 47.56 7.90 16.01
C LEU D 357 46.28 7.40 15.37
N ALA D 358 46.38 6.76 14.20
CA ALA D 358 45.20 6.17 13.57
C ALA D 358 44.63 5.03 14.43
N ALA D 359 45.51 4.23 15.04
CA ALA D 359 45.04 3.18 15.94
C ALA D 359 44.34 3.78 17.16
N GLU D 360 44.87 4.90 17.69
CA GLU D 360 44.18 5.58 18.77
C GLU D 360 42.81 6.08 18.35
N VAL D 361 42.70 6.64 17.14
CA VAL D 361 41.42 7.12 16.64
C VAL D 361 40.44 5.96 16.49
N LEU D 362 40.90 4.84 15.94
CA LEU D 362 40.03 3.68 15.75
C LEU D 362 39.61 3.04 17.06
N GLY D 363 40.39 3.22 18.13
CA GLY D 363 40.08 2.62 19.40
C GLY D 363 40.57 1.20 19.59
N VAL D 364 41.55 0.76 18.81
CA VAL D 364 42.11 -0.57 18.93
C VAL D 364 43.54 -0.48 19.44
N ASP D 365 44.03 -1.59 20.00
CA ASP D 365 45.36 -1.64 20.57
C ASP D 365 46.19 -2.79 20.03
N ASP D 366 45.72 -3.50 19.01
CA ASP D 366 46.41 -4.66 18.47
C ASP D 366 47.13 -4.36 17.16
N GLN D 367 47.27 -3.09 16.80
CA GLN D 367 47.93 -2.73 15.55
C GLN D 367 48.53 -1.33 15.70
N GLY D 368 49.25 -0.91 14.67
CA GLY D 368 49.80 0.43 14.59
C GLY D 368 51.31 0.51 14.73
N ALA D 369 51.95 -0.52 15.28
CA ALA D 369 53.40 -0.50 15.46
C ALA D 369 53.94 -1.93 15.35
N ILE D 370 55.23 -2.02 15.07
CA ILE D 370 55.91 -3.31 14.99
C ILE D 370 56.41 -3.63 16.39
N GLU D 371 55.54 -4.26 17.18
CA GLU D 371 55.86 -4.66 18.55
C GLU D 371 55.35 -6.07 18.77
N THR D 372 55.94 -6.73 19.76
CA THR D 372 55.59 -8.12 20.08
C THR D 372 54.13 -8.22 20.51
N GLY D 373 53.43 -9.20 19.96
CA GLY D 373 52.05 -9.45 20.29
C GLY D 373 51.03 -8.74 19.42
N LYS D 374 51.47 -7.88 18.51
CA LYS D 374 50.56 -7.12 17.66
C LYS D 374 50.40 -7.81 16.30
N ARG D 375 49.40 -7.36 15.55
CA ARG D 375 49.13 -7.94 14.24
C ARG D 375 50.32 -7.73 13.31
N ALA D 376 50.57 -8.71 12.45
CA ALA D 376 51.68 -8.67 11.51
C ALA D 376 51.24 -7.99 10.22
N ASP D 377 51.17 -6.66 10.29
CA ASP D 377 50.91 -5.81 9.13
C ASP D 377 52.19 -5.02 8.86
N ILE D 378 52.92 -5.39 7.81
CA ILE D 378 54.23 -4.83 7.53
C ILE D 378 54.31 -4.46 6.05
N ILE D 379 54.89 -3.30 5.77
CA ILE D 379 55.16 -2.85 4.41
C ILE D 379 56.62 -2.44 4.32
N ALA D 380 57.12 -2.33 3.09
CA ALA D 380 58.51 -1.96 2.88
C ALA D 380 58.64 -1.17 1.59
N MET D 381 59.60 -0.25 1.56
CA MET D 381 59.92 0.54 0.39
C MET D 381 61.43 0.67 0.26
N PRO D 382 61.94 0.79 -0.97
CA PRO D 382 63.40 0.88 -1.14
C PRO D 382 64.05 2.08 -0.46
N GLY D 383 63.36 3.22 -0.40
CA GLY D 383 63.94 4.42 0.15
C GLY D 383 63.62 4.61 1.63
N ASP D 384 64.08 5.75 2.15
CA ASP D 384 63.81 6.13 3.53
C ASP D 384 62.75 7.21 3.54
N PRO D 385 61.52 6.93 3.98
CA PRO D 385 60.45 7.94 3.87
C PRO D 385 60.68 9.19 4.70
N VAL D 386 61.42 9.12 5.79
CA VAL D 386 61.65 10.30 6.62
C VAL D 386 62.55 11.30 5.90
N ALA D 387 63.64 10.82 5.31
CA ALA D 387 64.55 11.71 4.57
C ALA D 387 63.87 12.27 3.33
N ASP D 388 63.15 11.44 2.60
CA ASP D 388 62.43 11.85 1.39
C ASP D 388 61.03 11.28 1.46
N ILE D 389 60.04 12.16 1.62
CA ILE D 389 58.66 11.69 1.76
C ILE D 389 58.14 11.10 0.45
N ASN D 390 58.80 11.41 -0.67
CA ASN D 390 58.37 10.91 -1.97
C ASN D 390 58.54 9.40 -2.11
N ALA D 391 59.27 8.75 -1.19
CA ALA D 391 59.47 7.31 -1.27
C ALA D 391 58.20 6.52 -0.97
N VAL D 392 57.18 7.15 -0.40
CA VAL D 392 55.95 6.46 -0.04
C VAL D 392 55.17 5.96 -1.26
N LEU D 393 55.51 6.42 -2.46
CA LEU D 393 54.81 6.03 -3.67
C LEU D 393 55.33 4.74 -4.27
N ASN D 394 56.43 4.19 -3.75
CA ASN D 394 57.03 2.96 -4.27
C ASN D 394 57.04 1.93 -3.15
N VAL D 395 55.93 1.20 -3.02
CA VAL D 395 55.82 0.12 -2.04
C VAL D 395 55.83 -1.20 -2.79
N ASP D 396 56.76 -2.09 -2.42
CA ASP D 396 56.92 -3.37 -3.11
C ASP D 396 56.68 -4.58 -2.22
N PHE D 397 56.47 -4.39 -0.92
CA PHE D 397 56.19 -5.49 -0.01
C PHE D 397 54.95 -5.16 0.82
N VAL D 398 53.99 -6.08 0.85
CA VAL D 398 52.78 -5.91 1.62
C VAL D 398 52.50 -7.21 2.38
N MET D 399 52.26 -7.11 3.68
CA MET D 399 51.91 -8.24 4.51
C MET D 399 50.71 -7.88 5.38
N LYS D 400 49.69 -8.73 5.38
CA LYS D 400 48.50 -8.53 6.19
C LYS D 400 48.16 -9.83 6.90
N ASP D 401 48.09 -9.77 8.23
CA ASP D 401 47.73 -10.92 9.07
C ASP D 401 48.68 -12.10 8.88
N GLY D 402 49.94 -11.80 8.59
CA GLY D 402 50.93 -12.84 8.36
C GLY D 402 50.94 -13.44 6.97
N GLU D 403 50.06 -12.98 6.08
CA GLU D 403 49.99 -13.47 4.71
C GLU D 403 50.58 -12.42 3.77
N ILE D 404 51.44 -12.87 2.87
CA ILE D 404 52.15 -11.97 1.97
C ILE D 404 51.34 -11.79 0.69
N PHE D 405 51.07 -10.53 0.33
CA PHE D 405 50.30 -10.22 -0.86
C PHE D 405 51.15 -9.60 -1.97
N ARG D 406 52.36 -9.15 -1.67
CA ARG D 406 53.22 -8.53 -2.67
C ARG D 406 54.66 -8.65 -2.19
N GLN D 407 55.56 -8.94 -3.13
CA GLN D 407 56.97 -9.15 -2.79
C GLN D 407 57.91 -8.48 -3.78
N PRO E 2 -58.44 -5.29 7.03
CA PRO E 2 -59.70 -5.52 6.29
C PRO E 2 -60.49 -4.24 6.09
N VAL E 3 -60.47 -3.73 4.86
CA VAL E 3 -61.14 -2.47 4.53
C VAL E 3 -61.84 -2.64 3.18
N ALA E 4 -63.05 -2.10 3.08
CA ALA E 4 -63.82 -2.13 1.84
C ALA E 4 -63.76 -0.76 1.17
N LEU E 5 -63.46 -0.75 -0.12
CA LEU E 5 -63.29 0.48 -0.89
C LEU E 5 -64.48 0.65 -1.82
N HIS E 6 -65.17 1.79 -1.70
CA HIS E 6 -66.31 2.11 -2.54
C HIS E 6 -65.94 3.32 -3.40
N CYS E 7 -65.75 3.10 -4.69
CA CYS E 7 -65.36 4.16 -5.61
C CYS E 7 -66.26 4.16 -6.84
N GLY E 8 -66.53 5.37 -7.34
CA GLY E 8 -67.49 5.57 -8.41
C GLY E 8 -67.11 5.00 -9.75
N LYS E 9 -65.83 5.11 -10.13
CA LYS E 9 -65.35 4.59 -11.40
C LYS E 9 -64.06 3.83 -11.16
N LEU E 10 -63.89 2.74 -11.89
CA LEU E 10 -62.70 1.91 -11.82
C LEU E 10 -62.09 1.78 -13.20
N PHE E 11 -60.78 2.01 -13.29
CA PHE E 11 -60.06 1.86 -14.55
C PHE E 11 -59.49 0.45 -14.63
N ASP E 12 -59.90 -0.30 -15.65
CA ASP E 12 -59.43 -1.66 -15.87
C ASP E 12 -58.18 -1.58 -16.73
N ALA E 13 -57.03 -1.88 -16.12
CA ALA E 13 -55.74 -1.70 -16.80
C ALA E 13 -55.62 -2.65 -17.99
N ARG E 14 -56.06 -3.90 -17.83
CA ARG E 14 -55.92 -4.87 -18.91
C ARG E 14 -56.71 -4.47 -20.14
N SER E 15 -57.94 -3.99 -19.96
CA SER E 15 -58.79 -3.63 -21.08
C SER E 15 -58.57 -2.20 -21.56
N GLY E 16 -58.20 -1.30 -20.66
CA GLY E 16 -58.04 0.09 -21.02
C GLY E 16 -59.32 0.90 -21.03
N ARG E 17 -60.35 0.47 -20.29
CA ARG E 17 -61.62 1.15 -20.23
C ARG E 17 -61.97 1.47 -18.79
N VAL E 18 -62.71 2.56 -18.60
CA VAL E 18 -63.16 2.97 -17.28
C VAL E 18 -64.55 2.40 -17.04
N LEU E 19 -64.70 1.60 -15.98
CA LEU E 19 -65.97 0.98 -15.66
C LEU E 19 -66.76 1.82 -14.66
N GLY E 20 -67.83 1.25 -14.11
CA GLY E 20 -68.69 1.96 -13.19
C GLY E 20 -68.36 1.68 -11.73
N PRO E 21 -69.37 1.82 -10.87
CA PRO E 21 -69.14 1.60 -9.43
C PRO E 21 -68.66 0.19 -9.13
N HIS E 22 -67.76 0.08 -8.15
CA HIS E 22 -67.19 -1.19 -7.75
C HIS E 22 -66.88 -1.15 -6.26
N THR E 23 -66.73 -2.34 -5.66
CA THR E 23 -66.34 -2.47 -4.28
C THR E 23 -65.13 -3.41 -4.20
N VAL E 24 -64.06 -2.95 -3.57
CA VAL E 24 -62.82 -3.71 -3.45
C VAL E 24 -62.62 -4.06 -1.99
N VAL E 25 -62.45 -5.35 -1.71
CA VAL E 25 -62.22 -5.85 -0.36
C VAL E 25 -60.76 -6.28 -0.26
N VAL E 26 -60.07 -5.77 0.76
CA VAL E 26 -58.65 -6.00 0.94
C VAL E 26 -58.44 -6.63 2.31
N ARG E 27 -57.92 -7.86 2.32
CA ARG E 27 -57.45 -8.50 3.55
C ARG E 27 -56.08 -9.10 3.27
N ASP E 28 -55.19 -8.99 4.26
CA ASP E 28 -53.83 -9.53 4.21
C ASP E 28 -52.96 -8.88 3.13
N GLY E 29 -53.36 -7.72 2.61
CA GLY E 29 -52.55 -6.99 1.66
C GLY E 29 -52.81 -7.31 0.20
N ARG E 30 -53.72 -8.23 -0.10
CA ARG E 30 -54.06 -8.57 -1.48
C ARG E 30 -55.52 -8.24 -1.75
N ILE E 31 -55.88 -8.27 -3.03
CA ILE E 31 -57.25 -8.03 -3.47
C ILE E 31 -57.99 -9.36 -3.43
N ASP E 32 -59.14 -9.38 -2.76
CA ASP E 32 -59.89 -10.61 -2.56
C ASP E 32 -61.23 -10.63 -3.30
N GLN E 33 -61.97 -9.52 -3.30
CA GLN E 33 -63.25 -9.48 -3.99
C GLN E 33 -63.36 -8.20 -4.79
N LEU E 34 -64.14 -8.28 -5.87
CA LEU E 34 -64.31 -7.19 -6.82
C LEU E 34 -65.78 -7.02 -7.20
N ILE E 35 -66.66 -6.95 -6.18
CA ILE E 35 -68.10 -6.85 -6.40
C ILE E 35 -68.40 -5.64 -7.28
N SER E 36 -69.16 -5.86 -8.34
CA SER E 36 -69.52 -4.81 -9.28
C SER E 36 -70.98 -4.42 -9.10
N GLY E 37 -71.23 -3.11 -9.02
CA GLY E 37 -72.57 -2.59 -8.83
C GLY E 37 -73.01 -2.55 -7.38
N LEU E 45 -66.78 -4.45 8.87
CA LEU E 45 -65.86 -4.10 7.80
C LEU E 45 -65.64 -2.59 7.73
N ALA E 46 -64.37 -2.18 7.73
CA ALA E 46 -64.04 -0.78 7.53
C ALA E 46 -64.37 -0.36 6.10
N ALA E 47 -64.78 0.90 5.95
CA ALA E 47 -65.18 1.43 4.66
C ALA E 47 -64.51 2.77 4.41
N VAL E 48 -64.08 2.99 3.17
CA VAL E 48 -63.53 4.25 2.72
C VAL E 48 -64.42 4.78 1.60
N ASP E 49 -64.85 6.03 1.73
CA ASP E 49 -65.78 6.63 0.79
C ASP E 49 -65.00 7.32 -0.33
N LEU E 50 -64.99 6.71 -1.51
CA LEU E 50 -64.35 7.26 -2.69
C LEU E 50 -65.32 7.36 -3.87
N ARG E 51 -66.62 7.50 -3.59
CA ARG E 51 -67.65 7.41 -4.62
C ARG E 51 -67.60 8.58 -5.60
N ASN E 52 -66.81 9.58 -5.33
CA ASN E 52 -66.66 10.74 -6.24
C ASN E 52 -65.25 10.72 -6.83
N ARG E 53 -64.65 9.54 -6.92
CA ARG E 53 -63.30 9.41 -7.44
C ARG E 53 -63.24 8.29 -8.46
N THR E 54 -62.10 8.20 -9.14
CA THR E 54 -61.84 7.16 -10.13
C THR E 54 -60.75 6.23 -9.59
N CYS E 55 -61.01 4.93 -9.65
CA CYS E 55 -60.13 3.92 -9.08
C CYS E 55 -59.08 3.51 -10.11
N LEU E 56 -57.81 3.50 -9.69
CA LEU E 56 -56.72 3.09 -10.56
C LEU E 56 -55.72 2.26 -9.78
N PRO E 57 -55.00 1.36 -10.46
CA PRO E 57 -53.87 0.70 -9.80
C PRO E 57 -52.70 1.66 -9.62
N GLY E 58 -51.84 1.35 -8.66
CA GLY E 58 -50.69 2.20 -8.41
C GLY E 58 -49.75 2.23 -9.61
N TRP E 59 -49.12 3.37 -9.82
CA TRP E 59 -48.25 3.59 -10.96
C TRP E 59 -46.84 3.11 -10.69
N THR E 60 -46.15 2.72 -11.76
CA THR E 60 -44.75 2.30 -11.69
C THR E 60 -43.91 3.20 -12.58
N ASP E 61 -42.87 3.79 -12.01
CA ASP E 61 -41.88 4.54 -12.77
C ASP E 61 -40.66 3.66 -12.98
N LEU E 62 -40.33 3.38 -14.24
CA LEU E 62 -39.28 2.44 -14.56
C LEU E 62 -37.90 3.07 -14.67
N HIS E 63 -37.77 4.37 -14.41
CA HIS E 63 -36.46 5.03 -14.52
C HIS E 63 -36.43 6.20 -13.54
N VAL E 64 -35.84 5.98 -12.37
CA VAL E 64 -35.65 7.04 -11.38
C VAL E 64 -34.27 6.88 -10.75
N HIS E 65 -33.81 7.94 -10.09
CA HIS E 65 -32.57 7.95 -9.30
C HIS E 65 -32.90 8.61 -7.97
N LEU E 66 -33.29 7.80 -6.99
CA LEU E 66 -33.75 8.33 -5.71
C LEU E 66 -32.62 8.80 -4.81
N GLY E 67 -31.36 8.57 -5.20
CA GLY E 67 -30.22 8.95 -4.40
C GLY E 67 -29.73 10.37 -4.58
N GLY E 68 -30.38 11.17 -5.40
CA GLY E 68 -29.92 12.53 -5.60
C GLY E 68 -30.95 13.36 -6.36
N GLU E 69 -30.57 14.59 -6.64
CA GLU E 69 -31.41 15.52 -7.40
C GLU E 69 -30.51 16.58 -8.01
N SER E 70 -30.84 16.97 -9.24
CA SER E 70 -30.03 17.94 -9.97
C SER E 70 -30.11 19.32 -9.32
N SER E 71 -28.99 20.03 -9.32
CA SER E 71 -28.90 21.34 -8.69
C SER E 71 -27.69 22.05 -9.27
N PRO E 72 -27.60 23.38 -9.10
CA PRO E 72 -26.39 24.10 -9.56
C PRO E 72 -25.12 23.66 -8.85
N GLN E 73 -25.22 23.02 -7.68
CA GLN E 73 -24.05 22.57 -6.94
C GLN E 73 -23.79 21.08 -7.10
N SER E 74 -24.46 20.42 -8.04
CA SER E 74 -24.37 18.97 -8.15
C SER E 74 -23.01 18.49 -8.64
N TYR E 75 -22.23 19.35 -9.28
CA TYR E 75 -20.93 18.96 -9.82
C TYR E 75 -19.77 19.25 -8.88
N SER E 76 -20.04 19.77 -7.68
CA SER E 76 -19.01 19.99 -6.67
C SER E 76 -19.30 19.32 -5.34
N GLU E 77 -20.55 18.89 -5.10
CA GLU E 77 -20.88 18.26 -3.83
C GLU E 77 -20.28 16.86 -3.70
N GLY E 78 -19.92 16.24 -4.83
CA GLY E 78 -19.40 14.89 -4.77
C GLY E 78 -18.09 14.78 -4.02
N PHE E 79 -17.24 15.80 -4.13
CA PHE E 79 -15.95 15.79 -3.46
C PHE E 79 -16.03 16.24 -2.00
N ARG E 80 -17.16 16.80 -1.56
CA ARG E 80 -17.29 17.32 -0.21
C ARG E 80 -18.30 16.57 0.65
N LEU E 81 -19.30 15.93 0.06
CA LEU E 81 -20.34 15.25 0.82
C LEU E 81 -20.12 13.74 0.82
N ASP E 82 -20.80 13.09 1.76
CA ASP E 82 -20.79 11.65 1.94
C ASP E 82 -22.15 11.05 1.59
N PRO E 83 -22.21 9.74 1.34
CA PRO E 83 -23.52 9.13 1.02
C PRO E 83 -24.56 9.24 2.12
N ILE E 84 -24.16 9.49 3.37
CA ILE E 84 -25.12 9.64 4.45
C ILE E 84 -26.02 10.87 4.24
N ASP E 85 -25.43 11.99 3.81
CA ASP E 85 -26.22 13.18 3.52
C ASP E 85 -27.20 12.93 2.39
N PHE E 86 -26.75 12.21 1.35
CA PHE E 86 -27.63 11.85 0.25
C PHE E 86 -28.75 10.93 0.72
N ALA E 87 -28.49 10.06 1.69
CA ALA E 87 -29.55 9.24 2.26
C ALA E 87 -30.58 10.09 3.00
N TYR E 88 -30.11 11.08 3.76
CA TYR E 88 -31.03 11.98 4.45
C TYR E 88 -31.90 12.76 3.47
N ARG E 89 -31.35 13.12 2.30
CA ARG E 89 -32.17 13.74 1.26
C ARG E 89 -33.12 12.73 0.62
N SER E 90 -32.65 11.48 0.45
CA SER E 90 -33.46 10.45 -0.19
C SER E 90 -34.69 10.12 0.62
N VAL E 91 -34.65 10.33 1.94
CA VAL E 91 -35.84 10.10 2.75
C VAL E 91 -37.01 10.96 2.25
N GLY E 92 -36.76 12.26 2.09
CA GLY E 92 -37.79 13.14 1.57
C GLY E 92 -38.13 12.85 0.13
N TYR E 93 -37.11 12.50 -0.68
CA TYR E 93 -37.37 12.15 -2.08
C TYR E 93 -38.35 10.99 -2.18
N ALA E 94 -38.10 9.93 -1.40
CA ALA E 94 -38.95 8.74 -1.44
C ALA E 94 -40.35 9.02 -0.92
N GLU E 95 -40.46 9.81 0.15
CA GLU E 95 -41.80 10.16 0.63
C GLU E 95 -42.59 10.94 -0.41
N ARG E 96 -41.95 11.92 -1.05
CA ARG E 96 -42.65 12.71 -2.07
C ARG E 96 -43.04 11.86 -3.26
N THR E 97 -42.17 10.93 -3.66
CA THR E 97 -42.51 10.03 -4.77
C THR E 97 -43.70 9.14 -4.43
N LEU E 98 -43.71 8.58 -3.22
CA LEU E 98 -44.82 7.70 -2.83
C LEU E 98 -46.14 8.48 -2.76
N LEU E 99 -46.11 9.70 -2.22
CA LEU E 99 -47.35 10.45 -2.03
C LEU E 99 -47.95 10.95 -3.34
N ALA E 100 -47.21 10.90 -4.45
CA ALA E 100 -47.72 11.35 -5.74
C ALA E 100 -48.47 10.27 -6.50
N GLY E 101 -48.54 9.05 -5.97
CA GLY E 101 -49.27 7.97 -6.60
C GLY E 101 -48.41 6.85 -7.18
N PHE E 102 -47.11 6.88 -6.98
CA PHE E 102 -46.20 5.87 -7.53
C PHE E 102 -45.84 4.89 -6.41
N THR E 103 -46.43 3.70 -6.45
CA THR E 103 -46.23 2.70 -5.43
C THR E 103 -45.05 1.78 -5.70
N SER E 104 -44.44 1.86 -6.88
CA SER E 104 -43.24 1.09 -7.19
C SER E 104 -42.41 1.86 -8.20
N VAL E 105 -41.09 1.68 -8.12
CA VAL E 105 -40.15 2.32 -9.03
C VAL E 105 -39.04 1.34 -9.37
N ARG E 106 -38.33 1.63 -10.46
CA ARG E 106 -37.13 0.91 -10.86
C ARG E 106 -35.97 1.89 -10.86
N ASP E 107 -35.04 1.72 -9.91
CA ASP E 107 -33.89 2.60 -9.78
C ASP E 107 -32.76 2.09 -10.66
N LEU E 108 -32.26 2.97 -11.53
CA LEU E 108 -31.30 2.58 -12.56
C LEU E 108 -29.93 3.21 -12.37
N GLY E 109 -29.49 3.36 -11.13
CA GLY E 109 -28.19 3.91 -10.85
C GLY E 109 -28.08 4.59 -9.50
N GLY E 110 -26.98 4.33 -8.79
CA GLY E 110 -26.78 4.90 -7.48
C GLY E 110 -26.62 3.84 -6.40
N GLU E 111 -25.68 4.07 -5.48
CA GLU E 111 -25.38 3.07 -4.43
C GLU E 111 -26.05 3.41 -3.10
N VAL E 112 -26.99 4.35 -3.06
CA VAL E 112 -27.78 4.65 -1.82
C VAL E 112 -29.13 3.92 -1.90
N SER E 113 -29.63 3.58 -3.09
CA SER E 113 -30.98 2.99 -3.27
C SER E 113 -31.15 1.55 -2.77
N PRO E 114 -30.15 0.65 -2.86
CA PRO E 114 -30.26 -0.67 -2.22
C PRO E 114 -30.51 -0.54 -0.70
N HIS E 115 -29.86 0.40 -0.02
CA HIS E 115 -30.06 0.69 1.43
C HIS E 115 -31.42 1.35 1.69
N LEU E 116 -31.84 2.33 0.89
CA LEU E 116 -33.17 2.92 1.01
C LEU E 116 -34.26 1.88 0.82
N ARG E 117 -34.06 0.95 -0.11
CA ARG E 117 -35.02 -0.13 -0.30
C ARG E 117 -35.13 -1.00 0.94
N ASP E 118 -34.00 -1.34 1.54
CA ASP E 118 -34.03 -2.12 2.78
C ASP E 118 -34.75 -1.37 3.89
N ALA E 119 -34.47 -0.07 4.03
CA ALA E 119 -35.10 0.73 5.07
C ALA E 119 -36.61 0.83 4.86
N VAL E 120 -37.04 1.01 3.61
CA VAL E 120 -38.47 1.08 3.31
C VAL E 120 -39.14 -0.27 3.57
N ASN E 121 -38.48 -1.36 3.21
CA ASN E 121 -39.06 -2.68 3.42
C ASN E 121 -39.17 -3.02 4.90
N GLN E 122 -38.24 -2.54 5.73
CA GLN E 122 -38.32 -2.76 7.16
C GLN E 122 -39.28 -1.81 7.86
N GLY E 123 -39.85 -0.84 7.14
CA GLY E 123 -40.79 0.09 7.72
C GLY E 123 -40.19 1.28 8.42
N LEU E 124 -38.87 1.48 8.34
CA LEU E 124 -38.23 2.61 9.00
C LEU E 124 -38.66 3.93 8.39
N VAL E 125 -38.76 3.99 7.06
CA VAL E 125 -39.15 5.19 6.34
C VAL E 125 -40.24 4.83 5.34
N LYS E 126 -40.93 5.86 4.85
CA LYS E 126 -42.00 5.69 3.87
C LYS E 126 -41.44 5.83 2.46
N GLY E 127 -41.93 4.99 1.56
CA GLY E 127 -41.53 5.02 0.17
C GLY E 127 -42.23 3.96 -0.65
N PRO E 128 -41.94 3.93 -1.94
CA PRO E 128 -42.52 2.90 -2.81
C PRO E 128 -41.71 1.62 -2.78
N ARG E 129 -42.15 0.64 -3.56
CA ARG E 129 -41.42 -0.61 -3.74
C ARG E 129 -40.28 -0.39 -4.73
N ILE E 130 -39.05 -0.62 -4.28
CA ILE E 130 -37.86 -0.25 -5.03
C ILE E 130 -37.22 -1.49 -5.64
N PHE E 131 -36.98 -1.45 -6.94
CA PHE E 131 -36.15 -2.42 -7.64
C PHE E 131 -34.87 -1.71 -8.05
N ALA E 132 -33.78 -2.00 -7.34
CA ALA E 132 -32.55 -1.22 -7.44
C ALA E 132 -31.52 -1.93 -8.32
N ALA E 133 -30.81 -1.15 -9.13
CA ALA E 133 -29.76 -1.68 -9.99
C ALA E 133 -28.38 -1.63 -9.35
N GLY E 134 -28.19 -0.81 -8.31
CA GLY E 134 -26.86 -0.66 -7.76
C GLY E 134 -25.98 0.16 -8.69
N LYS E 135 -24.70 -0.19 -8.73
CA LYS E 135 -23.76 0.50 -9.60
C LYS E 135 -24.00 0.11 -11.05
N SER E 136 -24.05 1.11 -11.93
CA SER E 136 -24.17 0.87 -13.36
C SER E 136 -22.83 0.41 -13.94
N ILE E 137 -22.90 -0.42 -14.97
CA ILE E 137 -21.72 -1.01 -15.59
C ILE E 137 -21.39 -0.23 -16.86
N ALA E 138 -20.12 0.17 -16.99
CA ALA E 138 -19.65 0.91 -18.14
C ALA E 138 -18.28 0.39 -18.55
N THR E 139 -17.70 1.01 -19.57
CA THR E 139 -16.34 0.75 -19.99
C THR E 139 -15.44 1.91 -19.56
N THR E 140 -14.14 1.76 -19.81
CA THR E 140 -13.18 2.79 -19.41
C THR E 140 -13.46 4.10 -20.14
N GLY E 141 -13.65 5.17 -19.38
CA GLY E 141 -14.03 6.45 -19.94
C GLY E 141 -15.48 6.56 -20.33
N GLY E 142 -16.32 5.58 -19.98
CA GLY E 142 -17.70 5.57 -20.39
C GLY E 142 -18.57 6.51 -19.59
N HIS E 143 -19.86 6.50 -19.93
CA HIS E 143 -20.80 7.44 -19.32
C HIS E 143 -20.92 7.24 -17.82
N ALA E 144 -20.70 6.01 -17.33
CA ALA E 144 -20.83 5.69 -15.92
C ALA E 144 -19.50 5.39 -15.25
N ASP E 145 -18.39 5.80 -15.85
CA ASP E 145 -17.08 5.65 -15.21
C ASP E 145 -17.01 6.59 -14.01
N PRO E 146 -16.75 6.11 -12.80
CA PRO E 146 -16.86 6.96 -11.61
C PRO E 146 -15.73 7.98 -11.45
N THR E 147 -14.66 7.89 -12.22
CA THR E 147 -13.52 8.81 -12.07
C THR E 147 -13.33 9.70 -13.28
N ASN E 148 -14.36 9.90 -14.10
CA ASN E 148 -14.26 10.86 -15.20
C ASN E 148 -14.12 12.27 -14.66
N GLY E 149 -13.18 13.02 -15.22
CA GLY E 149 -12.99 14.40 -14.83
C GLY E 149 -12.11 14.62 -13.61
N TRP E 150 -11.57 13.57 -13.01
CA TRP E 150 -10.68 13.72 -11.87
C TRP E 150 -9.28 14.11 -12.34
N ASN E 151 -8.52 14.75 -11.46
CA ASN E 151 -7.16 15.15 -11.80
C ASN E 151 -6.20 13.98 -11.57
N ASP E 152 -4.92 14.22 -11.88
CA ASP E 152 -3.93 13.15 -11.83
C ASP E 152 -3.72 12.63 -10.42
N GLN E 153 -3.68 13.52 -9.43
CA GLN E 153 -3.42 13.11 -8.06
C GLN E 153 -4.53 12.20 -7.54
N LEU E 154 -5.79 12.62 -7.71
CA LEU E 154 -6.91 11.80 -7.25
C LEU E 154 -6.98 10.49 -8.03
N SER E 155 -6.73 10.52 -9.33
CA SER E 155 -6.78 9.32 -10.15
C SER E 155 -5.70 8.32 -9.71
N HIS E 156 -4.50 8.80 -9.41
CA HIS E 156 -3.46 7.92 -8.93
C HIS E 156 -3.79 7.38 -7.54
N LEU E 157 -4.40 8.19 -6.68
CA LEU E 157 -4.73 7.73 -5.34
C LEU E 157 -5.81 6.65 -5.38
N ILE E 158 -6.82 6.82 -6.23
CA ILE E 158 -7.91 5.83 -6.28
C ILE E 158 -7.51 4.61 -7.10
N GLY E 159 -6.67 4.78 -8.12
CA GLY E 159 -6.34 3.71 -9.01
C GLY E 159 -7.34 3.57 -10.14
N PRO E 160 -7.03 2.74 -11.12
CA PRO E 160 -7.95 2.55 -12.26
C PRO E 160 -9.10 1.62 -11.88
N PRO E 161 -10.33 2.02 -12.17
CA PRO E 161 -11.49 1.17 -11.80
C PRO E 161 -11.52 -0.11 -12.59
N GLY E 162 -12.05 -1.16 -11.96
CA GLY E 162 -12.18 -2.46 -12.58
C GLY E 162 -13.59 -3.01 -12.46
N PRO E 163 -13.73 -4.32 -12.63
CA PRO E 163 -15.06 -4.94 -12.54
C PRO E 163 -15.75 -4.75 -11.20
N THR E 164 -14.98 -4.66 -10.11
CA THR E 164 -15.58 -4.44 -8.80
C THR E 164 -16.23 -3.06 -8.72
N GLU E 165 -15.69 -2.09 -9.43
CA GLU E 165 -16.22 -0.73 -9.46
C GLU E 165 -17.20 -0.50 -10.61
N GLY E 166 -17.43 -1.52 -11.45
CA GLY E 166 -18.37 -1.39 -12.55
C GLY E 166 -17.78 -1.04 -13.89
N VAL E 167 -16.46 -1.13 -14.07
CA VAL E 167 -15.81 -0.77 -15.32
C VAL E 167 -15.24 -2.04 -15.93
N VAL E 168 -15.70 -2.40 -17.13
CA VAL E 168 -15.30 -3.64 -17.78
C VAL E 168 -14.69 -3.33 -19.14
N ASN E 169 -13.84 -4.24 -19.60
CA ASN E 169 -13.23 -4.11 -20.91
C ASN E 169 -13.12 -5.42 -21.68
N SER E 170 -13.69 -6.51 -21.18
CA SER E 170 -13.63 -7.81 -21.85
C SER E 170 -14.79 -8.67 -21.37
N VAL E 171 -14.88 -9.88 -21.94
CA VAL E 171 -15.98 -10.79 -21.63
C VAL E 171 -15.90 -11.25 -20.19
N ASP E 172 -14.71 -11.66 -19.75
CA ASP E 172 -14.56 -12.16 -18.39
C ASP E 172 -14.81 -11.06 -17.36
N GLU E 173 -14.37 -9.84 -17.65
CA GLU E 173 -14.64 -8.71 -16.76
C GLU E 173 -16.13 -8.39 -16.70
N ALA E 174 -16.85 -8.53 -17.81
CA ALA E 174 -18.29 -8.33 -17.80
C ALA E 174 -18.98 -9.39 -16.94
N ARG E 175 -18.54 -10.64 -17.05
CA ARG E 175 -19.08 -11.70 -16.21
C ARG E 175 -18.84 -11.39 -14.73
N GLN E 176 -17.61 -10.97 -14.40
CA GLN E 176 -17.30 -10.66 -13.00
C GLN E 176 -18.09 -9.47 -12.51
N ALA E 177 -18.34 -8.48 -13.37
CA ALA E 177 -19.11 -7.31 -12.97
C ALA E 177 -20.56 -7.67 -12.67
N VAL E 178 -21.18 -8.51 -13.51
CA VAL E 178 -22.54 -8.94 -13.22
C VAL E 178 -22.59 -9.74 -11.93
N ARG E 179 -21.59 -10.61 -11.71
CA ARG E 179 -21.56 -11.37 -10.46
C ARG E 179 -21.34 -10.47 -9.25
N GLN E 180 -20.58 -9.39 -9.40
CA GLN E 180 -20.39 -8.45 -8.30
C GLN E 180 -21.66 -7.66 -8.03
N ARG E 181 -22.44 -7.34 -9.07
CA ARG E 181 -23.73 -6.70 -8.84
C ARG E 181 -24.66 -7.65 -8.08
N TYR E 182 -24.61 -8.95 -8.42
CA TYR E 182 -25.38 -9.93 -7.65
C TYR E 182 -24.91 -10.00 -6.21
N LYS E 183 -23.59 -9.91 -5.99
CA LYS E 183 -23.05 -9.99 -4.64
C LYS E 183 -23.47 -8.79 -3.79
N ASP E 184 -23.62 -7.61 -4.42
CA ASP E 184 -24.01 -6.41 -3.70
C ASP E 184 -25.52 -6.31 -3.46
N GLY E 185 -26.30 -7.23 -4.01
CA GLY E 185 -27.73 -7.27 -3.75
C GLY E 185 -28.56 -6.44 -4.71
N SER E 186 -28.38 -6.64 -6.00
CA SER E 186 -29.14 -5.92 -7.01
C SER E 186 -30.35 -6.72 -7.45
N ASP E 187 -31.33 -6.02 -8.03
CA ASP E 187 -32.50 -6.63 -8.61
C ASP E 187 -32.54 -6.57 -10.13
N VAL E 188 -31.71 -5.74 -10.75
CA VAL E 188 -31.75 -5.50 -12.19
C VAL E 188 -30.39 -4.98 -12.61
N ILE E 189 -30.04 -5.15 -13.88
CA ILE E 189 -28.75 -4.69 -14.40
C ILE E 189 -28.92 -3.47 -15.30
N ILE E 191 -26.55 -0.92 -17.98
CA ILE E 191 -25.32 -0.60 -18.68
C ILE E 191 -25.49 0.67 -19.49
N THR E 192 -24.40 1.38 -19.74
CA THR E 192 -24.39 2.55 -20.62
C THR E 192 -23.75 2.14 -21.94
N ALA E 193 -24.60 1.92 -22.95
CA ALA E 193 -24.10 1.47 -24.24
C ALA E 193 -23.36 2.56 -24.99
N THR E 194 -23.80 3.82 -24.86
CA THR E 194 -23.19 4.96 -25.52
C THR E 194 -22.82 6.00 -24.48
N GLY E 195 -22.33 7.14 -24.96
CA GLY E 195 -22.10 8.27 -24.09
C GLY E 195 -23.40 8.95 -23.72
N GLY E 196 -23.29 9.88 -22.76
CA GLY E 196 -24.47 10.55 -22.27
C GLY E 196 -24.36 12.07 -22.27
N VAL E 197 -25.22 12.72 -21.50
CA VAL E 197 -25.26 14.17 -21.41
C VAL E 197 -24.62 14.68 -20.13
N LEU E 198 -24.95 14.08 -19.00
CA LEU E 198 -24.56 14.59 -17.70
C LEU E 198 -23.17 14.17 -17.25
N SER E 199 -22.51 13.27 -17.98
CA SER E 199 -21.17 12.85 -17.61
C SER E 199 -20.14 13.91 -17.94
N TYR E 200 -19.04 13.91 -17.19
CA TYR E 200 -17.92 14.82 -17.42
C TYR E 200 -16.98 14.24 -18.49
N ALA E 201 -17.53 14.07 -19.69
CA ALA E 201 -16.80 13.48 -20.81
C ALA E 201 -17.14 14.24 -22.08
N LYS E 202 -16.40 13.96 -23.15
CA LYS E 202 -16.54 14.71 -24.38
C LYS E 202 -17.69 14.21 -25.24
N SER E 203 -17.72 12.91 -25.53
CA SER E 203 -18.72 12.35 -26.43
C SER E 203 -20.04 12.12 -25.72
N GLY E 204 -21.10 12.03 -26.51
CA GLY E 204 -22.43 11.79 -25.96
C GLY E 204 -23.28 10.80 -26.74
N ASP E 205 -22.76 10.29 -27.85
CA ASP E 205 -23.52 9.30 -28.62
C ASP E 205 -22.63 8.22 -29.24
N ALA E 206 -21.33 8.25 -28.95
CA ALA E 206 -20.42 7.28 -29.56
C ALA E 206 -20.61 5.90 -28.94
N PRO E 207 -20.44 4.83 -29.74
CA PRO E 207 -20.61 3.47 -29.20
C PRO E 207 -19.46 3.09 -28.29
N GLN E 208 -19.80 2.71 -27.06
CA GLN E 208 -18.80 2.41 -26.05
C GLN E 208 -18.82 0.96 -25.59
N PHE E 209 -19.62 0.10 -26.20
CA PHE E 209 -19.69 -1.31 -25.88
C PHE E 209 -19.57 -2.12 -27.16
N THR E 210 -18.81 -3.20 -27.12
CA THR E 210 -18.81 -4.16 -28.22
C THR E 210 -19.93 -5.16 -28.02
N VAL E 211 -20.37 -5.75 -29.13
CA VAL E 211 -21.50 -6.68 -29.08
C VAL E 211 -21.15 -7.92 -28.27
N ASP E 212 -19.87 -8.31 -28.26
CA ASP E 212 -19.41 -9.48 -27.47
C ASP E 212 -19.51 -9.22 -25.97
N GLU E 213 -19.22 -8.00 -25.51
CA GLU E 213 -19.36 -7.66 -24.10
C GLU E 213 -20.82 -7.59 -23.69
N VAL E 214 -21.66 -7.06 -24.58
CA VAL E 214 -23.13 -7.00 -24.29
C VAL E 214 -23.66 -8.43 -24.19
N LYS E 215 -23.28 -9.30 -25.12
CA LYS E 215 -23.74 -10.72 -25.11
C LYS E 215 -23.27 -11.42 -23.81
N ALA E 216 -22.05 -11.14 -23.35
CA ALA E 216 -21.57 -11.75 -22.12
C ALA E 216 -22.35 -11.25 -20.91
N ILE E 217 -22.62 -9.94 -20.86
CA ILE E 217 -23.42 -9.39 -19.76
C ILE E 217 -24.80 -10.00 -19.75
N VAL E 218 -25.43 -10.12 -20.92
CA VAL E 218 -26.79 -10.65 -20.98
C VAL E 218 -26.83 -12.11 -20.56
N ASP E 219 -25.86 -12.91 -21.01
CA ASP E 219 -25.83 -14.33 -20.63
C ASP E 219 -25.63 -14.48 -19.12
N THR E 220 -24.69 -13.72 -18.55
CA THR E 220 -24.47 -13.81 -17.11
C THR E 220 -25.70 -13.38 -16.33
N ALA E 221 -26.39 -12.32 -16.79
CA ALA E 221 -27.60 -11.87 -16.11
C ALA E 221 -28.72 -12.90 -16.22
N ASN E 222 -28.82 -13.56 -17.38
CA ASN E 222 -29.83 -14.62 -17.53
C ASN E 222 -29.55 -15.79 -16.61
N ASP E 223 -28.27 -16.09 -16.34
CA ASP E 223 -27.98 -17.14 -15.38
C ASP E 223 -28.49 -16.80 -13.98
N TYR E 224 -28.41 -15.53 -13.59
CA TYR E 224 -28.80 -15.11 -12.24
C TYR E 224 -30.22 -14.55 -12.18
N GLY E 225 -30.98 -14.61 -13.27
CA GLY E 225 -32.37 -14.19 -13.25
C GLY E 225 -32.60 -12.70 -13.36
N TYR E 226 -31.63 -11.94 -13.89
CA TYR E 226 -31.78 -10.50 -14.00
C TYR E 226 -32.28 -10.11 -15.39
N LYS E 227 -32.76 -8.87 -15.49
CA LYS E 227 -33.04 -8.21 -16.74
C LYS E 227 -32.06 -7.06 -16.93
N VAL E 228 -31.86 -6.66 -18.18
CA VAL E 228 -30.84 -5.67 -18.54
C VAL E 228 -31.51 -4.46 -19.17
N ALA E 229 -31.21 -3.28 -18.64
CA ALA E 229 -31.62 -2.02 -19.22
C ALA E 229 -30.38 -1.27 -19.72
N ALA E 230 -30.46 -0.72 -20.93
CA ALA E 230 -29.32 -0.11 -21.59
C ALA E 230 -29.60 1.37 -21.86
N HIS E 231 -28.64 2.21 -21.48
CA HIS E 231 -28.68 3.64 -21.80
C HIS E 231 -27.99 3.85 -23.15
N ALA E 232 -28.68 4.50 -24.07
CA ALA E 232 -28.14 4.71 -25.41
C ALA E 232 -28.69 5.99 -26.00
N HIS E 233 -27.85 6.70 -26.75
CA HIS E 233 -28.28 7.84 -27.55
C HIS E 233 -27.99 7.65 -29.03
N GLY E 234 -26.78 7.19 -29.37
CA GLY E 234 -26.43 7.01 -30.76
C GLY E 234 -26.99 5.74 -31.36
N THR E 235 -26.97 5.69 -32.69
CA THR E 235 -27.59 4.59 -33.42
C THR E 235 -26.78 3.30 -33.29
N GLU E 236 -25.46 3.39 -33.44
CA GLU E 236 -24.63 2.19 -33.46
C GLU E 236 -24.64 1.48 -32.10
N GLY E 237 -24.49 2.23 -31.02
CA GLY E 237 -24.54 1.63 -29.70
C GLY E 237 -25.89 1.03 -29.37
N MET E 238 -26.95 1.70 -29.81
CA MET E 238 -28.33 1.21 -29.60
C MET E 238 -28.50 -0.12 -30.33
N LYS E 239 -27.99 -0.20 -31.56
CA LYS E 239 -28.10 -1.44 -32.38
C LYS E 239 -27.27 -2.56 -31.76
N ARG E 240 -26.09 -2.23 -31.22
CA ARG E 240 -25.29 -3.25 -30.56
C ARG E 240 -25.99 -3.78 -29.31
N ALA E 241 -26.60 -2.88 -28.53
CA ALA E 241 -27.34 -3.31 -27.35
C ALA E 241 -28.53 -4.18 -27.72
N ILE E 242 -29.25 -3.82 -28.79
CA ILE E 242 -30.39 -4.61 -29.21
C ILE E 242 -29.96 -5.99 -29.69
N LEU E 243 -28.90 -6.06 -30.49
CA LEU E 243 -28.42 -7.35 -30.97
C LEU E 243 -27.79 -8.18 -29.86
N GLY E 244 -27.32 -7.55 -28.79
CA GLY E 244 -26.80 -8.32 -27.66
C GLY E 244 -27.87 -8.99 -26.84
N GLY E 245 -29.09 -8.44 -26.84
CA GLY E 245 -30.21 -9.07 -26.17
C GLY E 245 -30.70 -8.35 -24.92
N VAL E 246 -30.56 -7.03 -24.86
CA VAL E 246 -31.04 -6.29 -23.70
C VAL E 246 -32.57 -6.26 -23.71
N THR E 247 -33.14 -6.01 -22.52
CA THR E 247 -34.59 -6.06 -22.35
C THR E 247 -35.25 -4.75 -22.77
N SER E 248 -34.67 -3.61 -22.39
CA SER E 248 -35.25 -2.31 -22.69
C SER E 248 -34.16 -1.31 -23.02
N ILE E 249 -34.53 -0.28 -23.79
CA ILE E 249 -33.65 0.82 -24.16
C ILE E 249 -34.11 2.06 -23.41
N GLU E 250 -33.18 2.74 -22.75
CA GLU E 250 -33.53 3.83 -21.85
C GLU E 250 -33.63 5.18 -22.53
N HIS E 251 -32.91 5.40 -23.64
CA HIS E 251 -33.11 6.57 -24.47
C HIS E 251 -32.96 6.16 -25.92
N GLY E 252 -33.65 6.85 -26.80
CA GLY E 252 -33.63 6.49 -28.21
C GLY E 252 -33.47 7.69 -29.10
N THR E 253 -32.71 8.69 -28.62
CA THR E 253 -32.71 10.02 -29.23
C THR E 253 -32.49 9.97 -30.73
N TYR E 254 -31.61 9.10 -31.20
CA TYR E 254 -31.31 9.03 -32.63
C TYR E 254 -31.74 7.70 -33.22
N MET E 255 -32.94 7.25 -32.86
CA MET E 255 -33.50 6.01 -33.39
C MET E 255 -33.84 6.18 -34.86
N THR E 256 -33.34 5.29 -35.70
CA THR E 256 -33.66 5.27 -37.12
C THR E 256 -34.68 4.18 -37.41
N ASP E 257 -35.04 4.02 -38.68
CA ASP E 257 -36.03 3.02 -39.07
C ASP E 257 -35.51 1.60 -38.91
N GLU E 258 -34.23 1.39 -39.22
CA GLU E 258 -33.59 0.05 -39.08
C GLU E 258 -33.57 -0.36 -37.60
N VAL E 259 -33.35 0.58 -36.68
CA VAL E 259 -33.38 0.30 -35.24
C VAL E 259 -34.78 -0.10 -34.80
N MET E 260 -35.80 0.60 -35.31
CA MET E 260 -37.17 0.25 -34.98
C MET E 260 -37.54 -1.13 -35.50
N ARG E 261 -37.08 -1.46 -36.71
CA ARG E 261 -37.33 -2.80 -37.24
C ARG E 261 -36.70 -3.87 -36.36
N LEU E 262 -35.46 -3.64 -35.92
CA LEU E 262 -34.80 -4.59 -35.03
C LEU E 262 -35.51 -4.71 -33.69
N MET E 263 -35.97 -3.58 -33.14
CA MET E 263 -36.69 -3.61 -31.87
C MET E 263 -37.99 -4.39 -32.00
N LYS E 264 -38.73 -4.18 -33.10
CA LYS E 264 -39.97 -4.92 -33.31
C LYS E 264 -39.70 -6.40 -33.50
N GLN E 265 -38.63 -6.75 -34.22
CA GLN E 265 -38.32 -8.16 -34.45
C GLN E 265 -37.89 -8.86 -33.16
N HIS E 266 -37.15 -8.16 -32.29
CA HIS E 266 -36.65 -8.77 -31.06
C HIS E 266 -37.62 -8.63 -29.90
N GLY E 267 -38.50 -7.63 -29.93
CA GLY E 267 -39.39 -7.39 -28.81
C GLY E 267 -38.84 -6.51 -27.73
N THR E 268 -37.92 -5.61 -28.09
CA THR E 268 -37.27 -4.72 -27.09
C THR E 268 -38.24 -3.63 -26.64
N TRP E 269 -38.24 -3.32 -25.35
CA TRP E 269 -39.06 -2.24 -24.81
C TRP E 269 -38.33 -0.91 -24.98
N TYR E 270 -39.12 0.16 -25.07
CA TYR E 270 -38.59 1.51 -25.24
C TYR E 270 -39.10 2.41 -24.12
N VAL E 271 -38.17 3.04 -23.41
CA VAL E 271 -38.50 4.00 -22.35
C VAL E 271 -38.02 5.38 -22.78
N PRO E 272 -38.92 6.29 -23.16
CA PRO E 272 -38.45 7.58 -23.73
C PRO E 272 -37.80 8.51 -22.71
N THR E 273 -38.40 8.69 -21.53
CA THR E 273 -37.96 9.67 -20.53
C THR E 273 -37.92 11.08 -21.12
N ILE E 274 -39.11 11.56 -21.51
CA ILE E 274 -39.23 12.88 -22.12
C ILE E 274 -38.92 13.98 -21.12
N SER E 275 -39.28 13.77 -19.85
CA SER E 275 -39.10 14.79 -18.83
C SER E 275 -37.65 15.21 -18.69
N ALA E 276 -36.73 14.24 -18.68
CA ALA E 276 -35.32 14.55 -18.54
C ALA E 276 -34.82 15.38 -19.73
N GLY E 277 -35.25 15.02 -20.94
CA GLY E 277 -34.83 15.77 -22.10
C GLY E 277 -35.31 17.21 -22.06
N ARG E 278 -36.58 17.42 -21.69
CA ARG E 278 -37.09 18.78 -21.57
C ARG E 278 -36.33 19.54 -20.49
N PHE E 279 -36.09 18.90 -19.34
CA PHE E 279 -35.41 19.58 -18.23
C PHE E 279 -34.02 20.04 -18.63
N VAL E 280 -33.24 19.15 -19.26
CA VAL E 280 -31.88 19.52 -19.65
C VAL E 280 -31.92 20.57 -20.76
N ALA E 281 -32.90 20.49 -21.66
CA ALA E 281 -33.00 21.48 -22.72
C ALA E 281 -33.24 22.87 -22.15
N GLU E 282 -34.10 22.99 -21.15
CA GLU E 282 -34.33 24.31 -20.56
C GLU E 282 -33.16 24.75 -19.68
N LYS E 283 -32.53 23.81 -18.96
CA LYS E 283 -31.44 24.19 -18.08
C LYS E 283 -30.17 24.57 -18.85
N ALA E 284 -30.02 24.10 -20.09
CA ALA E 284 -28.85 24.48 -20.88
C ALA E 284 -28.88 25.95 -21.28
N LYS E 285 -30.06 26.58 -21.33
CA LYS E 285 -30.13 28.00 -21.68
C LYS E 285 -29.57 28.88 -20.57
N ILE E 286 -29.76 28.46 -19.30
CA ILE E 286 -29.18 29.21 -18.19
C ILE E 286 -27.66 29.15 -18.26
N ASP E 287 -27.02 30.25 -17.91
CA ASP E 287 -25.57 30.39 -17.99
C ASP E 287 -24.94 29.98 -16.67
N GLY E 288 -24.03 29.00 -16.74
CA GLY E 288 -23.30 28.54 -15.58
C GLY E 288 -23.94 27.37 -14.85
N TYR E 289 -25.17 26.98 -15.20
CA TYR E 289 -25.81 25.85 -14.54
C TYR E 289 -25.07 24.55 -14.81
N PHE E 290 -24.66 24.34 -16.06
CA PHE E 290 -23.94 23.15 -16.44
C PHE E 290 -22.47 23.47 -16.70
N PRO E 291 -21.57 22.50 -16.50
CA PRO E 291 -20.18 22.70 -16.91
C PRO E 291 -20.09 22.86 -18.43
N GLU E 292 -19.05 23.57 -18.87
CA GLU E 292 -18.92 23.89 -20.29
C GLU E 292 -18.73 22.66 -21.15
N VAL E 293 -18.31 21.53 -20.57
CA VAL E 293 -18.24 20.30 -21.34
C VAL E 293 -19.63 19.65 -21.44
N VAL E 294 -20.52 19.97 -20.53
CA VAL E 294 -21.85 19.34 -20.49
C VAL E 294 -22.85 20.13 -21.32
N ARG E 295 -22.72 21.45 -21.35
CA ARG E 295 -23.74 22.33 -21.94
C ARG E 295 -24.03 22.04 -23.41
N PRO E 296 -23.04 21.94 -24.31
CA PRO E 296 -23.39 21.65 -25.72
C PRO E 296 -24.12 20.34 -25.90
N LYS E 297 -23.72 19.28 -25.20
CA LYS E 297 -24.39 18.00 -25.33
C LYS E 297 -25.84 18.08 -24.89
N ALA E 298 -26.10 18.74 -23.77
CA ALA E 298 -27.47 18.91 -23.29
C ALA E 298 -28.30 19.70 -24.30
N ALA E 299 -27.76 20.84 -24.75
CA ALA E 299 -28.51 21.70 -25.66
C ALA E 299 -28.78 21.01 -26.99
N ARG E 300 -27.92 20.07 -27.40
CA ARG E 300 -28.13 19.35 -28.64
C ARG E 300 -29.06 18.15 -28.49
N ILE E 301 -29.00 17.45 -27.36
CA ILE E 301 -29.71 16.18 -27.23
C ILE E 301 -31.11 16.36 -26.65
N GLY E 302 -31.31 17.31 -25.75
CA GLY E 302 -32.59 17.42 -25.06
C GLY E 302 -33.76 17.74 -25.97
N ALA E 303 -33.52 18.30 -27.15
CA ALA E 303 -34.59 18.74 -28.03
C ALA E 303 -35.08 17.65 -28.98
N GLN E 304 -34.42 16.49 -29.04
CA GLN E 304 -34.72 15.45 -30.01
C GLN E 304 -35.33 14.22 -29.34
N ILE E 305 -36.20 14.42 -28.35
CA ILE E 305 -36.76 13.31 -27.61
C ILE E 305 -38.25 13.11 -27.87
N GLN E 306 -39.06 14.18 -27.84
CA GLN E 306 -40.49 14.05 -28.06
C GLN E 306 -40.83 13.58 -29.48
N ASP E 307 -40.14 14.11 -30.50
CA ASP E 307 -40.37 13.66 -31.86
C ASP E 307 -40.02 12.19 -32.02
N THR E 308 -38.94 11.75 -31.36
CA THR E 308 -38.58 10.34 -31.38
C THR E 308 -39.67 9.48 -30.76
N ALA E 309 -40.24 9.92 -29.64
CA ALA E 309 -41.31 9.17 -29.01
C ALA E 309 -42.54 9.08 -29.91
N ALA E 310 -42.89 10.19 -30.57
CA ALA E 310 -44.02 10.16 -31.50
C ALA E 310 -43.77 9.20 -32.65
N LYS E 311 -42.56 9.25 -33.23
CA LYS E 311 -42.23 8.35 -34.33
C LYS E 311 -42.25 6.89 -33.89
N ALA E 312 -41.71 6.61 -32.69
CA ALA E 312 -41.69 5.25 -32.19
C ALA E 312 -43.11 4.72 -31.96
N TYR E 313 -44.00 5.56 -31.41
CA TYR E 313 -45.38 5.12 -31.25
C TYR E 313 -46.05 4.89 -32.60
N ARG E 314 -45.77 5.76 -33.58
CA ARG E 314 -46.37 5.59 -34.89
C ARG E 314 -45.89 4.32 -35.58
N ASN E 315 -44.64 3.91 -35.35
CA ASN E 315 -44.07 2.76 -36.04
C ASN E 315 -44.34 1.43 -35.33
N GLY E 316 -45.01 1.45 -34.19
CA GLY E 316 -45.37 0.22 -33.52
C GLY E 316 -44.40 -0.31 -32.49
N VAL E 317 -43.48 0.51 -32.02
CA VAL E 317 -42.53 0.11 -30.99
C VAL E 317 -43.24 0.09 -29.63
N LYS E 318 -43.00 -0.96 -28.86
CA LYS E 318 -43.58 -1.05 -27.52
C LYS E 318 -42.94 -0.01 -26.60
N ILE E 319 -43.79 0.74 -25.88
CA ILE E 319 -43.36 1.87 -25.07
C ILE E 319 -43.76 1.63 -23.63
N ALA E 320 -42.85 1.95 -22.71
CA ALA E 320 -43.09 1.82 -21.28
C ALA E 320 -42.80 3.15 -20.59
N PHE E 321 -43.41 3.33 -19.42
CA PHE E 321 -43.40 4.60 -18.71
C PHE E 321 -42.12 4.77 -17.91
N GLY E 322 -41.43 5.89 -18.12
CA GLY E 322 -40.26 6.24 -17.34
C GLY E 322 -39.96 7.71 -17.48
N THR E 323 -39.40 8.30 -16.42
CA THR E 323 -39.22 9.74 -16.36
C THR E 323 -37.78 10.18 -16.21
N ASP E 324 -36.86 9.30 -15.81
CA ASP E 324 -35.49 9.68 -15.45
C ASP E 324 -35.49 10.71 -14.31
N MET E 325 -36.30 10.42 -13.29
CA MET E 325 -36.34 11.32 -12.10
C MET E 325 -34.92 11.53 -11.56
N GLY E 326 -34.72 12.55 -10.73
CA GLY E 326 -33.35 12.89 -10.30
C GLY E 326 -32.89 14.06 -11.14
N VAL E 327 -32.83 13.88 -12.46
CA VAL E 327 -32.52 15.04 -13.34
C VAL E 327 -33.59 16.07 -13.00
N GLY E 328 -34.87 15.65 -13.00
CA GLY E 328 -35.92 16.54 -12.56
C GLY E 328 -36.25 16.35 -11.11
N PRO E 329 -37.15 17.19 -10.60
CA PRO E 329 -37.49 17.14 -9.18
C PRO E 329 -38.39 15.96 -8.84
N HIS E 330 -38.04 15.25 -7.78
CA HIS E 330 -38.83 14.11 -7.33
C HIS E 330 -40.20 14.57 -6.87
N GLY E 331 -41.24 13.80 -7.18
CA GLY E 331 -42.61 14.18 -6.82
C GLY E 331 -43.43 14.69 -8.00
N ASP E 332 -42.78 15.02 -9.12
CA ASP E 332 -43.50 15.51 -10.33
C ASP E 332 -43.41 14.45 -11.42
N ASN E 333 -43.51 13.17 -11.04
CA ASN E 333 -43.38 12.08 -12.05
C ASN E 333 -44.61 12.01 -12.97
N ALA E 334 -45.74 12.56 -12.64
CA ALA E 334 -47.02 12.36 -13.38
C ALA E 334 -47.18 13.32 -14.58
N ARG E 335 -46.28 14.29 -14.72
CA ARG E 335 -46.31 15.23 -15.88
C ARG E 335 -45.89 14.48 -17.16
N GLU E 336 -45.19 13.35 -17.05
CA GLU E 336 -44.82 12.52 -18.20
C GLU E 336 -46.06 12.01 -18.93
N PHE E 337 -47.16 11.80 -18.21
CA PHE E 337 -48.42 11.44 -18.87
C PHE E 337 -48.87 12.53 -19.82
N ILE E 338 -48.79 13.79 -19.38
CA ILE E 338 -49.18 14.91 -20.22
C ILE E 338 -48.27 15.02 -21.43
N TYR E 339 -46.96 14.84 -21.22
CA TYR E 339 -46.03 14.88 -22.34
C TYR E 339 -46.31 13.78 -23.34
N MET E 340 -46.59 12.57 -22.85
CA MET E 340 -46.91 11.45 -23.73
C MET E 340 -48.17 11.71 -24.53
N VAL E 341 -49.20 12.26 -23.90
CA VAL E 341 -50.44 12.54 -24.61
C VAL E 341 -50.23 13.63 -25.65
N GLU E 342 -49.45 14.67 -25.32
CA GLU E 342 -49.15 15.70 -26.30
C GLU E 342 -48.17 15.23 -27.38
N ALA E 343 -47.55 14.06 -27.19
CA ALA E 343 -46.72 13.45 -28.22
C ALA E 343 -47.51 12.52 -29.14
N GLY E 344 -48.82 12.40 -28.96
CA GLY E 344 -49.66 11.61 -29.83
C GLY E 344 -50.11 10.28 -29.26
N ILE E 345 -49.57 9.85 -28.14
CA ILE E 345 -49.98 8.58 -27.53
C ILE E 345 -51.32 8.79 -26.82
N PRO E 346 -52.29 7.91 -27.00
CA PRO E 346 -53.59 8.09 -26.35
C PRO E 346 -53.50 7.98 -24.84
N ALA E 347 -54.47 8.61 -24.17
CA ALA E 347 -54.46 8.65 -22.70
C ALA E 347 -54.57 7.25 -22.10
N ALA E 348 -55.43 6.41 -22.68
CA ALA E 348 -55.57 5.04 -22.17
C ALA E 348 -54.29 4.25 -22.32
N THR E 349 -53.62 4.38 -23.47
CA THR E 349 -52.35 3.69 -23.68
C THR E 349 -51.27 4.23 -22.74
N ALA E 350 -51.26 5.55 -22.52
CA ALA E 350 -50.29 6.14 -21.60
C ALA E 350 -50.51 5.64 -20.18
N LEU E 351 -51.78 5.48 -19.76
CA LEU E 351 -52.06 4.95 -18.45
C LEU E 351 -51.69 3.48 -18.35
N GLN E 352 -51.95 2.71 -19.42
CA GLN E 352 -51.60 1.29 -19.43
C GLN E 352 -50.09 1.07 -19.36
N SER E 353 -49.31 1.97 -19.98
CA SER E 353 -47.86 1.80 -20.01
C SER E 353 -47.23 1.88 -18.63
N ALA E 354 -47.94 2.42 -17.63
CA ALA E 354 -47.41 2.56 -16.29
C ALA E 354 -47.97 1.55 -15.30
N THR E 355 -48.93 0.71 -15.70
CA THR E 355 -49.52 -0.25 -14.79
C THR E 355 -49.23 -1.69 -15.21
N VAL E 356 -49.67 -2.11 -16.39
CA VAL E 356 -49.55 -3.52 -16.77
C VAL E 356 -48.34 -3.75 -17.66
N LEU E 357 -48.08 -2.83 -18.59
CA LEU E 357 -46.86 -2.92 -19.39
C LEU E 357 -45.62 -2.75 -18.52
N ALA E 358 -45.70 -1.89 -17.50
CA ALA E 358 -44.59 -1.75 -16.56
C ALA E 358 -44.36 -3.03 -15.78
N ALA E 359 -45.42 -3.72 -15.40
CA ALA E 359 -45.28 -5.01 -14.73
C ALA E 359 -44.65 -6.04 -15.65
N GLU E 360 -45.01 -6.02 -16.94
CA GLU E 360 -44.35 -6.91 -17.89
C GLU E 360 -42.87 -6.59 -18.02
N VAL E 361 -42.51 -5.30 -18.05
CA VAL E 361 -41.10 -4.92 -18.14
C VAL E 361 -40.35 -5.38 -16.89
N LEU E 362 -40.94 -5.19 -15.71
CA LEU E 362 -40.28 -5.60 -14.47
C LEU E 362 -40.17 -7.11 -14.34
N GLY E 363 -41.03 -7.87 -15.00
CA GLY E 363 -41.00 -9.31 -14.91
C GLY E 363 -41.77 -9.89 -13.73
N VAL E 364 -42.70 -9.16 -13.17
CA VAL E 364 -43.51 -9.63 -12.05
C VAL E 364 -44.96 -9.80 -12.52
N ASP E 365 -45.70 -10.62 -11.78
CA ASP E 365 -47.09 -10.91 -12.12
C ASP E 365 -48.05 -10.67 -10.95
N ASP E 366 -47.58 -10.07 -9.87
CA ASP E 366 -48.41 -9.86 -8.68
C ASP E 366 -48.89 -8.42 -8.55
N GLN E 367 -48.74 -7.60 -9.59
CA GLN E 367 -49.16 -6.21 -9.53
C GLN E 367 -49.50 -5.75 -10.94
N GLY E 368 -49.99 -4.51 -11.03
CA GLY E 368 -50.27 -3.86 -12.29
C GLY E 368 -51.73 -3.68 -12.61
N ALA E 369 -52.63 -4.42 -11.95
CA ALA E 369 -54.05 -4.32 -12.23
C ALA E 369 -54.83 -4.62 -10.95
N ILE E 370 -56.08 -4.16 -10.92
CA ILE E 370 -56.97 -4.41 -9.79
C ILE E 370 -57.69 -5.72 -10.10
N GLU E 371 -57.07 -6.82 -9.71
CA GLU E 371 -57.62 -8.15 -9.92
C GLU E 371 -57.42 -8.96 -8.65
N THR E 372 -58.25 -10.00 -8.49
CA THR E 372 -58.21 -10.83 -7.30
C THR E 372 -56.87 -11.54 -7.19
N GLY E 373 -56.29 -11.52 -5.98
CA GLY E 373 -55.03 -12.18 -5.72
C GLY E 373 -53.80 -11.32 -5.90
N LYS E 374 -53.95 -10.10 -6.40
CA LYS E 374 -52.81 -9.22 -6.65
C LYS E 374 -52.62 -8.25 -5.48
N ARG E 375 -51.47 -7.59 -5.47
CA ARG E 375 -51.15 -6.65 -4.41
C ARG E 375 -52.14 -5.50 -4.41
N ALA E 376 -52.45 -5.01 -3.20
CA ALA E 376 -53.42 -3.93 -3.02
C ALA E 376 -52.70 -2.59 -3.10
N ASP E 377 -52.40 -2.19 -4.33
CA ASP E 377 -51.83 -0.87 -4.63
C ASP E 377 -52.89 -0.11 -5.42
N ILE E 378 -53.55 0.85 -4.76
CA ILE E 378 -54.68 1.56 -5.33
C ILE E 378 -54.50 3.06 -5.12
N ILE E 379 -54.81 3.84 -6.15
CA ILE E 379 -54.82 5.30 -6.08
C ILE E 379 -56.16 5.80 -6.60
N ALA E 380 -56.46 7.06 -6.29
CA ALA E 380 -57.72 7.64 -6.72
C ALA E 380 -57.53 9.13 -6.97
N MET E 381 -58.29 9.65 -7.92
CA MET E 381 -58.31 11.08 -8.26
C MET E 381 -59.74 11.52 -8.50
N PRO E 382 -60.05 12.79 -8.21
CA PRO E 382 -61.44 13.25 -8.40
C PRO E 382 -61.94 13.17 -9.84
N GLY E 383 -61.06 13.40 -10.82
CA GLY E 383 -61.47 13.44 -12.21
C GLY E 383 -61.30 12.09 -12.91
N ASP E 384 -61.61 12.10 -14.21
CA ASP E 384 -61.44 10.93 -15.05
C ASP E 384 -60.20 11.11 -15.91
N PRO E 385 -59.11 10.37 -15.68
CA PRO E 385 -57.86 10.63 -16.42
C PRO E 385 -57.96 10.36 -17.91
N VAL E 386 -58.85 9.47 -18.36
CA VAL E 386 -58.95 9.18 -19.78
C VAL E 386 -59.55 10.37 -20.53
N ALA E 387 -60.62 10.94 -20.00
CA ALA E 387 -61.24 12.09 -20.65
C ALA E 387 -60.32 13.31 -20.61
N ASP E 388 -59.69 13.55 -19.47
CA ASP E 388 -58.75 14.67 -19.29
C ASP E 388 -57.50 14.13 -18.61
N ILE E 389 -56.39 14.11 -19.35
CA ILE E 389 -55.15 13.56 -18.81
C ILE E 389 -54.60 14.45 -17.70
N ASN E 390 -55.04 15.72 -17.64
CA ASN E 390 -54.55 16.64 -16.63
C ASN E 390 -54.98 16.27 -15.21
N ALA E 391 -55.92 15.33 -15.07
CA ALA E 391 -56.38 14.93 -13.74
C ALA E 391 -55.33 14.14 -12.98
N VAL E 392 -54.30 13.65 -13.64
CA VAL E 392 -53.27 12.84 -12.98
C VAL E 392 -52.45 13.63 -11.97
N LEU E 393 -52.55 14.96 -11.98
CA LEU E 393 -51.77 15.79 -11.07
C LEU E 393 -52.46 15.98 -9.72
N ASN E 394 -53.70 15.51 -9.55
CA ASN E 394 -54.45 15.66 -8.31
C ASN E 394 -54.79 14.27 -7.80
N VAL E 395 -53.87 13.68 -7.04
CA VAL E 395 -54.08 12.39 -6.41
C VAL E 395 -54.25 12.60 -4.91
N ASP E 396 -55.37 12.12 -4.36
CA ASP E 396 -55.67 12.32 -2.95
C ASP E 396 -55.79 11.03 -2.15
N PHE E 397 -55.71 9.87 -2.80
CA PHE E 397 -55.75 8.59 -2.10
C PHE E 397 -54.60 7.73 -2.55
N VAL E 398 -53.84 7.19 -1.61
CA VAL E 398 -52.71 6.30 -1.90
C VAL E 398 -52.78 5.10 -0.96
N MET E 399 -52.69 3.90 -1.53
CA MET E 399 -52.68 2.67 -0.77
C MET E 399 -51.55 1.78 -1.28
N LYS E 400 -50.72 1.28 -0.36
CA LYS E 400 -49.62 0.39 -0.71
C LYS E 400 -49.63 -0.79 0.24
N ASP E 401 -49.71 -2.00 -0.30
CA ASP E 401 -49.68 -3.25 0.47
C ASP E 401 -50.81 -3.31 1.49
N GLY E 402 -51.95 -2.69 1.18
CA GLY E 402 -53.07 -2.68 2.09
C GLY E 402 -53.01 -1.61 3.17
N GLU E 403 -51.96 -0.80 3.20
CA GLU E 403 -51.81 0.26 4.18
C GLU E 403 -52.07 1.60 3.51
N ILE E 404 -52.88 2.43 4.15
CA ILE E 404 -53.29 3.71 3.59
C ILE E 404 -52.30 4.79 4.01
N PHE E 405 -51.76 5.52 3.04
CA PHE E 405 -50.80 6.58 3.30
C PHE E 405 -51.37 7.98 3.05
N ARG E 406 -52.51 8.09 2.37
CA ARG E 406 -53.10 9.38 2.08
C ARG E 406 -54.58 9.18 1.82
N GLN E 407 -55.40 10.10 2.33
CA GLN E 407 -56.84 9.97 2.22
C GLN E 407 -57.51 11.30 1.86
N PRO F 2 3.31 -56.84 15.84
CA PRO F 2 2.80 -58.19 15.53
C PRO F 2 1.73 -58.64 16.52
N VAL F 3 0.47 -58.62 16.08
CA VAL F 3 -0.67 -58.98 16.92
C VAL F 3 -1.62 -59.83 16.09
N ALA F 4 -2.17 -60.87 16.73
CA ALA F 4 -3.15 -61.75 16.10
C ALA F 4 -4.54 -61.41 16.63
N LEU F 5 -5.49 -61.26 15.71
CA LEU F 5 -6.85 -60.85 16.03
C LEU F 5 -7.78 -62.06 15.85
N HIS F 6 -8.50 -62.41 16.92
CA HIS F 6 -9.45 -63.51 16.90
C HIS F 6 -10.85 -62.94 17.09
N CYS F 7 -11.65 -62.95 16.04
CA CYS F 7 -13.00 -62.40 16.09
C CYS F 7 -14.01 -63.38 15.52
N GLY F 8 -15.20 -63.39 16.12
CA GLY F 8 -16.22 -64.37 15.82
C GLY F 8 -16.82 -64.29 14.43
N LYS F 9 -17.05 -63.08 13.94
CA LYS F 9 -17.62 -62.88 12.62
C LYS F 9 -16.83 -61.80 11.90
N LEU F 10 -16.64 -61.99 10.60
CA LEU F 10 -15.93 -61.04 9.75
C LEU F 10 -16.83 -60.62 8.59
N PHE F 11 -16.93 -59.32 8.37
CA PHE F 11 -17.70 -58.80 7.25
C PHE F 11 -16.78 -58.62 6.04
N ASP F 12 -17.10 -59.31 4.96
CA ASP F 12 -16.33 -59.22 3.72
C ASP F 12 -16.92 -58.07 2.90
N ALA F 13 -16.16 -56.98 2.78
CA ALA F 13 -16.67 -55.78 2.13
C ALA F 13 -16.92 -56.02 0.65
N ARG F 14 -16.03 -56.75 -0.02
CA ARG F 14 -16.18 -56.96 -1.45
C ARG F 14 -17.44 -57.75 -1.77
N SER F 15 -17.73 -58.79 -0.99
CA SER F 15 -18.89 -59.64 -1.25
C SER F 15 -20.16 -59.11 -0.60
N GLY F 16 -20.05 -58.43 0.54
CA GLY F 16 -21.22 -57.96 1.24
C GLY F 16 -21.86 -58.99 2.14
N ARG F 17 -21.13 -60.01 2.58
CA ARG F 17 -21.65 -61.07 3.43
C ARG F 17 -20.80 -61.18 4.70
N VAL F 18 -21.45 -61.58 5.78
CA VAL F 18 -20.76 -61.78 7.06
C VAL F 18 -20.34 -63.24 7.16
N LEU F 19 -19.04 -63.47 7.32
CA LEU F 19 -18.50 -64.82 7.42
C LEU F 19 -18.38 -65.26 8.87
N GLY F 20 -17.70 -66.38 9.10
CA GLY F 20 -17.55 -66.93 10.44
C GLY F 20 -16.25 -66.53 11.10
N PRO F 21 -15.78 -67.38 12.02
CA PRO F 21 -14.54 -67.07 12.75
C PRO F 21 -13.34 -66.94 11.82
N HIS F 22 -12.46 -66.01 12.15
CA HIS F 22 -11.27 -65.73 11.36
C HIS F 22 -10.15 -65.27 12.28
N THR F 23 -8.92 -65.37 11.79
CA THR F 23 -7.75 -64.88 12.49
C THR F 23 -6.96 -63.95 11.57
N VAL F 24 -6.70 -62.73 12.04
CA VAL F 24 -5.99 -61.72 11.25
C VAL F 24 -4.63 -61.47 11.91
N VAL F 25 -3.57 -61.61 11.12
CA VAL F 25 -2.21 -61.38 11.59
C VAL F 25 -1.73 -60.07 10.99
N VAL F 26 -1.23 -59.18 11.83
CA VAL F 26 -0.81 -57.85 11.42
C VAL F 26 0.65 -57.67 11.81
N ARG F 27 1.52 -57.48 10.82
CA ARG F 27 2.89 -57.06 11.04
C ARG F 27 3.21 -55.92 10.07
N ASP F 28 3.96 -54.93 10.56
CA ASP F 28 4.40 -53.76 9.82
C ASP F 28 3.25 -52.89 9.34
N GLY F 29 2.06 -53.02 9.92
CA GLY F 29 0.94 -52.15 9.61
C GLY F 29 0.04 -52.64 8.49
N ARG F 30 0.32 -53.78 7.89
CA ARG F 30 -0.51 -54.33 6.84
C ARG F 30 -1.07 -55.68 7.26
N ILE F 31 -2.05 -56.16 6.50
CA ILE F 31 -2.66 -57.46 6.74
C ILE F 31 -1.82 -58.51 6.01
N ASP F 32 -1.42 -59.56 6.72
CA ASP F 32 -0.53 -60.57 6.18
C ASP F 32 -1.19 -61.94 6.03
N GLN F 33 -1.99 -62.37 7.01
CA GLN F 33 -2.64 -63.66 6.91
C GLN F 33 -4.11 -63.53 7.31
N LEU F 34 -4.94 -64.40 6.75
CA LEU F 34 -6.38 -64.39 6.96
C LEU F 34 -6.90 -65.80 7.21
N ILE F 35 -6.27 -66.53 8.14
CA ILE F 35 -6.63 -67.90 8.45
C ILE F 35 -8.11 -67.98 8.81
N SER F 36 -8.83 -68.87 8.15
CA SER F 36 -10.26 -69.05 8.38
C SER F 36 -10.52 -70.33 9.17
N GLY F 37 -11.33 -70.24 10.20
CA GLY F 37 -11.66 -71.38 11.04
C GLY F 37 -10.64 -71.64 12.13
N LEU F 45 3.37 -64.47 19.80
CA LEU F 45 2.41 -63.59 19.12
C LEU F 45 1.40 -63.01 20.09
N ALA F 46 1.24 -61.69 20.04
CA ALA F 46 0.20 -61.03 20.83
C ALA F 46 -1.17 -61.39 20.28
N ALA F 47 -2.14 -61.47 21.18
CA ALA F 47 -3.50 -61.86 20.83
C ALA F 47 -4.50 -60.90 21.44
N VAL F 48 -5.52 -60.56 20.67
CA VAL F 48 -6.64 -59.75 21.13
C VAL F 48 -7.91 -60.59 21.00
N ASP F 49 -8.68 -60.68 22.09
CA ASP F 49 -9.86 -61.52 22.15
C ASP F 49 -11.08 -60.70 21.71
N LEU F 50 -11.56 -60.98 20.49
CA LEU F 50 -12.76 -60.34 19.95
C LEU F 50 -13.78 -61.37 19.51
N ARG F 51 -13.78 -62.56 20.11
CA ARG F 51 -14.60 -63.68 19.65
C ARG F 51 -16.09 -63.44 19.82
N ASN F 52 -16.47 -62.40 20.51
CA ASN F 52 -17.91 -62.04 20.70
C ASN F 52 -18.20 -60.76 19.95
N ARG F 53 -17.45 -60.49 18.88
CA ARG F 53 -17.62 -59.27 18.10
C ARG F 53 -17.65 -59.60 16.63
N THR F 54 -18.00 -58.60 15.82
CA THR F 54 -18.03 -58.71 14.37
C THR F 54 -16.91 -57.85 13.79
N CYS F 55 -16.13 -58.43 12.89
CA CYS F 55 -14.97 -57.77 12.31
C CYS F 55 -15.37 -56.98 11.08
N LEU F 56 -14.93 -55.73 11.01
CA LEU F 56 -15.21 -54.86 9.88
C LEU F 56 -13.99 -54.03 9.54
N PRO F 57 -13.84 -53.63 8.27
CA PRO F 57 -12.81 -52.64 7.94
C PRO F 57 -13.20 -51.26 8.45
N GLY F 58 -12.19 -50.42 8.63
CA GLY F 58 -12.45 -49.07 9.09
C GLY F 58 -13.28 -48.29 8.09
N TRP F 59 -14.13 -47.41 8.61
CA TRP F 59 -15.06 -46.63 7.79
C TRP F 59 -14.41 -45.36 7.27
N THR F 60 -14.88 -44.92 6.11
CA THR F 60 -14.43 -43.68 5.50
C THR F 60 -15.61 -42.73 5.34
N ASP F 61 -15.47 -41.51 5.86
CA ASP F 61 -16.44 -40.45 5.65
C ASP F 61 -15.91 -39.52 4.57
N LEU F 62 -16.64 -39.40 3.46
CA LEU F 62 -16.17 -38.67 2.31
C LEU F 62 -16.54 -37.19 2.33
N HIS F 63 -17.17 -36.70 3.40
CA HIS F 63 -17.56 -35.29 3.47
C HIS F 63 -17.61 -34.86 4.92
N VAL F 64 -16.52 -34.23 5.39
CA VAL F 64 -16.45 -33.67 6.74
C VAL F 64 -15.75 -32.33 6.69
N HIS F 65 -15.91 -31.55 7.75
CA HIS F 65 -15.21 -30.27 7.95
C HIS F 65 -14.67 -30.29 9.38
N LEU F 66 -13.45 -30.77 9.54
CA LEU F 66 -12.87 -30.95 10.86
C LEU F 66 -12.41 -29.64 11.50
N GLY F 67 -12.43 -28.54 10.76
CA GLY F 67 -11.98 -27.26 11.27
C GLY F 67 -12.98 -26.44 12.03
N GLY F 68 -14.20 -26.95 12.23
CA GLY F 68 -15.20 -26.18 12.95
C GLY F 68 -16.39 -27.04 13.30
N GLU F 69 -17.39 -26.39 13.90
CA GLU F 69 -18.63 -27.03 14.29
C GLU F 69 -19.71 -25.98 14.41
N SER F 70 -20.92 -26.32 13.96
CA SER F 70 -22.02 -25.37 13.97
C SER F 70 -22.45 -25.03 15.40
N SER F 71 -22.81 -23.77 15.62
CA SER F 71 -23.19 -23.28 16.93
C SER F 71 -23.98 -22.00 16.75
N PRO F 72 -24.70 -21.56 17.79
CA PRO F 72 -25.40 -20.27 17.69
C PRO F 72 -24.47 -19.07 17.51
N GLN F 73 -23.20 -19.22 17.84
CA GLN F 73 -22.23 -18.13 17.72
C GLN F 73 -21.35 -18.27 16.47
N SER F 74 -21.69 -19.19 15.56
CA SER F 74 -20.81 -19.48 14.44
C SER F 74 -20.74 -18.34 13.43
N TYR F 75 -21.71 -17.43 13.43
CA TYR F 75 -21.72 -16.34 12.45
C TYR F 75 -21.11 -15.05 12.98
N SER F 76 -20.58 -15.07 14.20
CA SER F 76 -19.87 -13.91 14.75
C SER F 76 -18.46 -14.23 15.22
N GLU F 77 -18.11 -15.51 15.39
CA GLU F 77 -16.78 -15.85 15.86
C GLU F 77 -15.71 -15.62 14.80
N GLY F 78 -16.11 -15.55 13.52
CA GLY F 78 -15.14 -15.38 12.46
C GLY F 78 -14.38 -14.07 12.54
N PHE F 79 -15.05 -13.01 12.98
CA PHE F 79 -14.42 -11.70 13.08
C PHE F 79 -13.63 -11.52 14.37
N ARG F 80 -13.77 -12.41 15.34
CA ARG F 80 -13.11 -12.27 16.63
C ARG F 80 -12.08 -13.34 16.92
N LEU F 81 -12.18 -14.52 16.34
CA LEU F 81 -11.27 -15.62 16.61
C LEU F 81 -10.26 -15.79 15.49
N ASP F 82 -9.20 -16.52 15.81
CA ASP F 82 -8.11 -16.85 14.90
C ASP F 82 -8.11 -18.34 14.60
N PRO F 83 -7.44 -18.77 13.52
CA PRO F 83 -7.41 -20.21 13.20
C PRO F 83 -6.75 -21.07 14.27
N ILE F 84 -5.94 -20.49 15.16
CA ILE F 84 -5.32 -21.27 16.24
C ILE F 84 -6.36 -21.84 17.20
N ASP F 85 -7.36 -21.04 17.56
CA ASP F 85 -8.43 -21.52 18.42
C ASP F 85 -9.21 -22.64 17.75
N PHE F 86 -9.48 -22.50 16.45
CA PHE F 86 -10.15 -23.55 15.71
C PHE F 86 -9.30 -24.82 15.64
N ALA F 87 -7.97 -24.69 15.59
CA ALA F 87 -7.11 -25.86 15.65
C ALA F 87 -7.21 -26.56 17.00
N TYR F 88 -7.23 -25.78 18.08
CA TYR F 88 -7.39 -26.37 19.40
C TYR F 88 -8.72 -27.10 19.54
N ARG F 89 -9.78 -26.59 18.90
CA ARG F 89 -11.04 -27.34 18.87
C ARG F 89 -10.94 -28.58 17.98
N SER F 90 -10.23 -28.46 16.86
CA SER F 90 -10.10 -29.56 15.91
C SER F 90 -9.38 -30.74 16.52
N VAL F 91 -8.53 -30.52 17.52
CA VAL F 91 -7.88 -31.64 18.21
C VAL F 91 -8.93 -32.59 18.78
N GLY F 92 -9.87 -32.04 19.54
CA GLY F 92 -10.94 -32.87 20.09
C GLY F 92 -11.87 -33.41 19.02
N TYR F 93 -12.16 -32.61 18.00
CA TYR F 93 -13.00 -33.09 16.90
C TYR F 93 -12.39 -34.34 16.26
N ALA F 94 -11.09 -34.29 15.95
CA ALA F 94 -10.43 -35.40 15.29
C ALA F 94 -10.35 -36.63 16.20
N GLU F 95 -10.08 -36.42 17.49
CA GLU F 95 -10.06 -37.57 18.40
C GLU F 95 -11.43 -38.24 18.46
N ARG F 96 -12.50 -37.45 18.58
CA ARG F 96 -13.84 -38.02 18.66
C ARG F 96 -14.21 -38.74 17.37
N THR F 97 -13.82 -38.19 16.22
CA THR F 97 -14.10 -38.84 14.96
C THR F 97 -13.38 -40.18 14.85
N LEU F 98 -12.09 -40.21 15.23
CA LEU F 98 -11.34 -41.46 15.16
C LEU F 98 -11.91 -42.52 16.09
N LEU F 99 -12.29 -42.13 17.31
CA LEU F 99 -12.77 -43.11 18.27
C LEU F 99 -14.14 -43.69 17.94
N ALA F 100 -14.86 -43.12 16.99
CA ALA F 100 -16.17 -43.61 16.59
C ALA F 100 -16.11 -44.69 15.52
N GLY F 101 -14.91 -45.01 15.01
CA GLY F 101 -14.75 -46.05 14.02
C GLY F 101 -14.37 -45.57 12.63
N PHE F 102 -14.11 -44.28 12.45
CA PHE F 102 -13.78 -43.73 11.14
C PHE F 102 -12.27 -43.51 11.08
N THR F 103 -11.58 -44.39 10.35
CA THR F 103 -10.13 -44.34 10.26
C THR F 103 -9.63 -43.48 9.12
N SER F 104 -10.51 -42.98 8.25
CA SER F 104 -10.11 -42.06 7.20
C SER F 104 -11.30 -41.17 6.87
N VAL F 105 -11.01 -39.94 6.45
CA VAL F 105 -12.02 -38.97 6.07
C VAL F 105 -11.53 -38.18 4.86
N ARG F 106 -12.48 -37.53 4.18
CA ARG F 106 -12.18 -36.61 3.10
C ARG F 106 -12.72 -35.23 3.50
N ASP F 107 -11.81 -34.30 3.75
CA ASP F 107 -12.19 -32.95 4.16
C ASP F 107 -12.41 -32.07 2.94
N LEU F 108 -13.58 -31.46 2.86
CA LEU F 108 -14.02 -30.75 1.67
C LEU F 108 -14.17 -29.25 1.90
N GLY F 109 -13.29 -28.66 2.70
CA GLY F 109 -13.32 -27.24 2.94
C GLY F 109 -12.74 -26.82 4.27
N GLY F 110 -11.94 -25.77 4.27
CA GLY F 110 -11.30 -25.30 5.49
C GLY F 110 -9.79 -25.29 5.40
N GLU F 111 -9.16 -24.24 5.91
CA GLU F 111 -7.68 -24.10 5.81
C GLU F 111 -6.98 -24.53 7.10
N VAL F 112 -7.66 -25.18 8.03
CA VAL F 112 -7.00 -25.74 9.26
C VAL F 112 -6.70 -27.23 9.03
N SER F 113 -7.42 -27.91 8.15
CA SER F 113 -7.30 -29.39 7.95
C SER F 113 -5.99 -29.86 7.30
N PRO F 114 -5.38 -29.14 6.35
CA PRO F 114 -4.04 -29.51 5.85
C PRO F 114 -3.00 -29.56 6.99
N HIS F 115 -3.06 -28.63 7.95
CA HIS F 115 -2.18 -28.60 9.15
C HIS F 115 -2.54 -29.71 10.15
N LEU F 116 -3.83 -29.95 10.43
CA LEU F 116 -4.25 -31.07 11.26
C LEU F 116 -3.80 -32.40 10.69
N ARG F 117 -3.86 -32.54 9.35
CA ARG F 117 -3.40 -33.76 8.71
C ARG F 117 -1.91 -33.95 8.93
N ASP F 118 -1.12 -32.88 8.79
CA ASP F 118 0.31 -33.00 9.06
C ASP F 118 0.58 -33.38 10.50
N ALA F 119 -0.14 -32.77 11.44
CA ALA F 119 0.07 -33.07 12.85
C ALA F 119 -0.30 -34.51 13.18
N VAL F 120 -1.40 -35.01 12.60
CA VAL F 120 -1.79 -36.40 12.83
C VAL F 120 -0.79 -37.35 12.22
N ASN F 121 -0.28 -37.03 11.02
CA ASN F 121 0.69 -37.91 10.37
C ASN F 121 2.01 -37.95 11.12
N GLN F 122 2.40 -36.85 11.76
CA GLN F 122 3.62 -36.83 12.57
C GLN F 122 3.43 -37.44 13.95
N GLY F 123 2.21 -37.82 14.32
CA GLY F 123 1.95 -38.43 15.60
C GLY F 123 1.74 -37.48 16.76
N LEU F 124 1.67 -36.16 16.49
CA LEU F 124 1.49 -35.20 17.58
C LEU F 124 0.12 -35.34 18.23
N VAL F 125 -0.92 -35.55 17.42
CA VAL F 125 -2.28 -35.71 17.92
C VAL F 125 -2.91 -36.94 17.27
N LYS F 126 -4.01 -37.40 17.87
CA LYS F 126 -4.73 -38.56 17.38
C LYS F 126 -5.83 -38.14 16.41
N GLY F 127 -5.99 -38.93 15.35
CA GLY F 127 -7.02 -38.66 14.37
C GLY F 127 -7.01 -39.69 13.26
N PRO F 128 -7.92 -39.55 12.30
CA PRO F 128 -7.97 -40.46 11.15
C PRO F 128 -7.02 -39.99 10.05
N ARG F 129 -7.01 -40.75 8.96
CA ARG F 129 -6.25 -40.38 7.78
C ARG F 129 -7.03 -39.34 6.99
N ILE F 130 -6.43 -38.16 6.80
CA ILE F 130 -7.14 -37.00 6.26
C ILE F 130 -6.71 -36.76 4.83
N PHE F 131 -7.69 -36.66 3.94
CA PHE F 131 -7.50 -36.18 2.57
C PHE F 131 -8.15 -34.80 2.49
N ALA F 132 -7.33 -33.75 2.47
CA ALA F 132 -7.81 -32.39 2.63
C ALA F 132 -7.91 -31.67 1.28
N ALA F 133 -8.96 -30.87 1.13
CA ALA F 133 -9.16 -30.08 -0.07
C ALA F 133 -8.59 -28.68 0.02
N GLY F 134 -8.33 -28.18 1.23
CA GLY F 134 -7.89 -26.81 1.36
C GLY F 134 -9.04 -25.84 1.11
N LYS F 135 -8.72 -24.71 0.51
CA LYS F 135 -9.73 -23.72 0.19
C LYS F 135 -10.59 -24.19 -0.97
N SER F 136 -11.91 -24.08 -0.83
CA SER F 136 -12.83 -24.40 -1.91
C SER F 136 -12.84 -23.29 -2.95
N ILE F 137 -13.08 -23.68 -4.20
CA ILE F 137 -13.05 -22.75 -5.33
C ILE F 137 -14.48 -22.36 -5.69
N ALA F 138 -14.73 -21.06 -5.81
CA ALA F 138 -16.03 -20.53 -6.16
C ALA F 138 -15.87 -19.39 -7.14
N THR F 139 -16.99 -18.78 -7.52
CA THR F 139 -17.00 -17.57 -8.33
C THR F 139 -17.35 -16.37 -7.46
N THR F 140 -17.33 -15.19 -8.06
CA THR F 140 -17.61 -13.96 -7.32
C THR F 140 -19.04 -13.98 -6.79
N GLY F 141 -19.18 -13.81 -5.48
CA GLY F 141 -20.48 -13.90 -4.84
C GLY F 141 -20.99 -15.32 -4.65
N GLY F 142 -20.16 -16.33 -4.90
CA GLY F 142 -20.58 -17.70 -4.82
C GLY F 142 -20.68 -18.22 -3.40
N HIS F 143 -21.05 -19.50 -3.29
CA HIS F 143 -21.30 -20.11 -1.99
C HIS F 143 -20.05 -20.12 -1.12
N ALA F 144 -18.86 -20.17 -1.74
CA ALA F 144 -17.60 -20.24 -1.01
C ALA F 144 -16.78 -18.95 -1.13
N ASP F 145 -17.39 -17.85 -1.51
CA ASP F 145 -16.69 -16.57 -1.53
C ASP F 145 -16.41 -16.13 -0.09
N PRO F 146 -15.14 -15.88 0.28
CA PRO F 146 -14.84 -15.65 1.70
C PRO F 146 -15.27 -14.29 2.24
N THR F 147 -15.70 -13.35 1.39
CA THR F 147 -16.08 -12.02 1.85
C THR F 147 -17.56 -11.73 1.65
N ASN F 148 -18.39 -12.75 1.52
CA ASN F 148 -19.83 -12.54 1.45
C ASN F 148 -20.34 -11.98 2.78
N GLY F 149 -21.17 -10.95 2.71
CA GLY F 149 -21.76 -10.36 3.89
C GLY F 149 -20.91 -9.35 4.62
N TRP F 150 -19.72 -9.02 4.12
CA TRP F 150 -18.89 -8.01 4.75
C TRP F 150 -19.36 -6.62 4.35
N ASN F 151 -19.06 -5.64 5.20
CA ASN F 151 -19.44 -4.27 4.91
C ASN F 151 -18.42 -3.61 3.98
N ASP F 152 -18.69 -2.35 3.62
CA ASP F 152 -17.86 -1.66 2.63
C ASP F 152 -16.43 -1.44 3.13
N GLN F 153 -16.28 -1.08 4.41
CA GLN F 153 -14.96 -0.80 4.95
C GLN F 153 -14.07 -2.04 4.92
N LEU F 154 -14.59 -3.16 5.43
CA LEU F 154 -13.81 -4.40 5.44
C LEU F 154 -13.54 -4.88 4.01
N SER F 155 -14.52 -4.77 3.12
CA SER F 155 -14.34 -5.21 1.74
C SER F 155 -13.27 -4.38 1.04
N HIS F 156 -13.25 -3.07 1.28
CA HIS F 156 -12.20 -2.25 0.69
C HIS F 156 -10.84 -2.55 1.28
N LEU F 157 -10.79 -2.84 2.60
CA LEU F 157 -9.51 -3.15 3.23
C LEU F 157 -8.94 -4.46 2.72
N ILE F 158 -9.78 -5.49 2.54
CA ILE F 158 -9.27 -6.77 2.08
C ILE F 158 -9.05 -6.79 0.57
N GLY F 159 -9.84 -6.05 -0.18
CA GLY F 159 -9.77 -6.08 -1.63
C GLY F 159 -10.63 -7.20 -2.20
N PRO F 160 -10.80 -7.22 -3.52
CA PRO F 160 -11.60 -8.27 -4.15
C PRO F 160 -10.82 -9.56 -4.27
N PRO F 161 -11.41 -10.69 -3.85
CA PRO F 161 -10.68 -11.96 -3.93
C PRO F 161 -10.44 -12.40 -5.37
N GLY F 162 -9.33 -13.11 -5.55
CA GLY F 162 -8.95 -13.63 -6.84
C GLY F 162 -8.64 -15.11 -6.79
N PRO F 163 -7.92 -15.60 -7.81
CA PRO F 163 -7.57 -17.04 -7.85
C PRO F 163 -6.75 -17.50 -6.66
N THR F 164 -5.92 -16.63 -6.09
CA THR F 164 -5.14 -17.02 -4.92
C THR F 164 -6.03 -17.29 -3.71
N GLU F 165 -7.17 -16.59 -3.62
CA GLU F 165 -8.12 -16.75 -2.54
C GLU F 165 -9.22 -17.77 -2.87
N GLY F 166 -9.21 -18.33 -4.08
CA GLY F 166 -10.20 -19.30 -4.47
C GLY F 166 -11.40 -18.80 -5.25
N VAL F 167 -11.35 -17.57 -5.77
CA VAL F 167 -12.46 -16.98 -6.50
C VAL F 167 -12.02 -16.80 -7.95
N VAL F 168 -12.73 -17.47 -8.87
CA VAL F 168 -12.36 -17.47 -10.28
C VAL F 168 -13.53 -16.94 -11.10
N ASN F 169 -13.21 -16.40 -12.28
CA ASN F 169 -14.22 -15.91 -13.20
C ASN F 169 -13.93 -16.22 -14.66
N SER F 170 -12.88 -16.99 -14.95
CA SER F 170 -12.54 -17.33 -16.34
C SER F 170 -11.71 -18.62 -16.34
N VAL F 171 -11.37 -19.07 -17.54
CA VAL F 171 -10.65 -20.33 -17.72
C VAL F 171 -9.25 -20.22 -17.12
N ASP F 172 -8.54 -19.13 -17.43
CA ASP F 172 -7.18 -18.97 -16.93
C ASP F 172 -7.15 -18.83 -15.41
N GLU F 173 -8.13 -18.13 -14.85
CA GLU F 173 -8.22 -18.01 -13.39
C GLU F 173 -8.52 -19.36 -12.74
N ALA F 174 -9.34 -20.19 -13.38
CA ALA F 174 -9.60 -21.53 -12.86
C ALA F 174 -8.32 -22.37 -12.87
N ARG F 175 -7.54 -22.29 -13.96
CA ARG F 175 -6.26 -22.98 -14.02
C ARG F 175 -5.34 -22.52 -12.90
N GLN F 176 -5.24 -21.21 -12.69
CA GLN F 176 -4.38 -20.68 -11.65
C GLN F 176 -4.86 -21.08 -10.26
N ALA F 177 -6.18 -21.16 -10.06
CA ALA F 177 -6.72 -21.56 -8.77
C ALA F 177 -6.39 -23.02 -8.45
N VAL F 178 -6.53 -23.91 -9.44
CA VAL F 178 -6.16 -25.31 -9.21
C VAL F 178 -4.67 -25.42 -8.92
N ARG F 179 -3.84 -24.66 -9.66
CA ARG F 179 -2.40 -24.70 -9.40
C ARG F 179 -2.06 -24.13 -8.02
N GLN F 180 -2.81 -23.14 -7.54
CA GLN F 180 -2.59 -22.61 -6.20
C GLN F 180 -3.01 -23.61 -5.13
N ARG F 181 -4.08 -24.37 -5.38
CA ARG F 181 -4.44 -25.44 -4.44
C ARG F 181 -3.34 -26.49 -4.39
N TYR F 182 -2.74 -26.81 -5.54
CA TYR F 182 -1.60 -27.72 -5.54
C TYR F 182 -0.42 -27.13 -4.77
N LYS F 183 -0.18 -25.83 -4.90
CA LYS F 183 0.93 -25.19 -4.21
C LYS F 183 0.73 -25.19 -2.70
N ASP F 184 -0.52 -25.11 -2.23
CA ASP F 184 -0.81 -25.10 -0.80
C ASP F 184 -0.83 -26.50 -0.20
N GLY F 185 -0.72 -27.55 -1.01
CA GLY F 185 -0.64 -28.90 -0.50
C GLY F 185 -1.97 -29.59 -0.32
N SER F 186 -2.79 -29.60 -1.35
CA SER F 186 -4.09 -30.25 -1.30
C SER F 186 -4.01 -31.67 -1.86
N ASP F 187 -5.00 -32.48 -1.48
CA ASP F 187 -5.13 -33.83 -1.99
C ASP F 187 -6.32 -34.01 -2.93
N VAL F 188 -7.25 -33.06 -2.96
CA VAL F 188 -8.48 -33.19 -3.72
C VAL F 188 -9.02 -31.78 -3.97
N ILE F 189 -9.82 -31.63 -5.02
CA ILE F 189 -10.39 -30.33 -5.36
C ILE F 189 -11.89 -30.27 -5.04
N ILE F 191 -15.34 -27.63 -5.58
CA ILE F 191 -15.96 -26.42 -6.13
C ILE F 191 -17.43 -26.35 -5.71
N THR F 192 -17.97 -25.14 -5.66
CA THR F 192 -19.40 -24.93 -5.39
C THR F 192 -20.06 -24.56 -6.71
N ALA F 193 -20.76 -25.53 -7.31
CA ALA F 193 -21.38 -25.30 -8.61
C ALA F 193 -22.60 -24.39 -8.51
N THR F 194 -23.35 -24.48 -7.41
CA THR F 194 -24.54 -23.68 -7.20
C THR F 194 -24.41 -22.94 -5.87
N GLY F 195 -25.46 -22.23 -5.49
CA GLY F 195 -25.53 -21.64 -4.18
C GLY F 195 -25.82 -22.67 -3.11
N GLY F 196 -25.71 -22.24 -1.86
CA GLY F 196 -25.88 -23.14 -0.75
C GLY F 196 -26.86 -22.67 0.29
N VAL F 197 -26.79 -23.24 1.49
CA VAL F 197 -27.69 -22.90 2.58
C VAL F 197 -27.00 -22.02 3.61
N LEU F 198 -25.79 -22.38 4.01
CA LEU F 198 -25.12 -21.75 5.13
C LEU F 198 -24.37 -20.47 4.76
N SER F 199 -24.27 -20.14 3.48
CA SER F 199 -23.58 -18.92 3.08
C SER F 199 -24.44 -17.69 3.35
N TYR F 200 -23.77 -16.56 3.56
CA TYR F 200 -24.44 -15.26 3.76
C TYR F 200 -24.77 -14.62 2.41
N ALA F 201 -25.61 -15.31 1.65
CA ALA F 201 -26.00 -14.88 0.31
C ALA F 201 -27.49 -15.15 0.11
N LYS F 202 -28.03 -14.61 -0.98
CA LYS F 202 -29.47 -14.68 -1.22
C LYS F 202 -29.88 -16.01 -1.84
N SER F 203 -29.26 -16.39 -2.95
CA SER F 203 -29.65 -17.58 -3.68
C SER F 203 -29.08 -18.85 -3.03
N GLY F 204 -29.71 -19.97 -3.34
CA GLY F 204 -29.28 -21.25 -2.81
C GLY F 204 -29.28 -22.39 -3.81
N ASP F 205 -29.74 -22.14 -5.04
CA ASP F 205 -29.75 -23.20 -6.05
C ASP F 205 -29.41 -22.69 -7.45
N ALA F 206 -29.09 -21.41 -7.57
CA ALA F 206 -28.83 -20.83 -8.88
C ALA F 206 -27.48 -21.29 -9.42
N PRO F 207 -27.37 -21.48 -10.75
CA PRO F 207 -26.09 -21.94 -11.33
C PRO F 207 -25.05 -20.83 -11.29
N GLN F 208 -23.91 -21.13 -10.67
CA GLN F 208 -22.86 -20.14 -10.48
C GLN F 208 -21.56 -20.48 -11.21
N PHE F 209 -21.54 -21.53 -12.01
CA PHE F 209 -20.38 -21.93 -12.79
C PHE F 209 -20.80 -22.14 -14.23
N THR F 210 -19.99 -21.68 -15.17
CA THR F 210 -20.18 -22.04 -16.57
C THR F 210 -19.49 -23.36 -16.86
N VAL F 211 -19.97 -24.04 -17.91
CA VAL F 211 -19.42 -25.36 -18.24
C VAL F 211 -17.97 -25.25 -18.68
N ASP F 212 -17.59 -24.13 -19.29
CA ASP F 212 -16.19 -23.90 -19.72
C ASP F 212 -15.25 -23.76 -18.52
N GLU F 213 -15.68 -23.13 -17.43
CA GLU F 213 -14.85 -23.03 -16.23
C GLU F 213 -14.72 -24.39 -15.53
N VAL F 214 -15.81 -25.15 -15.53
CA VAL F 214 -15.78 -26.51 -14.91
C VAL F 214 -14.82 -27.39 -15.73
N LYS F 215 -14.90 -27.33 -17.06
CA LYS F 215 -14.01 -28.13 -17.94
C LYS F 215 -12.54 -27.73 -17.70
N ALA F 216 -12.26 -26.43 -17.53
CA ALA F 216 -10.89 -25.99 -17.28
C ALA F 216 -10.39 -26.50 -15.92
N ILE F 217 -11.23 -26.42 -14.89
CA ILE F 217 -10.85 -26.93 -13.58
C ILE F 217 -10.56 -28.42 -13.65
N VAL F 218 -11.42 -29.18 -14.34
CA VAL F 218 -11.25 -30.62 -14.41
C VAL F 218 -9.98 -30.99 -15.17
N ASP F 219 -9.70 -30.30 -16.28
CA ASP F 219 -8.49 -30.59 -17.04
C ASP F 219 -7.23 -30.28 -16.22
N THR F 220 -7.21 -29.14 -15.54
CA THR F 220 -6.06 -28.79 -14.72
C THR F 220 -5.87 -29.79 -13.59
N ALA F 221 -6.97 -30.23 -12.96
CA ALA F 221 -6.87 -31.21 -11.89
C ALA F 221 -6.38 -32.56 -12.40
N ASN F 222 -6.82 -32.95 -13.60
CA ASN F 222 -6.34 -34.19 -14.20
C ASN F 222 -4.86 -34.13 -14.50
N ASP F 223 -4.34 -32.95 -14.87
CA ASP F 223 -2.90 -32.84 -15.06
C ASP F 223 -2.12 -33.10 -13.77
N TYR F 224 -2.64 -32.66 -12.63
CA TYR F 224 -1.96 -32.79 -11.36
C TYR F 224 -2.41 -34.01 -10.55
N GLY F 225 -3.26 -34.86 -11.11
CA GLY F 225 -3.65 -36.09 -10.44
C GLY F 225 -4.73 -35.95 -9.40
N TYR F 226 -5.52 -34.89 -9.45
CA TYR F 226 -6.57 -34.67 -8.46
C TYR F 226 -7.92 -35.19 -8.95
N LYS F 227 -8.84 -35.35 -8.01
CA LYS F 227 -10.25 -35.58 -8.30
C LYS F 227 -11.05 -34.36 -7.85
N VAL F 228 -12.23 -34.20 -8.43
CA VAL F 228 -13.05 -33.01 -8.22
C VAL F 228 -14.38 -33.41 -7.60
N ALA F 229 -14.73 -32.77 -6.49
CA ALA F 229 -16.03 -32.89 -5.87
C ALA F 229 -16.78 -31.57 -5.98
N ALA F 230 -18.05 -31.64 -6.36
CA ALA F 230 -18.85 -30.45 -6.66
C ALA F 230 -20.04 -30.36 -5.72
N HIS F 231 -20.21 -29.20 -5.10
CA HIS F 231 -21.39 -28.91 -4.30
C HIS F 231 -22.48 -28.32 -5.20
N ALA F 232 -23.66 -28.92 -5.16
CA ALA F 232 -24.76 -28.48 -6.03
C ALA F 232 -26.09 -28.74 -5.36
N HIS F 233 -27.04 -27.83 -5.56
CA HIS F 233 -28.42 -28.04 -5.15
C HIS F 233 -29.38 -27.96 -6.34
N GLY F 234 -29.22 -26.95 -7.20
CA GLY F 234 -30.11 -26.80 -8.33
C GLY F 234 -29.78 -27.73 -9.48
N THR F 235 -30.75 -27.86 -10.39
CA THR F 235 -30.63 -28.81 -11.49
C THR F 235 -29.62 -28.35 -12.53
N GLU F 236 -29.66 -27.06 -12.91
CA GLU F 236 -28.81 -26.57 -13.99
C GLU F 236 -27.33 -26.61 -13.60
N GLY F 237 -27.00 -26.17 -12.38
CA GLY F 237 -25.62 -26.24 -11.95
C GLY F 237 -25.10 -27.65 -11.82
N MET F 238 -25.97 -28.55 -11.35
CA MET F 238 -25.62 -29.98 -11.21
C MET F 238 -25.32 -30.55 -12.59
N LYS F 239 -26.14 -30.21 -13.58
CA LYS F 239 -25.95 -30.72 -14.97
C LYS F 239 -24.67 -30.14 -15.57
N ARG F 240 -24.38 -28.86 -15.30
CA ARG F 240 -23.13 -28.28 -15.79
C ARG F 240 -21.92 -28.96 -15.17
N ALA F 241 -21.98 -29.24 -13.86
CA ALA F 241 -20.88 -29.94 -13.21
C ALA F 241 -20.70 -31.34 -13.77
N ILE F 242 -21.80 -32.05 -14.02
CA ILE F 242 -21.70 -33.41 -14.56
C ILE F 242 -21.12 -33.39 -15.97
N LEU F 243 -21.59 -32.46 -16.81
CA LEU F 243 -21.05 -32.37 -18.17
C LEU F 243 -19.61 -31.87 -18.20
N GLY F 244 -19.17 -31.15 -17.16
CA GLY F 244 -17.79 -30.72 -17.11
C GLY F 244 -16.82 -31.85 -16.77
N GLY F 245 -17.30 -32.87 -16.07
CA GLY F 245 -16.50 -34.04 -15.79
C GLY F 245 -16.06 -34.21 -14.35
N VAL F 246 -16.87 -33.72 -13.40
CA VAL F 246 -16.53 -33.89 -11.99
C VAL F 246 -16.70 -35.35 -11.57
N THR F 247 -16.03 -35.71 -10.48
CA THR F 247 -16.01 -37.10 -10.03
C THR F 247 -17.24 -37.44 -9.21
N SER F 248 -17.65 -36.56 -8.29
CA SER F 248 -18.78 -36.82 -7.42
C SER F 248 -19.58 -35.55 -7.20
N ILE F 249 -20.86 -35.74 -6.87
CA ILE F 249 -21.78 -34.66 -6.56
C ILE F 249 -22.07 -34.70 -5.06
N GLU F 250 -21.94 -33.55 -4.39
CA GLU F 250 -22.00 -33.53 -2.93
C GLU F 250 -23.42 -33.35 -2.40
N HIS F 251 -24.31 -32.72 -3.16
CA HIS F 251 -25.73 -32.69 -2.80
C HIS F 251 -26.54 -32.80 -4.09
N GLY F 252 -27.72 -33.39 -3.99
CA GLY F 252 -28.52 -33.59 -5.17
C GLY F 252 -29.97 -33.22 -4.94
N THR F 253 -30.20 -32.19 -4.13
CA THR F 253 -31.52 -31.93 -3.57
C THR F 253 -32.60 -31.88 -4.64
N TYR F 254 -32.29 -31.30 -5.80
CA TYR F 254 -33.30 -31.18 -6.86
C TYR F 254 -32.90 -31.99 -8.08
N MET F 255 -32.45 -33.22 -7.86
CA MET F 255 -32.08 -34.12 -8.94
C MET F 255 -33.34 -34.57 -9.69
N THR F 256 -33.33 -34.40 -11.01
CA THR F 256 -34.41 -34.84 -11.86
C THR F 256 -34.01 -36.13 -12.57
N ASP F 257 -34.89 -36.66 -13.42
CA ASP F 257 -34.61 -37.90 -14.12
C ASP F 257 -33.51 -37.75 -15.18
N GLU F 258 -33.49 -36.60 -15.85
CA GLU F 258 -32.45 -36.31 -16.87
C GLU F 258 -31.07 -36.24 -16.21
N VAL F 259 -30.98 -35.70 -14.99
CA VAL F 259 -29.72 -35.64 -14.25
C VAL F 259 -29.26 -37.05 -13.88
N MET F 260 -30.20 -37.90 -13.45
CA MET F 260 -29.84 -39.29 -13.13
C MET F 260 -29.37 -40.04 -14.36
N ARG F 261 -30.01 -39.81 -15.51
CA ARG F 261 -29.56 -40.45 -16.74
C ARG F 261 -28.13 -40.01 -17.08
N LEU F 262 -27.84 -38.72 -16.94
CA LEU F 262 -26.49 -38.23 -17.23
C LEU F 262 -25.48 -38.81 -16.24
N MET F 263 -25.84 -38.90 -14.96
CA MET F 263 -24.94 -39.48 -13.96
C MET F 263 -24.65 -40.94 -14.27
N LYS F 264 -25.67 -41.70 -14.66
CA LYS F 264 -25.46 -43.10 -15.00
C LYS F 264 -24.61 -43.25 -16.26
N GLN F 265 -24.82 -42.39 -17.24
CA GLN F 265 -24.04 -42.46 -18.47
C GLN F 265 -22.59 -42.09 -18.25
N HIS F 266 -22.32 -41.11 -17.37
CA HIS F 266 -20.96 -40.67 -17.13
C HIS F 266 -20.26 -41.45 -16.01
N GLY F 267 -21.02 -42.04 -15.10
CA GLY F 267 -20.43 -42.72 -13.97
C GLY F 267 -20.14 -41.85 -12.77
N THR F 268 -20.90 -40.78 -12.61
CA THR F 268 -20.68 -39.83 -11.49
C THR F 268 -21.15 -40.43 -10.17
N TRP F 269 -20.38 -40.22 -9.11
CA TRP F 269 -20.77 -40.68 -7.78
C TRP F 269 -21.69 -39.67 -7.12
N TYR F 270 -22.54 -40.16 -6.21
CA TYR F 270 -23.50 -39.32 -5.51
C TYR F 270 -23.29 -39.48 -4.00
N VAL F 271 -23.09 -38.35 -3.32
CA VAL F 271 -22.95 -38.32 -1.87
C VAL F 271 -24.14 -37.55 -1.29
N PRO F 272 -25.11 -38.22 -0.66
CA PRO F 272 -26.33 -37.49 -0.23
C PRO F 272 -26.12 -36.53 0.92
N THR F 273 -25.41 -36.95 1.98
CA THR F 273 -25.26 -36.17 3.21
C THR F 273 -26.63 -35.84 3.83
N ILE F 274 -27.34 -36.90 4.22
CA ILE F 274 -28.68 -36.74 4.79
C ILE F 274 -28.62 -36.06 6.15
N SER F 275 -27.56 -36.32 6.91
CA SER F 275 -27.44 -35.80 8.27
C SER F 275 -27.47 -34.28 8.29
N ALA F 276 -26.75 -33.65 7.36
CA ALA F 276 -26.72 -32.19 7.31
C ALA F 276 -28.11 -31.62 7.00
N GLY F 277 -28.82 -32.25 6.06
CA GLY F 277 -30.15 -31.78 5.73
C GLY F 277 -31.09 -31.87 6.91
N ARG F 278 -31.07 -33.00 7.61
CA ARG F 278 -31.91 -33.13 8.80
C ARG F 278 -31.53 -32.10 9.86
N PHE F 279 -30.24 -31.91 10.09
CA PHE F 279 -29.80 -30.98 11.12
C PHE F 279 -30.26 -29.56 10.82
N VAL F 280 -30.08 -29.10 9.58
CA VAL F 280 -30.49 -27.73 9.25
C VAL F 280 -32.01 -27.62 9.28
N ALA F 281 -32.72 -28.68 8.88
CA ALA F 281 -34.18 -28.64 8.91
C ALA F 281 -34.69 -28.45 10.34
N GLU F 282 -34.09 -29.15 11.30
CA GLU F 282 -34.53 -28.97 12.69
C GLU F 282 -34.06 -27.64 13.27
N LYS F 283 -32.84 -27.20 12.92
CA LYS F 283 -32.33 -25.97 13.48
C LYS F 283 -33.04 -24.73 12.93
N ALA F 284 -33.64 -24.83 11.74
CA ALA F 284 -34.38 -23.69 11.19
C ALA F 284 -35.64 -23.39 11.99
N LYS F 285 -36.20 -24.37 12.69
CA LYS F 285 -37.40 -24.12 13.50
C LYS F 285 -37.09 -23.25 14.71
N ILE F 286 -35.89 -23.40 15.29
CA ILE F 286 -35.50 -22.54 16.40
C ILE F 286 -35.37 -21.10 15.91
N ASP F 287 -35.76 -20.16 16.78
CA ASP F 287 -35.78 -18.75 16.45
C ASP F 287 -34.46 -18.11 16.85
N GLY F 288 -33.79 -17.48 15.87
CA GLY F 288 -32.54 -16.79 16.11
C GLY F 288 -31.29 -17.62 15.92
N TYR F 289 -31.42 -18.93 15.73
CA TYR F 289 -30.24 -19.77 15.53
C TYR F 289 -29.53 -19.41 14.24
N PHE F 290 -30.28 -19.20 13.17
CA PHE F 290 -29.72 -18.85 11.88
C PHE F 290 -29.98 -17.38 11.56
N PRO F 291 -29.12 -16.75 10.77
CA PRO F 291 -29.43 -15.39 10.28
C PRO F 291 -30.66 -15.42 9.39
N GLU F 292 -31.36 -14.29 9.34
CA GLU F 292 -32.62 -14.23 8.61
C GLU F 292 -32.44 -14.44 7.10
N VAL F 293 -31.23 -14.27 6.59
CA VAL F 293 -30.99 -14.59 5.18
C VAL F 293 -30.78 -16.10 5.01
N VAL F 294 -30.38 -16.79 6.08
CA VAL F 294 -30.07 -18.22 5.99
C VAL F 294 -31.30 -19.07 6.26
N ARG F 295 -32.18 -18.61 7.16
CA ARG F 295 -33.28 -19.43 7.64
C ARG F 295 -34.23 -19.94 6.56
N PRO F 296 -34.75 -19.10 5.64
CA PRO F 296 -35.64 -19.64 4.61
C PRO F 296 -34.99 -20.71 3.74
N LYS F 297 -33.73 -20.51 3.35
CA LYS F 297 -33.06 -21.50 2.52
C LYS F 297 -32.91 -22.83 3.24
N ALA F 298 -32.52 -22.79 4.51
CA ALA F 298 -32.41 -24.03 5.29
C ALA F 298 -33.75 -24.72 5.41
N ALA F 299 -34.79 -23.97 5.79
CA ALA F 299 -36.10 -24.56 5.99
C ALA F 299 -36.67 -25.14 4.70
N ARG F 300 -36.29 -24.58 3.56
CA ARG F 300 -36.77 -25.10 2.28
C ARG F 300 -35.95 -26.27 1.77
N ILE F 301 -34.65 -26.28 1.98
CA ILE F 301 -33.78 -27.27 1.35
C ILE F 301 -33.60 -28.51 2.21
N GLY F 302 -33.56 -28.37 3.54
CA GLY F 302 -33.24 -29.51 4.39
C GLY F 302 -34.23 -30.65 4.32
N ALA F 303 -35.46 -30.39 3.89
CA ALA F 303 -36.50 -31.41 3.91
C ALA F 303 -36.56 -32.25 2.63
N GLN F 304 -35.78 -31.90 1.60
CA GLN F 304 -35.86 -32.56 0.30
C GLN F 304 -34.60 -33.39 0.02
N ILE F 305 -34.07 -34.08 1.03
CA ILE F 305 -32.83 -34.82 0.88
C ILE F 305 -33.04 -36.33 0.94
N GLN F 306 -33.80 -36.83 1.92
CA GLN F 306 -34.02 -38.27 2.06
C GLN F 306 -34.80 -38.86 0.89
N ASP F 307 -35.84 -38.17 0.43
CA ASP F 307 -36.58 -38.65 -0.73
C ASP F 307 -35.71 -38.70 -1.97
N THR F 308 -34.83 -37.70 -2.13
CA THR F 308 -33.89 -37.70 -3.24
C THR F 308 -32.96 -38.91 -3.17
N ALA F 309 -32.47 -39.23 -1.97
CA ALA F 309 -31.59 -40.39 -1.82
C ALA F 309 -32.33 -41.68 -2.16
N ALA F 310 -33.58 -41.81 -1.70
CA ALA F 310 -34.37 -43.00 -2.04
C ALA F 310 -34.58 -43.12 -3.54
N LYS F 311 -34.93 -42.02 -4.21
CA LYS F 311 -35.14 -42.04 -5.65
C LYS F 311 -33.86 -42.37 -6.39
N ALA F 312 -32.73 -41.81 -5.95
CA ALA F 312 -31.45 -42.09 -6.59
C ALA F 312 -31.06 -43.54 -6.44
N TYR F 313 -31.28 -44.13 -5.27
CA TYR F 313 -31.01 -45.56 -5.11
C TYR F 313 -31.92 -46.39 -5.99
N ARG F 314 -33.19 -46.01 -6.09
CA ARG F 314 -34.13 -46.76 -6.92
C ARG F 314 -33.76 -46.70 -8.40
N ASN F 315 -33.22 -45.57 -8.85
CA ASN F 315 -32.93 -45.38 -10.26
C ASN F 315 -31.55 -45.91 -10.67
N GLY F 316 -30.76 -46.44 -9.75
CA GLY F 316 -29.49 -47.04 -10.09
C GLY F 316 -28.29 -46.12 -10.06
N VAL F 317 -28.38 -44.97 -9.39
CA VAL F 317 -27.25 -44.06 -9.25
C VAL F 317 -26.30 -44.61 -8.20
N LYS F 318 -25.00 -44.57 -8.49
CA LYS F 318 -23.99 -45.00 -7.53
C LYS F 318 -23.93 -44.04 -6.35
N ILE F 319 -23.96 -44.59 -5.14
CA ILE F 319 -24.05 -43.81 -3.91
C ILE F 319 -22.85 -44.12 -3.04
N ALA F 320 -22.28 -43.06 -2.44
CA ALA F 320 -21.15 -43.17 -1.54
C ALA F 320 -21.48 -42.50 -0.22
N PHE F 321 -20.77 -42.91 0.83
CA PHE F 321 -21.08 -42.51 2.20
C PHE F 321 -20.46 -41.14 2.52
N GLY F 322 -21.29 -40.23 3.00
CA GLY F 322 -20.83 -38.93 3.45
C GLY F 322 -21.87 -38.29 4.33
N THR F 323 -21.41 -37.49 5.30
CA THR F 323 -22.29 -36.94 6.32
C THR F 323 -22.33 -35.42 6.37
N ASP F 324 -21.37 -34.72 5.76
CA ASP F 324 -21.22 -33.28 5.92
C ASP F 324 -21.04 -32.90 7.39
N MET F 325 -20.16 -33.65 8.07
CA MET F 325 -19.86 -33.34 9.50
C MET F 325 -19.46 -31.86 9.63
N GLY F 326 -19.50 -31.32 10.84
CA GLY F 326 -19.27 -29.87 11.01
C GLY F 326 -20.62 -29.21 11.17
N VAL F 327 -21.49 -29.34 10.17
CA VAL F 327 -22.88 -28.85 10.34
C VAL F 327 -23.40 -29.58 11.57
N GLY F 328 -23.24 -30.90 11.60
CA GLY F 328 -23.60 -31.65 12.79
C GLY F 328 -22.41 -31.87 13.69
N PRO F 329 -22.67 -32.47 14.85
CA PRO F 329 -21.59 -32.66 15.84
C PRO F 329 -20.66 -33.80 15.45
N HIS F 330 -19.36 -33.52 15.54
CA HIS F 330 -18.35 -34.53 15.23
C HIS F 330 -18.43 -35.69 16.22
N GLY F 331 -18.26 -36.92 15.72
CA GLY F 331 -18.37 -38.10 16.59
C GLY F 331 -19.66 -38.88 16.39
N ASP F 332 -20.65 -38.28 15.73
CA ASP F 332 -21.94 -38.98 15.48
C ASP F 332 -22.06 -39.28 13.97
N ASN F 333 -20.95 -39.66 13.35
CA ASN F 333 -20.98 -39.90 11.88
C ASN F 333 -21.74 -41.20 11.54
N ALA F 334 -21.96 -42.11 12.44
CA ALA F 334 -22.50 -43.48 12.13
C ALA F 334 -24.04 -43.50 12.08
N ARG F 335 -24.70 -42.41 12.45
CA ARG F 335 -26.18 -42.33 12.37
C ARG F 335 -26.62 -42.24 10.89
N GLU F 336 -25.73 -41.84 9.96
CA GLU F 336 -26.01 -41.82 8.54
C GLU F 336 -26.34 -43.20 8.01
N PHE F 337 -25.76 -44.25 8.61
CA PHE F 337 -26.14 -45.61 8.25
C PHE F 337 -27.62 -45.87 8.52
N ILE F 338 -28.09 -45.44 9.69
CA ILE F 338 -29.50 -45.60 10.04
C ILE F 338 -30.39 -44.83 9.09
N TYR F 339 -29.99 -43.59 8.77
CA TYR F 339 -30.78 -42.79 7.82
C TYR F 339 -30.83 -43.45 6.44
N MET F 340 -29.70 -43.98 5.99
CA MET F 340 -29.65 -44.66 4.69
C MET F 340 -30.55 -45.89 4.68
N VAL F 341 -30.52 -46.67 5.75
CA VAL F 341 -31.36 -47.87 5.80
C VAL F 341 -32.83 -47.49 5.84
N GLU F 342 -33.19 -46.45 6.59
CA GLU F 342 -34.57 -45.99 6.62
C GLU F 342 -34.97 -45.29 5.33
N ALA F 343 -34.02 -44.98 4.45
CA ALA F 343 -34.31 -44.43 3.14
C ALA F 343 -34.46 -45.51 2.07
N GLY F 344 -34.38 -46.79 2.45
CA GLY F 344 -34.59 -47.89 1.53
C GLY F 344 -33.34 -48.60 1.06
N ILE F 345 -32.16 -48.07 1.35
CA ILE F 345 -30.91 -48.72 0.96
C ILE F 345 -30.64 -49.88 1.91
N PRO F 346 -30.28 -51.07 1.41
CA PRO F 346 -30.04 -52.21 2.31
C PRO F 346 -28.82 -51.99 3.19
N ALA F 347 -28.81 -52.69 4.33
CA ALA F 347 -27.75 -52.53 5.31
C ALA F 347 -26.39 -52.93 4.74
N ALA F 348 -26.35 -54.03 3.98
CA ALA F 348 -25.09 -54.46 3.39
C ALA F 348 -24.56 -53.43 2.39
N THR F 349 -25.46 -52.88 1.56
CA THR F 349 -25.04 -51.85 0.61
C THR F 349 -24.59 -50.58 1.33
N ALA F 350 -25.28 -50.21 2.40
CA ALA F 350 -24.89 -49.04 3.18
C ALA F 350 -23.52 -49.23 3.80
N LEU F 351 -23.22 -50.44 4.29
CA LEU F 351 -21.90 -50.72 4.85
C LEU F 351 -20.84 -50.73 3.76
N GLN F 352 -21.16 -51.27 2.59
CA GLN F 352 -20.21 -51.30 1.49
C GLN F 352 -19.87 -49.89 0.98
N SER F 353 -20.85 -48.99 1.01
CA SER F 353 -20.63 -47.63 0.50
C SER F 353 -19.58 -46.87 1.30
N ALA F 354 -19.26 -47.31 2.52
CA ALA F 354 -18.29 -46.62 3.36
C ALA F 354 -16.95 -47.32 3.43
N THR F 355 -16.79 -48.50 2.83
CA THR F 355 -15.52 -49.22 2.88
C THR F 355 -14.87 -49.35 1.52
N VAL F 356 -15.52 -50.00 0.55
CA VAL F 356 -14.87 -50.28 -0.74
C VAL F 356 -15.28 -49.26 -1.79
N LEU F 357 -16.56 -48.87 -1.82
CA LEU F 357 -16.98 -47.80 -2.71
C LEU F 357 -16.33 -46.47 -2.33
N ALA F 358 -16.13 -46.23 -1.04
CA ALA F 358 -15.42 -45.03 -0.61
C ALA F 358 -13.97 -45.05 -1.07
N ALA F 359 -13.32 -46.22 -1.04
CA ALA F 359 -11.97 -46.34 -1.55
C ALA F 359 -11.93 -46.09 -3.06
N GLU F 360 -12.93 -46.56 -3.79
CA GLU F 360 -13.01 -46.25 -5.22
C GLU F 360 -13.17 -44.75 -5.45
N VAL F 361 -14.00 -44.09 -4.64
CA VAL F 361 -14.19 -42.65 -4.79
C VAL F 361 -12.89 -41.91 -4.50
N LEU F 362 -12.18 -42.31 -3.44
CA LEU F 362 -10.93 -41.65 -3.09
C LEU F 362 -9.83 -41.91 -4.10
N GLY F 363 -9.91 -43.00 -4.86
CA GLY F 363 -8.88 -43.33 -5.83
C GLY F 363 -7.70 -44.09 -5.28
N VAL F 364 -7.85 -44.76 -4.14
CA VAL F 364 -6.77 -45.53 -3.55
C VAL F 364 -7.15 -47.01 -3.60
N ASP F 365 -6.12 -47.86 -3.51
CA ASP F 365 -6.32 -49.31 -3.59
C ASP F 365 -5.69 -50.05 -2.41
N ASP F 366 -5.21 -49.34 -1.39
CA ASP F 366 -4.55 -49.96 -0.25
C ASP F 366 -5.43 -50.04 0.99
N GLN F 367 -6.74 -49.80 0.85
CA GLN F 367 -7.65 -49.84 1.98
C GLN F 367 -9.04 -50.19 1.49
N GLY F 368 -9.95 -50.37 2.44
CA GLY F 368 -11.35 -50.60 2.14
C GLY F 368 -11.84 -51.99 2.44
N ALA F 369 -10.95 -52.97 2.57
CA ALA F 369 -11.35 -54.34 2.83
C ALA F 369 -10.28 -55.04 3.65
N ILE F 370 -10.67 -56.11 4.32
CA ILE F 370 -9.75 -56.92 5.10
C ILE F 370 -9.18 -57.98 4.16
N GLU F 371 -8.11 -57.62 3.46
CA GLU F 371 -7.44 -58.52 2.53
C GLU F 371 -5.94 -58.40 2.72
N THR F 372 -5.22 -59.44 2.31
CA THR F 372 -3.79 -59.49 2.48
C THR F 372 -3.11 -58.36 1.71
N GLY F 373 -2.16 -57.69 2.35
CA GLY F 373 -1.42 -56.61 1.75
C GLY F 373 -2.01 -55.23 1.91
N LYS F 374 -3.20 -55.11 2.49
CA LYS F 374 -3.85 -53.82 2.67
C LYS F 374 -3.59 -53.27 4.07
N ARG F 375 -3.91 -51.99 4.25
CA ARG F 375 -3.71 -51.34 5.54
C ARG F 375 -4.54 -52.01 6.61
N ALA F 376 -3.99 -52.06 7.82
CA ALA F 376 -4.65 -52.70 8.97
C ALA F 376 -5.52 -51.67 9.66
N ASP F 377 -6.68 -51.40 9.08
CA ASP F 377 -7.71 -50.57 9.68
C ASP F 377 -8.90 -51.47 9.98
N ILE F 378 -9.11 -51.78 11.26
CA ILE F 378 -10.10 -52.75 11.68
C ILE F 378 -10.90 -52.17 12.84
N ILE F 379 -12.22 -52.38 12.81
CA ILE F 379 -13.11 -52.01 13.89
C ILE F 379 -13.96 -53.23 14.25
N ALA F 380 -14.59 -53.18 15.42
CA ALA F 380 -15.41 -54.28 15.88
C ALA F 380 -16.55 -53.75 16.73
N MET F 381 -17.68 -54.44 16.68
CA MET F 381 -18.85 -54.13 17.47
C MET F 381 -19.47 -55.42 18.00
N PRO F 382 -20.11 -55.38 19.18
CA PRO F 382 -20.69 -56.61 19.73
C PRO F 382 -21.76 -57.25 18.86
N GLY F 383 -22.57 -56.45 18.16
CA GLY F 383 -23.66 -56.98 17.38
C GLY F 383 -23.29 -57.23 15.93
N ASP F 384 -24.31 -57.65 15.16
CA ASP F 384 -24.14 -57.88 13.73
C ASP F 384 -24.81 -56.73 12.98
N PRO F 385 -24.03 -55.85 12.33
CA PRO F 385 -24.64 -54.66 11.71
C PRO F 385 -25.59 -54.97 10.56
N VAL F 386 -25.43 -56.09 9.87
CA VAL F 386 -26.32 -56.40 8.75
C VAL F 386 -27.71 -56.76 9.26
N ALA F 387 -27.80 -57.60 10.30
CA ALA F 387 -29.09 -57.96 10.85
C ALA F 387 -29.77 -56.77 11.50
N ASP F 388 -29.01 -55.98 12.26
CA ASP F 388 -29.52 -54.78 12.93
C ASP F 388 -28.56 -53.64 12.67
N ILE F 389 -29.00 -52.65 11.89
CA ILE F 389 -28.12 -51.54 11.53
C ILE F 389 -27.82 -50.67 12.75
N ASN F 390 -28.63 -50.78 13.80
CA ASN F 390 -28.43 -49.97 15.00
C ASN F 390 -27.17 -50.33 15.77
N ALA F 391 -26.53 -51.46 15.44
CA ALA F 391 -25.32 -51.87 16.14
C ALA F 391 -24.13 -50.98 15.80
N VAL F 392 -24.21 -50.17 14.75
CA VAL F 392 -23.10 -49.32 14.34
C VAL F 392 -22.77 -48.24 15.35
N LEU F 393 -23.66 -47.98 16.32
CA LEU F 393 -23.44 -46.95 17.31
C LEU F 393 -22.62 -47.41 18.50
N ASN F 394 -22.32 -48.70 18.60
CA ASN F 394 -21.55 -49.26 19.71
C ASN F 394 -20.28 -49.90 19.14
N VAL F 395 -19.25 -49.08 18.99
CA VAL F 395 -17.94 -49.55 18.53
C VAL F 395 -16.98 -49.50 19.71
N ASP F 396 -16.35 -50.64 20.01
CA ASP F 396 -15.46 -50.74 21.14
C ASP F 396 -14.02 -51.09 20.78
N PHE F 397 -13.73 -51.39 19.52
CA PHE F 397 -12.37 -51.68 19.08
C PHE F 397 -12.06 -50.83 17.86
N VAL F 398 -10.91 -50.14 17.91
CA VAL F 398 -10.45 -49.31 16.79
C VAL F 398 -8.97 -49.58 16.57
N MET F 399 -8.60 -49.86 15.32
CA MET F 399 -7.21 -50.08 14.94
C MET F 399 -6.92 -49.27 13.68
N LYS F 400 -5.82 -48.51 13.71
CA LYS F 400 -5.40 -47.71 12.57
C LYS F 400 -3.91 -47.91 12.36
N ASP F 401 -3.53 -48.35 11.16
CA ASP F 401 -2.14 -48.56 10.77
C ASP F 401 -1.44 -49.56 11.67
N GLY F 402 -2.18 -50.54 12.20
CA GLY F 402 -1.61 -51.52 13.11
C GLY F 402 -1.49 -51.08 14.54
N GLU F 403 -1.90 -49.86 14.88
CA GLU F 403 -1.84 -49.34 16.24
C GLU F 403 -3.25 -49.33 16.83
N ILE F 404 -3.39 -49.83 18.04
CA ILE F 404 -4.69 -49.95 18.69
C ILE F 404 -4.99 -48.70 19.49
N PHE F 405 -6.14 -48.08 19.22
CA PHE F 405 -6.56 -46.86 19.90
C PHE F 405 -7.71 -47.09 20.87
N ARG F 406 -8.39 -48.22 20.81
CA ARG F 406 -9.53 -48.49 21.69
C ARG F 406 -9.72 -50.00 21.76
N GLN F 407 -10.01 -50.49 22.95
CA GLN F 407 -10.16 -51.93 23.16
C GLN F 407 -11.35 -52.27 24.04
N PRO G 2 49.42 -9.60 -30.95
CA PRO G 2 50.02 -10.46 -31.97
C PRO G 2 50.96 -11.51 -31.39
N VAL G 3 50.50 -12.75 -31.34
CA VAL G 3 51.26 -13.85 -30.74
C VAL G 3 51.11 -15.07 -31.65
N ALA G 4 52.21 -15.80 -31.83
CA ALA G 4 52.22 -17.02 -32.62
C ALA G 4 52.26 -18.22 -31.67
N LEU G 5 51.40 -19.20 -31.92
CA LEU G 5 51.25 -20.37 -31.07
C LEU G 5 51.81 -21.58 -31.80
N HIS G 6 52.78 -22.25 -31.18
CA HIS G 6 53.39 -23.45 -31.74
C HIS G 6 53.04 -24.63 -30.84
N CYS G 7 52.17 -25.51 -31.32
CA CYS G 7 51.73 -26.66 -30.55
C CYS G 7 51.86 -27.95 -31.37
N GLY G 8 52.20 -29.03 -30.68
CA GLY G 8 52.52 -30.29 -31.31
C GLY G 8 51.37 -30.99 -32.00
N LYS G 9 50.18 -30.96 -31.40
CA LYS G 9 49.01 -31.59 -31.98
C LYS G 9 47.84 -30.63 -31.89
N LEU G 10 47.00 -30.63 -32.92
CA LEU G 10 45.82 -29.79 -32.98
C LEU G 10 44.59 -30.67 -33.21
N PHE G 11 43.56 -30.46 -32.41
CA PHE G 11 42.30 -31.18 -32.56
C PHE G 11 41.37 -30.38 -33.46
N ASP G 12 40.97 -30.97 -34.58
CA ASP G 12 40.06 -30.33 -35.52
C ASP G 12 38.64 -30.68 -35.10
N ALA G 13 37.91 -29.70 -34.58
CA ALA G 13 36.59 -29.94 -34.02
C ALA G 13 35.61 -30.40 -35.10
N ARG G 14 35.66 -29.78 -36.28
CA ARG G 14 34.72 -30.13 -37.34
C ARG G 14 34.88 -31.58 -37.78
N SER G 15 36.12 -32.05 -37.94
CA SER G 15 36.37 -33.40 -38.42
C SER G 15 36.39 -34.43 -37.29
N GLY G 16 36.81 -34.02 -36.09
CA GLY G 16 36.93 -34.96 -35.00
C GLY G 16 38.22 -35.75 -34.98
N ARG G 17 39.28 -35.25 -35.60
CA ARG G 17 40.56 -35.94 -35.66
C ARG G 17 41.65 -35.03 -35.13
N VAL G 18 42.68 -35.63 -34.54
CA VAL G 18 43.83 -34.90 -34.02
C VAL G 18 44.90 -34.86 -35.10
N LEU G 19 45.30 -33.64 -35.50
CA LEU G 19 46.30 -33.46 -36.53
C LEU G 19 47.69 -33.31 -35.92
N GLY G 20 48.66 -32.91 -36.75
CA GLY G 20 50.03 -32.78 -36.31
C GLY G 20 50.40 -31.35 -35.93
N PRO G 21 51.68 -31.02 -36.04
CA PRO G 21 52.14 -29.67 -35.67
C PRO G 21 51.47 -28.58 -36.49
N HIS G 22 51.18 -27.46 -35.83
CA HIS G 22 50.53 -26.33 -36.47
C HIS G 22 51.02 -25.04 -35.82
N THR G 23 50.83 -23.93 -36.53
CA THR G 23 51.15 -22.61 -36.02
C THR G 23 49.92 -21.72 -36.16
N VAL G 24 49.49 -21.10 -35.07
CA VAL G 24 48.31 -20.24 -35.04
C VAL G 24 48.76 -18.82 -34.78
N VAL G 25 48.37 -17.91 -35.66
CA VAL G 25 48.69 -16.49 -35.54
C VAL G 25 47.43 -15.75 -35.13
N VAL G 26 47.52 -14.96 -34.07
CA VAL G 26 46.38 -14.26 -33.49
C VAL G 26 46.68 -12.77 -33.49
N ARG G 27 45.90 -12.00 -34.23
CA ARG G 27 45.92 -10.55 -34.14
C ARG G 27 44.49 -10.05 -34.03
N ASP G 28 44.28 -9.02 -33.21
CA ASP G 28 42.98 -8.38 -32.98
C ASP G 28 41.94 -9.32 -32.37
N GLY G 29 42.37 -10.43 -31.77
CA GLY G 29 41.46 -11.32 -31.07
C GLY G 29 40.85 -12.42 -31.92
N ARG G 30 41.17 -12.50 -33.20
CA ARG G 30 40.66 -13.56 -34.07
C ARG G 30 41.82 -14.38 -34.61
N ILE G 31 41.47 -15.53 -35.20
CA ILE G 31 42.44 -16.42 -35.81
C ILE G 31 42.66 -15.95 -37.25
N ASP G 32 43.92 -15.76 -37.62
CA ASP G 32 44.25 -15.22 -38.93
C ASP G 32 44.98 -16.22 -39.84
N GLN G 33 45.92 -17.00 -39.30
CA GLN G 33 46.63 -17.97 -40.11
C GLN G 33 46.71 -19.29 -39.37
N LEU G 34 46.80 -20.37 -40.15
CA LEU G 34 46.80 -21.73 -39.64
C LEU G 34 47.86 -22.57 -40.35
N ILE G 35 49.09 -22.05 -40.42
CA ILE G 35 50.19 -22.71 -41.10
C ILE G 35 50.38 -24.12 -40.54
N SER G 36 50.40 -25.11 -41.43
CA SER G 36 50.56 -26.51 -41.03
C SER G 36 51.96 -26.99 -41.38
N GLY G 37 52.60 -27.65 -40.41
CA GLY G 37 53.95 -28.17 -40.59
C GLY G 37 55.03 -27.14 -40.32
N LEU G 45 57.38 -11.07 -33.80
CA LEU G 45 56.21 -11.83 -33.39
C LEU G 45 56.46 -12.56 -32.07
N ALA G 46 55.55 -12.38 -31.11
CA ALA G 46 55.61 -13.13 -29.88
C ALA G 46 55.31 -14.60 -30.13
N ALA G 47 55.96 -15.47 -29.35
CA ALA G 47 55.81 -16.90 -29.52
C ALA G 47 55.55 -17.56 -28.18
N VAL G 48 54.66 -18.55 -28.17
CA VAL G 48 54.37 -19.37 -27.01
C VAL G 48 54.71 -20.82 -27.36
N ASP G 49 55.50 -21.46 -26.52
CA ASP G 49 55.98 -22.81 -26.77
C ASP G 49 55.01 -23.82 -26.17
N LEU G 50 54.23 -24.47 -27.03
CA LEU G 50 53.30 -25.51 -26.63
C LEU G 50 53.53 -26.82 -27.39
N ARG G 51 54.78 -27.06 -27.83
CA ARG G 51 55.08 -28.17 -28.73
C ARG G 51 54.92 -29.52 -28.06
N ASN G 52 54.71 -29.56 -26.77
CA ASN G 52 54.50 -30.83 -26.03
C ASN G 52 53.06 -30.86 -25.53
N ARG G 53 52.16 -30.17 -26.23
CA ARG G 53 50.77 -30.11 -25.83
C ARG G 53 49.87 -30.37 -27.02
N THR G 54 48.58 -30.54 -26.74
CA THR G 54 47.55 -30.74 -27.76
C THR G 54 46.65 -29.51 -27.82
N CYS G 55 46.44 -29.00 -29.02
CA CYS G 55 45.69 -27.77 -29.23
C CYS G 55 44.20 -28.08 -29.36
N LEU G 56 43.37 -27.35 -28.63
CA LEU G 56 41.93 -27.52 -28.69
C LEU G 56 41.24 -26.17 -28.63
N PRO G 57 40.05 -26.05 -29.21
CA PRO G 57 39.24 -24.85 -28.99
C PRO G 57 38.68 -24.82 -27.58
N GLY G 58 38.36 -23.62 -27.11
CA GLY G 58 37.80 -23.48 -25.78
C GLY G 58 36.45 -24.18 -25.66
N TRP G 59 36.19 -24.72 -24.48
CA TRP G 59 34.99 -25.49 -24.23
C TRP G 59 33.83 -24.60 -23.84
N THR G 60 32.62 -25.07 -24.14
CA THR G 60 31.39 -24.38 -23.78
C THR G 60 30.54 -25.29 -22.90
N ASP G 61 30.15 -24.79 -21.74
CA ASP G 61 29.20 -25.48 -20.87
C ASP G 61 27.83 -24.84 -21.05
N LEU G 62 26.87 -25.63 -21.50
CA LEU G 62 25.56 -25.10 -21.86
C LEU G 62 24.57 -25.08 -20.69
N HIS G 63 24.99 -25.47 -19.49
CA HIS G 63 24.08 -25.48 -18.34
C HIS G 63 24.89 -25.26 -17.07
N VAL G 64 24.92 -24.01 -16.60
CA VAL G 64 25.58 -23.66 -15.33
C VAL G 64 24.71 -22.66 -14.59
N HIS G 65 24.99 -22.50 -13.30
CA HIS G 65 24.38 -21.48 -12.45
C HIS G 65 25.50 -20.83 -11.65
N LEU G 66 26.06 -19.75 -12.21
CA LEU G 66 27.23 -19.11 -11.61
C LEU G 66 26.88 -18.27 -10.39
N GLY G 67 25.60 -18.08 -10.08
CA GLY G 67 25.19 -17.27 -8.96
C GLY G 67 25.12 -17.96 -7.62
N GLY G 68 25.50 -19.23 -7.54
CA GLY G 68 25.45 -19.93 -6.26
C GLY G 68 26.16 -21.26 -6.34
N GLU G 69 26.09 -21.98 -5.23
CA GLU G 69 26.69 -23.31 -5.12
C GLU G 69 25.98 -24.06 -4.01
N SER G 70 25.76 -25.36 -4.23
CA SER G 70 25.04 -26.17 -3.26
C SER G 70 25.85 -26.35 -1.98
N SER G 71 25.16 -26.36 -0.85
CA SER G 71 25.79 -26.47 0.46
C SER G 71 24.74 -26.92 1.46
N PRO G 72 25.16 -27.41 2.63
CA PRO G 72 24.17 -27.76 3.67
C PRO G 72 23.35 -26.58 4.16
N GLN G 73 23.81 -25.35 3.95
CA GLN G 73 23.09 -24.16 4.38
C GLN G 73 22.33 -23.48 3.25
N SER G 74 22.21 -24.13 2.09
CA SER G 74 21.65 -23.47 0.92
C SER G 74 20.15 -23.21 1.06
N TYR G 75 19.46 -23.92 1.95
CA TYR G 75 18.01 -23.77 2.09
C TYR G 75 17.63 -22.79 3.19
N SER G 76 18.59 -22.16 3.85
CA SER G 76 18.32 -21.13 4.85
C SER G 76 19.01 -19.80 4.57
N GLU G 77 20.01 -19.77 3.68
CA GLU G 77 20.72 -18.53 3.39
C GLU G 77 19.86 -17.55 2.59
N GLY G 78 18.83 -18.05 1.91
CA GLY G 78 18.01 -17.18 1.09
C GLY G 78 17.29 -16.11 1.88
N PHE G 79 16.86 -16.45 3.09
CA PHE G 79 16.13 -15.49 3.93
C PHE G 79 17.05 -14.56 4.70
N ARG G 80 18.35 -14.82 4.73
CA ARG G 80 19.29 -14.02 5.51
C ARG G 80 20.30 -13.26 4.67
N LEU G 81 20.63 -13.73 3.48
CA LEU G 81 21.64 -13.10 2.65
C LEU G 81 21.00 -12.28 1.52
N ASP G 82 21.81 -11.41 0.94
CA ASP G 82 21.45 -10.55 -0.16
C ASP G 82 22.21 -10.95 -1.43
N PRO G 83 21.74 -10.52 -2.61
CA PRO G 83 22.45 -10.89 -3.85
C PRO G 83 23.88 -10.37 -3.93
N ILE G 84 24.24 -9.36 -3.14
CA ILE G 84 25.61 -8.83 -3.15
C ILE G 84 26.61 -9.89 -2.67
N ASP G 85 26.27 -10.62 -1.60
CA ASP G 85 27.13 -11.68 -1.10
C ASP G 85 27.29 -12.78 -2.14
N PHE G 86 26.19 -13.13 -2.82
CA PHE G 86 26.26 -14.11 -3.88
C PHE G 86 27.11 -13.63 -5.05
N ALA G 87 27.11 -12.32 -5.33
CA ALA G 87 28.01 -11.78 -6.35
C ALA G 87 29.47 -11.92 -5.94
N TYR G 88 29.76 -11.64 -4.66
CA TYR G 88 31.13 -11.81 -4.17
C TYR G 88 31.60 -13.25 -4.26
N ARG G 89 30.68 -14.22 -4.06
CA ARG G 89 31.03 -15.62 -4.28
C ARG G 89 31.17 -15.94 -5.77
N SER G 90 30.33 -15.32 -6.61
CA SER G 90 30.35 -15.58 -8.04
C SER G 90 31.66 -15.13 -8.67
N VAL G 91 32.34 -14.15 -8.07
CA VAL G 91 33.63 -13.73 -8.59
C VAL G 91 34.60 -14.92 -8.62
N GLY G 92 34.73 -15.62 -7.49
CA GLY G 92 35.58 -16.79 -7.44
C GLY G 92 35.05 -17.93 -8.29
N TYR G 93 33.72 -18.11 -8.32
CA TYR G 93 33.14 -19.16 -9.16
C TYR G 93 33.52 -18.96 -10.63
N ALA G 94 33.39 -17.73 -11.12
CA ALA G 94 33.69 -17.44 -12.53
C ALA G 94 35.18 -17.58 -12.82
N GLU G 95 36.03 -17.13 -11.90
CA GLU G 95 37.46 -17.32 -12.13
C GLU G 95 37.83 -18.79 -12.21
N ARG G 96 37.30 -19.60 -11.29
CA ARG G 96 37.61 -21.03 -11.31
C ARG G 96 37.08 -21.71 -12.57
N THR G 97 35.89 -21.31 -13.01
CA THR G 97 35.34 -21.87 -14.25
C THR G 97 36.20 -21.52 -15.46
N LEU G 98 36.64 -20.26 -15.56
CA LEU G 98 37.47 -19.85 -16.69
C LEU G 98 38.81 -20.58 -16.68
N LEU G 99 39.43 -20.74 -15.51
CA LEU G 99 40.76 -21.33 -15.45
C LEU G 99 40.75 -22.83 -15.74
N ALA G 100 39.59 -23.47 -15.77
CA ALA G 100 39.50 -24.91 -16.04
C ALA G 100 39.41 -25.23 -17.53
N GLY G 101 39.36 -24.21 -18.39
CA GLY G 101 39.31 -24.41 -19.82
C GLY G 101 37.98 -24.08 -20.49
N PHE G 102 37.03 -23.52 -19.76
CA PHE G 102 35.71 -23.19 -20.30
C PHE G 102 35.66 -21.69 -20.58
N THR G 103 35.76 -21.32 -21.85
CA THR G 103 35.80 -19.93 -22.26
C THR G 103 34.42 -19.33 -22.51
N SER G 104 33.36 -20.15 -22.50
CA SER G 104 32.00 -19.65 -22.63
C SER G 104 31.06 -20.60 -21.91
N VAL G 105 29.97 -20.04 -21.38
CA VAL G 105 28.95 -20.81 -20.68
C VAL G 105 27.58 -20.26 -21.03
N ARG G 106 26.56 -21.08 -20.78
CA ARG G 106 25.16 -20.68 -20.90
C ARG G 106 24.51 -20.80 -19.53
N ASP G 107 24.17 -19.67 -18.92
CA ASP G 107 23.57 -19.64 -17.60
C ASP G 107 22.06 -19.76 -17.72
N LEU G 108 21.49 -20.74 -17.03
CA LEU G 108 20.08 -21.10 -17.19
C LEU G 108 19.26 -20.84 -15.94
N GLY G 109 19.57 -19.77 -15.22
CA GLY G 109 18.80 -19.41 -14.05
C GLY G 109 19.59 -18.61 -13.03
N GLY G 110 18.96 -17.57 -12.47
CA GLY G 110 19.63 -16.72 -11.51
C GLY G 110 19.70 -15.27 -11.96
N GLU G 111 19.46 -14.34 -11.03
CA GLU G 111 19.43 -12.90 -11.38
C GLU G 111 20.73 -12.20 -11.02
N VAL G 112 21.80 -12.92 -10.70
CA VAL G 112 23.14 -12.30 -10.47
C VAL G 112 23.98 -12.41 -11.75
N SER G 113 23.70 -13.37 -12.63
CA SER G 113 24.53 -13.64 -13.84
C SER G 113 24.47 -12.57 -14.94
N PRO G 114 23.34 -11.90 -15.21
CA PRO G 114 23.34 -10.76 -16.14
C PRO G 114 24.33 -9.66 -15.69
N HIS G 115 24.42 -9.37 -14.39
CA HIS G 115 25.39 -8.40 -13.81
C HIS G 115 26.83 -8.93 -13.87
N LEU G 116 27.08 -10.19 -13.52
CA LEU G 116 28.40 -10.79 -13.65
C LEU G 116 28.88 -10.77 -15.10
N ARG G 117 27.97 -11.01 -16.04
CA ARG G 117 28.33 -10.93 -17.45
C ARG G 117 28.76 -9.52 -17.84
N ASP G 118 28.03 -8.51 -17.37
CA ASP G 118 28.43 -7.13 -17.64
C ASP G 118 29.79 -6.82 -17.04
N ALA G 119 30.03 -7.26 -15.80
CA ALA G 119 31.31 -7.00 -15.14
C ALA G 119 32.46 -7.69 -15.87
N VAL G 120 32.25 -8.92 -16.32
CA VAL G 120 33.29 -9.64 -17.06
C VAL G 120 33.56 -8.97 -18.40
N ASN G 121 32.50 -8.52 -19.09
CA ASN G 121 32.66 -7.88 -20.38
C ASN G 121 33.39 -6.54 -20.25
N GLN G 122 33.18 -5.81 -19.15
CA GLN G 122 33.88 -4.57 -18.93
C GLN G 122 35.30 -4.76 -18.41
N GLY G 123 35.71 -5.99 -18.12
CA GLY G 123 37.04 -6.27 -17.65
C GLY G 123 37.26 -6.11 -16.16
N LEU G 124 36.21 -5.87 -15.38
CA LEU G 124 36.37 -5.69 -13.95
C LEU G 124 36.82 -6.97 -13.27
N VAL G 125 36.26 -8.11 -13.68
CA VAL G 125 36.60 -9.41 -13.12
C VAL G 125 36.88 -10.38 -14.25
N LYS G 126 37.52 -11.50 -13.91
CA LYS G 126 37.85 -12.54 -14.87
C LYS G 126 36.75 -13.59 -14.91
N GLY G 127 36.44 -14.06 -16.13
CA GLY G 127 35.45 -15.08 -16.33
C GLY G 127 35.29 -15.44 -17.79
N PRO G 128 34.40 -16.38 -18.06
CA PRO G 128 34.12 -16.76 -19.45
C PRO G 128 33.09 -15.85 -20.09
N ARG G 129 32.76 -16.14 -21.34
CA ARG G 129 31.70 -15.44 -22.06
C ARG G 129 30.35 -16.02 -21.63
N ILE G 130 29.49 -15.16 -21.07
CA ILE G 130 28.27 -15.59 -20.40
C ILE G 130 27.07 -15.27 -21.29
N PHE G 131 26.25 -16.28 -21.54
CA PHE G 131 24.93 -16.11 -22.14
C PHE G 131 23.90 -16.40 -21.05
N ALA G 132 23.28 -15.35 -20.53
CA ALA G 132 22.46 -15.44 -19.32
C ALA G 132 20.97 -15.49 -19.67
N ALA G 133 20.23 -16.32 -18.93
CA ALA G 133 18.80 -16.43 -19.11
C ALA G 133 18.00 -15.51 -18.19
N GLY G 134 18.60 -15.01 -17.11
CA GLY G 134 17.85 -14.23 -16.16
C GLY G 134 16.92 -15.12 -15.34
N LYS G 135 15.75 -14.58 -15.01
CA LYS G 135 14.77 -15.35 -14.25
C LYS G 135 14.13 -16.41 -15.13
N SER G 136 14.04 -17.64 -14.62
CA SER G 136 13.37 -18.71 -15.32
C SER G 136 11.85 -18.55 -15.20
N ILE G 137 11.14 -19.00 -16.24
CA ILE G 137 9.69 -18.85 -16.32
C ILE G 137 9.03 -20.17 -15.92
N ALA G 138 8.06 -20.08 -15.00
CA ALA G 138 7.34 -21.24 -14.52
C ALA G 138 5.87 -20.90 -14.39
N THR G 139 5.08 -21.86 -13.92
CA THR G 139 3.68 -21.65 -13.59
C THR G 139 3.51 -21.60 -12.07
N THR G 140 2.29 -21.33 -11.63
CA THR G 140 2.02 -21.22 -10.20
C THR G 140 2.29 -22.55 -9.50
N GLY G 141 3.14 -22.51 -8.48
CA GLY G 141 3.57 -23.71 -7.80
C GLY G 141 4.60 -24.54 -8.55
N GLY G 142 5.15 -24.02 -9.64
CA GLY G 142 6.07 -24.78 -10.46
C GLY G 142 7.46 -24.85 -9.88
N HIS G 143 8.34 -25.52 -10.62
CA HIS G 143 9.70 -25.78 -10.14
C HIS G 143 10.47 -24.48 -9.90
N ALA G 144 10.15 -23.42 -10.64
CA ALA G 144 10.86 -22.15 -10.53
C ALA G 144 10.01 -21.05 -9.91
N ASP G 145 8.94 -21.40 -9.22
CA ASP G 145 8.15 -20.41 -8.50
C ASP G 145 8.97 -19.87 -7.32
N PRO G 146 9.21 -18.57 -7.22
CA PRO G 146 10.14 -18.06 -6.21
C PRO G 146 9.62 -18.08 -4.79
N THR G 147 8.33 -18.34 -4.56
CA THR G 147 7.77 -18.31 -3.22
C THR G 147 7.28 -19.69 -2.76
N ASN G 148 7.78 -20.76 -3.35
CA ASN G 148 7.46 -22.09 -2.87
C ASN G 148 8.04 -22.31 -1.48
N GLY G 149 7.23 -22.85 -0.58
CA GLY G 149 7.68 -23.16 0.76
C GLY G 149 7.64 -22.01 1.74
N TRP G 150 7.17 -20.84 1.34
CA TRP G 150 7.05 -19.71 2.25
C TRP G 150 5.80 -19.85 3.11
N ASN G 151 5.81 -19.22 4.29
CA ASN G 151 4.66 -19.28 5.17
C ASN G 151 3.63 -18.22 4.77
N ASP G 152 2.51 -18.20 5.50
CA ASP G 152 1.40 -17.32 5.12
C ASP G 152 1.77 -15.85 5.25
N GLN G 153 2.50 -15.47 6.30
CA GLN G 153 2.84 -14.08 6.52
C GLN G 153 3.71 -13.55 5.38
N LEU G 154 4.78 -14.28 5.04
CA LEU G 154 5.67 -13.84 3.97
C LEU G 154 4.95 -13.85 2.63
N SER G 155 4.11 -14.85 2.38
CA SER G 155 3.38 -14.94 1.12
C SER G 155 2.41 -13.76 0.98
N HIS G 156 1.73 -13.38 2.06
CA HIS G 156 0.85 -12.23 1.99
C HIS G 156 1.63 -10.94 1.82
N LEU G 157 2.80 -10.83 2.45
CA LEU G 157 3.59 -9.61 2.31
C LEU G 157 4.12 -9.44 0.90
N ILE G 158 4.58 -10.52 0.27
CA ILE G 158 5.13 -10.41 -1.07
C ILE G 158 4.03 -10.36 -2.13
N GLY G 159 2.90 -11.01 -1.89
CA GLY G 159 1.86 -11.11 -2.88
C GLY G 159 2.07 -12.27 -3.83
N PRO G 160 1.08 -12.56 -4.66
CA PRO G 160 1.22 -13.67 -5.62
C PRO G 160 2.05 -13.26 -6.82
N PRO G 161 3.04 -14.07 -7.20
CA PRO G 161 3.90 -13.71 -8.33
C PRO G 161 3.13 -13.73 -9.64
N GLY G 162 3.56 -12.86 -10.56
CA GLY G 162 2.96 -12.76 -11.87
C GLY G 162 4.00 -12.82 -12.98
N PRO G 163 3.63 -12.36 -14.17
CA PRO G 163 4.57 -12.39 -15.31
C PRO G 163 5.85 -11.60 -15.08
N THR G 164 5.79 -10.53 -14.29
CA THR G 164 6.99 -9.76 -14.00
C THR G 164 7.97 -10.57 -13.17
N GLU G 165 7.48 -11.46 -12.33
CA GLU G 165 8.32 -12.32 -11.50
C GLU G 165 8.62 -13.66 -12.15
N GLY G 166 8.09 -13.92 -13.34
CA GLY G 166 8.35 -15.16 -14.04
C GLY G 166 7.31 -16.25 -13.88
N VAL G 167 6.13 -15.95 -13.36
CA VAL G 167 5.09 -16.94 -13.13
C VAL G 167 3.93 -16.63 -14.07
N VAL G 168 3.61 -17.57 -14.96
CA VAL G 168 2.58 -17.37 -15.97
C VAL G 168 1.51 -18.44 -15.84
N ASN G 169 0.31 -18.11 -16.30
CA ASN G 169 -0.80 -19.05 -16.30
C ASN G 169 -1.66 -18.99 -17.54
N SER G 170 -1.29 -18.22 -18.56
CA SER G 170 -2.06 -18.11 -19.78
C SER G 170 -1.15 -17.64 -20.91
N VAL G 171 -1.72 -17.55 -22.12
CA VAL G 171 -0.96 -17.18 -23.31
C VAL G 171 -0.45 -15.75 -23.20
N ASP G 172 -1.33 -14.83 -22.82
CA ASP G 172 -0.94 -13.43 -22.72
C ASP G 172 0.11 -13.22 -21.64
N GLU G 173 -0.02 -13.92 -20.52
CA GLU G 173 0.99 -13.83 -19.47
C GLU G 173 2.33 -14.40 -19.91
N ALA G 174 2.32 -15.46 -20.72
CA ALA G 174 3.56 -15.99 -21.27
C ALA G 174 4.23 -14.97 -22.20
N ARG G 175 3.43 -14.32 -23.04
CA ARG G 175 3.96 -13.26 -23.91
C ARG G 175 4.59 -12.15 -23.08
N GLN G 176 3.88 -11.71 -22.04
CA GLN G 176 4.41 -10.63 -21.20
C GLN G 176 5.66 -11.06 -20.47
N ALA G 177 5.74 -12.33 -20.05
CA ALA G 177 6.92 -12.81 -19.35
C ALA G 177 8.14 -12.84 -20.27
N VAL G 178 7.97 -13.29 -21.52
CA VAL G 178 9.10 -13.27 -22.45
C VAL G 178 9.52 -11.83 -22.73
N ARG G 179 8.55 -10.92 -22.88
CA ARG G 179 8.91 -9.52 -23.10
C ARG G 179 9.60 -8.90 -21.88
N GLN G 180 9.24 -9.33 -20.68
CA GLN G 180 9.92 -8.85 -19.48
C GLN G 180 11.33 -9.40 -19.38
N ARG G 181 11.55 -10.64 -19.82
CA ARG G 181 12.91 -11.16 -19.87
C ARG G 181 13.75 -10.37 -20.87
N TYR G 182 13.15 -9.99 -22.00
CA TYR G 182 13.85 -9.12 -22.94
C TYR G 182 14.16 -7.76 -22.32
N LYS G 183 13.22 -7.22 -21.54
CA LYS G 183 13.43 -5.91 -20.92
C LYS G 183 14.54 -5.95 -19.88
N ASP G 184 14.72 -7.08 -19.19
CA ASP G 184 15.76 -7.21 -18.18
C ASP G 184 17.14 -7.53 -18.77
N GLY G 185 17.22 -7.77 -20.08
CA GLY G 185 18.50 -7.98 -20.73
C GLY G 185 18.96 -9.41 -20.76
N SER G 186 18.12 -10.31 -21.23
CA SER G 186 18.46 -11.72 -21.33
C SER G 186 18.98 -12.06 -22.72
N ASP G 187 19.70 -13.18 -22.80
CA ASP G 187 20.19 -13.71 -24.06
C ASP G 187 19.49 -14.98 -24.50
N VAL G 188 18.76 -15.65 -23.60
CA VAL G 188 18.15 -16.94 -23.87
C VAL G 188 17.01 -17.12 -22.90
N ILE G 189 16.03 -17.97 -23.27
CA ILE G 189 14.87 -18.23 -22.42
C ILE G 189 14.95 -19.62 -21.78
N ILE G 191 12.48 -22.32 -19.36
CA ILE G 191 11.23 -22.67 -18.71
C ILE G 191 11.35 -24.01 -18.01
N THR G 192 10.56 -24.23 -16.97
CA THR G 192 10.48 -25.52 -16.28
C THR G 192 9.19 -26.20 -16.71
N ALA G 193 9.31 -27.18 -17.62
CA ALA G 193 8.13 -27.85 -18.14
C ALA G 193 7.50 -28.77 -17.11
N THR G 194 8.30 -29.42 -16.27
CA THR G 194 7.83 -30.33 -15.25
C THR G 194 8.35 -29.88 -13.90
N GLY G 195 8.07 -30.68 -12.87
CA GLY G 195 8.66 -30.46 -11.57
C GLY G 195 10.11 -30.90 -11.54
N GLY G 196 10.77 -30.54 -10.44
CA GLY G 196 12.19 -30.83 -10.31
C GLY G 196 12.56 -31.55 -9.04
N VAL G 197 13.84 -31.51 -8.68
CA VAL G 197 14.36 -32.17 -7.50
C VAL G 197 14.62 -31.18 -6.37
N LEU G 198 15.27 -30.06 -6.68
CA LEU G 198 15.76 -29.14 -5.67
C LEU G 198 14.70 -28.14 -5.19
N SER G 199 13.54 -28.09 -5.82
CA SER G 199 12.50 -27.16 -5.40
C SER G 199 11.82 -27.64 -4.12
N TYR G 200 11.29 -26.69 -3.35
CA TYR G 200 10.55 -26.99 -2.13
C TYR G 200 9.08 -27.28 -2.47
N ALA G 201 8.88 -28.34 -3.24
CA ALA G 201 7.56 -28.75 -3.71
C ALA G 201 7.45 -30.26 -3.65
N LYS G 202 6.23 -30.76 -3.84
CA LYS G 202 5.96 -32.18 -3.67
C LYS G 202 6.33 -32.98 -4.92
N SER G 203 5.80 -32.59 -6.08
CA SER G 203 6.00 -33.35 -7.30
C SER G 203 7.37 -33.06 -7.93
N GLY G 204 7.81 -33.98 -8.77
CA GLY G 204 9.09 -33.83 -9.44
C GLY G 204 9.09 -34.22 -10.90
N ASP G 205 7.96 -34.73 -11.41
CA ASP G 205 7.89 -35.10 -12.82
C ASP G 205 6.54 -34.79 -13.46
N ALA G 206 5.63 -34.18 -12.71
CA ALA G 206 4.30 -33.91 -13.23
C ALA G 206 4.33 -32.78 -14.26
N PRO G 207 3.47 -32.86 -15.29
CA PRO G 207 3.45 -31.80 -16.32
C PRO G 207 2.85 -30.52 -15.78
N GLN G 208 3.61 -29.44 -15.88
CA GLN G 208 3.21 -28.16 -15.32
C GLN G 208 3.01 -27.07 -16.36
N PHE G 209 3.10 -27.39 -17.65
CA PHE G 209 2.88 -26.46 -18.73
C PHE G 209 1.90 -27.06 -19.72
N THR G 210 0.97 -26.26 -20.22
CA THR G 210 0.13 -26.68 -21.34
C THR G 210 0.84 -26.38 -22.64
N VAL G 211 0.47 -27.12 -23.69
CA VAL G 211 1.13 -26.97 -24.98
C VAL G 211 0.86 -25.59 -25.57
N ASP G 212 -0.29 -25.00 -25.25
CA ASP G 212 -0.64 -23.63 -25.74
C ASP G 212 0.26 -22.57 -25.11
N GLU G 213 0.62 -22.71 -23.83
CA GLU G 213 1.54 -21.77 -23.19
C GLU G 213 2.95 -21.93 -23.73
N VAL G 214 3.36 -23.17 -23.99
CA VAL G 214 4.71 -23.41 -24.56
C VAL G 214 4.76 -22.79 -25.97
N LYS G 215 3.72 -23.00 -26.77
CA LYS G 215 3.67 -22.43 -28.14
C LYS G 215 3.71 -20.88 -28.09
N ALA G 216 3.03 -20.27 -27.12
CA ALA G 216 3.06 -18.82 -27.00
C ALA G 216 4.44 -18.33 -26.60
N ILE G 217 5.09 -19.01 -25.65
CA ILE G 217 6.45 -18.64 -25.26
C ILE G 217 7.40 -18.74 -26.44
N VAL G 218 7.29 -19.84 -27.21
CA VAL G 218 8.21 -20.04 -28.33
C VAL G 218 8.00 -18.99 -29.41
N ASP G 219 6.74 -18.67 -29.72
CA ASP G 219 6.47 -17.64 -30.73
C ASP G 219 7.00 -16.28 -30.30
N THR G 220 6.75 -15.91 -29.04
CA THR G 220 7.26 -14.62 -28.56
C THR G 220 8.78 -14.58 -28.58
N ALA G 221 9.44 -15.68 -28.20
CA ALA G 221 10.89 -15.72 -28.22
C ALA G 221 11.43 -15.65 -29.64
N ASN G 222 10.75 -16.29 -30.59
CA ASN G 222 11.16 -16.21 -31.99
C ASN G 222 11.03 -14.79 -32.52
N ASP G 223 10.03 -14.04 -32.06
CA ASP G 223 9.94 -12.64 -32.46
C ASP G 223 11.16 -11.82 -32.02
N TYR G 224 11.67 -12.11 -30.82
CA TYR G 224 12.78 -11.34 -30.25
C TYR G 224 14.14 -12.01 -30.48
N GLY G 225 14.20 -13.09 -31.24
CA GLY G 225 15.47 -13.71 -31.58
C GLY G 225 16.06 -14.61 -30.51
N TYR G 226 15.25 -15.11 -29.58
CA TYR G 226 15.75 -15.96 -28.52
C TYR G 226 15.59 -17.44 -28.86
N LYS G 227 16.32 -18.28 -28.13
CA LYS G 227 16.14 -19.71 -28.12
C LYS G 227 15.60 -20.13 -26.75
N VAL G 228 14.94 -21.28 -26.71
CA VAL G 228 14.24 -21.75 -25.52
C VAL G 228 14.84 -23.07 -25.06
N ALA G 229 15.23 -23.12 -23.78
CA ALA G 229 15.65 -24.35 -23.13
C ALA G 229 14.63 -24.74 -22.07
N ALA G 230 14.27 -26.03 -22.04
CA ALA G 230 13.20 -26.52 -21.18
C ALA G 230 13.74 -27.55 -20.20
N HIS G 231 13.41 -27.36 -18.92
CA HIS G 231 13.71 -28.33 -17.88
C HIS G 231 12.56 -29.32 -17.78
N ALA G 232 12.87 -30.61 -17.88
CA ALA G 232 11.84 -31.64 -17.85
C ALA G 232 12.38 -32.92 -17.26
N HIS G 233 11.55 -33.62 -16.50
CA HIS G 233 11.86 -34.97 -16.03
C HIS G 233 10.83 -35.98 -16.50
N GLY G 234 9.53 -35.67 -16.38
CA GLY G 234 8.51 -36.60 -16.78
C GLY G 234 8.28 -36.64 -18.28
N THR G 235 7.60 -37.70 -18.72
CA THR G 235 7.40 -37.93 -20.14
C THR G 235 6.41 -36.94 -20.75
N GLU G 236 5.29 -36.70 -20.08
CA GLU G 236 4.24 -35.87 -20.65
C GLU G 236 4.69 -34.41 -20.81
N GLY G 237 5.34 -33.86 -19.79
CA GLY G 237 5.84 -32.50 -19.90
C GLY G 237 6.92 -32.36 -20.95
N MET G 238 7.78 -33.37 -21.07
CA MET G 238 8.85 -33.38 -22.09
C MET G 238 8.22 -33.37 -23.47
N LYS G 239 7.17 -34.18 -23.67
CA LYS G 239 6.49 -34.27 -24.98
C LYS G 239 5.77 -32.95 -25.30
N ARG G 240 5.17 -32.32 -24.28
CA ARG G 240 4.53 -31.02 -24.51
C ARG G 240 5.56 -29.97 -24.89
N ALA G 241 6.71 -29.96 -24.23
CA ALA G 241 7.77 -29.01 -24.58
C ALA G 241 8.28 -29.25 -25.99
N ILE G 242 8.46 -30.52 -26.38
CA ILE G 242 8.94 -30.82 -27.72
C ILE G 242 7.92 -30.39 -28.77
N LEU G 243 6.65 -30.69 -28.55
CA LEU G 243 5.62 -30.30 -29.51
C LEU G 243 5.41 -28.79 -29.54
N GLY G 244 5.74 -28.08 -28.46
CA GLY G 244 5.63 -26.63 -28.49
C GLY G 244 6.71 -25.96 -29.31
N GLY G 245 7.87 -26.60 -29.46
CA GLY G 245 8.92 -26.09 -30.32
C GLY G 245 10.16 -25.58 -29.60
N VAL G 246 10.48 -26.14 -28.43
CA VAL G 246 11.67 -25.71 -27.71
C VAL G 246 12.92 -26.20 -28.43
N THR G 247 14.04 -25.53 -28.15
CA THR G 247 15.29 -25.81 -28.85
C THR G 247 16.02 -27.00 -28.24
N SER G 248 16.08 -27.08 -26.91
CA SER G 248 16.82 -28.14 -26.23
C SER G 248 16.07 -28.57 -24.98
N ILE G 249 16.32 -29.82 -24.57
CA ILE G 249 15.75 -30.39 -23.35
C ILE G 249 16.87 -30.54 -22.34
N GLU G 250 16.64 -30.05 -21.12
CA GLU G 250 17.71 -29.96 -20.13
C GLU G 250 17.87 -31.21 -19.29
N HIS G 251 16.80 -32.00 -19.10
CA HIS G 251 16.92 -33.31 -18.50
C HIS G 251 15.95 -34.25 -19.20
N GLY G 252 16.30 -35.52 -19.26
CA GLY G 252 15.47 -36.47 -19.97
C GLY G 252 15.27 -37.75 -19.19
N THR G 253 15.19 -37.62 -17.85
CA THR G 253 15.29 -38.76 -16.96
C THR G 253 14.37 -39.90 -17.35
N TYR G 254 13.15 -39.58 -17.77
CA TYR G 254 12.19 -40.62 -18.12
C TYR G 254 11.84 -40.57 -19.60
N MET G 255 12.86 -40.43 -20.44
CA MET G 255 12.66 -40.42 -21.89
C MET G 255 12.28 -41.81 -22.37
N THR G 256 11.17 -41.90 -23.11
CA THR G 256 10.73 -43.14 -23.72
C THR G 256 11.09 -43.15 -25.20
N ASP G 257 10.70 -44.21 -25.90
CA ASP G 257 11.01 -44.33 -27.32
C ASP G 257 10.23 -43.35 -28.17
N GLU G 258 8.97 -43.11 -27.80
CA GLU G 258 8.11 -42.13 -28.53
C GLU G 258 8.69 -40.73 -28.41
N VAL G 259 9.26 -40.37 -27.25
CA VAL G 259 9.90 -39.07 -27.05
C VAL G 259 11.14 -38.94 -27.93
N MET G 260 11.93 -40.02 -28.02
CA MET G 260 13.11 -39.99 -28.87
C MET G 260 12.72 -39.86 -30.33
N ARG G 261 11.65 -40.53 -30.76
CA ARG G 261 11.19 -40.38 -32.14
C ARG G 261 10.78 -38.94 -32.42
N LEU G 262 10.06 -38.32 -31.49
CA LEU G 262 9.66 -36.92 -31.67
C LEU G 262 10.87 -35.99 -31.70
N MET G 263 11.85 -36.24 -30.84
CA MET G 263 13.06 -35.41 -30.83
C MET G 263 13.82 -35.53 -32.14
N LYS G 264 13.94 -36.75 -32.67
CA LYS G 264 14.62 -36.94 -33.95
C LYS G 264 13.85 -36.29 -35.08
N GLN G 265 12.52 -36.37 -35.06
CA GLN G 265 11.72 -35.77 -36.12
C GLN G 265 11.79 -34.25 -36.08
N HIS G 266 11.83 -33.65 -34.89
CA HIS G 266 11.85 -32.20 -34.76
C HIS G 266 13.25 -31.62 -34.77
N GLY G 267 14.26 -32.40 -34.39
CA GLY G 267 15.62 -31.90 -34.29
C GLY G 267 15.96 -31.27 -32.97
N THR G 268 15.31 -31.73 -31.89
CA THR G 268 15.55 -31.15 -30.55
C THR G 268 16.89 -31.62 -29.99
N TRP G 269 17.63 -30.72 -29.35
CA TRP G 269 18.89 -31.07 -28.70
C TRP G 269 18.63 -31.64 -27.31
N TYR G 270 19.55 -32.49 -26.86
CA TYR G 270 19.44 -33.13 -25.55
C TYR G 270 20.68 -32.81 -24.73
N VAL G 271 20.48 -32.26 -23.54
CA VAL G 271 21.56 -31.97 -22.60
C VAL G 271 21.38 -32.86 -21.37
N PRO G 272 22.20 -33.90 -21.18
CA PRO G 272 21.94 -34.84 -20.08
C PRO G 272 22.20 -34.28 -18.69
N THR G 273 23.32 -33.60 -18.47
CA THR G 273 23.75 -33.12 -17.15
C THR G 273 23.87 -34.30 -16.17
N ILE G 274 24.79 -35.21 -16.48
CA ILE G 274 24.99 -36.40 -15.65
C ILE G 274 25.57 -36.03 -14.30
N SER G 275 26.42 -35.00 -14.25
CA SER G 275 27.10 -34.62 -13.03
C SER G 275 26.11 -34.26 -11.93
N ALA G 276 25.07 -33.50 -12.26
CA ALA G 276 24.08 -33.11 -11.26
C ALA G 276 23.35 -34.33 -10.71
N GLY G 277 22.99 -35.26 -11.59
CA GLY G 277 22.31 -36.46 -11.13
C GLY G 277 23.16 -37.28 -10.17
N ARG G 278 24.44 -37.47 -10.52
CA ARG G 278 25.33 -38.19 -9.63
C ARG G 278 25.48 -37.46 -8.30
N PHE G 279 25.66 -36.14 -8.35
CA PHE G 279 25.86 -35.37 -7.12
C PHE G 279 24.66 -35.49 -6.19
N VAL G 280 23.44 -35.32 -6.72
CA VAL G 280 22.26 -35.41 -5.87
C VAL G 280 22.07 -36.84 -5.37
N ALA G 281 22.40 -37.83 -6.20
CA ALA G 281 22.26 -39.22 -5.77
C ALA G 281 23.16 -39.51 -4.58
N GLU G 282 24.40 -39.02 -4.60
CA GLU G 282 25.28 -39.26 -3.46
C GLU G 282 24.89 -38.40 -2.25
N LYS G 283 24.45 -37.16 -2.49
CA LYS G 283 24.11 -36.29 -1.36
C LYS G 283 22.82 -36.72 -0.67
N ALA G 284 21.93 -37.45 -1.36
CA ALA G 284 20.71 -37.92 -0.71
C ALA G 284 20.98 -38.99 0.34
N LYS G 285 22.12 -39.70 0.26
CA LYS G 285 22.44 -40.70 1.27
C LYS G 285 22.80 -40.06 2.60
N ILE G 286 23.45 -38.88 2.56
CA ILE G 286 23.75 -38.17 3.80
C ILE G 286 22.46 -37.73 4.47
N ASP G 287 22.45 -37.79 5.80
CA ASP G 287 21.28 -37.48 6.60
C ASP G 287 21.29 -36.01 6.98
N GLY G 288 20.21 -35.30 6.62
CA GLY G 288 20.05 -33.91 6.95
C GLY G 288 20.57 -32.93 5.91
N TYR G 289 21.28 -33.41 4.88
CA TYR G 289 21.79 -32.51 3.85
C TYR G 289 20.64 -31.86 3.07
N PHE G 290 19.63 -32.65 2.72
CA PHE G 290 18.49 -32.15 1.98
C PHE G 290 17.26 -32.07 2.89
N PRO G 291 16.33 -31.15 2.61
CA PRO G 291 15.06 -31.16 3.33
C PRO G 291 14.29 -32.44 3.04
N GLU G 292 13.44 -32.83 3.99
CA GLU G 292 12.74 -34.10 3.88
C GLU G 292 11.77 -34.14 2.70
N VAL G 293 11.38 -32.98 2.17
CA VAL G 293 10.55 -32.97 0.96
C VAL G 293 11.44 -33.16 -0.28
N VAL G 294 12.72 -32.86 -0.17
CA VAL G 294 13.62 -32.92 -1.33
C VAL G 294 14.27 -34.29 -1.43
N ARG G 295 14.56 -34.93 -0.31
CA ARG G 295 15.37 -36.16 -0.28
C ARG G 295 14.79 -37.30 -1.10
N PRO G 296 13.50 -37.68 -0.98
CA PRO G 296 13.01 -38.78 -1.81
C PRO G 296 13.11 -38.52 -3.30
N LYS G 297 12.81 -37.30 -3.75
CA LYS G 297 12.90 -36.98 -5.17
C LYS G 297 14.32 -37.10 -5.68
N ALA G 298 15.28 -36.59 -4.92
CA ALA G 298 16.69 -36.71 -5.32
C ALA G 298 17.11 -38.18 -5.39
N ALA G 299 16.80 -38.94 -4.33
CA ALA G 299 17.22 -40.34 -4.29
C ALA G 299 16.58 -41.15 -5.39
N ARG G 300 15.39 -40.77 -5.85
CA ARG G 300 14.72 -41.49 -6.92
C ARG G 300 15.19 -41.06 -8.32
N ILE G 301 15.48 -39.78 -8.51
CA ILE G 301 15.73 -39.26 -9.85
C ILE G 301 17.21 -39.31 -10.22
N GLY G 302 18.12 -39.10 -9.25
CA GLY G 302 19.53 -38.99 -9.59
C GLY G 302 20.13 -40.25 -10.19
N ALA G 303 19.53 -41.40 -9.97
CA ALA G 303 20.09 -42.67 -10.42
C ALA G 303 19.70 -43.06 -11.84
N GLN G 304 18.78 -42.33 -12.47
CA GLN G 304 18.23 -42.70 -13.77
C GLN G 304 18.67 -41.74 -14.87
N ILE G 305 19.93 -41.30 -14.83
CA ILE G 305 20.41 -40.31 -15.78
C ILE G 305 21.44 -40.89 -16.75
N GLN G 306 22.43 -41.64 -16.28
CA GLN G 306 23.44 -42.19 -17.15
C GLN G 306 22.88 -43.22 -18.13
N ASP G 307 21.98 -44.10 -17.68
CA ASP G 307 21.36 -45.06 -18.58
C ASP G 307 20.54 -44.35 -19.65
N THR G 308 19.86 -43.27 -19.27
CA THR G 308 19.12 -42.48 -20.25
C THR G 308 20.05 -41.88 -21.30
N ALA G 309 21.19 -41.37 -20.87
CA ALA G 309 22.15 -40.81 -21.82
C ALA G 309 22.68 -41.87 -22.78
N ALA G 310 22.98 -43.07 -22.25
CA ALA G 310 23.43 -44.15 -23.11
C ALA G 310 22.37 -44.54 -24.13
N LYS G 311 21.12 -44.67 -23.67
CA LYS G 311 20.03 -45.02 -24.58
C LYS G 311 19.81 -43.94 -25.64
N ALA G 312 19.88 -42.67 -25.23
CA ALA G 312 19.70 -41.58 -26.18
C ALA G 312 20.80 -41.57 -27.23
N TYR G 313 22.04 -41.80 -26.82
CA TYR G 313 23.12 -41.87 -27.80
C TYR G 313 22.93 -43.06 -28.73
N ARG G 314 22.48 -44.20 -28.20
CA ARG G 314 22.27 -45.38 -29.04
C ARG G 314 21.16 -45.16 -30.05
N ASN G 315 20.12 -44.39 -29.69
CA ASN G 315 18.97 -44.21 -30.56
C ASN G 315 19.13 -43.06 -31.56
N GLY G 316 20.25 -42.35 -31.52
CA GLY G 316 20.50 -41.30 -32.50
C GLY G 316 20.04 -39.92 -32.12
N VAL G 317 19.78 -39.65 -30.86
CA VAL G 317 19.39 -38.32 -30.40
C VAL G 317 20.63 -37.43 -30.35
N LYS G 318 20.49 -36.20 -30.85
CA LYS G 318 21.60 -35.25 -30.80
C LYS G 318 21.86 -34.81 -29.36
N ILE G 319 23.13 -34.86 -28.94
CA ILE G 319 23.52 -34.63 -27.57
C ILE G 319 24.49 -33.46 -27.51
N ALA G 320 24.30 -32.59 -26.52
CA ALA G 320 25.16 -31.43 -26.30
C ALA G 320 25.67 -31.44 -24.87
N PHE G 321 26.80 -30.76 -24.65
CA PHE G 321 27.53 -30.82 -23.40
C PHE G 321 26.93 -29.85 -22.38
N GLY G 322 26.62 -30.36 -21.20
CA GLY G 322 26.15 -29.54 -20.10
C GLY G 322 26.29 -30.29 -18.79
N THR G 323 26.53 -29.55 -17.71
CA THR G 323 26.86 -30.15 -16.44
C THR G 323 25.90 -29.80 -15.30
N ASP G 324 25.08 -28.76 -15.46
CA ASP G 324 24.26 -28.23 -14.36
C ASP G 324 25.13 -27.82 -13.18
N MET G 325 26.21 -27.09 -13.48
CA MET G 325 27.11 -26.58 -12.41
C MET G 325 26.27 -25.82 -11.38
N GLY G 326 26.83 -25.58 -10.19
CA GLY G 326 26.03 -24.97 -9.11
C GLY G 326 25.60 -26.09 -8.19
N VAL G 327 24.85 -27.06 -8.71
CA VAL G 327 24.52 -28.26 -7.89
C VAL G 327 25.88 -28.81 -7.47
N GLY G 328 26.79 -29.00 -8.44
CA GLY G 328 28.13 -29.41 -8.10
C GLY G 328 29.06 -28.23 -7.97
N PRO G 329 30.30 -28.51 -7.58
CA PRO G 329 31.26 -27.42 -7.35
C PRO G 329 31.80 -26.86 -8.65
N HIS G 330 31.81 -25.53 -8.73
CA HIS G 330 32.33 -24.84 -9.90
C HIS G 330 33.82 -25.11 -10.06
N GLY G 331 34.27 -25.30 -11.30
CA GLY G 331 35.69 -25.62 -11.55
C GLY G 331 35.93 -27.09 -11.91
N ASP G 332 34.95 -27.95 -11.66
CA ASP G 332 35.09 -29.40 -11.99
C ASP G 332 34.15 -29.74 -13.14
N ASN G 333 34.03 -28.83 -14.12
CA ASN G 333 33.09 -29.07 -15.25
C ASN G 333 33.61 -30.16 -16.20
N ALA G 334 34.88 -30.53 -16.20
CA ALA G 334 35.48 -31.41 -17.23
C ALA G 334 35.32 -32.91 -16.89
N ARG G 335 34.82 -33.23 -15.70
CA ARG G 335 34.56 -34.65 -15.31
C ARG G 335 33.36 -35.19 -16.11
N GLU G 336 32.49 -34.32 -16.65
CA GLU G 336 31.37 -34.74 -17.50
C GLU G 336 31.85 -35.45 -18.75
N PHE G 337 33.04 -35.11 -19.24
CA PHE G 337 33.63 -35.86 -20.36
C PHE G 337 33.87 -37.31 -19.98
N ILE G 338 34.41 -37.54 -18.79
CA ILE G 338 34.66 -38.90 -18.32
C ILE G 338 33.35 -39.66 -18.16
N TYR G 339 32.33 -39.00 -17.59
CA TYR G 339 31.03 -39.65 -17.44
C TYR G 339 30.43 -40.00 -18.79
N MET G 340 30.53 -39.09 -19.76
CA MET G 340 30.01 -39.36 -21.09
C MET G 340 30.72 -40.52 -21.75
N VAL G 341 32.05 -40.59 -21.63
CA VAL G 341 32.79 -41.69 -22.22
C VAL G 341 32.44 -43.01 -21.55
N GLU G 342 32.29 -43.01 -20.22
CA GLU G 342 31.88 -44.23 -19.53
C GLU G 342 30.41 -44.57 -19.77
N ALA G 343 29.63 -43.66 -20.35
CA ALA G 343 28.26 -43.94 -20.76
C ALA G 343 28.16 -44.46 -22.19
N GLY G 344 29.28 -44.66 -22.87
CA GLY G 344 29.29 -45.24 -24.20
C GLY G 344 29.54 -44.26 -25.33
N ILE G 345 29.51 -42.97 -25.07
CA ILE G 345 29.76 -41.97 -26.11
C ILE G 345 31.26 -41.91 -26.39
N PRO G 346 31.69 -41.92 -27.64
CA PRO G 346 33.13 -41.88 -27.94
C PRO G 346 33.77 -40.56 -27.51
N ALA G 347 35.08 -40.63 -27.27
CA ALA G 347 35.81 -39.45 -26.79
C ALA G 347 35.77 -38.30 -27.79
N ALA G 348 35.93 -38.62 -29.07
CA ALA G 348 35.87 -37.58 -30.10
C ALA G 348 34.51 -36.92 -30.16
N THR G 349 33.44 -37.71 -30.08
CA THR G 349 32.09 -37.15 -30.08
C THR G 349 31.84 -36.32 -28.82
N ALA G 350 32.34 -36.79 -27.67
CA ALA G 350 32.19 -36.03 -26.43
C ALA G 350 32.92 -34.70 -26.51
N LEU G 351 34.09 -34.68 -27.13
CA LEU G 351 34.81 -33.42 -27.31
C LEU G 351 34.11 -32.51 -28.29
N GLN G 352 33.56 -33.07 -29.37
CA GLN G 352 32.84 -32.28 -30.35
C GLN G 352 31.57 -31.65 -29.77
N SER G 353 30.91 -32.36 -28.85
CA SER G 353 29.66 -31.85 -28.28
C SER G 353 29.86 -30.57 -27.48
N ALA G 354 31.09 -30.25 -27.08
CA ALA G 354 31.36 -29.06 -26.29
C ALA G 354 31.99 -27.93 -27.08
N THR G 355 32.32 -28.14 -28.36
CA THR G 355 32.96 -27.11 -29.16
C THR G 355 32.08 -26.65 -30.31
N VAL G 356 31.72 -27.54 -31.24
CA VAL G 356 31.00 -27.11 -32.44
C VAL G 356 29.50 -27.35 -32.31
N LEU G 357 29.11 -28.48 -31.72
CA LEU G 357 27.70 -28.71 -31.44
C LEU G 357 27.17 -27.71 -30.41
N ALA G 358 28.00 -27.33 -29.44
CA ALA G 358 27.61 -26.30 -28.49
C ALA G 358 27.41 -24.95 -29.18
N ALA G 359 28.26 -24.63 -30.15
CA ALA G 359 28.08 -23.41 -30.92
C ALA G 359 26.79 -23.46 -31.73
N GLU G 360 26.45 -24.62 -32.29
CA GLU G 360 25.18 -24.76 -32.99
C GLU G 360 24.00 -24.56 -32.03
N VAL G 361 24.09 -25.11 -30.82
CA VAL G 361 23.02 -24.94 -29.84
C VAL G 361 22.88 -23.47 -29.46
N LEU G 362 24.00 -22.79 -29.23
CA LEU G 362 23.96 -21.37 -28.86
C LEU G 362 23.46 -20.48 -29.99
N GLY G 363 23.60 -20.91 -31.24
CA GLY G 363 23.18 -20.11 -32.37
C GLY G 363 24.21 -19.11 -32.87
N VAL G 364 25.47 -19.30 -32.55
CA VAL G 364 26.54 -18.40 -32.99
C VAL G 364 27.43 -19.15 -33.97
N ASP G 365 28.15 -18.36 -34.78
CA ASP G 365 29.03 -18.93 -35.81
C ASP G 365 30.45 -18.39 -35.73
N ASP G 366 30.79 -17.66 -34.68
CA ASP G 366 32.12 -17.05 -34.55
C ASP G 366 33.01 -17.80 -33.58
N GLN G 367 32.63 -19.00 -33.16
CA GLN G 367 33.43 -19.77 -32.21
C GLN G 367 33.15 -21.25 -32.43
N GLY G 368 33.89 -22.09 -31.70
CA GLY G 368 33.69 -23.52 -31.69
C GLY G 368 34.78 -24.32 -32.37
N ALA G 369 35.60 -23.69 -33.20
CA ALA G 369 36.66 -24.40 -33.91
C ALA G 369 37.83 -23.45 -34.15
N ILE G 370 39.00 -24.04 -34.38
CA ILE G 370 40.21 -23.26 -34.67
C ILE G 370 40.25 -23.10 -36.19
N GLU G 371 39.59 -22.05 -36.67
CA GLU G 371 39.53 -21.72 -38.08
C GLU G 371 39.75 -20.22 -38.26
N THR G 372 40.18 -19.84 -39.46
CA THR G 372 40.48 -18.45 -39.75
C THR G 372 39.22 -17.60 -39.63
N GLY G 373 39.35 -16.45 -38.96
CA GLY G 373 38.26 -15.53 -38.79
C GLY G 373 37.42 -15.72 -37.54
N LYS G 374 37.67 -16.77 -36.78
CA LYS G 374 36.90 -17.06 -35.57
C LYS G 374 37.61 -16.53 -34.33
N ARG G 375 36.88 -16.49 -33.23
CA ARG G 375 37.44 -16.00 -31.97
C ARG G 375 38.60 -16.87 -31.53
N ALA G 376 39.59 -16.22 -30.92
CA ALA G 376 40.80 -16.91 -30.45
C ALA G 376 40.58 -17.41 -29.03
N ASP G 377 39.86 -18.51 -28.93
CA ASP G 377 39.66 -19.24 -27.68
C ASP G 377 40.37 -20.58 -27.82
N ILE G 378 41.51 -20.72 -27.16
CA ILE G 378 42.37 -21.88 -27.32
C ILE G 378 42.79 -22.39 -25.94
N ILE G 379 42.78 -23.71 -25.77
CA ILE G 379 43.27 -24.38 -24.57
C ILE G 379 44.25 -25.46 -24.98
N ALA G 380 45.03 -25.92 -24.01
CA ALA G 380 46.03 -26.95 -24.29
C ALA G 380 46.21 -27.83 -23.06
N MET G 381 46.52 -29.09 -23.31
CA MET G 381 46.80 -30.07 -22.26
C MET G 381 47.99 -30.92 -22.68
N PRO G 382 48.77 -31.42 -21.72
CA PRO G 382 49.95 -32.22 -22.08
C PRO G 382 49.62 -33.51 -22.83
N GLY G 383 48.50 -34.15 -22.51
CA GLY G 383 48.16 -35.42 -23.11
C GLY G 383 47.26 -35.27 -24.34
N ASP G 384 46.87 -36.43 -24.88
CA ASP G 384 45.96 -36.48 -26.01
C ASP G 384 44.59 -36.90 -25.52
N PRO G 385 43.59 -36.01 -25.51
CA PRO G 385 42.29 -36.36 -24.92
C PRO G 385 41.54 -37.47 -25.64
N VAL G 386 41.77 -37.67 -26.94
CA VAL G 386 41.06 -38.71 -27.67
C VAL G 386 41.55 -40.09 -27.22
N ALA G 387 42.87 -40.28 -27.13
CA ALA G 387 43.40 -41.56 -26.69
C ALA G 387 43.04 -41.84 -25.24
N ASP G 388 43.16 -40.84 -24.37
CA ASP G 388 42.83 -40.96 -22.95
C ASP G 388 41.98 -39.76 -22.56
N ILE G 389 40.71 -40.01 -22.26
CA ILE G 389 39.80 -38.92 -21.93
C ILE G 389 40.17 -38.29 -20.59
N ASN G 390 40.95 -39.00 -19.76
CA ASN G 390 41.33 -38.48 -18.45
C ASN G 390 42.26 -37.27 -18.54
N ALA G 391 42.81 -36.98 -19.72
CA ALA G 391 43.72 -35.85 -19.86
C ALA G 391 43.00 -34.50 -19.76
N VAL G 392 41.67 -34.49 -19.85
CA VAL G 392 40.91 -33.24 -19.80
C VAL G 392 40.99 -32.55 -18.43
N LEU G 393 41.47 -33.25 -17.41
CA LEU G 393 41.55 -32.68 -16.07
C LEU G 393 42.82 -31.88 -15.84
N ASN G 394 43.77 -31.90 -16.77
CA ASN G 394 45.04 -31.19 -16.64
C ASN G 394 45.14 -30.19 -17.79
N VAL G 395 44.60 -29.00 -17.58
CA VAL G 395 44.67 -27.92 -18.54
C VAL G 395 45.62 -26.86 -17.99
N ASP G 396 46.65 -26.51 -18.76
CA ASP G 396 47.65 -25.56 -18.32
C ASP G 396 47.75 -24.31 -19.18
N PHE G 397 47.01 -24.23 -20.28
CA PHE G 397 47.00 -23.05 -21.13
C PHE G 397 45.56 -22.64 -21.41
N VAL G 398 45.25 -21.37 -21.18
CA VAL G 398 43.92 -20.83 -21.43
C VAL G 398 44.07 -19.49 -22.16
N MET G 399 43.35 -19.33 -23.26
CA MET G 399 43.34 -18.10 -24.02
C MET G 399 41.89 -17.73 -24.35
N LYS G 400 41.51 -16.49 -24.07
CA LYS G 400 40.17 -15.99 -24.35
C LYS G 400 40.29 -14.64 -25.02
N ASP G 401 39.72 -14.51 -26.22
CA ASP G 401 39.69 -13.26 -26.97
C ASP G 401 41.09 -12.74 -27.27
N GLY G 402 42.06 -13.64 -27.43
CA GLY G 402 43.42 -13.25 -27.69
C GLY G 402 44.23 -12.88 -26.46
N GLU G 403 43.64 -12.94 -25.28
CA GLU G 403 44.33 -12.62 -24.03
C GLU G 403 44.62 -13.90 -23.27
N ILE G 404 45.85 -14.04 -22.80
CA ILE G 404 46.29 -15.26 -22.13
C ILE G 404 46.04 -15.14 -20.64
N PHE G 405 45.34 -16.13 -20.08
CA PHE G 405 45.01 -16.15 -18.66
C PHE G 405 45.78 -17.21 -17.89
N ARG G 406 46.41 -18.16 -18.56
CA ARG G 406 47.13 -19.23 -17.89
C ARG G 406 48.16 -19.79 -18.87
N GLN G 407 49.36 -20.08 -18.36
CA GLN G 407 50.44 -20.55 -19.21
C GLN G 407 51.21 -21.70 -18.57
N PRO H 2 -12.32 41.96 -39.75
CA PRO H 2 -12.48 42.21 -41.19
C PRO H 2 -11.26 42.91 -41.79
N VAL H 3 -10.44 42.15 -42.53
CA VAL H 3 -9.21 42.67 -43.12
C VAL H 3 -9.10 42.12 -44.54
N ALA H 4 -8.67 42.98 -45.46
CA ALA H 4 -8.44 42.60 -46.85
C ALA H 4 -6.95 42.44 -47.09
N LEU H 5 -6.58 41.33 -47.73
CA LEU H 5 -5.18 40.97 -47.97
C LEU H 5 -4.88 41.13 -49.46
N HIS H 6 -3.88 41.96 -49.78
CA HIS H 6 -3.46 42.19 -51.15
C HIS H 6 -2.05 41.64 -51.31
N CYS H 7 -1.92 40.54 -52.04
CA CYS H 7 -0.62 39.90 -52.24
C CYS H 7 -0.39 39.61 -53.71
N GLY H 8 0.87 39.73 -54.12
CA GLY H 8 1.26 39.66 -55.52
C GLY H 8 1.08 38.31 -56.17
N LYS H 9 1.41 37.24 -55.45
CA LYS H 9 1.28 35.89 -55.97
C LYS H 9 0.61 35.02 -54.93
N LEU H 10 -0.24 34.11 -55.39
CA LEU H 10 -0.94 33.17 -54.53
C LEU H 10 -0.66 31.75 -54.99
N PHE H 11 -0.29 30.89 -54.05
CA PHE H 11 -0.04 29.47 -54.34
C PHE H 11 -1.34 28.70 -54.12
N ASP H 12 -1.82 28.05 -55.17
CA ASP H 12 -3.03 27.24 -55.10
C ASP H 12 -2.62 25.83 -54.71
N ALA H 13 -2.95 25.43 -53.48
CA ALA H 13 -2.48 24.15 -52.96
C ALA H 13 -3.08 22.98 -53.73
N ARG H 14 -4.37 23.06 -54.09
CA ARG H 14 -5.02 21.96 -54.78
C ARG H 14 -4.38 21.70 -56.14
N SER H 15 -4.08 22.76 -56.89
CA SER H 15 -3.53 22.62 -58.23
C SER H 15 -2.02 22.49 -58.23
N GLY H 16 -1.33 23.12 -57.27
CA GLY H 16 0.11 23.11 -57.25
C GLY H 16 0.76 24.14 -58.13
N ARG H 17 0.07 25.23 -58.45
CA ARG H 17 0.58 26.28 -59.31
C ARG H 17 0.49 27.63 -58.60
N VAL H 18 1.42 28.51 -58.91
CA VAL H 18 1.43 29.86 -58.34
C VAL H 18 0.70 30.80 -59.29
N LEU H 19 -0.35 31.44 -58.78
CA LEU H 19 -1.16 32.35 -59.59
C LEU H 19 -0.68 33.79 -59.44
N GLY H 20 -1.46 34.74 -59.95
CA GLY H 20 -1.09 36.13 -59.91
C GLY H 20 -1.70 36.88 -58.74
N PRO H 21 -1.90 38.19 -58.92
CA PRO H 21 -2.45 39.01 -57.82
C PRO H 21 -3.84 38.55 -57.42
N HIS H 22 -4.12 38.64 -56.12
CA HIS H 22 -5.39 38.22 -55.56
C HIS H 22 -5.70 39.09 -54.35
N THR H 23 -6.98 39.11 -53.97
CA THR H 23 -7.43 39.80 -52.78
C THR H 23 -8.24 38.84 -51.92
N VAL H 24 -7.86 38.70 -50.65
CA VAL H 24 -8.51 37.78 -49.72
C VAL H 24 -9.22 38.60 -48.65
N VAL H 25 -10.51 38.36 -48.48
CA VAL H 25 -11.32 39.04 -47.47
C VAL H 25 -11.61 38.06 -46.36
N VAL H 26 -11.32 38.45 -45.13
CA VAL H 26 -11.46 37.59 -43.96
C VAL H 26 -12.40 38.27 -42.98
N ARG H 27 -13.54 37.63 -42.71
CA ARG H 27 -14.42 38.03 -41.62
C ARG H 27 -14.80 36.77 -40.83
N ASP H 28 -14.87 36.92 -39.51
CA ASP H 28 -15.24 35.86 -38.56
C ASP H 28 -14.27 34.70 -38.57
N GLY H 29 -13.05 34.87 -39.08
CA GLY H 29 -12.03 33.84 -39.02
C GLY H 29 -11.99 32.90 -40.21
N ARG H 30 -12.87 33.05 -41.18
CA ARG H 30 -12.88 32.22 -42.37
C ARG H 30 -12.64 33.05 -43.61
N ILE H 31 -12.35 32.37 -44.71
CA ILE H 31 -12.14 33.02 -46.00
C ILE H 31 -13.51 33.20 -46.67
N ASP H 32 -13.80 34.42 -47.10
CA ASP H 32 -15.11 34.75 -47.66
C ASP H 32 -15.06 35.10 -49.14
N GLN H 33 -14.07 35.86 -49.58
CA GLN H 33 -13.97 36.22 -50.99
C GLN H 33 -12.54 36.04 -51.48
N LEU H 34 -12.41 35.75 -52.77
CA LEU H 34 -11.12 35.48 -53.41
C LEU H 34 -11.01 36.22 -54.74
N ILE H 35 -11.29 37.53 -54.73
CA ILE H 35 -11.26 38.34 -55.93
C ILE H 35 -9.91 38.23 -56.61
N SER H 36 -9.92 37.91 -57.90
CA SER H 36 -8.70 37.75 -58.68
C SER H 36 -8.50 38.93 -59.60
N GLY H 37 -7.29 39.49 -59.61
CA GLY H 37 -6.96 40.63 -60.44
C GLY H 37 -7.33 41.95 -59.82
N LEU H 45 -12.76 48.95 -44.72
CA LEU H 45 -12.05 47.68 -44.68
C LEU H 45 -10.56 47.87 -44.41
N ALA H 46 -10.06 47.14 -43.43
CA ALA H 46 -8.62 47.13 -43.16
C ALA H 46 -7.88 46.44 -44.30
N ALA H 47 -6.67 46.91 -44.57
CA ALA H 47 -5.86 46.40 -45.67
C ALA H 47 -4.45 46.12 -45.18
N VAL H 48 -3.90 45.01 -45.65
CA VAL H 48 -2.50 44.65 -45.41
C VAL H 48 -1.79 44.56 -46.75
N ASP H 49 -0.66 45.26 -46.86
CA ASP H 49 0.08 45.35 -48.12
C ASP H 49 1.10 44.22 -48.18
N LEU H 50 0.81 43.22 -49.02
CA LEU H 50 1.71 42.10 -49.26
C LEU H 50 2.01 41.93 -50.73
N ARG H 51 1.95 43.01 -51.52
CA ARG H 51 2.03 42.93 -52.98
C ARG H 51 3.41 42.50 -53.46
N ASN H 52 4.38 42.43 -52.59
CA ASN H 52 5.75 41.97 -52.95
C ASN H 52 6.01 40.63 -52.27
N ARG H 53 4.96 39.86 -52.02
CA ARG H 53 5.09 38.58 -51.35
C ARG H 53 4.28 37.53 -52.09
N THR H 54 4.48 36.27 -51.69
CA THR H 54 3.75 35.13 -52.24
C THR H 54 2.82 34.58 -51.17
N CYS H 55 1.56 34.37 -51.54
CA CYS H 55 0.52 33.94 -50.61
C CYS H 55 0.50 32.42 -50.54
N LEU H 56 0.49 31.88 -49.32
CA LEU H 56 0.43 30.44 -49.11
C LEU H 56 -0.48 30.14 -47.93
N PRO H 57 -1.10 28.95 -47.93
CA PRO H 57 -1.80 28.51 -46.72
C PRO H 57 -0.81 28.12 -45.63
N GLY H 58 -1.29 28.16 -44.39
CA GLY H 58 -0.43 27.79 -43.28
C GLY H 58 -0.01 26.33 -43.36
N TRP H 59 1.21 26.07 -42.89
CA TRP H 59 1.79 24.73 -42.98
C TRP H 59 1.40 23.88 -41.78
N THR H 60 1.35 22.57 -42.01
CA THR H 60 1.06 21.60 -40.96
C THR H 60 2.24 20.64 -40.82
N ASP H 61 2.75 20.50 -39.60
CA ASP H 61 3.76 19.51 -39.29
C ASP H 61 3.09 18.34 -38.60
N LEU H 62 3.17 17.16 -39.20
CA LEU H 62 2.44 16.00 -38.73
C LEU H 62 3.21 15.17 -37.70
N HIS H 63 4.40 15.61 -37.28
CA HIS H 63 5.18 14.85 -36.31
C HIS H 63 6.07 15.81 -35.54
N VAL H 64 5.61 16.21 -34.34
CA VAL H 64 6.39 17.05 -33.44
C VAL H 64 6.20 16.56 -32.01
N HIS H 65 7.10 16.99 -31.13
CA HIS H 65 7.02 16.75 -29.69
C HIS H 65 7.28 18.08 -28.99
N LEU H 66 6.21 18.82 -28.73
CA LEU H 66 6.34 20.16 -28.18
C LEU H 66 6.68 20.17 -26.70
N GLY H 67 6.67 19.02 -26.04
CA GLY H 67 6.94 18.95 -24.62
C GLY H 67 8.39 18.85 -24.22
N GLY H 68 9.32 18.90 -25.17
CA GLY H 68 10.72 18.79 -24.82
C GLY H 68 11.61 19.13 -25.99
N GLU H 69 12.91 19.00 -25.77
CA GLU H 69 13.92 19.25 -26.79
C GLU H 69 15.18 18.50 -26.42
N SER H 70 15.84 17.93 -27.43
CA SER H 70 17.04 17.13 -27.20
C SER H 70 18.19 18.00 -26.69
N SER H 71 18.98 17.45 -25.78
CA SER H 71 20.08 18.16 -25.16
C SER H 71 21.03 17.14 -24.56
N PRO H 72 22.26 17.54 -24.24
CA PRO H 72 23.18 16.60 -23.57
C PRO H 72 22.71 16.16 -22.20
N GLN H 73 21.79 16.89 -21.58
CA GLN H 73 21.27 16.55 -20.26
C GLN H 73 19.89 15.87 -20.32
N SER H 74 19.44 15.48 -21.51
CA SER H 74 18.08 14.97 -21.66
C SER H 74 17.88 13.62 -21.01
N TYR H 75 18.95 12.87 -20.75
CA TYR H 75 18.81 11.53 -20.17
C TYR H 75 18.97 11.51 -18.65
N SER H 76 19.13 12.68 -18.03
CA SER H 76 19.18 12.77 -16.57
C SER H 76 18.17 13.74 -15.99
N GLU H 77 17.57 14.62 -16.81
CA GLU H 77 16.61 15.58 -16.29
C GLU H 77 15.29 14.93 -15.90
N GLY H 78 15.01 13.74 -16.43
CA GLY H 78 13.75 13.08 -16.14
C GLY H 78 13.57 12.74 -14.68
N PHE H 79 14.66 12.37 -14.01
CA PHE H 79 14.60 12.00 -12.60
C PHE H 79 14.65 13.20 -11.67
N ARG H 80 14.97 14.38 -12.17
CA ARG H 80 15.11 15.57 -11.33
C ARG H 80 14.08 16.65 -11.60
N LEU H 81 13.52 16.73 -12.79
CA LEU H 81 12.58 17.77 -13.15
C LEU H 81 11.14 17.25 -13.13
N ASP H 82 10.21 18.20 -13.11
CA ASP H 82 8.78 17.95 -13.12
C ASP H 82 8.17 18.44 -14.43
N PRO H 83 6.96 17.99 -14.78
CA PRO H 83 6.34 18.45 -16.03
C PRO H 83 6.06 19.94 -16.08
N ILE H 84 6.03 20.63 -14.94
CA ILE H 84 5.81 22.08 -14.93
C ILE H 84 6.95 22.83 -15.61
N ASP H 85 8.20 22.42 -15.35
CA ASP H 85 9.35 23.03 -16.00
C ASP H 85 9.30 22.79 -17.51
N PHE H 86 8.92 21.59 -17.91
CA PHE H 86 8.78 21.29 -19.33
C PHE H 86 7.67 22.13 -19.96
N ALA H 87 6.60 22.43 -19.22
CA ALA H 87 5.57 23.32 -19.74
C ALA H 87 6.10 24.73 -19.94
N TYR H 88 6.89 25.21 -18.98
CA TYR H 88 7.49 26.54 -19.12
C TYR H 88 8.42 26.60 -20.34
N ARG H 89 9.12 25.50 -20.65
CA ARG H 89 9.90 25.46 -21.88
C ARG H 89 9.00 25.37 -23.12
N SER H 90 7.91 24.63 -23.02
CA SER H 90 7.01 24.44 -24.14
C SER H 90 6.35 25.74 -24.56
N VAL H 91 6.22 26.70 -23.65
CA VAL H 91 5.68 28.01 -24.03
C VAL H 91 6.52 28.63 -25.15
N GLY H 92 7.84 28.69 -24.93
CA GLY H 92 8.73 29.21 -25.96
C GLY H 92 8.79 28.33 -27.19
N TYR H 93 8.77 27.01 -26.99
CA TYR H 93 8.76 26.09 -28.14
C TYR H 93 7.57 26.38 -29.05
N ALA H 94 6.38 26.50 -28.47
CA ALA H 94 5.16 26.71 -29.24
C ALA H 94 5.17 28.08 -29.93
N GLU H 95 5.65 29.12 -29.23
CA GLU H 95 5.73 30.43 -29.88
C GLU H 95 6.68 30.39 -31.08
N ARG H 96 7.85 29.77 -30.92
CA ARG H 96 8.81 29.70 -32.02
C ARG H 96 8.25 28.89 -33.18
N THR H 97 7.54 27.81 -32.90
CA THR H 97 6.94 27.01 -33.96
C THR H 97 5.88 27.80 -34.72
N LEU H 98 5.01 28.53 -34.00
CA LEU H 98 3.98 29.32 -34.66
C LEU H 98 4.59 30.42 -35.53
N LEU H 99 5.62 31.10 -35.02
CA LEU H 99 6.18 32.23 -35.75
C LEU H 99 6.95 31.83 -37.01
N ALA H 100 7.24 30.54 -37.18
CA ALA H 100 7.97 30.06 -38.36
C ALA H 100 7.05 29.74 -39.53
N GLY H 101 5.74 29.86 -39.37
CA GLY H 101 4.79 29.61 -40.43
C GLY H 101 3.95 28.36 -40.29
N PHE H 102 4.04 27.65 -39.16
CA PHE H 102 3.30 26.41 -38.95
C PHE H 102 2.11 26.72 -38.05
N THR H 103 0.91 26.78 -38.65
CA THR H 103 -0.30 27.12 -37.92
C THR H 103 -1.00 25.92 -37.32
N SER H 104 -0.56 24.70 -37.62
CA SER H 104 -1.12 23.51 -37.00
C SER H 104 -0.04 22.44 -36.96
N VAL H 105 -0.10 21.58 -35.94
CA VAL H 105 0.83 20.48 -35.76
C VAL H 105 0.08 19.26 -35.25
N ARG H 106 0.71 18.09 -35.41
CA ARG H 106 0.22 16.85 -34.84
C ARG H 106 1.27 16.33 -33.87
N ASP H 107 0.94 16.35 -32.58
CA ASP H 107 1.87 15.91 -31.54
C ASP H 107 1.72 14.41 -31.31
N LEU H 108 2.82 13.68 -31.42
CA LEU H 108 2.81 12.23 -31.42
C LEU H 108 3.50 11.63 -30.20
N GLY H 109 3.36 12.26 -29.04
CA GLY H 109 3.94 11.74 -27.83
C GLY H 109 4.25 12.80 -26.80
N GLY H 110 3.92 12.53 -25.54
CA GLY H 110 4.15 13.48 -24.47
C GLY H 110 2.88 13.87 -23.75
N GLU H 111 2.94 13.96 -22.42
CA GLU H 111 1.72 14.26 -21.61
C GLU H 111 1.65 15.74 -21.22
N VAL H 112 2.47 16.61 -21.79
CA VAL H 112 2.37 18.09 -21.55
C VAL H 112 1.56 18.73 -22.68
N SER H 113 1.49 18.13 -23.87
CA SER H 113 0.85 18.74 -25.06
C SER H 113 -0.68 18.83 -25.01
N PRO H 114 -1.43 17.89 -24.41
CA PRO H 114 -2.88 18.08 -24.20
C PRO H 114 -3.18 19.36 -23.39
N HIS H 115 -2.38 19.66 -22.36
CA HIS H 115 -2.49 20.89 -21.54
C HIS H 115 -2.05 22.14 -22.31
N LEU H 116 -0.94 22.09 -23.05
CA LEU H 116 -0.52 23.19 -23.91
C LEU H 116 -1.58 23.52 -24.95
N ARG H 117 -2.23 22.48 -25.51
CA ARG H 117 -3.29 22.71 -26.47
C ARG H 117 -4.46 23.44 -25.83
N ASP H 118 -4.85 23.04 -24.61
CA ASP H 118 -5.91 23.75 -23.92
C ASP H 118 -5.54 25.20 -23.65
N ALA H 119 -4.30 25.44 -23.22
CA ALA H 119 -3.87 26.80 -22.93
C ALA H 119 -3.85 27.67 -24.18
N VAL H 120 -3.39 27.10 -25.31
CA VAL H 120 -3.38 27.85 -26.56
C VAL H 120 -4.80 28.13 -27.03
N ASN H 121 -5.70 27.16 -26.88
CA ASN H 121 -7.08 27.36 -27.32
C ASN H 121 -7.80 28.39 -26.47
N GLN H 122 -7.46 28.49 -25.19
CA GLN H 122 -8.05 29.51 -24.32
C GLN H 122 -7.41 30.88 -24.49
N GLY H 123 -6.34 30.99 -25.28
CA GLY H 123 -5.69 32.26 -25.52
C GLY H 123 -4.65 32.66 -24.49
N LEU H 124 -4.33 31.77 -23.54
CA LEU H 124 -3.35 32.13 -22.51
C LEU H 124 -1.95 32.31 -23.09
N VAL H 125 -1.57 31.43 -24.03
CA VAL H 125 -0.27 31.50 -24.67
C VAL H 125 -0.45 31.40 -26.18
N LYS H 126 0.60 31.77 -26.91
CA LYS H 126 0.59 31.72 -28.36
C LYS H 126 1.14 30.39 -28.86
N GLY H 127 0.51 29.86 -29.91
CA GLY H 127 0.93 28.62 -30.50
C GLY H 127 0.06 28.23 -31.68
N PRO H 128 0.38 27.10 -32.31
CA PRO H 128 -0.43 26.60 -33.42
C PRO H 128 -1.60 25.77 -32.91
N ARG H 129 -2.37 25.25 -33.86
CA ARG H 129 -3.47 24.34 -33.55
C ARG H 129 -2.91 22.94 -33.33
N ILE H 130 -3.12 22.39 -32.14
CA ILE H 130 -2.45 21.16 -31.70
C ILE H 130 -3.43 20.01 -31.74
N PHE H 131 -3.04 18.93 -32.41
CA PHE H 131 -3.72 17.64 -32.35
C PHE H 131 -2.80 16.70 -31.57
N ALA H 132 -3.17 16.42 -30.32
CA ALA H 132 -2.28 15.73 -29.40
C ALA H 132 -2.64 14.25 -29.28
N ALA H 133 -1.61 13.40 -29.19
CA ALA H 133 -1.81 11.97 -29.02
C ALA H 133 -1.79 11.53 -27.56
N GLY H 134 -1.26 12.35 -26.65
CA GLY H 134 -1.13 11.92 -25.28
C GLY H 134 -0.02 10.88 -25.14
N LYS H 135 -0.23 9.93 -24.25
CA LYS H 135 0.74 8.87 -24.04
C LYS H 135 0.72 7.90 -25.21
N SER H 136 1.90 7.55 -25.73
CA SER H 136 2.02 6.55 -26.77
C SER H 136 1.85 5.16 -26.19
N ILE H 137 1.32 4.25 -27.01
CA ILE H 137 1.02 2.88 -26.59
C ILE H 137 2.13 1.96 -27.09
N ALA H 138 2.66 1.14 -26.18
CA ALA H 138 3.72 0.20 -26.51
C ALA H 138 3.45 -1.12 -25.80
N THR H 139 4.36 -2.07 -25.97
CA THR H 139 4.35 -3.32 -25.24
C THR H 139 5.43 -3.32 -24.17
N THR H 140 5.48 -4.38 -23.38
CA THR H 140 6.45 -4.47 -22.29
C THR H 140 7.87 -4.47 -22.85
N GLY H 141 8.68 -3.53 -22.38
CA GLY H 141 10.03 -3.36 -22.90
C GLY H 141 10.10 -2.66 -24.24
N GLY H 142 8.99 -2.11 -24.73
CA GLY H 142 8.95 -1.50 -26.03
C GLY H 142 9.58 -0.12 -26.07
N HIS H 143 9.54 0.48 -27.25
CA HIS H 143 10.19 1.77 -27.47
C HIS H 143 9.60 2.87 -26.60
N ALA H 144 8.32 2.75 -26.24
CA ALA H 144 7.62 3.77 -25.45
C ALA H 144 7.29 3.29 -24.04
N ASP H 145 7.94 2.24 -23.56
CA ASP H 145 7.75 1.81 -22.18
C ASP H 145 8.37 2.85 -21.24
N PRO H 146 7.60 3.42 -20.30
CA PRO H 146 8.12 4.55 -19.52
C PRO H 146 9.15 4.19 -18.47
N THR H 147 9.37 2.90 -18.17
CA THR H 147 10.31 2.51 -17.14
C THR H 147 11.51 1.74 -17.69
N ASN H 148 11.82 1.89 -18.97
CA ASN H 148 13.02 1.29 -19.52
C ASN H 148 14.26 1.93 -18.92
N GLY H 149 15.21 1.11 -18.51
CA GLY H 149 16.46 1.60 -17.96
C GLY H 149 16.44 1.96 -16.49
N TRP H 150 15.32 1.75 -15.79
CA TRP H 150 15.26 2.02 -14.37
C TRP H 150 15.88 0.87 -13.59
N ASN H 151 16.35 1.17 -12.38
CA ASN H 151 16.94 0.14 -11.54
C ASN H 151 15.85 -0.63 -10.79
N ASP H 152 16.28 -1.63 -10.00
CA ASP H 152 15.33 -2.51 -9.34
C ASP H 152 14.48 -1.78 -8.31
N GLN H 153 15.10 -0.87 -7.55
CA GLN H 153 14.37 -0.17 -6.50
C GLN H 153 13.25 0.69 -7.08
N LEU H 154 13.58 1.50 -8.09
CA LEU H 154 12.57 2.36 -8.72
C LEU H 154 11.50 1.52 -9.41
N SER H 155 11.90 0.44 -10.08
CA SER H 155 10.94 -0.41 -10.76
C SER H 155 9.97 -1.07 -9.79
N HIS H 156 10.47 -1.51 -8.63
CA HIS H 156 9.59 -2.07 -7.63
C HIS H 156 8.68 -1.02 -7.02
N LEU H 157 9.20 0.20 -6.83
CA LEU H 157 8.37 1.27 -6.25
C LEU H 157 7.25 1.67 -7.20
N ILE H 158 7.53 1.77 -8.50
CA ILE H 158 6.50 2.19 -9.44
C ILE H 158 5.57 1.04 -9.81
N GLY H 159 6.06 -0.18 -9.83
CA GLY H 159 5.29 -1.33 -10.27
C GLY H 159 5.36 -1.50 -11.77
N PRO H 160 4.84 -2.62 -12.28
CA PRO H 160 4.86 -2.85 -13.72
C PRO H 160 3.77 -2.08 -14.43
N PRO H 161 4.11 -1.36 -15.50
CA PRO H 161 3.09 -0.58 -16.20
C PRO H 161 2.05 -1.45 -16.89
N GLY H 162 0.85 -0.91 -16.98
CA GLY H 162 -0.26 -1.59 -17.61
C GLY H 162 -0.95 -0.72 -18.65
N PRO H 163 -2.19 -1.09 -19.00
CA PRO H 163 -2.93 -0.31 -20.01
C PRO H 163 -3.16 1.14 -19.62
N THR H 164 -3.28 1.43 -18.33
CA THR H 164 -3.46 2.82 -17.90
C THR H 164 -2.22 3.66 -18.18
N GLU H 165 -1.04 3.04 -18.15
CA GLU H 165 0.22 3.71 -18.42
C GLU H 165 0.64 3.60 -19.88
N GLY H 166 -0.13 2.90 -20.71
CA GLY H 166 0.18 2.75 -22.11
C GLY H 166 0.93 1.51 -22.52
N VAL H 167 1.01 0.49 -21.66
CA VAL H 167 1.74 -0.73 -21.95
C VAL H 167 0.72 -1.87 -22.05
N VAL H 168 0.64 -2.50 -23.22
CA VAL H 168 -0.36 -3.54 -23.47
C VAL H 168 0.35 -4.83 -23.87
N ASN H 169 -0.32 -5.95 -23.63
CA ASN H 169 0.20 -7.25 -24.02
C ASN H 169 -0.86 -8.20 -24.57
N SER H 170 -2.10 -7.74 -24.78
CA SER H 170 -3.16 -8.59 -25.31
C SER H 170 -4.23 -7.71 -25.95
N VAL H 171 -5.24 -8.36 -26.52
CA VAL H 171 -6.30 -7.65 -27.24
C VAL H 171 -7.11 -6.80 -26.28
N ASP H 172 -7.51 -7.36 -25.14
CA ASP H 172 -8.32 -6.62 -24.18
C ASP H 172 -7.55 -5.45 -23.59
N GLU H 173 -6.26 -5.64 -23.32
CA GLU H 173 -5.44 -4.54 -22.83
C GLU H 173 -5.28 -3.43 -23.87
N ALA H 174 -5.19 -3.79 -25.15
CA ALA H 174 -5.13 -2.79 -26.21
C ALA H 174 -6.43 -1.99 -26.26
N ARG H 175 -7.58 -2.68 -26.15
CA ARG H 175 -8.86 -1.99 -26.10
C ARG H 175 -8.92 -1.02 -24.93
N GLN H 176 -8.49 -1.47 -23.75
CA GLN H 176 -8.52 -0.62 -22.57
C GLN H 176 -7.57 0.56 -22.71
N ALA H 177 -6.42 0.36 -23.36
CA ALA H 177 -5.47 1.44 -23.56
C ALA H 177 -6.03 2.52 -24.49
N VAL H 178 -6.67 2.11 -25.59
CA VAL H 178 -7.29 3.10 -26.46
C VAL H 178 -8.40 3.85 -25.73
N ARG H 179 -9.20 3.13 -24.93
CA ARG H 179 -10.25 3.80 -24.18
C ARG H 179 -9.68 4.75 -23.13
N GLN H 180 -8.52 4.42 -22.54
CA GLN H 180 -7.88 5.32 -21.59
C GLN H 180 -7.32 6.55 -22.28
N ARG H 181 -6.80 6.40 -23.50
CA ARG H 181 -6.38 7.58 -24.26
C ARG H 181 -7.57 8.47 -24.56
N TYR H 182 -8.72 7.87 -24.88
CA TYR H 182 -9.94 8.68 -25.05
C TYR H 182 -10.33 9.37 -23.75
N LYS H 183 -10.19 8.70 -22.62
CA LYS H 183 -10.56 9.29 -21.34
C LYS H 183 -9.65 10.46 -20.98
N ASP H 184 -8.38 10.41 -21.38
CA ASP H 184 -7.44 11.48 -21.08
C ASP H 184 -7.55 12.66 -22.04
N GLY H 185 -8.36 12.55 -23.09
CA GLY H 185 -8.59 13.67 -23.98
C GLY H 185 -7.63 13.74 -25.15
N SER H 186 -7.47 12.65 -25.88
CA SER H 186 -6.59 12.61 -27.03
C SER H 186 -7.37 12.89 -28.32
N ASP H 187 -6.62 13.29 -29.35
CA ASP H 187 -7.18 13.50 -30.68
C ASP H 187 -6.73 12.46 -31.69
N VAL H 188 -5.70 11.68 -31.39
CA VAL H 188 -5.11 10.74 -32.34
C VAL H 188 -4.36 9.69 -31.53
N ILE H 189 -4.18 8.51 -32.13
CA ILE H 189 -3.49 7.41 -31.46
C ILE H 189 -2.08 7.19 -32.05
N ILE H 191 1.27 4.38 -31.76
CA ILE H 191 1.87 3.15 -31.26
C ILE H 191 3.30 3.01 -31.79
N THR H 192 4.13 2.29 -31.05
CA THR H 192 5.49 1.96 -31.50
C THR H 192 5.49 0.50 -31.94
N ALA H 193 5.47 0.28 -33.26
CA ALA H 193 5.41 -1.08 -33.78
C ALA H 193 6.73 -1.82 -33.59
N THR H 194 7.85 -1.11 -33.71
CA THR H 194 9.17 -1.70 -33.57
C THR H 194 9.94 -0.95 -32.50
N GLY H 195 11.20 -1.31 -32.33
CA GLY H 195 12.09 -0.56 -31.48
C GLY H 195 12.53 0.74 -32.13
N GLY H 196 13.19 1.57 -31.34
CA GLY H 196 13.61 2.87 -31.82
C GLY H 196 15.06 3.18 -31.60
N VAL H 197 15.42 4.46 -31.66
CA VAL H 197 16.80 4.91 -31.49
C VAL H 197 17.01 5.53 -30.12
N LEU H 198 16.11 6.40 -29.69
CA LEU H 198 16.31 7.20 -28.50
C LEU H 198 15.91 6.50 -27.20
N SER H 199 15.30 5.32 -27.28
CA SER H 199 14.91 4.60 -26.07
C SER H 199 16.13 3.96 -25.41
N TYR H 200 16.03 3.77 -24.09
CA TYR H 200 17.07 3.09 -23.31
C TYR H 200 16.87 1.58 -23.37
N ALA H 201 16.97 1.04 -24.58
CA ALA H 201 16.76 -0.38 -24.83
C ALA H 201 17.79 -0.87 -25.84
N LYS H 202 17.86 -2.19 -26.01
CA LYS H 202 18.89 -2.79 -26.84
C LYS H 202 18.51 -2.77 -28.32
N SER H 203 17.34 -3.29 -28.67
CA SER H 203 16.94 -3.41 -30.05
C SER H 203 16.41 -2.09 -30.60
N GLY H 204 16.42 -1.98 -31.93
CA GLY H 204 15.94 -0.79 -32.59
C GLY H 204 15.10 -1.03 -33.83
N ASP H 205 14.94 -2.30 -34.23
CA ASP H 205 14.13 -2.60 -35.40
C ASP H 205 13.32 -3.89 -35.25
N ALA H 206 13.39 -4.52 -34.09
CA ALA H 206 12.71 -5.80 -33.89
C ALA H 206 11.20 -5.59 -33.77
N PRO H 207 10.40 -6.54 -34.28
CA PRO H 207 8.93 -6.40 -34.20
C PRO H 207 8.44 -6.59 -32.77
N GLN H 208 7.73 -5.60 -32.26
CA GLN H 208 7.27 -5.61 -30.88
C GLN H 208 5.75 -5.63 -30.74
N PHE H 209 5.01 -5.75 -31.83
CA PHE H 209 3.56 -5.84 -31.83
C PHE H 209 3.13 -7.04 -32.65
N THR H 210 2.15 -7.78 -32.17
CA THR H 210 1.51 -8.80 -32.98
C THR H 210 0.40 -8.18 -33.80
N VAL H 211 0.06 -8.84 -34.92
CA VAL H 211 -0.96 -8.29 -35.82
C VAL H 211 -2.32 -8.25 -35.16
N ASP H 212 -2.58 -9.18 -34.23
CA ASP H 212 -3.87 -9.23 -33.50
C ASP H 212 -4.00 -8.02 -32.55
N GLU H 213 -2.92 -7.58 -31.91
CA GLU H 213 -2.97 -6.40 -31.06
C GLU H 213 -3.15 -5.13 -31.88
N VAL H 214 -2.49 -5.07 -33.04
CA VAL H 214 -2.64 -3.90 -33.94
C VAL H 214 -4.09 -3.84 -34.43
N LYS H 215 -4.66 -4.97 -34.83
CA LYS H 215 -6.07 -5.02 -35.32
C LYS H 215 -7.02 -4.58 -34.19
N ALA H 216 -6.76 -4.99 -32.94
CA ALA H 216 -7.62 -4.58 -31.84
C ALA H 216 -7.52 -3.07 -31.59
N ILE H 217 -6.30 -2.53 -31.62
CA ILE H 217 -6.12 -1.09 -31.44
C ILE H 217 -6.85 -0.33 -32.53
N VAL H 218 -6.72 -0.78 -33.79
CA VAL H 218 -7.34 -0.07 -34.90
C VAL H 218 -8.85 -0.12 -34.80
N ASP H 219 -9.42 -1.27 -34.45
CA ASP H 219 -10.87 -1.38 -34.32
C ASP H 219 -11.40 -0.48 -33.20
N THR H 220 -10.73 -0.49 -32.05
CA THR H 220 -11.15 0.37 -30.95
C THR H 220 -11.05 1.83 -31.32
N ALA H 221 -9.98 2.23 -32.02
CA ALA H 221 -9.84 3.62 -32.44
C ALA H 221 -10.91 4.01 -33.46
N ASN H 222 -11.26 3.10 -34.36
CA ASN H 222 -12.32 3.37 -35.32
C ASN H 222 -13.67 3.55 -34.63
N ASP H 223 -13.90 2.82 -33.53
CA ASP H 223 -15.14 3.05 -32.79
C ASP H 223 -15.21 4.47 -32.22
N TYR H 224 -14.09 5.02 -31.77
CA TYR H 224 -14.06 6.33 -31.14
C TYR H 224 -13.67 7.45 -32.11
N GLY H 225 -13.52 7.16 -33.40
CA GLY H 225 -13.24 8.19 -34.38
C GLY H 225 -11.81 8.64 -34.48
N TYR H 226 -10.86 7.83 -34.02
CA TYR H 226 -9.45 8.21 -34.06
C TYR H 226 -8.76 7.65 -35.29
N LYS H 227 -7.60 8.22 -35.59
CA LYS H 227 -6.66 7.66 -36.56
C LYS H 227 -5.41 7.18 -35.83
N VAL H 228 -4.69 6.26 -36.46
CA VAL H 228 -3.56 5.59 -35.83
C VAL H 228 -2.28 5.89 -36.61
N ALA H 229 -1.26 6.36 -35.92
CA ALA H 229 0.07 6.54 -36.47
C ALA H 229 1.03 5.56 -35.80
N ALA H 230 1.86 4.89 -36.60
CA ALA H 230 2.73 3.82 -36.12
C ALA H 230 4.19 4.18 -36.35
N HIS H 231 4.98 4.05 -35.29
CA HIS H 231 6.43 4.21 -35.39
C HIS H 231 7.05 2.85 -35.73
N ALA H 232 7.85 2.81 -36.79
CA ALA H 232 8.45 1.55 -37.23
C ALA H 232 9.79 1.82 -37.90
N HIS H 233 10.74 0.91 -37.68
CA HIS H 233 12.00 0.93 -38.41
C HIS H 233 12.22 -0.37 -39.18
N GLY H 234 11.98 -1.53 -38.55
CA GLY H 234 12.20 -2.80 -39.21
C GLY H 234 11.07 -3.17 -40.16
N THR H 235 11.38 -4.14 -41.03
CA THR H 235 10.44 -4.53 -42.08
C THR H 235 9.25 -5.29 -41.52
N GLU H 236 9.49 -6.25 -40.61
CA GLU H 236 8.42 -7.11 -40.13
C GLU H 236 7.39 -6.32 -39.31
N GLY H 237 7.86 -5.45 -38.42
CA GLY H 237 6.93 -4.63 -37.65
C GLY H 237 6.13 -3.67 -38.51
N MET H 238 6.80 -3.12 -39.53
CA MET H 238 6.14 -2.19 -40.48
C MET H 238 5.03 -2.93 -41.21
N LYS H 239 5.32 -4.17 -41.64
CA LYS H 239 4.33 -4.99 -42.39
C LYS H 239 3.16 -5.37 -41.48
N ARG H 240 3.46 -5.69 -40.21
CA ARG H 240 2.38 -6.00 -39.27
C ARG H 240 1.49 -4.78 -39.04
N ALA H 241 2.10 -3.59 -38.90
CA ALA H 241 1.31 -2.38 -38.72
C ALA H 241 0.46 -2.09 -39.94
N ILE H 242 1.00 -2.28 -41.14
CA ILE H 242 0.25 -2.02 -42.37
C ILE H 242 -0.92 -3.00 -42.49
N LEU H 243 -0.67 -4.29 -42.23
CA LEU H 243 -1.74 -5.27 -42.31
C LEU H 243 -2.77 -5.10 -41.20
N GLY H 244 -2.41 -4.49 -40.08
CA GLY H 244 -3.37 -4.23 -39.04
C GLY H 244 -4.34 -3.10 -39.37
N GLY H 245 -3.92 -2.17 -40.22
CA GLY H 245 -4.79 -1.12 -40.69
C GLY H 245 -4.48 0.27 -40.17
N VAL H 246 -3.21 0.56 -39.89
CA VAL H 246 -2.85 1.89 -39.42
C VAL H 246 -2.95 2.90 -40.56
N THR H 247 -3.07 4.17 -40.19
CA THR H 247 -3.29 5.23 -41.17
C THR H 247 -1.98 5.69 -41.80
N SER H 248 -0.93 5.87 -41.00
CA SER H 248 0.34 6.37 -41.51
C SER H 248 1.49 5.68 -40.80
N ILE H 249 2.63 5.65 -41.48
CA ILE H 249 3.87 5.08 -40.96
C ILE H 249 4.83 6.23 -40.67
N GLU H 250 5.41 6.25 -39.46
CA GLU H 250 6.19 7.41 -39.03
C GLU H 250 7.66 7.32 -39.42
N HIS H 251 8.21 6.12 -39.59
CA HIS H 251 9.54 5.96 -40.15
C HIS H 251 9.53 4.71 -41.03
N GLY H 252 10.36 4.72 -42.06
CA GLY H 252 10.37 3.61 -42.99
C GLY H 252 11.78 3.18 -43.33
N THR H 253 12.68 3.26 -42.35
CA THR H 253 14.11 3.18 -42.62
C THR H 253 14.48 1.96 -43.44
N TYR H 254 13.84 0.82 -43.17
CA TYR H 254 14.16 -0.40 -43.89
C TYR H 254 13.00 -0.89 -44.74
N MET H 255 12.36 0.04 -45.45
CA MET H 255 11.25 -0.28 -46.33
C MET H 255 11.77 -1.06 -47.54
N THR H 256 11.16 -2.21 -47.81
CA THR H 256 11.49 -3.02 -48.96
C THR H 256 10.42 -2.83 -50.03
N ASP H 257 10.55 -3.53 -51.16
CA ASP H 257 9.60 -3.41 -52.25
C ASP H 257 8.23 -4.01 -51.91
N GLU H 258 8.23 -5.11 -51.17
CA GLU H 258 6.97 -5.77 -50.73
C GLU H 258 6.20 -4.84 -49.79
N VAL H 259 6.88 -4.09 -48.94
CA VAL H 259 6.24 -3.12 -48.04
C VAL H 259 5.62 -1.99 -48.85
N MET H 260 6.34 -1.51 -49.86
CA MET H 260 5.78 -0.45 -50.72
C MET H 260 4.56 -0.94 -51.48
N ARG H 261 4.59 -2.18 -51.96
CA ARG H 261 3.41 -2.73 -52.64
C ARG H 261 2.22 -2.78 -51.69
N LEU H 262 2.44 -3.22 -50.45
CA LEU H 262 1.36 -3.28 -49.47
C LEU H 262 0.84 -1.88 -49.14
N MET H 263 1.73 -0.91 -49.00
CA MET H 263 1.32 0.46 -48.72
C MET H 263 0.48 1.03 -49.86
N LYS H 264 0.89 0.77 -51.10
CA LYS H 264 0.12 1.25 -52.24
C LYS H 264 -1.24 0.56 -52.33
N GLN H 265 -1.29 -0.73 -52.04
CA GLN H 265 -2.55 -1.46 -52.09
C GLN H 265 -3.51 -1.01 -50.99
N HIS H 266 -3.00 -0.70 -49.80
CA HIS H 266 -3.85 -0.30 -48.70
C HIS H 266 -4.11 1.21 -48.64
N GLY H 267 -3.22 2.01 -49.22
CA GLY H 267 -3.35 3.45 -49.14
C GLY H 267 -2.73 4.08 -47.91
N THR H 268 -1.70 3.45 -47.37
CA THR H 268 -1.04 3.95 -46.14
C THR H 268 -0.19 5.18 -46.46
N TRP H 269 -0.23 6.19 -45.58
CA TRP H 269 0.60 7.37 -45.74
C TRP H 269 1.99 7.12 -45.16
N TYR H 270 2.97 7.85 -45.70
CA TYR H 270 4.36 7.71 -45.27
C TYR H 270 4.88 9.08 -44.84
N VAL H 271 5.40 9.14 -43.61
CA VAL H 271 6.01 10.35 -43.07
C VAL H 271 7.50 10.07 -42.86
N PRO H 272 8.39 10.62 -43.68
CA PRO H 272 9.82 10.24 -43.56
C PRO H 272 10.52 10.77 -42.32
N THR H 273 10.33 12.04 -41.98
CA THR H 273 11.06 12.71 -40.89
C THR H 273 12.58 12.64 -41.11
N ILE H 274 13.02 13.25 -42.20
CA ILE H 274 14.44 13.23 -42.56
C ILE H 274 15.27 14.02 -41.55
N SER H 275 14.70 15.09 -41.02
CA SER H 275 15.44 15.98 -40.11
C SER H 275 15.94 15.24 -38.89
N ALA H 276 15.09 14.39 -38.30
CA ALA H 276 15.49 13.64 -37.12
C ALA H 276 16.64 12.68 -37.43
N GLY H 277 16.56 12.00 -38.58
CA GLY H 277 17.62 11.09 -38.96
C GLY H 277 18.95 11.81 -39.14
N ARG H 278 18.93 12.95 -39.83
CA ARG H 278 20.16 13.73 -39.98
C ARG H 278 20.69 14.19 -38.63
N PHE H 279 19.81 14.68 -37.76
CA PHE H 279 20.24 15.19 -36.47
C PHE H 279 20.91 14.11 -35.64
N VAL H 280 20.29 12.93 -35.55
CA VAL H 280 20.88 11.86 -34.75
C VAL H 280 22.16 11.36 -35.40
N ALA H 281 22.22 11.35 -36.73
CA ALA H 281 23.44 10.90 -37.41
C ALA H 281 24.61 11.81 -37.07
N GLU H 282 24.39 13.12 -37.05
CA GLU H 282 25.49 14.03 -36.69
C GLU H 282 25.79 13.99 -35.20
N LYS H 283 24.76 13.87 -34.35
CA LYS H 283 25.00 13.87 -32.92
C LYS H 283 25.68 12.59 -32.43
N ALA H 284 25.56 11.49 -33.17
CA ALA H 284 26.24 10.25 -32.78
C ALA H 284 27.75 10.36 -32.91
N LYS H 285 28.26 11.25 -33.76
CA LYS H 285 29.71 11.41 -33.90
C LYS H 285 30.31 12.07 -32.67
N ILE H 286 29.58 12.98 -32.02
CA ILE H 286 30.07 13.58 -30.79
C ILE H 286 30.16 12.51 -29.70
N ASP H 287 31.20 12.63 -28.87
CA ASP H 287 31.49 11.66 -27.83
C ASP H 287 30.81 12.08 -26.53
N GLY H 288 29.97 11.18 -26.00
CA GLY H 288 29.29 11.42 -24.75
C GLY H 288 27.92 12.05 -24.86
N TYR H 289 27.53 12.51 -26.05
CA TYR H 289 26.21 13.12 -26.22
C TYR H 289 25.10 12.11 -25.96
N PHE H 290 25.25 10.91 -26.49
CA PHE H 290 24.27 9.85 -26.33
C PHE H 290 24.77 8.79 -25.37
N PRO H 291 23.88 8.10 -24.66
CA PRO H 291 24.31 6.94 -23.87
C PRO H 291 24.86 5.85 -24.77
N GLU H 292 25.75 5.03 -24.21
CA GLU H 292 26.44 4.02 -25.01
C GLU H 292 25.49 2.96 -25.56
N VAL H 293 24.30 2.82 -24.97
CA VAL H 293 23.31 1.91 -25.55
C VAL H 293 22.58 2.58 -26.72
N VAL H 294 22.58 3.91 -26.76
CA VAL H 294 21.85 4.64 -27.80
C VAL H 294 22.73 4.90 -29.02
N ARG H 295 24.02 5.14 -28.80
CA ARG H 295 24.91 5.60 -29.87
C ARG H 295 24.99 4.68 -31.07
N PRO H 296 25.21 3.35 -30.93
CA PRO H 296 25.27 2.51 -32.13
C PRO H 296 23.99 2.53 -32.95
N LYS H 297 22.82 2.51 -32.28
CA LYS H 297 21.56 2.52 -33.01
C LYS H 297 21.39 3.81 -33.80
N ALA H 298 21.71 4.95 -33.19
CA ALA H 298 21.63 6.22 -33.90
C ALA H 298 22.57 6.25 -35.09
N ALA H 299 23.83 5.87 -34.87
CA ALA H 299 24.81 5.92 -35.94
C ALA H 299 24.47 4.98 -37.08
N ARG H 300 23.76 3.89 -36.79
CA ARG H 300 23.36 2.96 -37.84
C ARG H 300 22.09 3.37 -38.56
N ILE H 301 21.12 3.96 -37.85
CA ILE H 301 19.81 4.19 -38.43
C ILE H 301 19.70 5.56 -39.08
N GLY H 302 20.37 6.59 -38.54
CA GLY H 302 20.17 7.93 -39.04
C GLY H 302 20.60 8.15 -40.48
N ALA H 303 21.47 7.28 -41.01
CA ALA H 303 22.02 7.48 -42.35
C ALA H 303 21.17 6.84 -43.45
N GLN H 304 20.14 6.07 -43.10
CA GLN H 304 19.36 5.32 -44.08
C GLN H 304 17.94 5.88 -44.22
N ILE H 305 17.80 7.20 -44.21
CA ILE H 305 16.49 7.82 -44.25
C ILE H 305 16.23 8.56 -45.56
N GLN H 306 17.17 9.37 -46.04
CA GLN H 306 16.97 10.12 -47.27
C GLN H 306 16.85 9.23 -48.50
N ASP H 307 17.69 8.19 -48.59
CA ASP H 307 17.57 7.25 -49.71
C ASP H 307 16.23 6.53 -49.69
N THR H 308 15.74 6.19 -48.50
CA THR H 308 14.44 5.57 -48.38
C THR H 308 13.34 6.50 -48.88
N ALA H 309 13.43 7.79 -48.53
CA ALA H 309 12.44 8.76 -49.01
C ALA H 309 12.48 8.89 -50.52
N ALA H 310 13.68 8.94 -51.10
CA ALA H 310 13.78 9.02 -52.55
C ALA H 310 13.18 7.79 -53.22
N LYS H 311 13.48 6.59 -52.70
CA LYS H 311 12.94 5.37 -53.27
C LYS H 311 11.42 5.32 -53.14
N ALA H 312 10.90 5.75 -51.98
CA ALA H 312 9.45 5.76 -51.78
C ALA H 312 8.76 6.71 -52.73
N TYR H 313 9.34 7.90 -52.95
CA TYR H 313 8.75 8.81 -53.93
C TYR H 313 8.81 8.22 -55.33
N ARG H 314 9.92 7.57 -55.67
CA ARG H 314 10.04 6.97 -57.01
C ARG H 314 9.03 5.85 -57.23
N ASN H 315 8.71 5.10 -56.18
CA ASN H 315 7.83 3.94 -56.31
C ASN H 315 6.34 4.28 -56.19
N GLY H 316 6.00 5.54 -55.96
CA GLY H 316 4.60 5.95 -55.92
C GLY H 316 3.93 5.89 -54.57
N VAL H 317 4.69 5.84 -53.47
CA VAL H 317 4.12 5.85 -52.14
C VAL H 317 3.69 7.27 -51.79
N LYS H 318 2.50 7.41 -51.20
CA LYS H 318 2.02 8.71 -50.77
C LYS H 318 2.85 9.22 -49.59
N ILE H 319 3.29 10.47 -49.68
CA ILE H 319 4.22 11.05 -48.71
C ILE H 319 3.57 12.28 -48.09
N ALA H 320 3.73 12.43 -46.77
CA ALA H 320 3.22 13.56 -46.03
C ALA H 320 4.34 14.20 -45.24
N PHE H 321 4.16 15.48 -44.90
CA PHE H 321 5.20 16.30 -44.31
C PHE H 321 5.29 16.08 -42.80
N GLY H 322 6.48 15.77 -42.32
CA GLY H 322 6.73 15.63 -40.89
C GLY H 322 8.20 15.71 -40.61
N THR H 323 8.54 16.24 -39.43
CA THR H 323 9.93 16.53 -39.10
C THR H 323 10.46 15.81 -37.87
N ASP H 324 9.59 15.27 -37.02
CA ASP H 324 9.98 14.73 -35.72
C ASP H 324 10.68 15.79 -34.88
N MET H 325 10.07 16.99 -34.83
CA MET H 325 10.63 18.09 -34.00
C MET H 325 10.82 17.59 -32.56
N GLY H 326 11.61 18.30 -31.77
CA GLY H 326 11.95 17.79 -30.42
C GLY H 326 13.34 17.18 -30.50
N VAL H 327 13.51 16.17 -31.34
CA VAL H 327 14.88 15.63 -31.57
C VAL H 327 15.69 16.84 -32.04
N GLY H 328 15.16 17.56 -33.03
CA GLY H 328 15.81 18.79 -33.46
C GLY H 328 15.22 19.99 -32.77
N PRO H 329 15.82 21.16 -33.03
CA PRO H 329 15.37 22.39 -32.35
C PRO H 329 14.07 22.91 -32.93
N HIS H 330 13.14 23.25 -32.04
CA HIS H 330 11.86 23.81 -32.46
C HIS H 330 12.06 25.16 -33.14
N GLY H 331 11.30 25.41 -34.21
CA GLY H 331 11.45 26.66 -34.96
C GLY H 331 12.16 26.49 -36.28
N ASP H 332 12.83 25.36 -36.49
CA ASP H 332 13.54 25.10 -37.78
C ASP H 332 12.80 23.99 -38.54
N ASN H 333 11.47 24.01 -38.49
CA ASN H 333 10.69 22.92 -39.16
C ASN H 333 10.74 23.05 -40.69
N ALA H 334 11.10 24.17 -41.27
CA ALA H 334 10.96 24.42 -42.74
C ALA H 334 12.19 23.92 -43.54
N ARG H 335 13.24 23.48 -42.85
CA ARG H 335 14.43 22.92 -43.54
C ARG H 335 14.09 21.54 -44.14
N GLU H 336 13.03 20.86 -43.67
CA GLU H 336 12.56 19.61 -44.22
C GLU H 336 12.14 19.76 -45.67
N PHE H 337 11.65 20.94 -46.06
CA PHE H 337 11.36 21.20 -47.47
C PHE H 337 12.62 21.09 -48.32
N ILE H 338 13.71 21.69 -47.84
CA ILE H 338 14.98 21.63 -48.56
C ILE H 338 15.48 20.20 -48.66
N TYR H 339 15.37 19.44 -47.56
CA TYR H 339 15.79 18.04 -47.59
C TYR H 339 14.95 17.23 -48.57
N MET H 340 13.64 17.47 -48.59
CA MET H 340 12.76 16.76 -49.52
C MET H 340 13.10 17.07 -50.96
N VAL H 341 13.37 18.35 -51.26
CA VAL H 341 13.71 18.72 -52.63
C VAL H 341 15.05 18.12 -53.04
N GLU H 342 16.03 18.11 -52.13
CA GLU H 342 17.30 17.48 -52.43
C GLU H 342 17.21 15.96 -52.45
N ALA H 343 16.10 15.38 -52.00
CA ALA H 343 15.85 13.95 -52.10
C ALA H 343 15.12 13.57 -53.39
N GLY H 344 14.85 14.53 -54.26
CA GLY H 344 14.23 14.27 -55.55
C GLY H 344 12.76 14.62 -55.66
N ILE H 345 12.11 14.95 -54.55
CA ILE H 345 10.70 15.34 -54.59
C ILE H 345 10.59 16.77 -55.10
N PRO H 346 9.68 17.06 -56.05
CA PRO H 346 9.58 18.43 -56.58
C PRO H 346 9.09 19.40 -55.53
N ALA H 347 9.43 20.68 -55.75
CA ALA H 347 9.10 21.73 -54.79
C ALA H 347 7.59 21.88 -54.63
N ALA H 348 6.84 21.82 -55.73
CA ALA H 348 5.39 21.94 -55.64
C ALA H 348 4.79 20.77 -54.85
N THR H 349 5.27 19.56 -55.10
CA THR H 349 4.78 18.40 -54.35
C THR H 349 5.17 18.50 -52.87
N ALA H 350 6.37 18.97 -52.58
CA ALA H 350 6.79 19.15 -51.19
C ALA H 350 5.92 20.17 -50.49
N LEU H 351 5.55 21.26 -51.17
CA LEU H 351 4.67 22.26 -50.58
C LEU H 351 3.26 21.70 -50.40
N GLN H 352 2.78 20.91 -51.36
CA GLN H 352 1.45 20.32 -51.25
C GLN H 352 1.37 19.33 -50.10
N SER H 353 2.45 18.60 -49.83
CA SER H 353 2.43 17.59 -48.78
C SER H 353 2.20 18.19 -47.39
N ALA H 354 2.42 19.49 -47.22
CA ALA H 354 2.25 20.13 -45.92
C ALA H 354 0.98 20.94 -45.80
N THR H 355 0.18 21.07 -46.87
CA THR H 355 -1.04 21.87 -46.82
C THR H 355 -2.28 21.02 -47.02
N VAL H 356 -2.43 20.36 -48.18
CA VAL H 356 -3.68 19.65 -48.47
C VAL H 356 -3.55 18.16 -48.17
N LEU H 357 -2.41 17.56 -48.49
CA LEU H 357 -2.17 16.17 -48.10
C LEU H 357 -2.11 16.02 -46.59
N ALA H 358 -1.56 17.02 -45.89
CA ALA H 358 -1.56 16.99 -44.43
C ALA H 358 -2.97 17.07 -43.88
N ALA H 359 -3.84 17.88 -44.50
CA ALA H 359 -5.23 17.93 -44.09
C ALA H 359 -5.93 16.59 -44.33
N GLU H 360 -5.62 15.92 -45.44
CA GLU H 360 -6.16 14.59 -45.66
C GLU H 360 -5.69 13.61 -44.59
N VAL H 361 -4.41 13.68 -44.21
CA VAL H 361 -3.89 12.79 -43.18
C VAL H 361 -4.58 13.06 -41.85
N LEU H 362 -4.76 14.34 -41.50
CA LEU H 362 -5.40 14.69 -40.24
C LEU H 362 -6.87 14.33 -40.21
N GLY H 363 -7.52 14.22 -41.38
CA GLY H 363 -8.93 13.91 -41.43
C GLY H 363 -9.86 15.09 -41.31
N VAL H 364 -9.38 16.31 -41.57
CA VAL H 364 -10.20 17.50 -41.49
C VAL H 364 -10.38 18.07 -42.89
N ASP H 365 -11.42 18.88 -43.05
CA ASP H 365 -11.75 19.47 -44.35
C ASP H 365 -11.91 20.99 -44.28
N ASP H 366 -11.57 21.62 -43.15
CA ASP H 366 -11.74 23.05 -42.98
C ASP H 366 -10.44 23.83 -43.10
N GLN H 367 -9.37 23.19 -43.59
CA GLN H 367 -8.08 23.86 -43.72
C GLN H 367 -7.31 23.20 -44.84
N GLY H 368 -6.14 23.78 -45.15
CA GLY H 368 -5.22 23.23 -46.12
C GLY H 368 -5.10 24.01 -47.40
N ALA H 369 -6.06 24.87 -47.72
CA ALA H 369 -6.03 25.63 -48.95
C ALA H 369 -6.72 26.97 -48.74
N ILE H 370 -6.39 27.93 -49.60
CA ILE H 370 -7.01 29.25 -49.56
C ILE H 370 -8.26 29.18 -50.43
N GLU H 371 -9.36 28.76 -49.83
CA GLU H 371 -10.64 28.65 -50.51
C GLU H 371 -11.73 29.22 -49.61
N THR H 372 -12.84 29.61 -50.25
CA THR H 372 -13.94 30.21 -49.52
C THR H 372 -14.53 29.23 -48.50
N GLY H 373 -14.77 29.72 -47.29
CA GLY H 373 -15.35 28.92 -46.24
C GLY H 373 -14.36 28.19 -45.35
N LYS H 374 -13.07 28.24 -45.66
CA LYS H 374 -12.06 27.55 -44.88
C LYS H 374 -11.41 28.50 -43.87
N ARG H 375 -10.67 27.91 -42.93
CA ARG H 375 -10.00 28.70 -41.91
C ARG H 375 -9.00 29.65 -42.53
N ALA H 376 -8.86 30.83 -41.93
CA ALA H 376 -7.97 31.87 -42.42
C ALA H 376 -6.59 31.67 -41.79
N ASP H 377 -5.85 30.71 -42.33
CA ASP H 377 -4.46 30.46 -41.97
C ASP H 377 -3.62 30.79 -43.21
N ILE H 378 -2.92 31.92 -43.17
CA ILE H 378 -2.20 32.44 -44.32
C ILE H 378 -0.80 32.85 -43.88
N ILE H 379 0.19 32.52 -44.71
CA ILE H 379 1.56 32.95 -44.52
C ILE H 379 2.07 33.58 -45.82
N ALA H 380 3.16 34.31 -45.72
CA ALA H 380 3.73 34.98 -46.88
C ALA H 380 5.24 35.06 -46.75
N MET H 381 5.92 35.01 -47.89
CA MET H 381 7.36 35.14 -47.97
C MET H 381 7.72 36.02 -49.16
N PRO H 382 8.84 36.76 -49.08
CA PRO H 382 9.21 37.64 -50.20
C PRO H 382 9.45 36.92 -51.51
N GLY H 383 10.01 35.72 -51.48
CA GLY H 383 10.35 35.00 -52.68
C GLY H 383 9.26 34.06 -53.15
N ASP H 384 9.58 33.33 -54.23
CA ASP H 384 8.67 32.33 -54.78
C ASP H 384 9.20 30.95 -54.40
N PRO H 385 8.52 30.22 -53.50
CA PRO H 385 9.07 28.94 -53.03
C PRO H 385 9.19 27.87 -54.10
N VAL H 386 8.36 27.91 -55.15
CA VAL H 386 8.44 26.88 -56.18
C VAL H 386 9.72 27.05 -57.00
N ALA H 387 10.04 28.28 -57.41
CA ALA H 387 11.26 28.51 -58.17
C ALA H 387 12.50 28.25 -57.34
N ASP H 388 12.50 28.70 -56.09
CA ASP H 388 13.61 28.50 -55.16
C ASP H 388 13.05 28.02 -53.83
N ILE H 389 13.32 26.76 -53.48
CA ILE H 389 12.77 26.20 -52.25
C ILE H 389 13.39 26.85 -51.03
N ASN H 390 14.54 27.51 -51.19
CA ASN H 390 15.22 28.14 -50.06
C ASN H 390 14.45 29.34 -49.50
N ALA H 391 13.43 29.82 -50.21
CA ALA H 391 12.66 30.96 -49.73
C ALA H 391 11.79 30.62 -48.52
N VAL H 392 11.59 29.33 -48.22
CA VAL H 392 10.75 28.93 -47.11
C VAL H 392 11.31 29.31 -45.76
N LEU H 393 12.60 29.70 -45.69
CA LEU H 393 13.22 30.06 -44.43
C LEU H 393 12.99 31.52 -44.04
N ASN H 394 12.40 32.33 -44.91
CA ASN H 394 12.15 33.74 -44.65
C ASN H 394 10.64 33.98 -44.71
N VAL H 395 9.97 33.77 -43.59
CA VAL H 395 8.54 34.03 -43.47
C VAL H 395 8.35 35.26 -42.59
N ASP H 396 7.64 36.26 -43.12
CA ASP H 396 7.44 37.50 -42.41
C ASP H 396 5.99 37.82 -42.10
N PHE H 397 5.04 37.03 -42.58
CA PHE H 397 3.63 37.23 -42.29
C PHE H 397 3.03 35.92 -41.81
N VAL H 398 2.33 35.97 -40.67
CA VAL H 398 1.66 34.79 -40.11
C VAL H 398 0.26 35.20 -39.68
N MET H 399 -0.74 34.44 -40.10
CA MET H 399 -2.13 34.65 -39.71
C MET H 399 -2.74 33.33 -39.30
N LYS H 400 -3.38 33.31 -38.13
CA LYS H 400 -4.04 32.12 -37.62
C LYS H 400 -5.42 32.50 -37.12
N ASP H 401 -6.46 31.86 -37.66
CA ASP H 401 -7.85 32.07 -37.26
C ASP H 401 -8.28 33.53 -37.45
N GLY H 402 -7.72 34.20 -38.45
CA GLY H 402 -8.04 35.59 -38.69
C GLY H 402 -7.30 36.59 -37.83
N GLU H 403 -6.41 36.13 -36.94
CA GLU H 403 -5.63 37.00 -36.07
C GLU H 403 -4.20 37.04 -36.57
N ILE H 404 -3.63 38.23 -36.67
CA ILE H 404 -2.29 38.42 -37.22
C ILE H 404 -1.28 38.35 -36.09
N PHE H 405 -0.28 37.48 -36.24
CA PHE H 405 0.77 37.31 -35.25
C PHE H 405 2.12 37.85 -35.70
N ARG H 406 2.30 38.15 -36.98
CA ARG H 406 3.57 38.65 -37.48
C ARG H 406 3.30 39.40 -38.79
N GLN H 407 3.98 40.52 -38.96
CA GLN H 407 3.76 41.36 -40.14
C GLN H 407 5.06 41.88 -40.73
#